data_8QPQ
#
_entry.id   8QPQ
#
_cell.length_a   1.00
_cell.length_b   1.00
_cell.length_c   1.00
_cell.angle_alpha   90.00
_cell.angle_beta   90.00
_cell.angle_gamma   90.00
#
_symmetry.space_group_name_H-M   'P 1'
#
loop_
_entity.id
_entity.type
_entity.pdbx_description
1 polymer 'Prokaryotic polysaccharide deacetylase'
2 polymer gp30
3 polymer 'HK97 gp5-like major capsid protein'
4 non-polymer 'ZINC ION'
5 non-polymer 'MAGNESIUM ION'
#
loop_
_entity_poly.entity_id
_entity_poly.type
_entity_poly.pdbx_seq_one_letter_code
_entity_poly.pdbx_strand_id
1 'polypeptide(L)'
;MTGLNPDGLGRTAAFSNTSAESVSAVDATIDRLYAQDRIEIPTDSRQLFSTRGTVLRNFEDLSGWTANIGSLSAETSDVY
VGSQSARLTASSSAVDIRYSFGTAQDFTGKGFSMALKRIDVSGSSDSTPIKIRLVDGNTNYRTFSARCRPGGGDEWGRRD
FGFESEDTGFDVTNVQTMTVTTNSRSSIDILVDDIRVVDSSGTGQVIVTIDDVHTGDKTAAEVFGRYGIPIGLAANAKFL
DQSSSKLTTQEFKDLLAKPHVYAVNHGYNHYDYGSYSIDEIEDDVIRGKYELQDLGVREPNINHYVYPSGNYAQESIDML
SNYHVMSWGTGAESFDALTPNQLTSPWHNLRCSFDSGTAEAEQAVNDAATYNQTAHIYFHSDNVTQSEMESVAQTINSAD
VTPITLMDFYNQQ
;
TC,TA,TB
2 'polypeptide(L)'
;MTDTIVNVQGSFFSASASGVADTESLLIDPQDAKFGAIEIHNIA(NEP)GGSVDVELLTSSDDTELVEDAAVTLDSFTGE
GISQGNQIEASDNTNTYIRITNTSGGAIDIIATGREVSQ
;
TD,TE,TF,TG,TH,TI
3 'polypeptide(L)'
;MLMEAALPGSDVSAREVAKVWPGAKKGDYSFLQGNQSRSLEAEMTRTARAEAGTDRHRALKDYAVDADNLPKTLSAGSKH
LTEDGDVIEARLDDAIPRMLFAASDPEYVDTLFREQLLEVVMEGRELRKVAREASNVINANTRVGDVPIASDEEFARPTG
QGAEIRDDGETYTTVAWNATKLTEGSRVTDEMRDQAMVDLIERNIQRVGASLENGINRVFLTELVDNAQNNHDTAGSNQG
YQALNSAVGEVDKDDFRPDTYVTHPDYRTQLFNDTNLAYANRAGTNEVLRNREDAPIVGDIAGLDMHAAMSSATYDDGTD
IGWSGGSETWGFSSDGDKGAVVYDRDNIHTILYAPNGQDVEIKDYEDPIRDITGVNGRLHVDCQYSQGRSSATVQY
;
LA,LB,LF,LE,LD,LC
#
loop_
_chem_comp.id
_chem_comp.type
_chem_comp.name
_chem_comp.formula
MG non-polymer 'MAGNESIUM ION' 'Mg 2'
ZN non-polymer 'ZINC ION' 'Zn 2'
#
# COMPACT_ATOMS: atom_id res chain seq x y z
N THR A 2 16.48 -3.09 8.07
CA THR A 2 15.86 -2.30 6.98
C THR A 2 16.03 -0.80 7.23
N GLY A 3 15.82 -0.38 8.49
CA GLY A 3 15.84 1.02 8.88
C GLY A 3 14.53 1.74 8.55
N LEU A 4 14.50 3.05 8.82
CA LEU A 4 13.36 3.90 8.49
C LEU A 4 13.54 4.52 7.10
N ASN A 5 12.46 5.09 6.56
CA ASN A 5 12.46 5.60 5.20
C ASN A 5 13.48 6.74 5.04
N PRO A 6 14.19 6.85 3.89
CA PRO A 6 15.11 7.96 3.64
C PRO A 6 14.46 9.34 3.75
N ASP A 7 15.30 10.31 4.05
CA ASP A 7 14.99 11.72 4.01
C ASP A 7 14.41 12.10 2.65
N GLY A 8 13.24 12.76 2.66
CA GLY A 8 12.76 13.45 1.49
C GLY A 8 11.25 13.41 1.35
N LEU A 9 10.74 14.33 0.56
CA LEU A 9 9.39 14.22 0.05
C LEU A 9 9.36 13.40 -1.24
N GLY A 10 8.16 13.25 -1.81
CA GLY A 10 7.90 12.23 -2.80
C GLY A 10 7.81 10.85 -2.16
N ARG A 11 7.53 9.84 -2.99
CA ARG A 11 7.54 8.46 -2.53
C ARG A 11 8.96 8.06 -2.13
N THR A 12 9.15 7.77 -0.83
CA THR A 12 10.41 7.32 -0.29
C THR A 12 10.20 5.93 0.33
N ALA A 13 11.20 5.06 0.20
CA ALA A 13 11.07 3.71 0.75
C ALA A 13 12.41 3.16 1.24
N ALA A 14 12.35 2.50 2.41
CA ALA A 14 13.44 1.66 2.89
C ALA A 14 13.08 0.20 2.61
N PHE A 15 13.94 -0.45 1.82
CA PHE A 15 13.77 -1.85 1.46
C PHE A 15 14.88 -2.69 2.08
N SER A 16 14.60 -3.99 2.18
CA SER A 16 15.66 -4.95 2.33
C SER A 16 16.15 -5.35 0.94
N ASN A 17 15.49 -6.32 0.32
CA ASN A 17 15.90 -6.83 -0.98
C ASN A 17 14.89 -6.39 -2.05
N THR A 18 15.40 -5.78 -3.13
CA THR A 18 14.57 -5.43 -4.28
C THR A 18 15.09 -6.13 -5.53
N SER A 19 14.15 -6.47 -6.40
CA SER A 19 14.41 -6.94 -7.75
C SER A 19 13.74 -5.96 -8.71
N ALA A 20 14.43 -5.64 -9.80
CA ALA A 20 13.85 -4.81 -10.85
C ALA A 20 14.31 -5.29 -12.21
N GLU A 21 13.51 -5.03 -13.22
CA GLU A 21 13.94 -5.20 -14.60
C GLU A 21 14.80 -4.00 -14.97
N SER A 22 14.27 -2.78 -14.75
CA SER A 22 15.00 -1.55 -15.04
C SER A 22 15.00 -0.60 -13.84
N VAL A 23 16.17 -0.01 -13.56
CA VAL A 23 16.31 1.02 -12.53
C VAL A 23 16.84 2.30 -13.19
N SER A 24 16.09 3.40 -13.05
CA SER A 24 16.58 4.74 -13.34
C SER A 24 16.89 5.42 -12.02
N ALA A 25 18.12 5.91 -11.87
CA ALA A 25 18.51 6.70 -10.71
C ALA A 25 19.28 7.93 -11.18
N VAL A 26 19.08 9.06 -10.51
CA VAL A 26 20.01 10.16 -10.73
C VAL A 26 21.29 9.84 -9.96
N ASP A 27 21.19 9.81 -8.62
CA ASP A 27 22.31 9.43 -7.77
C ASP A 27 22.17 7.96 -7.35
N ALA A 28 23.23 7.16 -7.52
CA ALA A 28 23.24 5.85 -6.88
C ALA A 28 24.49 5.67 -6.02
N THR A 29 24.29 5.52 -4.70
CA THR A 29 25.33 5.23 -3.73
C THR A 29 25.29 3.74 -3.44
N ILE A 30 26.26 2.99 -4.01
CA ILE A 30 26.29 1.54 -3.88
C ILE A 30 27.57 1.17 -3.14
N ASP A 31 27.41 0.49 -1.99
CA ASP A 31 28.53 0.12 -1.13
C ASP A 31 29.35 -1.05 -1.68
N ARG A 32 28.69 -1.96 -2.42
CA ARG A 32 29.37 -3.05 -3.11
C ARG A 32 28.68 -3.38 -4.42
N LEU A 33 29.42 -3.22 -5.52
CA LEU A 33 28.86 -3.28 -6.85
C LEU A 33 29.21 -4.58 -7.56
N TYR A 34 28.16 -5.31 -7.99
CA TYR A 34 28.27 -6.52 -8.78
C TYR A 34 27.74 -6.19 -10.19
N ALA A 35 28.57 -5.48 -10.97
CA ALA A 35 28.16 -4.97 -12.27
C ALA A 35 29.34 -4.98 -13.25
N GLN A 36 29.89 -6.18 -13.51
CA GLN A 36 31.02 -6.33 -14.42
C GLN A 36 30.64 -5.99 -15.87
N ASP A 37 29.37 -6.20 -16.22
CA ASP A 37 28.87 -6.03 -17.58
C ASP A 37 28.39 -4.59 -17.82
N ARG A 38 29.36 -3.72 -18.14
CA ARG A 38 29.07 -2.36 -18.58
C ARG A 38 28.52 -2.37 -20.00
N ILE A 39 27.47 -1.59 -20.22
CA ILE A 39 27.06 -1.25 -21.58
C ILE A 39 27.73 0.06 -21.96
N GLU A 40 27.55 1.04 -21.09
CA GLU A 40 27.97 2.40 -21.32
C GLU A 40 29.32 2.59 -20.63
N ILE A 41 30.35 2.91 -21.41
CA ILE A 41 31.71 2.98 -20.90
C ILE A 41 32.02 4.41 -20.45
N PRO A 42 32.80 4.58 -19.36
CA PRO A 42 33.15 5.92 -18.89
C PRO A 42 34.08 6.68 -19.85
N THR A 43 34.96 5.96 -20.58
CA THR A 43 36.00 6.53 -21.44
C THR A 43 35.46 7.10 -22.77
N ASP A 44 35.80 8.37 -23.08
CA ASP A 44 35.55 8.97 -24.39
C ASP A 44 36.85 9.06 -25.17
N SER A 45 37.08 8.08 -26.06
CA SER A 45 38.35 7.95 -26.76
C SER A 45 38.55 8.94 -27.91
N ARG A 46 37.48 9.64 -28.35
CA ARG A 46 37.43 10.39 -29.60
C ARG A 46 38.60 11.37 -29.77
N GLN A 47 38.88 12.17 -28.73
CA GLN A 47 39.85 13.26 -28.82
C GLN A 47 41.09 13.06 -27.93
N LEU A 48 41.25 11.88 -27.29
CA LEU A 48 42.41 11.61 -26.45
C LEU A 48 43.68 11.57 -27.30
N PHE A 49 43.62 10.85 -28.42
CA PHE A 49 44.79 10.56 -29.23
C PHE A 49 45.06 11.64 -30.28
N SER A 50 44.10 12.56 -30.50
CA SER A 50 44.17 13.60 -31.52
C SER A 50 45.36 14.56 -31.36
N THR A 51 45.99 14.62 -30.18
CA THR A 51 47.16 15.46 -29.96
C THR A 51 48.39 14.67 -29.49
N ARG A 52 48.49 13.39 -29.89
CA ARG A 52 49.73 12.65 -29.77
C ARG A 52 50.78 13.19 -30.73
N GLY A 53 52.05 12.97 -30.37
CA GLY A 53 53.19 13.39 -31.18
C GLY A 53 53.26 14.90 -31.38
N THR A 54 53.94 15.33 -32.46
CA THR A 54 54.23 16.74 -32.70
C THR A 54 53.67 17.17 -34.05
N VAL A 55 53.17 18.41 -34.16
CA VAL A 55 52.76 18.95 -35.45
C VAL A 55 53.99 19.22 -36.32
N LEU A 56 54.17 18.41 -37.36
CA LEU A 56 55.27 18.60 -38.29
C LEU A 56 54.95 19.74 -39.25
N ARG A 57 53.77 19.66 -39.88
CA ARG A 57 53.30 20.64 -40.85
C ARG A 57 51.94 21.16 -40.45
N ASN A 58 51.81 22.47 -40.56
CA ASN A 58 50.92 23.24 -39.70
C ASN A 58 49.71 23.75 -40.48
N PHE A 59 49.90 24.09 -41.77
CA PHE A 59 48.93 24.78 -42.62
C PHE A 59 48.41 26.12 -42.07
N GLU A 60 49.07 26.69 -41.07
CA GLU A 60 48.69 27.98 -40.49
C GLU A 60 49.19 29.17 -41.30
N ASP A 61 50.17 28.93 -42.20
CA ASP A 61 50.67 29.89 -43.18
C ASP A 61 51.05 29.13 -44.46
N LEU A 62 50.36 29.43 -45.57
CA LEU A 62 50.55 28.68 -46.81
C LEU A 62 51.69 29.22 -47.69
N SER A 63 52.43 30.23 -47.23
CA SER A 63 53.54 30.82 -47.97
C SER A 63 54.62 29.78 -48.34
N GLY A 64 54.80 28.77 -47.49
CA GLY A 64 55.80 27.70 -47.67
C GLY A 64 55.35 26.56 -48.58
N TRP A 65 54.07 26.54 -48.99
CA TRP A 65 53.50 25.45 -49.79
C TRP A 65 53.39 25.85 -51.27
N THR A 66 53.85 24.95 -52.15
CA THR A 66 53.86 25.17 -53.59
C THR A 66 52.82 24.26 -54.25
N ALA A 67 51.88 24.87 -55.00
CA ALA A 67 50.85 24.09 -55.67
C ALA A 67 51.39 23.54 -57.00
N ASN A 68 51.81 22.27 -56.99
CA ASN A 68 52.39 21.61 -58.15
C ASN A 68 51.32 21.37 -59.21
N ILE A 69 50.18 20.78 -58.80
CA ILE A 69 48.95 20.68 -59.59
C ILE A 69 47.75 20.86 -58.67
N GLY A 70 46.60 21.26 -59.25
CA GLY A 70 45.48 21.75 -58.46
C GLY A 70 45.77 23.13 -57.86
N SER A 71 44.94 23.54 -56.90
CA SER A 71 44.97 24.86 -56.30
C SER A 71 44.73 24.80 -54.80
N LEU A 72 45.27 25.78 -54.08
CA LEU A 72 45.39 25.76 -52.62
C LEU A 72 45.02 27.14 -52.07
N SER A 73 44.18 27.17 -51.01
CA SER A 73 43.81 28.42 -50.36
C SER A 73 43.53 28.21 -48.87
N ALA A 74 43.69 29.28 -48.09
CA ALA A 74 43.42 29.23 -46.66
C ALA A 74 41.91 29.23 -46.41
N GLU A 75 41.46 28.31 -45.55
CA GLU A 75 40.14 28.36 -44.98
C GLU A 75 40.23 28.79 -43.52
N THR A 76 39.46 29.85 -43.18
CA THR A 76 39.48 30.47 -41.85
C THR A 76 38.12 30.40 -41.16
N SER A 77 37.05 30.11 -41.92
CA SER A 77 35.72 29.83 -41.39
C SER A 77 35.58 28.39 -40.87
N ASP A 78 36.46 27.50 -41.31
CA ASP A 78 36.38 26.06 -41.09
C ASP A 78 37.78 25.49 -40.86
N VAL A 79 38.06 25.13 -39.60
CA VAL A 79 39.42 24.96 -39.14
C VAL A 79 39.45 23.81 -38.14
N TYR A 80 40.35 22.85 -38.37
CA TYR A 80 40.56 21.77 -37.43
C TYR A 80 41.27 22.28 -36.18
N VAL A 81 42.39 22.99 -36.40
CA VAL A 81 43.39 23.36 -35.40
C VAL A 81 43.94 24.73 -35.80
N GLY A 82 44.21 25.59 -34.81
CA GLY A 82 44.83 26.89 -35.05
C GLY A 82 43.87 27.94 -35.61
N SER A 83 44.43 28.81 -36.47
CA SER A 83 43.71 29.93 -37.09
C SER A 83 43.16 29.56 -38.47
N GLN A 84 43.75 28.54 -39.13
CA GLN A 84 43.33 28.17 -40.47
C GLN A 84 43.64 26.72 -40.84
N SER A 85 43.00 26.29 -41.94
CA SER A 85 43.23 25.00 -42.58
C SER A 85 43.45 25.23 -44.07
N ALA A 86 44.02 24.23 -44.77
CA ALA A 86 44.24 24.33 -46.20
C ALA A 86 43.08 23.71 -46.97
N ARG A 87 42.39 24.49 -47.81
CA ARG A 87 41.52 23.92 -48.83
C ARG A 87 42.33 23.51 -50.06
N LEU A 88 42.14 22.27 -50.50
CA LEU A 88 42.66 21.76 -51.75
C LEU A 88 41.52 21.66 -52.75
N THR A 89 41.66 22.35 -53.89
CA THR A 89 40.63 22.33 -54.92
C THR A 89 41.28 22.03 -56.28
N ALA A 90 40.68 21.10 -57.05
CA ALA A 90 41.17 20.77 -58.38
C ALA A 90 40.02 20.30 -59.28
N SER A 91 40.19 20.48 -60.60
CA SER A 91 39.21 20.08 -61.60
C SER A 91 39.87 19.22 -62.68
N SER A 92 39.22 18.10 -63.04
CA SER A 92 39.68 17.14 -64.05
C SER A 92 41.14 16.73 -63.87
N SER A 93 41.61 16.69 -62.61
CA SER A 93 43.02 16.52 -62.28
C SER A 93 43.19 16.05 -60.83
N ALA A 94 44.39 15.58 -60.48
CA ALA A 94 44.78 15.42 -59.10
C ALA A 94 45.19 16.78 -58.51
N VAL A 95 45.29 16.86 -57.18
CA VAL A 95 45.98 17.95 -56.50
C VAL A 95 47.26 17.40 -55.87
N ASP A 96 48.30 18.25 -55.87
CA ASP A 96 49.62 17.90 -55.37
C ASP A 96 50.26 19.20 -54.89
N ILE A 97 50.57 19.25 -53.59
CA ILE A 97 51.14 20.44 -52.95
C ILE A 97 52.41 19.99 -52.22
N ARG A 98 53.43 20.87 -52.21
CA ARG A 98 54.76 20.48 -51.76
C ARG A 98 55.35 21.53 -50.81
N TYR A 99 56.03 21.06 -49.77
CA TYR A 99 56.71 21.89 -48.79
C TYR A 99 58.17 21.45 -48.73
N SER A 100 59.09 22.41 -48.93
CA SER A 100 60.52 22.14 -48.92
C SER A 100 61.16 22.61 -47.61
N PHE A 101 61.89 21.71 -46.97
CA PHE A 101 62.40 21.95 -45.62
C PHE A 101 63.59 22.89 -45.64
N GLY A 102 63.67 23.79 -44.64
CA GLY A 102 64.77 24.73 -44.46
C GLY A 102 66.13 24.07 -44.18
N THR A 103 66.09 22.79 -43.79
CA THR A 103 67.24 21.91 -43.63
C THR A 103 66.77 20.46 -43.81
N ALA A 104 67.69 19.53 -44.09
CA ALA A 104 67.34 18.14 -44.27
C ALA A 104 66.65 17.54 -43.04
N GLN A 105 65.59 16.77 -43.27
CA GLN A 105 64.83 16.12 -42.21
C GLN A 105 65.13 14.62 -42.16
N ASP A 106 65.20 14.10 -40.94
CA ASP A 106 65.30 12.68 -40.68
C ASP A 106 63.95 12.18 -40.16
N PHE A 107 63.35 11.20 -40.86
CA PHE A 107 62.08 10.60 -40.44
C PHE A 107 62.21 9.10 -40.16
N THR A 108 63.43 8.62 -39.85
CA THR A 108 63.63 7.24 -39.42
C THR A 108 62.76 6.90 -38.22
N GLY A 109 62.00 5.81 -38.32
CA GLY A 109 61.13 5.34 -37.25
C GLY A 109 59.91 6.23 -36.97
N LYS A 110 59.70 7.32 -37.72
CA LYS A 110 58.50 8.14 -37.59
C LYS A 110 57.36 7.56 -38.43
N GLY A 111 56.13 7.78 -37.95
CA GLY A 111 54.89 7.57 -38.70
C GLY A 111 54.10 8.88 -38.79
N PHE A 112 53.17 8.95 -39.75
CA PHE A 112 52.52 10.19 -40.15
C PHE A 112 51.01 10.14 -39.99
N SER A 113 50.41 11.31 -39.73
CA SER A 113 48.99 11.45 -39.48
C SER A 113 48.53 12.84 -39.93
N MET A 114 47.26 13.02 -40.35
CA MET A 114 46.79 14.33 -40.81
C MET A 114 45.28 14.50 -40.58
N ALA A 115 44.81 15.73 -40.33
CA ALA A 115 43.39 16.02 -40.24
C ALA A 115 42.79 16.30 -41.63
N LEU A 116 41.56 15.82 -41.86
CA LEU A 116 40.93 15.82 -43.17
C LEU A 116 39.43 16.09 -43.07
N LYS A 117 38.85 16.83 -44.03
CA LYS A 117 37.40 16.85 -44.26
C LYS A 117 37.09 16.86 -45.77
N ARG A 118 36.14 16.02 -46.22
CA ARG A 118 35.73 15.96 -47.62
C ARG A 118 34.57 16.94 -47.83
N ILE A 119 34.74 17.90 -48.75
CA ILE A 119 33.65 18.79 -49.12
C ILE A 119 32.96 18.25 -50.37
N ASP A 120 33.76 17.95 -51.40
CA ASP A 120 33.28 17.32 -52.63
C ASP A 120 34.42 16.49 -53.26
N VAL A 121 34.08 15.30 -53.76
CA VAL A 121 34.94 14.57 -54.69
C VAL A 121 33.99 13.90 -55.68
N SER A 122 34.23 14.06 -56.99
CA SER A 122 33.41 13.39 -57.99
C SER A 122 34.20 13.03 -59.25
N GLY A 123 33.78 11.96 -59.92
CA GLY A 123 34.52 11.32 -60.99
C GLY A 123 34.15 9.84 -61.04
N SER A 124 35.13 8.99 -61.39
CA SER A 124 34.95 7.54 -61.42
C SER A 124 34.56 6.96 -60.04
N SER A 125 34.92 7.69 -58.98
CA SER A 125 34.49 7.43 -57.61
C SER A 125 34.48 8.74 -56.82
N ASP A 126 33.58 8.82 -55.83
CA ASP A 126 33.42 10.00 -54.97
C ASP A 126 34.38 9.98 -53.78
N SER A 127 35.54 9.36 -53.97
CA SER A 127 36.53 9.08 -52.95
C SER A 127 37.93 9.12 -53.58
N THR A 128 38.96 9.35 -52.77
CA THR A 128 40.33 9.37 -53.25
C THR A 128 41.27 8.87 -52.16
N PRO A 129 42.33 8.10 -52.51
CA PRO A 129 43.50 8.04 -51.66
C PRO A 129 44.09 9.44 -51.54
N ILE A 130 44.44 9.81 -50.30
CA ILE A 130 45.28 10.95 -50.03
C ILE A 130 46.63 10.43 -49.55
N LYS A 131 47.70 10.96 -50.16
CA LYS A 131 49.04 10.43 -50.04
C LYS A 131 49.95 11.49 -49.43
N ILE A 132 50.64 11.15 -48.34
CA ILE A 132 51.82 11.89 -47.92
C ILE A 132 53.03 11.24 -48.59
N ARG A 133 53.72 12.00 -49.45
CA ARG A 133 54.97 11.54 -50.06
C ARG A 133 56.13 12.32 -49.45
N LEU A 134 57.09 11.60 -48.87
CA LEU A 134 58.41 12.17 -48.59
C LEU A 134 59.28 12.05 -49.84
N VAL A 135 60.21 12.98 -50.05
CA VAL A 135 61.15 12.90 -51.16
C VAL A 135 62.58 13.23 -50.71
N ASP A 136 63.54 12.39 -51.10
CA ASP A 136 64.94 12.47 -50.65
C ASP A 136 65.80 13.36 -51.56
N GLY A 137 67.10 13.50 -51.20
CA GLY A 137 68.08 14.24 -51.98
C GLY A 137 68.37 13.66 -53.38
N ASN A 138 67.86 12.44 -53.66
CA ASN A 138 68.01 11.75 -54.94
C ASN A 138 66.76 11.83 -55.81
N THR A 139 65.68 12.44 -55.30
CA THR A 139 64.32 12.39 -55.88
C THR A 139 63.76 10.96 -55.95
N ASN A 140 64.12 10.11 -54.98
CA ASN A 140 63.29 8.98 -54.62
C ASN A 140 62.12 9.48 -53.76
N TYR A 141 60.90 8.96 -54.00
CA TYR A 141 59.82 9.14 -53.04
C TYR A 141 59.71 7.94 -52.08
N ARG A 142 59.14 8.20 -50.87
CA ARG A 142 58.43 7.21 -50.09
C ARG A 142 57.02 7.74 -49.83
N THR A 143 55.99 6.90 -50.05
CA THR A 143 54.62 7.35 -49.89
C THR A 143 53.91 6.55 -48.80
N PHE A 144 53.17 7.28 -47.94
CA PHE A 144 52.16 6.74 -47.06
C PHE A 144 50.80 7.30 -47.48
N SER A 145 49.71 6.58 -47.24
CA SER A 145 48.40 7.05 -47.68
C SER A 145 47.25 6.52 -46.81
N ALA A 146 46.08 7.13 -47.03
CA ALA A 146 44.82 6.85 -46.35
C ALA A 146 43.69 7.26 -47.29
N ARG A 147 42.43 6.91 -46.98
CA ARG A 147 41.33 7.20 -47.90
C ARG A 147 40.42 8.31 -47.39
N CYS A 148 40.18 9.28 -48.28
CA CYS A 148 39.12 10.24 -48.15
C CYS A 148 37.84 9.64 -48.76
N ARG A 149 36.80 9.43 -47.94
CA ARG A 149 35.56 8.80 -48.37
C ARG A 149 34.36 9.63 -47.90
N PRO A 150 33.17 9.50 -48.53
CA PRO A 150 31.92 10.00 -47.94
C PRO A 150 31.63 9.30 -46.61
N GLY A 151 30.80 9.94 -45.78
CA GLY A 151 30.47 9.42 -44.45
C GLY A 151 31.62 9.65 -43.49
N GLY A 152 32.63 8.78 -43.53
CA GLY A 152 33.77 8.87 -42.63
C GLY A 152 34.62 10.14 -42.81
N GLY A 153 34.41 10.90 -43.90
CA GLY A 153 35.08 12.18 -44.11
C GLY A 153 34.15 13.39 -44.09
N ASP A 154 32.87 13.21 -43.73
CA ASP A 154 31.87 14.29 -43.80
C ASP A 154 32.09 15.39 -42.75
N GLU A 155 32.85 15.07 -41.68
CA GLU A 155 33.29 16.01 -40.65
C GLU A 155 34.77 15.75 -40.36
N TRP A 156 35.45 16.73 -39.76
CA TRP A 156 36.89 16.63 -39.52
C TRP A 156 37.27 15.38 -38.75
N GLY A 157 38.18 14.59 -39.33
CA GLY A 157 38.72 13.42 -38.65
C GLY A 157 40.17 13.18 -39.06
N ARG A 158 41.00 12.72 -38.10
CA ARG A 158 42.38 12.41 -38.41
C ARG A 158 42.47 11.03 -39.07
N ARG A 159 43.33 10.92 -40.08
CA ARG A 159 43.79 9.64 -40.61
C ARG A 159 45.23 9.40 -40.18
N ASP A 160 45.57 8.14 -39.89
CA ASP A 160 46.92 7.73 -39.55
C ASP A 160 47.45 6.86 -40.69
N PHE A 161 48.52 7.31 -41.34
CA PHE A 161 48.80 6.97 -42.73
C PHE A 161 49.59 5.66 -42.83
N GLY A 162 49.06 4.72 -43.61
CA GLY A 162 49.72 3.46 -43.86
C GLY A 162 50.80 3.62 -44.93
N PHE A 163 51.96 2.98 -44.77
CA PHE A 163 52.94 2.90 -45.85
C PHE A 163 52.28 2.39 -47.14
N GLU A 164 52.72 2.89 -48.31
CA GLU A 164 52.16 2.48 -49.59
C GLU A 164 53.26 2.03 -50.56
N SER A 165 54.32 2.85 -50.72
CA SER A 165 55.33 2.59 -51.74
C SER A 165 56.64 3.30 -51.42
N GLU A 166 57.72 2.82 -52.06
CA GLU A 166 59.03 3.43 -51.91
C GLU A 166 59.86 3.22 -53.18
N ASP A 167 60.40 4.32 -53.71
CA ASP A 167 61.37 4.28 -54.79
C ASP A 167 62.68 3.72 -54.24
N THR A 168 63.22 2.70 -54.93
CA THR A 168 64.36 1.93 -54.46
C THR A 168 65.53 2.84 -54.06
N GLY A 169 66.00 2.66 -52.81
CA GLY A 169 67.11 3.43 -52.27
C GLY A 169 66.75 4.79 -51.66
N PHE A 170 65.46 5.07 -51.45
CA PHE A 170 65.01 6.27 -50.74
C PHE A 170 65.74 6.50 -49.41
N ASP A 171 66.31 7.70 -49.24
CA ASP A 171 67.01 8.04 -48.01
C ASP A 171 66.12 8.76 -47.00
N VAL A 172 65.47 7.95 -46.17
CA VAL A 172 64.65 8.37 -45.04
C VAL A 172 65.39 9.24 -44.02
N THR A 173 66.73 9.22 -44.01
CA THR A 173 67.51 10.05 -43.10
C THR A 173 67.72 11.47 -43.64
N ASN A 174 67.40 11.69 -44.93
CA ASN A 174 67.84 12.85 -45.68
C ASN A 174 66.73 13.36 -46.59
N VAL A 175 65.55 13.56 -46.00
CA VAL A 175 64.37 14.03 -46.73
C VAL A 175 64.48 15.55 -46.92
N GLN A 176 64.20 16.01 -48.14
CA GLN A 176 64.32 17.42 -48.52
C GLN A 176 62.97 18.12 -48.68
N THR A 177 61.91 17.35 -48.97
CA THR A 177 60.59 17.90 -49.24
C THR A 177 59.53 16.87 -48.87
N MET A 178 58.33 17.35 -48.54
CA MET A 178 57.16 16.48 -48.39
C MET A 178 56.00 17.02 -49.22
N THR A 179 55.13 16.08 -49.64
CA THR A 179 54.12 16.30 -50.64
C THR A 179 52.79 15.73 -50.13
N VAL A 180 51.70 16.49 -50.31
CA VAL A 180 50.35 15.95 -50.15
C VAL A 180 49.73 15.82 -51.54
N THR A 181 49.21 14.64 -51.88
CA THR A 181 48.61 14.47 -53.21
C THR A 181 47.45 13.47 -53.25
N THR A 182 46.59 13.60 -54.26
CA THR A 182 45.42 12.74 -54.47
C THR A 182 45.53 11.98 -55.80
N ASN A 183 44.65 11.01 -56.04
CA ASN A 183 44.37 10.57 -57.40
C ASN A 183 43.64 11.67 -58.17
N SER A 184 43.55 11.53 -59.51
CA SER A 184 42.86 12.47 -60.38
C SER A 184 41.34 12.26 -60.37
N ARG A 185 40.55 13.34 -60.32
CA ARG A 185 39.09 13.30 -60.34
C ARG A 185 38.51 14.54 -61.04
N SER A 186 37.27 14.42 -61.54
CA SER A 186 36.59 15.51 -62.24
C SER A 186 36.42 16.75 -61.35
N SER A 187 36.16 16.54 -60.04
CA SER A 187 36.14 17.59 -59.03
C SER A 187 36.79 17.06 -57.76
N ILE A 188 37.60 17.91 -57.10
CA ILE A 188 38.12 17.69 -55.76
C ILE A 188 37.98 19.00 -54.99
N ASP A 189 37.45 18.89 -53.76
CA ASP A 189 37.38 19.94 -52.76
C ASP A 189 37.48 19.30 -51.38
N ILE A 190 38.67 19.37 -50.75
CA ILE A 190 38.90 18.76 -49.45
C ILE A 190 39.72 19.72 -48.58
N LEU A 191 39.46 19.70 -47.26
CA LEU A 191 40.22 20.49 -46.30
C LEU A 191 41.22 19.59 -45.59
N VAL A 192 42.43 20.10 -45.37
CA VAL A 192 43.43 19.44 -44.53
C VAL A 192 44.02 20.42 -43.53
N ASP A 193 44.52 19.87 -42.42
CA ASP A 193 45.17 20.64 -41.37
C ASP A 193 46.08 19.69 -40.58
N ASP A 194 47.01 20.26 -39.80
CA ASP A 194 47.68 19.55 -38.70
C ASP A 194 48.24 18.15 -39.07
N ILE A 195 49.33 18.13 -39.84
CA ILE A 195 50.10 16.91 -40.07
C ILE A 195 50.94 16.64 -38.82
N ARG A 196 50.86 15.42 -38.29
CA ARG A 196 51.55 15.03 -37.07
C ARG A 196 52.51 13.87 -37.29
N VAL A 197 53.64 13.95 -36.58
CA VAL A 197 54.66 12.93 -36.55
C VAL A 197 54.58 12.21 -35.20
N VAL A 198 54.56 10.88 -35.26
CA VAL A 198 54.48 10.02 -34.09
C VAL A 198 55.65 9.02 -34.11
N ASP A 199 56.14 8.66 -32.93
CA ASP A 199 57.15 7.61 -32.80
C ASP A 199 56.55 6.25 -33.13
N SER A 200 57.10 5.59 -34.16
CA SER A 200 56.68 4.24 -34.57
C SER A 200 57.91 3.31 -34.65
N SER A 201 58.94 3.59 -33.83
CA SER A 201 60.24 2.91 -33.86
C SER A 201 60.22 1.49 -33.28
N GLY A 202 59.11 1.08 -32.64
CA GLY A 202 58.93 -0.30 -32.18
C GLY A 202 58.80 -1.29 -33.33
N THR A 203 58.60 -2.57 -32.99
CA THR A 203 58.43 -3.63 -33.99
C THR A 203 57.15 -3.45 -34.81
N GLY A 204 57.06 -4.12 -35.97
CA GLY A 204 55.81 -4.20 -36.74
C GLY A 204 54.79 -5.08 -36.03
N GLN A 205 53.48 -4.83 -36.25
CA GLN A 205 52.44 -5.56 -35.55
C GLN A 205 51.31 -5.98 -36.49
N VAL A 206 50.69 -7.15 -36.23
CA VAL A 206 49.60 -7.64 -37.07
C VAL A 206 48.37 -7.97 -36.22
N ILE A 207 47.19 -7.53 -36.69
CA ILE A 207 45.89 -7.80 -36.09
C ILE A 207 45.03 -8.50 -37.13
N VAL A 208 44.43 -9.65 -36.79
CA VAL A 208 43.57 -10.39 -37.71
C VAL A 208 42.12 -10.38 -37.19
N THR A 209 41.18 -9.88 -38.01
CA THR A 209 39.77 -9.99 -37.66
C THR A 209 38.97 -10.80 -38.68
N ILE A 210 38.04 -11.60 -38.16
CA ILE A 210 37.14 -12.40 -38.97
C ILE A 210 35.73 -11.89 -38.69
N ASP A 211 35.02 -11.52 -39.75
CA ASP A 211 33.72 -10.85 -39.60
C ASP A 211 32.54 -11.81 -39.77
N ASP A 212 31.43 -11.51 -39.09
CA ASP A 212 30.10 -12.02 -39.41
C ASP A 212 29.88 -13.52 -39.11
N VAL A 213 30.77 -14.13 -38.30
CA VAL A 213 30.59 -15.42 -37.60
C VAL A 213 30.16 -16.60 -38.48
N HIS A 214 30.71 -16.67 -39.69
CA HIS A 214 30.53 -17.81 -40.59
C HIS A 214 31.16 -19.10 -40.03
N THR A 215 30.62 -20.26 -40.39
CA THR A 215 31.08 -21.55 -39.85
C THR A 215 32.56 -21.82 -40.13
N GLY A 216 33.10 -21.25 -41.21
CA GLY A 216 34.51 -21.36 -41.55
C GLY A 216 35.47 -20.81 -40.48
N ASP A 217 34.97 -20.07 -39.49
CA ASP A 217 35.79 -19.58 -38.40
C ASP A 217 36.45 -20.71 -37.62
N LYS A 218 35.87 -21.92 -37.64
CA LYS A 218 36.48 -23.09 -37.03
C LYS A 218 37.79 -23.48 -37.70
N THR A 219 37.80 -23.62 -39.03
CA THR A 219 39.01 -23.90 -39.79
C THR A 219 40.01 -22.75 -39.68
N ALA A 220 39.52 -21.50 -39.71
CA ALA A 220 40.36 -20.33 -39.51
C ALA A 220 41.10 -20.37 -38.18
N ALA A 221 40.39 -20.69 -37.08
CA ALA A 221 41.00 -20.81 -35.76
C ALA A 221 42.10 -21.86 -35.74
N GLU A 222 41.88 -23.02 -36.37
CA GLU A 222 42.92 -24.05 -36.45
C GLU A 222 44.15 -23.56 -37.23
N VAL A 223 43.94 -22.95 -38.40
CA VAL A 223 44.99 -22.44 -39.27
C VAL A 223 45.85 -21.38 -38.59
N PHE A 224 45.25 -20.28 -38.14
CA PHE A 224 45.99 -19.20 -37.49
C PHE A 224 46.56 -19.63 -36.14
N GLY A 225 45.89 -20.60 -35.51
CA GLY A 225 46.38 -21.28 -34.32
C GLY A 225 47.74 -21.95 -34.53
N ARG A 226 48.06 -22.44 -35.74
CA ARG A 226 49.34 -23.12 -35.96
C ARG A 226 50.55 -22.24 -35.62
N TYR A 227 50.37 -20.91 -35.72
CA TYR A 227 51.42 -19.94 -35.42
C TYR A 227 51.02 -18.99 -34.29
N GLY A 228 49.96 -19.34 -33.56
CA GLY A 228 49.46 -18.62 -32.40
C GLY A 228 49.12 -17.15 -32.67
N ILE A 229 48.64 -16.86 -33.88
CA ILE A 229 48.24 -15.51 -34.29
C ILE A 229 46.85 -15.23 -33.71
N PRO A 230 46.60 -14.10 -33.00
CA PRO A 230 45.28 -13.83 -32.44
C PRO A 230 44.21 -13.44 -33.45
N ILE A 231 43.07 -14.14 -33.37
CA ILE A 231 41.88 -13.89 -34.17
C ILE A 231 40.86 -13.11 -33.36
N GLY A 232 40.43 -11.97 -33.88
CA GLY A 232 39.25 -11.29 -33.39
C GLY A 232 38.02 -11.69 -34.19
N LEU A 233 37.07 -12.38 -33.56
CA LEU A 233 35.75 -12.57 -34.14
C LEU A 233 34.94 -11.29 -33.99
N ALA A 234 34.69 -10.57 -35.08
CA ALA A 234 33.76 -9.45 -35.08
C ALA A 234 32.35 -10.03 -35.16
N ALA A 235 31.68 -10.08 -34.01
CA ALA A 235 30.57 -10.98 -33.79
C ALA A 235 29.22 -10.26 -33.80
N ASN A 236 28.25 -10.89 -34.49
CA ASN A 236 26.85 -10.52 -34.43
C ASN A 236 26.12 -11.64 -33.69
N ALA A 237 25.58 -11.35 -32.49
CA ALA A 237 25.05 -12.44 -31.67
C ALA A 237 23.72 -13.01 -32.20
N LYS A 238 22.97 -12.27 -33.03
CA LYS A 238 21.75 -12.80 -33.63
C LYS A 238 22.05 -13.92 -34.62
N PHE A 239 23.16 -13.79 -35.34
CA PHE A 239 23.55 -14.70 -36.42
C PHE A 239 23.85 -16.11 -35.91
N LEU A 240 24.27 -16.25 -34.64
CA LEU A 240 24.57 -17.56 -34.07
C LEU A 240 23.31 -18.43 -34.05
N ASP A 241 23.48 -19.69 -34.47
CA ASP A 241 22.39 -20.67 -34.62
C ASP A 241 21.34 -20.33 -35.69
N GLN A 242 21.53 -19.34 -36.57
CA GLN A 242 20.50 -19.04 -37.58
C GLN A 242 20.45 -20.10 -38.69
N SER A 243 21.62 -20.65 -39.04
CA SER A 243 21.81 -21.48 -40.21
C SER A 243 23.06 -22.34 -40.05
N SER A 244 23.21 -23.36 -40.92
CA SER A 244 24.42 -24.17 -40.96
C SER A 244 25.66 -23.36 -41.36
N SER A 245 25.45 -22.22 -42.05
CA SER A 245 26.51 -21.32 -42.52
C SER A 245 27.07 -20.39 -41.44
N LYS A 246 26.46 -20.33 -40.25
CA LYS A 246 26.91 -19.56 -39.10
C LYS A 246 27.21 -20.49 -37.92
N LEU A 247 28.15 -20.07 -37.04
CA LEU A 247 28.48 -20.85 -35.85
C LEU A 247 27.26 -21.09 -34.96
N THR A 248 27.22 -22.25 -34.28
CA THR A 248 26.28 -22.43 -33.18
C THR A 248 26.73 -21.64 -31.95
N THR A 249 25.84 -21.44 -30.98
CA THR A 249 26.21 -20.80 -29.72
C THR A 249 27.33 -21.56 -29.01
N GLN A 250 27.22 -22.89 -28.96
CA GLN A 250 28.24 -23.71 -28.31
C GLN A 250 29.58 -23.63 -29.05
N GLU A 251 29.55 -23.67 -30.39
CA GLU A 251 30.75 -23.49 -31.20
C GLU A 251 31.41 -22.12 -30.95
N PHE A 252 30.63 -21.04 -30.88
CA PHE A 252 31.16 -19.71 -30.64
C PHE A 252 31.83 -19.61 -29.26
N LYS A 253 31.17 -20.15 -28.22
CA LYS A 253 31.73 -20.22 -26.87
C LYS A 253 33.01 -21.06 -26.83
N ASP A 254 33.01 -22.22 -27.50
CA ASP A 254 34.17 -23.10 -27.61
C ASP A 254 35.33 -22.42 -28.34
N LEU A 255 35.05 -21.69 -29.43
CA LEU A 255 36.06 -20.90 -30.13
C LEU A 255 36.68 -19.87 -29.19
N LEU A 256 35.87 -19.08 -28.47
CA LEU A 256 36.37 -18.06 -27.56
C LEU A 256 37.16 -18.60 -26.37
N ALA A 257 36.94 -19.86 -25.99
CA ALA A 257 37.74 -20.52 -24.97
C ALA A 257 39.19 -20.77 -25.43
N LYS A 258 39.45 -20.76 -26.75
CA LYS A 258 40.80 -20.96 -27.29
C LYS A 258 41.63 -19.71 -27.06
N PRO A 259 42.88 -19.83 -26.55
CA PRO A 259 43.63 -18.68 -26.05
C PRO A 259 43.94 -17.58 -27.06
N HIS A 260 43.86 -17.89 -28.37
CA HIS A 260 44.15 -16.92 -29.43
C HIS A 260 42.88 -16.29 -30.02
N VAL A 261 41.68 -16.75 -29.64
CA VAL A 261 40.44 -16.20 -30.18
C VAL A 261 39.79 -15.26 -29.16
N TYR A 262 39.35 -14.10 -29.63
CA TYR A 262 38.64 -13.12 -28.81
C TYR A 262 37.50 -12.53 -29.63
N ALA A 263 36.48 -11.97 -28.97
CA ALA A 263 35.34 -11.39 -29.69
C ALA A 263 35.30 -9.88 -29.53
N VAL A 264 34.92 -9.19 -30.61
CA VAL A 264 34.65 -7.76 -30.61
C VAL A 264 33.25 -7.56 -31.19
N ASN A 265 32.59 -6.45 -30.83
CA ASN A 265 31.21 -6.25 -31.21
C ASN A 265 31.07 -5.86 -32.68
N HIS A 266 30.03 -6.35 -33.35
CA HIS A 266 29.75 -6.00 -34.74
C HIS A 266 28.24 -5.78 -34.95
N GLY A 267 27.54 -5.45 -33.85
CA GLY A 267 26.11 -5.19 -33.81
C GLY A 267 25.33 -6.51 -33.70
N TYR A 268 24.27 -6.55 -32.90
CA TYR A 268 23.51 -7.78 -32.70
C TYR A 268 23.05 -8.41 -34.03
N ASN A 269 22.53 -7.55 -34.92
CA ASN A 269 21.94 -7.91 -36.20
C ASN A 269 22.61 -7.16 -37.36
N HIS A 270 23.88 -6.72 -37.18
CA HIS A 270 24.69 -6.14 -38.25
C HIS A 270 24.06 -4.88 -38.88
N TYR A 271 23.43 -4.00 -38.09
CA TYR A 271 22.88 -2.77 -38.65
C TYR A 271 24.01 -1.78 -38.97
N ASP A 272 24.00 -1.23 -40.20
CA ASP A 272 25.07 -0.38 -40.70
C ASP A 272 24.59 1.06 -40.98
N TYR A 273 25.53 2.02 -40.93
CA TYR A 273 25.21 3.44 -41.06
C TYR A 273 24.56 3.78 -42.41
N GLY A 274 23.59 4.69 -42.39
CA GLY A 274 22.86 5.08 -43.60
C GLY A 274 21.69 4.15 -43.94
N SER A 275 21.89 2.85 -43.80
CA SER A 275 20.88 1.81 -44.01
C SER A 275 19.80 1.82 -42.91
N TYR A 276 20.19 2.26 -41.70
CA TYR A 276 19.33 2.34 -40.53
C TYR A 276 19.56 3.68 -39.82
N SER A 277 18.60 4.12 -39.00
CA SER A 277 18.77 5.36 -38.23
C SER A 277 19.82 5.16 -37.12
N ILE A 278 20.38 6.27 -36.63
CA ILE A 278 21.36 6.23 -35.54
C ILE A 278 20.77 5.56 -34.29
N ASP A 279 19.48 5.80 -34.02
CA ASP A 279 18.76 5.19 -32.91
C ASP A 279 18.71 3.66 -33.02
N GLU A 280 18.39 3.14 -34.21
CA GLU A 280 18.30 1.71 -34.44
C GLU A 280 19.69 1.06 -34.33
N ILE A 281 20.73 1.73 -34.85
CA ILE A 281 22.09 1.24 -34.75
C ILE A 281 22.54 1.25 -33.30
N GLU A 282 22.19 2.28 -32.52
CA GLU A 282 22.50 2.34 -31.10
C GLU A 282 21.89 1.15 -30.35
N ASP A 283 20.63 0.83 -30.63
CA ASP A 283 19.98 -0.34 -30.05
C ASP A 283 20.71 -1.64 -30.44
N ASP A 284 21.19 -1.74 -31.69
CA ASP A 284 21.92 -2.89 -32.20
C ASP A 284 23.30 -3.04 -31.54
N VAL A 285 23.96 -1.91 -31.31
CA VAL A 285 25.24 -1.80 -30.61
C VAL A 285 25.07 -2.25 -29.15
N ILE A 286 24.07 -1.70 -28.46
CA ILE A 286 23.75 -2.01 -27.07
C ILE A 286 23.41 -3.50 -26.92
N ARG A 287 22.52 -4.02 -27.77
CA ARG A 287 22.14 -5.41 -27.72
C ARG A 287 23.31 -6.32 -28.07
N GLY A 288 24.12 -5.96 -29.06
CA GLY A 288 25.33 -6.70 -29.39
C GLY A 288 26.24 -6.83 -28.17
N LYS A 289 26.48 -5.71 -27.48
CA LYS A 289 27.31 -5.67 -26.28
C LYS A 289 26.77 -6.62 -25.21
N TYR A 290 25.49 -6.52 -24.83
CA TYR A 290 24.97 -7.33 -23.73
C TYR A 290 24.80 -8.80 -24.07
N GLU A 291 24.43 -9.13 -25.30
CA GLU A 291 24.32 -10.51 -25.74
C GLU A 291 25.70 -11.19 -25.73
N LEU A 292 26.74 -10.49 -26.21
CA LEU A 292 28.10 -11.00 -26.17
C LEU A 292 28.62 -11.11 -24.74
N GLN A 293 28.25 -10.18 -23.85
CA GLN A 293 28.60 -10.25 -22.44
C GLN A 293 27.97 -11.47 -21.77
N ASP A 294 26.72 -11.80 -22.11
CA ASP A 294 26.07 -13.02 -21.64
C ASP A 294 26.78 -14.29 -22.14
N LEU A 295 27.35 -14.24 -23.36
CA LEU A 295 28.20 -15.29 -23.93
C LEU A 295 29.62 -15.29 -23.35
N GLY A 296 29.93 -14.38 -22.41
CA GLY A 296 31.19 -14.39 -21.66
C GLY A 296 32.25 -13.41 -22.18
N VAL A 297 31.93 -12.56 -23.16
CA VAL A 297 32.89 -11.61 -23.73
C VAL A 297 33.00 -10.40 -22.80
N ARG A 298 34.11 -10.30 -22.05
CA ARG A 298 34.28 -9.28 -21.02
C ARG A 298 35.14 -8.07 -21.46
N GLU A 299 35.38 -7.16 -20.51
CA GLU A 299 35.55 -5.72 -20.75
C GLU A 299 36.52 -5.34 -21.87
N PRO A 300 37.85 -5.66 -21.79
CA PRO A 300 38.78 -5.09 -22.75
C PRO A 300 38.45 -5.53 -24.17
N ASN A 301 37.95 -6.77 -24.33
CA ASN A 301 37.48 -7.29 -25.61
C ASN A 301 36.24 -6.54 -26.09
N ILE A 302 35.20 -6.46 -25.25
CA ILE A 302 33.89 -5.93 -25.63
C ILE A 302 33.85 -4.38 -25.66
N ASN A 303 35.00 -3.74 -25.43
CA ASN A 303 35.19 -2.32 -25.67
C ASN A 303 35.50 -2.00 -27.14
N HIS A 304 35.70 -3.00 -28.01
CA HIS A 304 36.00 -2.79 -29.43
C HIS A 304 34.78 -3.08 -30.32
N TYR A 305 34.60 -2.26 -31.36
CA TYR A 305 33.52 -2.46 -32.30
C TYR A 305 34.01 -2.35 -33.74
N VAL A 306 33.60 -3.28 -34.61
CA VAL A 306 33.97 -3.22 -36.02
C VAL A 306 32.74 -2.74 -36.77
N TYR A 307 32.87 -1.72 -37.61
CA TYR A 307 31.71 -1.14 -38.25
C TYR A 307 31.02 -2.16 -39.17
N PRO A 308 29.69 -2.40 -39.02
CA PRO A 308 28.94 -3.25 -39.93
C PRO A 308 29.01 -2.73 -41.36
N SER A 309 29.36 -3.63 -42.29
CA SER A 309 29.61 -3.29 -43.69
C SER A 309 30.61 -2.14 -43.88
N GLY A 310 31.47 -1.88 -42.89
CA GLY A 310 32.44 -0.79 -42.92
C GLY A 310 31.87 0.63 -42.90
N ASN A 311 30.54 0.80 -42.87
CA ASN A 311 29.91 2.12 -42.94
C ASN A 311 30.00 2.87 -41.61
N TYR A 312 30.37 4.17 -41.67
CA TYR A 312 30.40 5.04 -40.51
C TYR A 312 30.38 6.52 -40.91
N ALA A 313 30.16 7.38 -39.90
CA ALA A 313 30.31 8.83 -39.98
C ALA A 313 30.56 9.39 -38.58
N GLN A 314 30.71 10.71 -38.44
CA GLN A 314 30.90 11.29 -37.12
C GLN A 314 29.67 11.10 -36.23
N GLU A 315 28.46 11.07 -36.83
CA GLU A 315 27.22 10.73 -36.12
C GLU A 315 27.33 9.39 -35.40
N SER A 316 27.77 8.35 -36.13
CA SER A 316 27.90 7.02 -35.57
C SER A 316 29.06 6.96 -34.56
N ILE A 317 30.18 7.62 -34.84
CA ILE A 317 31.32 7.69 -33.91
C ILE A 317 30.90 8.30 -32.58
N ASP A 318 30.14 9.41 -32.63
CA ASP A 318 29.65 10.08 -31.43
C ASP A 318 28.79 9.13 -30.59
N MET A 319 27.84 8.43 -31.22
CA MET A 319 27.00 7.46 -30.56
C MET A 319 27.83 6.30 -29.98
N LEU A 320 28.69 5.69 -30.81
CA LEU A 320 29.53 4.56 -30.45
C LEU A 320 30.51 4.87 -29.32
N SER A 321 30.96 6.12 -29.20
CA SER A 321 31.90 6.53 -28.16
C SER A 321 31.33 6.37 -26.74
N ASN A 322 30.01 6.24 -26.59
CA ASN A 322 29.41 5.97 -25.29
C ASN A 322 29.57 4.49 -24.90
N TYR A 323 29.84 3.60 -25.86
CA TYR A 323 29.77 2.16 -25.71
C TYR A 323 31.10 1.45 -25.98
N HIS A 324 31.92 2.02 -26.89
CA HIS A 324 33.15 1.43 -27.40
C HIS A 324 34.26 2.46 -27.46
N VAL A 325 35.53 2.01 -27.47
CA VAL A 325 36.70 2.88 -27.49
C VAL A 325 37.33 3.01 -28.87
N MET A 326 37.06 2.04 -29.76
CA MET A 326 37.80 1.93 -31.00
C MET A 326 36.95 1.23 -32.05
N SER A 327 37.06 1.69 -33.30
CA SER A 327 36.40 1.05 -34.42
C SER A 327 37.19 1.11 -35.72
N TRP A 328 36.92 0.11 -36.55
CA TRP A 328 37.67 -0.15 -37.77
C TRP A 328 36.75 -0.28 -38.97
N GLY A 329 37.10 0.45 -40.04
CA GLY A 329 36.43 0.35 -41.32
C GLY A 329 37.03 -0.73 -42.24
N THR A 330 36.82 -0.55 -43.54
CA THR A 330 37.13 -1.55 -44.56
C THR A 330 37.88 -0.92 -45.75
N GLY A 331 38.79 -1.71 -46.33
CA GLY A 331 39.57 -1.30 -47.50
C GLY A 331 40.15 -2.52 -48.20
N ALA A 332 40.79 -2.30 -49.35
CA ALA A 332 41.20 -3.37 -50.27
C ALA A 332 42.72 -3.43 -50.49
N GLU A 333 43.50 -2.51 -49.90
CA GLU A 333 44.92 -2.32 -50.26
C GLU A 333 45.82 -2.22 -49.03
N SER A 334 47.15 -2.37 -49.24
CA SER A 334 48.14 -2.39 -48.18
C SER A 334 48.05 -1.14 -47.29
N PHE A 335 47.93 0.04 -47.90
CA PHE A 335 47.85 1.29 -47.15
C PHE A 335 46.53 1.46 -46.40
N ASP A 336 45.50 0.66 -46.68
CA ASP A 336 44.32 0.58 -45.83
C ASP A 336 44.62 -0.13 -44.52
N ALA A 337 45.22 -1.33 -44.58
CA ALA A 337 45.53 -2.12 -43.39
C ALA A 337 46.50 -1.40 -42.45
N LEU A 338 47.40 -0.60 -43.03
CA LEU A 338 48.54 -0.09 -42.31
C LEU A 338 48.23 1.21 -41.56
N THR A 339 48.76 1.29 -40.33
CA THR A 339 48.81 2.51 -39.55
C THR A 339 50.16 2.59 -38.86
N PRO A 340 50.60 3.80 -38.42
CA PRO A 340 51.64 3.90 -37.40
C PRO A 340 51.24 3.09 -36.16
N ASN A 341 52.23 2.73 -35.33
CA ASN A 341 51.95 2.02 -34.08
C ASN A 341 51.21 2.91 -33.08
N GLN A 342 51.43 4.23 -33.13
CA GLN A 342 50.67 5.19 -32.35
C GLN A 342 49.60 5.82 -33.25
N LEU A 343 48.32 5.58 -32.92
CA LEU A 343 47.21 6.22 -33.63
C LEU A 343 47.04 7.65 -33.12
N THR A 344 46.33 8.44 -33.93
CA THR A 344 45.75 9.69 -33.46
C THR A 344 44.22 9.69 -33.54
N SER A 345 43.62 8.76 -34.31
CA SER A 345 42.20 8.47 -34.18
C SER A 345 41.97 6.97 -33.99
N PRO A 346 41.31 6.51 -32.91
CA PRO A 346 40.91 5.10 -32.81
C PRO A 346 39.62 4.79 -33.58
N TRP A 347 39.10 5.73 -34.38
CA TRP A 347 37.80 5.59 -35.02
C TRP A 347 37.84 5.57 -36.55
N HIS A 348 38.84 6.23 -37.17
CA HIS A 348 38.85 6.44 -38.61
C HIS A 348 39.64 5.40 -39.41
N ASN A 349 40.41 4.54 -38.74
CA ASN A 349 41.35 3.64 -39.39
C ASN A 349 40.69 2.40 -40.01
N LEU A 350 41.29 1.85 -41.08
CA LEU A 350 40.69 0.80 -41.91
C LEU A 350 41.42 -0.55 -41.76
N ARG A 351 40.87 -1.58 -42.43
CA ARG A 351 41.42 -2.92 -42.45
C ARG A 351 41.51 -3.41 -43.91
N CYS A 352 42.55 -4.16 -44.28
CA CYS A 352 42.63 -4.68 -45.64
C CYS A 352 41.93 -6.03 -45.74
N SER A 353 40.95 -6.14 -46.64
CA SER A 353 40.27 -7.39 -46.95
C SER A 353 41.22 -8.36 -47.65
N PHE A 354 41.15 -9.64 -47.29
CA PHE A 354 41.63 -10.71 -48.17
C PHE A 354 40.54 -11.71 -48.56
N ASP A 355 39.28 -11.23 -48.67
CA ASP A 355 38.18 -12.01 -49.20
C ASP A 355 38.41 -12.35 -50.68
N SER A 356 38.90 -11.37 -51.47
CA SER A 356 39.05 -11.48 -52.92
C SER A 356 40.37 -12.15 -53.32
N GLY A 357 41.42 -11.94 -52.53
CA GLY A 357 42.73 -12.52 -52.76
C GLY A 357 43.74 -12.02 -51.72
N THR A 358 44.75 -12.84 -51.42
CA THR A 358 45.63 -12.61 -50.28
C THR A 358 46.71 -11.55 -50.55
N ALA A 359 46.85 -11.07 -51.80
CA ALA A 359 48.01 -10.29 -52.23
C ALA A 359 48.22 -9.02 -51.38
N GLU A 360 47.20 -8.16 -51.27
CA GLU A 360 47.32 -6.89 -50.57
C GLU A 360 47.51 -7.09 -49.06
N ALA A 361 46.94 -8.14 -48.49
CA ALA A 361 47.15 -8.49 -47.09
C ALA A 361 48.59 -8.96 -46.84
N GLU A 362 49.11 -9.83 -47.71
CA GLU A 362 50.48 -10.31 -47.56
C GLU A 362 51.49 -9.18 -47.81
N GLN A 363 51.17 -8.27 -48.74
CA GLN A 363 51.87 -7.00 -48.93
C GLN A 363 51.86 -6.18 -47.65
N ALA A 364 50.69 -6.00 -47.01
CA ALA A 364 50.57 -5.26 -45.76
C ALA A 364 51.41 -5.85 -44.63
N VAL A 365 51.41 -7.19 -44.49
CA VAL A 365 52.19 -7.87 -43.46
C VAL A 365 53.68 -7.62 -43.67
N ASN A 366 54.16 -7.77 -44.92
CA ASN A 366 55.55 -7.53 -45.25
C ASN A 366 55.94 -6.05 -45.09
N ASP A 367 55.05 -5.12 -45.45
CA ASP A 367 55.25 -3.70 -45.20
C ASP A 367 55.30 -3.37 -43.69
N ALA A 368 54.43 -4.02 -42.88
CA ALA A 368 54.42 -3.84 -41.44
C ALA A 368 55.76 -4.24 -40.83
N ALA A 369 56.30 -5.39 -41.26
CA ALA A 369 57.61 -5.89 -40.86
C ALA A 369 58.72 -4.93 -41.30
N THR A 370 58.69 -4.52 -42.57
CA THR A 370 59.78 -3.77 -43.17
C THR A 370 59.86 -2.35 -42.61
N TYR A 371 58.71 -1.66 -42.52
CA TYR A 371 58.65 -0.23 -42.22
C TYR A 371 58.15 0.09 -40.81
N ASN A 372 58.04 -0.91 -39.93
CA ASN A 372 57.66 -0.74 -38.52
C ASN A 372 56.31 -0.04 -38.38
N GLN A 373 55.26 -0.74 -38.82
CA GLN A 373 53.88 -0.26 -38.76
C GLN A 373 52.96 -1.40 -38.29
N THR A 374 51.71 -1.02 -37.96
CA THR A 374 50.69 -1.97 -37.54
C THR A 374 49.76 -2.24 -38.72
N ALA A 375 49.55 -3.51 -39.07
CA ALA A 375 48.65 -3.91 -40.15
C ALA A 375 47.43 -4.63 -39.58
N HIS A 376 46.24 -4.18 -39.96
CA HIS A 376 45.01 -4.85 -39.61
C HIS A 376 44.40 -5.47 -40.87
N ILE A 377 44.30 -6.80 -40.89
CA ILE A 377 43.83 -7.55 -42.04
C ILE A 377 42.58 -8.32 -41.64
N TYR A 378 41.65 -8.51 -42.59
CA TYR A 378 40.38 -9.12 -42.26
C TYR A 378 39.82 -9.96 -43.40
N PHE A 379 38.88 -10.84 -43.04
CA PHE A 379 38.18 -11.65 -44.02
C PHE A 379 36.86 -12.18 -43.46
N HIS A 380 36.00 -12.66 -44.35
CA HIS A 380 34.93 -13.56 -44.00
C HIS A 380 35.36 -14.98 -44.36
N SER A 381 35.19 -15.91 -43.43
CA SER A 381 35.70 -17.28 -43.60
C SER A 381 34.90 -18.11 -44.60
N ASP A 382 33.76 -17.62 -45.12
CA ASP A 382 33.09 -18.25 -46.25
C ASP A 382 33.76 -17.88 -47.59
N ASN A 383 34.26 -16.65 -47.72
CA ASN A 383 34.92 -16.14 -48.92
C ASN A 383 36.32 -16.73 -49.13
N VAL A 384 36.99 -17.14 -48.04
CA VAL A 384 38.40 -17.54 -48.08
C VAL A 384 38.53 -19.06 -47.93
N THR A 385 39.28 -19.71 -48.82
CA THR A 385 39.57 -21.14 -48.77
C THR A 385 40.67 -21.46 -47.76
N GLN A 386 40.78 -22.73 -47.31
CA GLN A 386 41.72 -23.06 -46.25
C GLN A 386 43.18 -22.78 -46.64
N SER A 387 43.56 -23.11 -47.88
CA SER A 387 44.91 -22.86 -48.38
C SER A 387 45.24 -21.37 -48.47
N GLU A 388 44.27 -20.49 -48.75
CA GLU A 388 44.48 -19.05 -48.70
C GLU A 388 44.81 -18.58 -47.28
N MET A 389 44.06 -19.06 -46.28
CA MET A 389 44.36 -18.76 -44.88
C MET A 389 45.76 -19.26 -44.50
N GLU A 390 46.14 -20.44 -44.98
CA GLU A 390 47.46 -21.01 -44.72
C GLU A 390 48.58 -20.17 -45.34
N SER A 391 48.36 -19.60 -46.53
CA SER A 391 49.30 -18.65 -47.15
C SER A 391 49.51 -17.42 -46.26
N VAL A 392 48.41 -16.82 -45.79
CA VAL A 392 48.47 -15.65 -44.92
C VAL A 392 49.14 -15.99 -43.58
N ALA A 393 48.74 -17.10 -42.96
CA ALA A 393 49.28 -17.54 -41.68
C ALA A 393 50.80 -17.78 -41.76
N GLN A 394 51.27 -18.46 -42.81
CA GLN A 394 52.69 -18.65 -43.06
C GLN A 394 53.41 -17.34 -43.42
N THR A 395 52.76 -16.42 -44.14
CA THR A 395 53.28 -15.07 -44.35
C THR A 395 53.54 -14.37 -43.02
N ILE A 396 52.58 -14.42 -42.08
CA ILE A 396 52.70 -13.77 -40.78
C ILE A 396 53.80 -14.44 -39.95
N ASN A 397 53.85 -15.78 -39.93
CA ASN A 397 54.83 -16.51 -39.14
C ASN A 397 56.28 -16.26 -39.59
N SER A 398 56.48 -16.08 -40.90
CA SER A 398 57.80 -15.87 -41.49
C SER A 398 58.26 -14.40 -41.43
N ALA A 399 57.32 -13.44 -41.36
CA ALA A 399 57.65 -12.02 -41.26
C ALA A 399 58.11 -11.62 -39.85
N ASP A 400 58.86 -10.50 -39.76
CA ASP A 400 59.28 -9.90 -38.50
C ASP A 400 58.22 -8.94 -37.97
N VAL A 401 57.16 -9.51 -37.38
CA VAL A 401 56.04 -8.80 -36.76
C VAL A 401 55.63 -9.52 -35.49
N THR A 402 55.09 -8.76 -34.52
CA THR A 402 54.40 -9.35 -33.38
C THR A 402 52.92 -9.46 -33.73
N PRO A 403 52.31 -10.67 -33.70
CA PRO A 403 50.86 -10.77 -33.84
C PRO A 403 50.20 -10.40 -32.50
N ILE A 404 49.21 -9.50 -32.54
CA ILE A 404 48.62 -8.93 -31.32
C ILE A 404 47.09 -8.92 -31.34
N THR A 405 46.48 -8.77 -30.16
CA THR A 405 45.04 -8.52 -30.04
C THR A 405 44.74 -7.03 -30.21
N LEU A 406 43.47 -6.71 -30.53
CA LEU A 406 42.98 -5.34 -30.52
C LEU A 406 43.13 -4.68 -29.15
N MET A 407 42.92 -5.46 -28.09
CA MET A 407 43.07 -5.01 -26.72
C MET A 407 44.50 -4.52 -26.45
N ASP A 408 45.49 -5.31 -26.85
CA ASP A 408 46.90 -4.97 -26.71
C ASP A 408 47.19 -3.67 -27.46
N PHE A 409 46.73 -3.57 -28.71
CA PHE A 409 46.93 -2.38 -29.52
C PHE A 409 46.34 -1.13 -28.88
N TYR A 410 45.13 -1.20 -28.33
CA TYR A 410 44.53 -0.06 -27.64
C TYR A 410 45.28 0.30 -26.35
N ASN A 411 45.73 -0.70 -25.59
CA ASN A 411 46.54 -0.48 -24.40
C ASN A 411 47.90 0.17 -24.70
N GLN A 412 48.45 -0.02 -25.91
CA GLN A 412 49.70 0.63 -26.31
C GLN A 412 49.55 2.12 -26.63
N GLN A 413 48.33 2.62 -26.90
CA GLN A 413 48.11 4.00 -27.32
C GLN A 413 48.38 5.03 -26.20
N THR B 2 -16.23 2.19 19.99
CA THR B 2 -16.65 2.21 18.54
C THR B 2 -16.89 0.78 18.06
N ASP B 3 -17.67 0.65 16.97
CA ASP B 3 -17.99 -0.62 16.33
C ASP B 3 -16.75 -1.20 15.63
N THR B 4 -16.54 -2.52 15.77
CA THR B 4 -15.50 -3.24 15.04
C THR B 4 -16.11 -4.12 13.95
N ILE B 5 -15.55 -4.02 12.74
CA ILE B 5 -15.94 -4.87 11.61
C ILE B 5 -14.70 -5.55 11.03
N VAL B 6 -14.87 -6.79 10.61
CA VAL B 6 -13.83 -7.53 9.91
C VAL B 6 -14.02 -7.35 8.40
N ASN B 7 -12.99 -6.80 7.75
CA ASN B 7 -13.05 -6.54 6.32
C ASN B 7 -12.42 -7.71 5.55
N VAL B 8 -13.23 -8.49 4.83
CA VAL B 8 -12.71 -9.43 3.85
C VAL B 8 -12.66 -8.73 2.49
N GLN B 9 -11.65 -9.06 1.70
CA GLN B 9 -11.41 -8.33 0.45
C GLN B 9 -12.33 -8.78 -0.66
N GLY B 10 -12.67 -7.82 -1.55
CA GLY B 10 -13.63 -7.93 -2.64
C GLY B 10 -13.28 -8.99 -3.68
N SER B 11 -14.26 -9.26 -4.54
CA SER B 11 -14.34 -10.52 -5.26
C SER B 11 -13.08 -10.78 -6.08
N PHE B 12 -12.54 -11.99 -5.92
CA PHE B 12 -11.53 -12.55 -6.79
C PHE B 12 -12.03 -12.59 -8.24
N PHE B 13 -11.14 -12.25 -9.18
CA PHE B 13 -11.40 -12.39 -10.59
C PHE B 13 -10.25 -13.15 -11.26
N SER B 14 -10.57 -14.08 -12.17
CA SER B 14 -9.55 -14.61 -13.06
C SER B 14 -10.08 -14.92 -14.46
N ALA B 15 -9.16 -14.80 -15.42
CA ALA B 15 -9.34 -15.32 -16.76
C ALA B 15 -8.18 -16.27 -17.05
N SER B 16 -8.45 -17.36 -17.76
CA SER B 16 -7.38 -18.28 -18.10
C SER B 16 -7.65 -18.97 -19.43
N ALA B 17 -6.55 -19.40 -20.06
CA ALA B 17 -6.60 -20.21 -21.25
C ALA B 17 -5.39 -21.14 -21.26
N SER B 18 -5.62 -22.41 -21.65
CA SER B 18 -4.55 -23.37 -21.84
C SER B 18 -4.33 -23.59 -23.34
N GLY B 19 -3.07 -23.81 -23.72
CA GLY B 19 -2.73 -24.10 -25.10
C GLY B 19 -3.18 -23.02 -26.09
N VAL B 20 -2.99 -21.74 -25.71
CA VAL B 20 -3.22 -20.62 -26.62
C VAL B 20 -2.20 -20.73 -27.75
N ALA B 21 -2.69 -20.83 -29.00
CA ALA B 21 -1.82 -20.99 -30.16
C ALA B 21 -0.97 -19.75 -30.42
N ASP B 22 0.03 -19.88 -31.31
CA ASP B 22 1.13 -18.94 -31.47
C ASP B 22 0.72 -17.46 -31.49
N THR B 23 -0.22 -17.06 -32.37
CA THR B 23 -0.63 -15.66 -32.50
C THR B 23 -1.97 -15.35 -31.81
N GLU B 24 -2.54 -16.32 -31.11
CA GLU B 24 -3.84 -16.19 -30.48
C GLU B 24 -3.74 -15.51 -29.11
N SER B 25 -4.90 -15.22 -28.52
CA SER B 25 -4.95 -14.38 -27.34
C SER B 25 -6.03 -14.79 -26.34
N LEU B 26 -5.78 -14.46 -25.07
CA LEU B 26 -6.79 -14.44 -24.03
C LEU B 26 -7.40 -13.04 -24.02
N LEU B 27 -8.71 -12.95 -24.26
CA LEU B 27 -9.41 -11.70 -24.09
C LEU B 27 -10.07 -11.67 -22.71
N ILE B 28 -9.53 -10.82 -21.85
CA ILE B 28 -10.08 -10.57 -20.53
C ILE B 28 -11.18 -9.53 -20.67
N ASP B 29 -12.40 -9.99 -20.39
CA ASP B 29 -13.60 -9.20 -20.58
C ASP B 29 -14.19 -8.88 -19.22
N PRO B 30 -14.30 -7.59 -18.82
CA PRO B 30 -14.93 -7.24 -17.55
C PRO B 30 -16.44 -7.52 -17.50
N GLN B 31 -17.06 -7.92 -18.63
CA GLN B 31 -18.43 -8.42 -18.62
C GLN B 31 -18.58 -9.72 -17.85
N ASP B 32 -17.49 -10.47 -17.67
CA ASP B 32 -17.47 -11.72 -16.92
C ASP B 32 -17.48 -11.49 -15.40
N ALA B 33 -17.17 -10.27 -14.95
CA ALA B 33 -17.20 -9.88 -13.54
C ALA B 33 -18.65 -9.63 -13.09
N LYS B 34 -18.96 -9.94 -11.83
CA LYS B 34 -20.26 -9.62 -11.24
C LYS B 34 -20.49 -8.10 -11.16
N PHE B 35 -19.47 -7.34 -10.76
CA PHE B 35 -19.53 -5.89 -10.66
C PHE B 35 -19.29 -5.18 -12.00
N GLY B 36 -18.87 -5.90 -13.02
CA GLY B 36 -18.66 -5.36 -14.36
C GLY B 36 -17.40 -4.52 -14.51
N ALA B 37 -16.53 -4.51 -13.50
CA ALA B 37 -15.20 -3.92 -13.64
C ALA B 37 -14.17 -4.77 -12.91
N ILE B 38 -12.92 -4.71 -13.40
CA ILE B 38 -11.84 -5.55 -12.92
C ILE B 38 -10.56 -4.73 -12.84
N GLU B 39 -9.69 -5.23 -11.97
CA GLU B 39 -8.31 -4.78 -11.88
C GLU B 39 -7.45 -6.03 -11.90
N ILE B 40 -6.67 -6.22 -12.96
CA ILE B 40 -5.76 -7.36 -13.04
C ILE B 40 -4.46 -7.00 -12.34
N HIS B 41 -4.09 -7.84 -11.38
CA HIS B 41 -2.89 -7.70 -10.58
C HIS B 41 -1.77 -8.58 -11.12
N ASN B 42 -2.15 -9.79 -11.55
CA ASN B 42 -1.18 -10.82 -11.89
C ASN B 42 -1.44 -11.28 -13.32
N ILE B 43 -0.38 -11.39 -14.10
CA ILE B 43 -0.41 -12.13 -15.36
C ILE B 43 0.68 -13.20 -15.26
N ALA B 44 0.27 -14.46 -15.13
CA ALA B 44 1.18 -15.60 -15.21
C ALA B 44 1.19 -16.07 -16.68
N NEP B 45 2.34 -15.86 -17.34
CA NEP B 45 2.31 -15.75 -18.78
C NEP B 45 2.68 -17.02 -19.56
O NEP B 45 2.34 -17.09 -20.73
CB NEP B 45 2.99 -14.48 -19.25
CG NEP B 45 4.29 -14.05 -18.64
ND1 NEP B 45 5.50 -14.36 -19.22
CD2 NEP B 45 4.55 -13.12 -17.66
CE1 NEP B 45 6.44 -13.68 -18.55
NE2 NEP B 45 5.92 -12.88 -17.59
P NEP B 45 6.84 -11.73 -16.60
O1P NEP B 45 8.01 -11.30 -17.43
O2P NEP B 45 6.00 -10.53 -16.32
O3P NEP B 45 7.26 -12.41 -15.36
N GLY B 46 3.35 -18.03 -18.94
CA GLY B 46 3.58 -19.32 -19.58
C GLY B 46 4.57 -19.34 -20.76
N GLY B 47 4.75 -18.19 -21.42
CA GLY B 47 5.73 -17.92 -22.47
C GLY B 47 5.64 -16.45 -22.81
N SER B 48 6.25 -16.03 -23.93
CA SER B 48 6.24 -14.62 -24.32
C SER B 48 4.83 -14.16 -24.69
N VAL B 49 4.46 -12.95 -24.23
CA VAL B 49 3.16 -12.36 -24.52
C VAL B 49 3.26 -10.84 -24.71
N ASP B 50 2.34 -10.29 -25.50
CA ASP B 50 2.07 -8.86 -25.54
C ASP B 50 0.74 -8.60 -24.82
N VAL B 51 0.72 -7.59 -23.95
CA VAL B 51 -0.48 -7.18 -23.25
C VAL B 51 -0.99 -5.89 -23.91
N GLU B 52 -2.29 -5.83 -24.14
CA GLU B 52 -2.88 -4.76 -24.92
C GLU B 52 -4.21 -4.32 -24.27
N LEU B 53 -4.44 -3.01 -24.20
CA LEU B 53 -5.65 -2.45 -23.63
C LEU B 53 -6.47 -1.84 -24.76
N LEU B 54 -7.75 -2.24 -24.83
CA LEU B 54 -8.59 -1.88 -25.97
C LEU B 54 -9.90 -1.26 -25.49
N THR B 55 -10.38 -0.25 -26.21
CA THR B 55 -11.72 0.26 -26.04
C THR B 55 -12.54 -0.22 -27.24
N SER B 56 -13.74 -0.73 -27.00
CA SER B 56 -14.66 -1.11 -28.06
C SER B 56 -15.62 0.04 -28.43
N SER B 57 -16.00 0.09 -29.73
CA SER B 57 -17.13 0.88 -30.21
C SER B 57 -18.48 0.31 -29.77
N ASP B 58 -18.54 -0.99 -29.46
CA ASP B 58 -19.77 -1.69 -29.12
C ASP B 58 -19.87 -1.97 -27.61
N ASP B 59 -21.07 -1.90 -27.04
CA ASP B 59 -21.27 -2.05 -25.61
C ASP B 59 -20.95 -3.44 -25.06
N THR B 60 -20.96 -4.45 -25.94
CA THR B 60 -21.05 -5.86 -25.56
C THR B 60 -20.01 -6.74 -26.25
N GLU B 61 -19.54 -6.31 -27.44
CA GLU B 61 -18.57 -7.05 -28.24
C GLU B 61 -17.33 -6.19 -28.46
N LEU B 62 -16.18 -6.81 -28.75
CA LEU B 62 -14.99 -6.02 -29.08
C LEU B 62 -14.94 -5.66 -30.56
N VAL B 63 -15.11 -4.37 -30.84
CA VAL B 63 -14.83 -3.75 -32.13
C VAL B 63 -13.83 -2.64 -31.83
N GLU B 64 -12.56 -2.80 -32.20
CA GLU B 64 -11.49 -1.91 -31.72
C GLU B 64 -11.71 -0.44 -32.11
N ASP B 65 -11.74 0.42 -31.09
CA ASP B 65 -11.75 1.86 -31.24
C ASP B 65 -10.34 2.36 -30.92
N ALA B 66 -10.01 2.33 -29.62
CA ALA B 66 -8.67 2.64 -29.12
C ALA B 66 -7.94 1.34 -28.80
N ALA B 67 -6.65 1.23 -29.15
CA ALA B 67 -5.84 0.10 -28.73
C ALA B 67 -4.43 0.58 -28.39
N VAL B 68 -3.94 0.21 -27.19
CA VAL B 68 -2.57 0.51 -26.79
C VAL B 68 -1.89 -0.78 -26.36
N THR B 69 -0.74 -1.08 -26.96
CA THR B 69 0.08 -2.18 -26.49
C THR B 69 0.82 -1.74 -25.23
N LEU B 70 0.42 -2.32 -24.09
CA LEU B 70 0.89 -1.87 -22.78
C LEU B 70 2.35 -2.24 -22.58
N ASP B 71 2.68 -3.53 -22.76
CA ASP B 71 4.00 -4.09 -22.47
C ASP B 71 4.14 -5.47 -23.10
N SER B 72 5.40 -5.90 -23.25
CA SER B 72 5.74 -7.24 -23.72
C SER B 72 6.49 -7.98 -22.62
N PHE B 73 6.09 -9.22 -22.38
CA PHE B 73 6.75 -10.11 -21.44
C PHE B 73 7.44 -11.22 -22.22
N THR B 74 8.67 -11.59 -21.81
CA THR B 74 9.43 -12.63 -22.49
C THR B 74 9.64 -13.83 -21.58
N GLY B 75 9.60 -15.03 -22.17
CA GLY B 75 9.72 -16.28 -21.45
C GLY B 75 8.56 -16.53 -20.49
N GLU B 76 8.68 -17.54 -19.64
CA GLU B 76 7.69 -17.85 -18.63
C GLU B 76 7.92 -17.07 -17.33
N GLY B 77 6.83 -16.67 -16.64
CA GLY B 77 6.96 -15.93 -15.42
C GLY B 77 5.62 -15.35 -14.94
N ILE B 78 5.70 -14.46 -13.95
CA ILE B 78 4.54 -13.69 -13.49
C ILE B 78 4.80 -12.19 -13.43
N SER B 79 3.92 -11.44 -14.08
CA SER B 79 3.85 -10.01 -13.91
C SER B 79 2.98 -9.72 -12.68
N GLN B 80 3.60 -9.75 -11.52
CA GLN B 80 2.93 -9.42 -10.27
C GLN B 80 2.82 -7.90 -10.07
N GLY B 81 1.79 -7.42 -9.38
CA GLY B 81 1.73 -6.06 -8.87
C GLY B 81 1.12 -5.04 -9.83
N ASN B 82 0.39 -5.52 -10.86
CA ASN B 82 -0.31 -4.66 -11.78
C ASN B 82 -1.54 -4.00 -11.15
N GLN B 83 -2.03 -2.97 -11.86
CA GLN B 83 -3.36 -2.44 -11.67
C GLN B 83 -3.92 -2.11 -13.06
N ILE B 84 -3.94 -3.05 -14.01
CA ILE B 84 -4.58 -2.76 -15.28
C ILE B 84 -6.10 -2.92 -15.10
N GLU B 85 -6.83 -1.86 -15.48
CA GLU B 85 -8.24 -1.79 -15.10
C GLU B 85 -9.12 -1.75 -16.35
N ALA B 86 -10.28 -2.40 -16.24
CA ALA B 86 -11.22 -2.47 -17.35
C ALA B 86 -12.64 -2.53 -16.80
N SER B 87 -13.60 -1.94 -17.52
CA SER B 87 -15.01 -2.06 -17.18
C SER B 87 -15.85 -2.34 -18.42
N ASP B 88 -17.02 -2.94 -18.17
CA ASP B 88 -18.01 -3.15 -19.20
C ASP B 88 -18.55 -1.81 -19.70
N ASN B 89 -18.98 -0.91 -18.81
CA ASN B 89 -19.65 0.29 -19.26
C ASN B 89 -18.72 1.23 -20.04
N THR B 90 -17.43 1.26 -19.70
CA THR B 90 -16.45 1.99 -20.50
C THR B 90 -15.85 1.13 -21.62
N ASN B 91 -16.42 -0.06 -21.85
CA ASN B 91 -16.13 -0.93 -23.00
C ASN B 91 -14.65 -1.24 -23.16
N THR B 92 -13.98 -1.47 -22.02
CA THR B 92 -12.53 -1.66 -22.00
C THR B 92 -12.23 -3.15 -21.88
N TYR B 93 -11.28 -3.63 -22.68
CA TYR B 93 -10.89 -5.04 -22.73
C TYR B 93 -9.38 -5.12 -22.59
N ILE B 94 -8.88 -6.21 -21.97
CA ILE B 94 -7.46 -6.48 -21.94
C ILE B 94 -7.20 -7.74 -22.78
N ARG B 95 -6.31 -7.64 -23.76
CA ARG B 95 -5.95 -8.78 -24.59
C ARG B 95 -4.52 -9.17 -24.27
N ILE B 96 -4.30 -10.45 -23.99
CA ILE B 96 -2.96 -10.98 -23.80
C ILE B 96 -2.70 -11.92 -24.96
N THR B 97 -1.74 -11.55 -25.81
CA THR B 97 -1.48 -12.23 -27.08
C THR B 97 -0.20 -13.03 -26.97
N ASN B 98 -0.25 -14.30 -27.35
CA ASN B 98 0.93 -15.15 -27.42
C ASN B 98 1.91 -14.63 -28.49
N THR B 99 3.21 -14.69 -28.19
CA THR B 99 4.26 -14.32 -29.13
C THR B 99 5.43 -15.32 -29.07
N SER B 100 5.18 -16.51 -28.49
CA SER B 100 6.19 -17.51 -28.15
C SER B 100 6.68 -18.36 -29.34
N GLY B 101 5.90 -18.43 -30.43
CA GLY B 101 6.21 -19.38 -31.50
C GLY B 101 5.62 -20.78 -31.27
N GLY B 102 4.82 -20.94 -30.21
CA GLY B 102 4.26 -22.23 -29.79
C GLY B 102 3.24 -22.03 -28.68
N ALA B 103 2.52 -23.10 -28.30
CA ALA B 103 1.36 -22.97 -27.43
C ALA B 103 1.74 -22.68 -25.97
N ILE B 104 0.95 -21.80 -25.31
CA ILE B 104 1.22 -21.39 -23.93
C ILE B 104 -0.06 -21.41 -23.09
N ASP B 105 0.15 -21.45 -21.77
CA ASP B 105 -0.93 -21.31 -20.79
C ASP B 105 -0.86 -19.90 -20.19
N ILE B 106 -1.97 -19.17 -20.21
CA ILE B 106 -2.05 -17.82 -19.64
C ILE B 106 -3.06 -17.84 -18.49
N ILE B 107 -2.65 -17.38 -17.31
CA ILE B 107 -3.58 -17.16 -16.20
C ILE B 107 -3.46 -15.70 -15.77
N ALA B 108 -4.57 -14.96 -15.79
CA ALA B 108 -4.61 -13.59 -15.28
C ALA B 108 -5.52 -13.53 -14.06
N THR B 109 -5.01 -12.99 -12.94
CA THR B 109 -5.81 -12.87 -11.74
C THR B 109 -5.79 -11.43 -11.21
N GLY B 110 -6.87 -11.10 -10.52
CA GLY B 110 -7.03 -9.79 -9.94
C GLY B 110 -8.31 -9.75 -9.12
N ARG B 111 -8.92 -8.57 -9.13
CA ARG B 111 -10.03 -8.28 -8.25
C ARG B 111 -11.13 -7.57 -9.02
N GLU B 112 -12.39 -7.85 -8.67
CA GLU B 112 -13.51 -7.08 -9.17
C GLU B 112 -13.61 -5.73 -8.46
N VAL B 113 -13.99 -4.71 -9.22
CA VAL B 113 -14.12 -3.35 -8.76
C VAL B 113 -15.56 -2.91 -9.07
N SER B 114 -16.13 -2.03 -8.26
CA SER B 114 -17.43 -1.47 -8.60
C SER B 114 -17.32 -0.59 -9.84
N GLN B 115 -18.36 -0.58 -10.68
CA GLN B 115 -18.52 0.51 -11.62
C GLN B 115 -19.09 1.75 -10.88
N THR C 2 -17.31 -11.20 15.60
CA THR C 2 -17.75 -9.82 15.24
C THR C 2 -18.32 -9.81 13.81
N ASP C 3 -18.88 -8.67 13.39
CA ASP C 3 -19.49 -8.50 12.08
C ASP C 3 -18.46 -8.57 10.95
N THR C 4 -18.74 -9.41 9.92
CA THR C 4 -17.86 -9.51 8.76
C THR C 4 -18.52 -8.88 7.54
N ILE C 5 -17.77 -8.02 6.84
CA ILE C 5 -18.23 -7.37 5.63
C ILE C 5 -17.20 -7.60 4.51
N VAL C 6 -17.69 -7.79 3.29
CA VAL C 6 -16.85 -7.88 2.10
C VAL C 6 -16.73 -6.48 1.50
N ASN C 7 -15.49 -5.97 1.40
CA ASN C 7 -15.22 -4.68 0.82
C ASN C 7 -14.90 -4.82 -0.68
N VAL C 8 -15.80 -4.36 -1.56
CA VAL C 8 -15.44 -4.19 -2.96
C VAL C 8 -14.99 -2.76 -3.18
N GLN C 9 -13.99 -2.56 -4.05
CA GLN C 9 -13.37 -1.26 -4.18
C GLN C 9 -14.21 -0.30 -5.05
N GLY C 10 -14.08 0.99 -4.72
CA GLY C 10 -14.89 2.09 -5.22
C GLY C 10 -14.84 2.32 -6.71
N SER C 11 -15.76 3.16 -7.18
CA SER C 11 -16.18 3.17 -8.57
C SER C 11 -15.02 3.37 -9.53
N PHE C 12 -14.95 2.47 -10.51
CA PHE C 12 -14.06 2.59 -11.65
C PHE C 12 -14.35 3.88 -12.42
N PHE C 13 -13.28 4.54 -12.87
CA PHE C 13 -13.37 5.70 -13.75
C PHE C 13 -12.47 5.52 -14.96
N SER C 14 -12.95 5.88 -16.16
CA SER C 14 -12.03 6.01 -17.29
C SER C 14 -12.44 7.12 -18.25
N ALA C 15 -11.41 7.70 -18.89
CA ALA C 15 -11.56 8.61 -20.01
C ALA C 15 -10.75 8.03 -21.17
N SER C 16 -11.25 8.18 -22.39
CA SER C 16 -10.50 7.69 -23.54
C SER C 16 -10.79 8.51 -24.79
N ALA C 17 -9.81 8.51 -25.70
CA ALA C 17 -9.97 9.07 -27.02
C ALA C 17 -9.12 8.26 -28.00
N SER C 18 -9.73 7.84 -29.11
CA SER C 18 -9.01 7.30 -30.25
C SER C 18 -8.62 8.44 -31.20
N GLY C 19 -7.48 8.29 -31.87
CA GLY C 19 -7.10 9.18 -32.95
C GLY C 19 -7.00 10.65 -32.53
N VAL C 20 -6.44 10.91 -31.35
CA VAL C 20 -6.14 12.26 -30.89
C VAL C 20 -5.08 12.84 -31.82
N ALA C 21 -5.39 13.96 -32.49
CA ALA C 21 -4.49 14.59 -33.45
C ALA C 21 -3.23 15.16 -32.77
N ASP C 22 -2.22 15.52 -33.56
CA ASP C 22 -0.86 15.77 -33.10
C ASP C 22 -0.75 16.63 -31.83
N THR C 23 -1.35 17.84 -31.82
CA THR C 23 -1.22 18.74 -30.68
C THR C 23 -2.43 18.72 -29.73
N GLU C 24 -3.40 17.84 -30.01
CA GLU C 24 -4.67 17.83 -29.30
C GLU C 24 -4.58 16.97 -28.03
N SER C 25 -5.68 16.95 -27.26
CA SER C 25 -5.61 16.42 -25.92
C SER C 25 -6.89 15.68 -25.49
N LEU C 26 -6.70 14.73 -24.58
CA LEU C 26 -7.79 14.19 -23.78
C LEU C 26 -7.92 15.05 -22.52
N LEU C 27 -9.08 15.70 -22.36
CA LEU C 27 -9.36 16.43 -21.14
C LEU C 27 -10.17 15.55 -20.19
N ILE C 28 -9.51 15.12 -19.12
CA ILE C 28 -10.12 14.31 -18.08
C ILE C 28 -10.75 15.27 -17.08
N ASP C 29 -12.08 15.21 -17.05
CA ASP C 29 -12.88 16.14 -16.27
C ASP C 29 -13.53 15.37 -15.12
N PRO C 30 -13.26 15.71 -13.85
CA PRO C 30 -13.93 15.05 -12.73
C PRO C 30 -15.43 15.36 -12.64
N GLN C 31 -15.96 16.27 -13.46
CA GLN C 31 -17.41 16.46 -13.59
C GLN C 31 -18.11 15.24 -14.18
N ASP C 32 -17.37 14.37 -14.90
CA ASP C 32 -17.90 13.14 -15.47
C ASP C 32 -18.06 12.03 -14.43
N ALA C 33 -17.41 12.17 -13.28
CA ALA C 33 -17.52 11.22 -12.16
C ALA C 33 -18.85 11.44 -11.41
N LYS C 34 -19.43 10.35 -10.89
CA LYS C 34 -20.62 10.43 -10.04
C LYS C 34 -20.31 11.16 -8.73
N PHE C 35 -19.16 10.87 -8.11
CA PHE C 35 -18.74 11.51 -6.87
C PHE C 35 -18.07 12.87 -7.08
N GLY C 36 -17.77 13.24 -8.32
CA GLY C 36 -17.22 14.54 -8.68
C GLY C 36 -15.74 14.71 -8.35
N ALA C 37 -15.05 13.62 -7.96
CA ALA C 37 -13.61 13.62 -7.88
C ALA C 37 -13.05 12.29 -8.39
N ILE C 38 -11.80 12.35 -8.88
CA ILE C 38 -11.15 11.22 -9.52
C ILE C 38 -9.70 11.14 -9.07
N GLU C 39 -9.18 9.93 -9.18
CA GLU C 39 -7.78 9.62 -9.02
C GLU C 39 -7.38 8.75 -10.20
N ILE C 40 -6.56 9.29 -11.11
CA ILE C 40 -6.08 8.53 -12.26
C ILE C 40 -4.84 7.75 -11.84
N HIS C 41 -4.91 6.43 -12.08
CA HIS C 41 -3.85 5.49 -11.79
C HIS C 41 -3.04 5.21 -13.06
N ASN C 42 -3.75 5.01 -14.17
CA ASN C 42 -3.18 4.49 -15.38
C ASN C 42 -3.36 5.48 -16.52
N ILE C 43 -2.26 5.72 -17.25
CA ILE C 43 -2.31 6.43 -18.50
C ILE C 43 -1.65 5.54 -19.55
N ALA C 44 -2.45 4.93 -20.42
CA ALA C 44 -1.98 4.15 -21.54
C ALA C 44 -2.03 5.05 -22.77
N NEP C 45 -0.89 5.30 -23.43
CA NEP C 45 -0.82 6.53 -24.23
C NEP C 45 -0.61 6.36 -25.74
O NEP C 45 -0.77 7.36 -26.44
CB NEP C 45 0.17 7.52 -23.58
CG NEP C 45 1.52 7.01 -23.19
ND1 NEP C 45 2.63 7.03 -24.04
CD2 NEP C 45 1.94 6.53 -21.98
CE1 NEP C 45 3.64 6.61 -23.31
NE2 NEP C 45 3.31 6.27 -22.02
P NEP C 45 4.37 5.78 -20.72
O1P NEP C 45 5.70 6.48 -21.01
O2P NEP C 45 3.66 6.32 -19.53
O3P NEP C 45 4.43 4.31 -20.89
N GLY C 46 -0.25 5.18 -26.26
CA GLY C 46 -0.25 4.97 -27.72
C GLY C 46 0.87 5.67 -28.52
N GLY C 47 1.40 6.76 -27.98
CA GLY C 47 2.53 7.54 -28.48
C GLY C 47 2.88 8.61 -27.44
N SER C 48 3.83 9.50 -27.72
CA SER C 48 4.33 10.47 -26.75
C SER C 48 3.25 11.46 -26.29
N VAL C 49 3.20 11.73 -24.98
CA VAL C 49 2.24 12.66 -24.40
C VAL C 49 2.86 13.49 -23.28
N ASP C 50 2.29 14.69 -23.08
CA ASP C 50 2.50 15.47 -21.86
C ASP C 50 1.25 15.37 -20.99
N VAL C 51 1.46 15.13 -19.69
CA VAL C 51 0.38 15.11 -18.72
C VAL C 51 0.42 16.42 -17.94
N GLU C 52 -0.75 17.03 -17.77
CA GLU C 52 -0.82 18.39 -17.26
C GLU C 52 -1.99 18.52 -16.28
N LEU C 53 -1.76 19.20 -15.15
CA LEU C 53 -2.79 19.40 -14.14
C LEU C 53 -3.16 20.88 -14.14
N LEU C 54 -4.46 21.15 -14.25
CA LEU C 54 -4.96 22.51 -14.45
C LEU C 54 -6.03 22.85 -13.42
N THR C 55 -6.03 24.10 -12.95
CA THR C 55 -7.14 24.66 -12.22
C THR C 55 -7.86 25.62 -13.15
N SER C 56 -9.20 25.54 -13.17
CA SER C 56 -10.02 26.50 -13.91
C SER C 56 -10.46 27.68 -13.05
N SER C 57 -10.57 28.86 -13.67
CA SER C 57 -11.28 30.02 -13.11
C SER C 57 -12.80 29.82 -13.02
N ASP C 58 -13.36 28.93 -13.86
CA ASP C 58 -14.80 28.69 -13.96
C ASP C 58 -15.20 27.38 -13.29
N ASP C 59 -16.38 27.36 -12.65
CA ASP C 59 -16.85 26.20 -11.90
C ASP C 59 -17.12 24.96 -12.75
N THR C 60 -17.37 25.16 -14.06
CA THR C 60 -18.00 24.18 -14.92
C THR C 60 -17.25 23.98 -16.23
N GLU C 61 -16.49 24.99 -16.67
CA GLU C 61 -15.72 24.96 -17.92
C GLU C 61 -14.24 25.17 -17.63
N LEU C 62 -13.35 24.74 -18.55
CA LEU C 62 -11.93 25.01 -18.36
C LEU C 62 -11.55 26.38 -18.94
N VAL C 63 -11.22 27.31 -18.03
CA VAL C 63 -10.52 28.54 -18.33
C VAL C 63 -9.25 28.49 -17.49
N GLU C 64 -8.07 28.33 -18.11
CA GLU C 64 -6.84 28.03 -17.38
C GLU C 64 -6.49 29.13 -16.36
N ASP C 65 -6.24 28.68 -15.13
CA ASP C 65 -5.68 29.51 -14.07
C ASP C 65 -4.28 28.99 -13.74
N ALA C 66 -4.19 27.98 -12.85
CA ALA C 66 -2.96 27.24 -12.60
C ALA C 66 -2.80 26.15 -13.65
N ALA C 67 -1.59 25.97 -14.21
CA ALA C 67 -1.30 24.80 -15.03
C ALA C 67 0.13 24.31 -14.76
N VAL C 68 0.27 23.01 -14.46
CA VAL C 68 1.58 22.41 -14.22
C VAL C 68 1.71 21.18 -15.12
N THR C 69 2.78 21.13 -15.93
CA THR C 69 3.07 19.92 -16.68
C THR C 69 3.72 18.91 -15.74
N LEU C 70 2.99 17.84 -15.45
CA LEU C 70 3.38 16.86 -14.44
C LEU C 70 4.57 16.03 -14.93
N ASP C 71 4.43 15.45 -16.13
CA ASP C 71 5.46 14.60 -16.72
C ASP C 71 5.25 14.45 -18.22
N SER C 72 6.33 14.08 -18.90
CA SER C 72 6.32 13.75 -20.33
C SER C 72 6.62 12.27 -20.50
N PHE C 73 5.76 11.60 -21.28
CA PHE C 73 5.89 10.20 -21.60
C PHE C 73 6.25 10.05 -23.08
N THR C 74 7.20 9.15 -23.38
CA THR C 74 7.69 9.00 -24.75
C THR C 74 7.36 7.61 -25.30
N GLY C 75 7.07 7.57 -26.60
CA GLY C 75 6.70 6.33 -27.28
C GLY C 75 5.36 5.79 -26.79
N GLU C 76 5.15 4.47 -27.00
CA GLU C 76 3.92 3.81 -26.56
C GLU C 76 4.19 3.06 -25.25
N GLY C 77 3.21 3.15 -24.33
CA GLY C 77 3.24 2.33 -23.13
C GLY C 77 2.15 2.72 -22.14
N ILE C 78 2.36 2.31 -20.88
CA ILE C 78 1.46 2.64 -19.79
C ILE C 78 2.24 3.12 -18.56
N SER C 79 1.86 4.30 -18.05
CA SER C 79 2.21 4.69 -16.70
C SER C 79 1.15 4.15 -15.77
N GLN C 80 1.51 3.22 -14.88
CA GLN C 80 0.58 2.44 -14.09
C GLN C 80 0.73 2.76 -12.60
N GLY C 81 -0.40 2.82 -11.85
CA GLY C 81 -0.34 2.93 -10.38
C GLY C 81 0.02 4.32 -9.83
N ASN C 82 -0.27 5.36 -10.61
CA ASN C 82 -0.20 6.76 -10.18
C ASN C 82 -1.31 7.12 -9.19
N GLN C 83 -1.29 8.35 -8.67
CA GLN C 83 -2.42 8.92 -7.94
C GLN C 83 -2.57 10.40 -8.31
N ILE C 84 -2.77 10.72 -9.59
CA ILE C 84 -3.05 12.11 -9.93
C ILE C 84 -4.53 12.39 -9.69
N GLU C 85 -4.85 13.48 -8.99
CA GLU C 85 -6.19 13.65 -8.44
C GLU C 85 -6.81 14.96 -8.94
N ALA C 86 -8.13 14.95 -9.13
CA ALA C 86 -8.86 16.12 -9.57
C ALA C 86 -10.29 16.10 -9.02
N SER C 87 -10.87 17.28 -8.75
CA SER C 87 -12.28 17.37 -8.37
C SER C 87 -12.98 18.50 -9.13
N ASP C 88 -14.31 18.35 -9.25
CA ASP C 88 -15.15 19.39 -9.80
C ASP C 88 -15.13 20.64 -8.91
N ASN C 89 -15.38 20.50 -7.61
CA ASN C 89 -15.53 21.68 -6.78
C ASN C 89 -14.23 22.48 -6.64
N THR C 90 -13.08 21.82 -6.68
CA THR C 90 -11.79 22.50 -6.76
C THR C 90 -11.38 22.88 -8.19
N ASN C 91 -12.27 22.62 -9.16
CA ASN C 91 -12.11 23.01 -10.56
C ASN C 91 -10.77 22.52 -11.14
N THR C 92 -10.42 21.28 -10.83
CA THR C 92 -9.16 20.69 -11.25
C THR C 92 -9.42 19.78 -12.45
N TYR C 93 -8.57 19.87 -13.46
CA TYR C 93 -8.65 19.06 -14.68
C TYR C 93 -7.30 18.41 -14.94
N ILE C 94 -7.31 17.22 -15.57
CA ILE C 94 -6.10 16.61 -16.06
C ILE C 94 -6.16 16.61 -17.59
N ARG C 95 -5.14 17.17 -18.23
CA ARG C 95 -5.05 17.19 -19.68
C ARG C 95 -3.90 16.27 -20.10
N ILE C 96 -4.19 15.37 -21.05
CA ILE C 96 -3.14 14.55 -21.64
C ILE C 96 -3.02 14.99 -23.09
N THR C 97 -1.88 15.58 -23.44
CA THR C 97 -1.69 16.22 -24.73
C THR C 97 -0.77 15.35 -25.58
N ASN C 98 -1.19 15.07 -26.82
CA ASN C 98 -0.37 14.36 -27.79
C ASN C 98 0.85 15.22 -28.16
N THR C 99 2.00 14.57 -28.35
CA THR C 99 3.24 15.21 -28.77
C THR C 99 3.96 14.36 -29.83
N SER C 100 3.28 13.35 -30.40
CA SER C 100 3.85 12.28 -31.21
C SER C 100 4.21 12.67 -32.64
N GLY C 101 3.63 13.76 -33.17
CA GLY C 101 3.72 14.10 -34.58
C GLY C 101 2.70 13.39 -35.45
N GLY C 102 1.75 12.66 -34.83
CA GLY C 102 0.73 11.88 -35.51
C GLY C 102 -0.33 11.38 -34.52
N ALA C 103 -1.41 10.79 -35.02
CA ALA C 103 -2.58 10.47 -34.20
C ALA C 103 -2.32 9.29 -33.24
N ILE C 104 -2.83 9.39 -32.01
CA ILE C 104 -2.64 8.37 -30.97
C ILE C 104 -3.96 8.03 -30.27
N ASP C 105 -3.96 6.87 -29.61
CA ASP C 105 -5.06 6.46 -28.75
C ASP C 105 -4.63 6.63 -27.28
N ILE C 106 -5.43 7.37 -26.50
CA ILE C 106 -5.16 7.59 -25.08
C ILE C 106 -6.28 6.93 -24.27
N ILE C 107 -5.93 6.05 -23.33
CA ILE C 107 -6.86 5.51 -22.36
C ILE C 107 -6.34 5.83 -20.96
N ALA C 108 -7.14 6.52 -20.16
CA ALA C 108 -6.79 6.84 -18.79
C ALA C 108 -7.78 6.15 -17.86
N THR C 109 -7.28 5.38 -16.87
CA THR C 109 -8.17 4.71 -15.91
C THR C 109 -7.76 5.04 -14.48
N GLY C 110 -8.75 4.94 -13.60
CA GLY C 110 -8.54 5.18 -12.19
C GLY C 110 -9.84 4.95 -11.44
N ARG C 111 -10.05 5.74 -10.40
CA ARG C 111 -11.08 5.51 -9.42
C ARG C 111 -11.76 6.83 -9.10
N GLU C 112 -13.07 6.76 -8.82
CA GLU C 112 -13.79 7.90 -8.27
C GLU C 112 -13.52 8.02 -6.78
N VAL C 113 -13.41 9.26 -6.33
CA VAL C 113 -13.13 9.62 -4.94
C VAL C 113 -14.27 10.53 -4.48
N SER C 114 -14.62 10.50 -3.20
CA SER C 114 -15.59 11.45 -2.68
C SER C 114 -15.02 12.87 -2.71
N GLN C 115 -15.87 13.85 -2.95
CA GLN C 115 -15.53 15.21 -2.56
C GLN C 115 -15.72 15.39 -1.04
N THR D 2 -22.17 -13.30 2.95
CA THR D 2 -22.09 -12.21 3.97
C THR D 2 -22.45 -10.87 3.32
N ASP D 3 -22.45 -9.79 4.12
CA ASP D 3 -22.73 -8.43 3.66
C ASP D 3 -21.62 -7.92 2.75
N THR D 4 -21.98 -7.37 1.57
CA THR D 4 -21.03 -6.73 0.67
C THR D 4 -21.25 -5.22 0.67
N ILE D 5 -20.16 -4.46 0.85
CA ILE D 5 -20.19 -3.01 0.78
C ILE D 5 -19.16 -2.54 -0.24
N VAL D 6 -19.51 -1.49 -1.00
CA VAL D 6 -18.59 -0.82 -1.90
C VAL D 6 -17.94 0.34 -1.15
N ASN D 7 -16.61 0.32 -1.06
CA ASN D 7 -15.84 1.37 -0.42
C ASN D 7 -15.42 2.41 -1.45
N VAL D 8 -15.98 3.62 -1.37
CA VAL D 8 -15.46 4.75 -2.12
C VAL D 8 -14.50 5.53 -1.23
N GLN D 9 -13.44 6.07 -1.82
CA GLN D 9 -12.35 6.66 -1.05
C GLN D 9 -12.71 8.08 -0.58
N GLY D 10 -12.15 8.44 0.58
CA GLY D 10 -12.43 9.62 1.38
C GLY D 10 -12.19 10.95 0.68
N SER D 11 -12.69 12.01 1.32
CA SER D 11 -12.84 13.30 0.68
C SER D 11 -11.55 13.82 0.06
N PHE D 12 -11.65 14.18 -1.21
CA PHE D 12 -10.59 14.86 -1.94
C PHE D 12 -10.30 16.21 -1.28
N PHE D 13 -9.02 16.57 -1.20
CA PHE D 13 -8.58 17.89 -0.78
C PHE D 13 -7.62 18.48 -1.80
N SER D 14 -7.75 19.78 -2.12
CA SER D 14 -6.68 20.46 -2.83
C SER D 14 -6.54 21.92 -2.44
N ALA D 15 -5.32 22.41 -2.55
CA ALA D 15 -4.98 23.81 -2.43
C ALA D 15 -4.22 24.22 -3.69
N SER D 16 -4.47 25.42 -4.19
CA SER D 16 -3.75 25.88 -5.38
C SER D 16 -3.58 27.39 -5.38
N ALA D 17 -2.52 27.83 -6.06
CA ALA D 17 -2.33 29.22 -6.39
C ALA D 17 -1.64 29.33 -7.75
N SER D 18 -2.18 30.19 -8.61
CA SER D 18 -1.53 30.56 -9.86
C SER D 18 -0.69 31.82 -9.63
N GLY D 19 0.42 31.94 -10.36
CA GLY D 19 1.23 33.16 -10.36
C GLY D 19 1.71 33.56 -8.97
N VAL D 20 2.15 32.57 -8.16
CA VAL D 20 2.79 32.82 -6.88
C VAL D 20 4.10 33.54 -7.16
N ALA D 21 4.27 34.75 -6.62
CA ALA D 21 5.46 35.56 -6.84
C ALA D 21 6.72 34.92 -6.25
N ASP D 22 7.89 35.44 -6.61
CA ASP D 22 9.18 34.80 -6.42
C ASP D 22 9.39 34.19 -5.01
N THR D 23 9.24 34.98 -3.93
CA THR D 23 9.50 34.48 -2.58
C THR D 23 8.23 34.09 -1.81
N GLU D 24 7.07 34.17 -2.49
CA GLU D 24 5.78 33.97 -1.83
C GLU D 24 5.41 32.49 -1.76
N SER D 25 4.30 32.21 -1.08
CA SER D 25 3.97 30.83 -0.76
C SER D 25 2.47 30.53 -0.87
N LEU D 26 2.18 29.26 -1.15
CA LEU D 26 0.89 28.66 -0.90
C LEU D 26 0.87 28.16 0.54
N LEU D 27 -0.06 28.67 1.35
CA LEU D 27 -0.29 28.13 2.68
C LEU D 27 -1.47 27.15 2.63
N ILE D 28 -1.16 25.88 2.87
CA ILE D 28 -2.13 24.83 2.92
C ILE D 28 -2.57 24.70 4.37
N ASP D 29 -3.84 25.01 4.59
CA ASP D 29 -4.42 25.13 5.91
C ASP D 29 -5.45 24.01 6.07
N PRO D 30 -5.29 23.08 7.03
CA PRO D 30 -6.29 22.04 7.27
C PRO D 30 -7.60 22.57 7.83
N GLN D 31 -7.69 23.87 8.18
CA GLN D 31 -8.97 24.50 8.51
C GLN D 31 -9.94 24.55 7.32
N ASP D 32 -9.41 24.46 6.10
CA ASP D 32 -10.19 24.46 4.87
C ASP D 32 -10.85 23.11 4.60
N ALA D 33 -10.39 22.05 5.26
CA ALA D 33 -10.95 20.70 5.16
C ALA D 33 -12.23 20.61 6.00
N LYS D 34 -13.21 19.80 5.55
CA LYS D 34 -14.42 19.54 6.32
C LYS D 34 -14.11 18.78 7.61
N PHE D 35 -13.24 17.76 7.54
CA PHE D 35 -12.82 16.97 8.69
C PHE D 35 -11.72 17.64 9.53
N GLY D 36 -11.13 18.73 9.04
CA GLY D 36 -10.14 19.51 9.77
C GLY D 36 -8.75 18.87 9.82
N ALA D 37 -8.53 17.78 9.07
CA ALA D 37 -7.18 17.28 8.86
C ALA D 37 -7.01 16.83 7.41
N ILE D 38 -5.76 16.86 6.94
CA ILE D 38 -5.40 16.59 5.56
C ILE D 38 -4.14 15.75 5.50
N GLU D 39 -4.02 15.04 4.39
CA GLU D 39 -2.81 14.34 3.98
C GLU D 39 -2.54 14.73 2.53
N ILE D 40 -1.46 15.46 2.27
CA ILE D 40 -1.11 15.85 0.92
C ILE D 40 -0.27 14.74 0.29
N HIS D 41 -0.75 14.25 -0.85
CA HIS D 41 -0.15 13.18 -1.63
C HIS D 41 0.68 13.75 -2.77
N ASN D 42 0.15 14.78 -3.43
CA ASN D 42 0.75 15.33 -4.62
C ASN D 42 1.09 16.79 -4.41
N ILE D 43 2.30 17.19 -4.81
CA ILE D 43 2.62 18.58 -5.01
C ILE D 43 3.08 18.74 -6.45
N ALA D 44 2.26 19.38 -7.28
CA ALA D 44 2.63 19.78 -8.63
C ALA D 44 3.19 21.20 -8.57
N NEP D 45 4.49 21.34 -8.85
CA NEP D 45 5.22 22.47 -8.32
C NEP D 45 5.47 23.63 -9.29
O NEP D 45 5.75 24.72 -8.80
CB NEP D 45 6.42 22.01 -7.52
CG NEP D 45 7.32 20.93 -8.03
ND1 NEP D 45 8.46 21.22 -8.74
CD2 NEP D 45 7.36 19.59 -7.75
CE1 NEP D 45 9.13 20.09 -8.92
NE2 NEP D 45 8.52 19.03 -8.32
P NEP D 45 9.18 17.38 -8.24
O1P NEP D 45 10.66 17.52 -8.22
O2P NEP D 45 8.77 16.75 -6.95
O3P NEP D 45 8.67 16.62 -9.38
N GLY D 46 5.34 23.46 -10.61
CA GLY D 46 5.41 24.55 -11.57
C GLY D 46 6.77 25.25 -11.74
N GLY D 47 7.64 25.13 -10.73
CA GLY D 47 9.01 25.64 -10.70
C GLY D 47 9.63 25.19 -9.37
N SER D 48 10.79 25.75 -9.01
CA SER D 48 11.45 25.37 -7.77
C SER D 48 10.66 25.83 -6.54
N VAL D 49 10.54 24.94 -5.54
CA VAL D 49 9.83 25.25 -4.30
C VAL D 49 10.52 24.62 -3.09
N ASP D 50 10.35 25.25 -1.93
CA ASP D 50 10.61 24.64 -0.64
C ASP D 50 9.29 24.27 0.02
N VAL D 51 9.19 23.04 0.54
CA VAL D 51 8.04 22.59 1.32
C VAL D 51 8.41 22.65 2.80
N GLU D 52 7.50 23.18 3.60
CA GLU D 52 7.78 23.47 4.99
C GLU D 52 6.57 23.10 5.85
N LEU D 53 6.82 22.44 6.99
CA LEU D 53 5.77 22.05 7.91
C LEU D 53 5.89 22.91 9.16
N LEU D 54 4.77 23.53 9.55
CA LEU D 54 4.77 24.51 10.62
C LEU D 54 3.72 24.17 11.66
N THR D 55 4.02 24.42 12.93
CA THR D 55 3.03 24.42 14.00
C THR D 55 2.81 25.86 14.42
N SER D 56 1.55 26.25 14.64
CA SER D 56 1.20 27.57 15.12
C SER D 56 1.02 27.63 16.64
N SER D 57 1.37 28.78 17.24
CA SER D 57 0.98 29.15 18.60
C SER D 57 -0.52 29.44 18.74
N ASP D 58 -1.19 29.81 17.64
CA ASP D 58 -2.59 30.23 17.62
C ASP D 58 -3.50 29.15 17.02
N ASP D 59 -4.70 28.98 17.57
CA ASP D 59 -5.62 27.93 17.14
C ASP D 59 -6.14 28.08 15.71
N THR D 60 -6.08 29.31 15.16
CA THR D 60 -6.84 29.71 13.99
C THR D 60 -5.98 30.42 12.95
N GLU D 61 -4.87 31.06 13.38
CA GLU D 61 -3.95 31.79 12.51
C GLU D 61 -2.55 31.19 12.60
N LEU D 62 -1.71 31.42 11.58
CA LEU D 62 -0.33 30.95 11.65
C LEU D 62 0.56 31.99 12.34
N VAL D 63 0.99 31.65 13.55
CA VAL D 63 2.09 32.30 14.25
C VAL D 63 3.13 31.21 14.49
N GLU D 64 4.29 31.26 13.82
CA GLU D 64 5.21 30.13 13.78
C GLU D 64 5.74 29.77 15.18
N ASP D 65 5.59 28.48 15.51
CA ASP D 65 6.23 27.85 16.66
C ASP D 65 7.32 26.91 16.15
N ALA D 66 6.97 25.65 15.86
CA ALA D 66 7.84 24.70 15.18
C ALA D 66 7.81 24.96 13.68
N ALA D 67 8.97 24.95 13.02
CA ALA D 67 9.02 24.99 11.55
C ALA D 67 10.16 24.10 11.04
N VAL D 68 9.83 23.16 10.14
CA VAL D 68 10.83 22.29 9.54
C VAL D 68 10.70 22.38 8.02
N THR D 69 11.80 22.70 7.34
CA THR D 69 11.82 22.63 5.88
C THR D 69 11.97 21.17 5.48
N LEU D 70 10.90 20.60 4.91
CA LEU D 70 10.80 19.18 4.63
C LEU D 70 11.72 18.79 3.49
N ASP D 71 11.62 19.50 2.36
CA ASP D 71 12.37 19.20 1.15
C ASP D 71 12.32 20.39 0.18
N SER D 72 13.28 20.40 -0.76
CA SER D 72 13.33 21.34 -1.87
C SER D 72 13.13 20.59 -3.17
N PHE D 73 12.24 21.12 -4.01
CA PHE D 73 12.01 20.61 -5.36
C PHE D 73 12.58 21.62 -6.36
N THR D 74 13.22 21.11 -7.43
CA THR D 74 13.77 21.96 -8.47
C THR D 74 13.03 21.77 -9.80
N GLY D 75 12.85 22.88 -10.53
CA GLY D 75 12.19 22.89 -11.81
C GLY D 75 10.72 22.50 -11.74
N GLU D 76 10.09 22.25 -12.87
CA GLU D 76 8.69 21.86 -12.94
C GLU D 76 8.50 20.35 -12.79
N GLY D 77 7.45 19.90 -12.10
CA GLY D 77 7.19 18.49 -11.94
C GLY D 77 6.11 18.18 -10.93
N ILE D 78 6.00 16.91 -10.55
CA ILE D 78 5.13 16.45 -9.48
C ILE D 78 5.87 15.59 -8.46
N SER D 79 5.74 15.97 -7.19
CA SER D 79 6.08 15.11 -6.07
C SER D 79 4.86 14.23 -5.78
N GLN D 80 4.86 13.04 -6.36
CA GLN D 80 3.77 12.08 -6.14
C GLN D 80 4.09 11.15 -4.97
N GLY D 81 3.09 10.74 -4.21
CA GLY D 81 3.20 9.68 -3.23
C GLY D 81 3.64 10.15 -1.85
N ASN D 82 3.40 11.43 -1.54
CA ASN D 82 3.62 11.97 -0.20
C ASN D 82 2.55 11.49 0.77
N GLN D 83 2.84 11.69 2.06
CA GLN D 83 1.85 11.58 3.12
C GLN D 83 2.06 12.71 4.12
N ILE D 84 2.27 13.96 3.70
CA ILE D 84 2.48 15.04 4.65
C ILE D 84 1.15 15.44 5.26
N GLU D 85 1.09 15.41 6.61
CA GLU D 85 -0.17 15.53 7.29
C GLU D 85 -0.26 16.79 8.13
N ALA D 86 -1.46 17.36 8.19
CA ALA D 86 -1.71 18.53 9.01
C ALA D 86 -3.13 18.49 9.56
N SER D 87 -3.34 19.03 10.76
CA SER D 87 -4.69 19.21 11.31
C SER D 87 -4.87 20.60 11.90
N ASP D 88 -6.14 21.01 11.95
CA ASP D 88 -6.52 22.25 12.60
C ASP D 88 -6.25 22.18 14.10
N ASN D 89 -6.71 21.12 14.79
CA ASN D 89 -6.62 21.11 16.23
C ASN D 89 -5.17 21.04 16.73
N THR D 90 -4.29 20.36 15.99
CA THR D 90 -2.86 20.39 16.28
C THR D 90 -2.14 21.56 15.61
N ASN D 91 -2.90 22.50 15.03
CA ASN D 91 -2.41 23.79 14.52
C ASN D 91 -1.25 23.65 13.54
N THR D 92 -1.33 22.65 12.68
CA THR D 92 -0.25 22.31 11.76
C THR D 92 -0.58 22.85 10.37
N TYR D 93 0.39 23.45 9.71
CA TYR D 93 0.24 24.08 8.40
C TYR D 93 1.35 23.57 7.47
N ILE D 94 1.06 23.47 6.17
CA ILE D 94 2.07 23.18 5.18
C ILE D 94 2.25 24.42 4.31
N ARG D 95 3.48 24.93 4.20
CA ARG D 95 3.78 26.08 3.37
C ARG D 95 4.63 25.60 2.20
N ILE D 96 4.22 25.97 0.98
CA ILE D 96 5.03 25.69 -0.20
C ILE D 96 5.48 27.04 -0.75
N THR D 97 6.79 27.28 -0.68
CA THR D 97 7.37 28.58 -0.98
C THR D 97 8.07 28.53 -2.33
N ASN D 98 7.77 29.49 -3.20
CA ASN D 98 8.45 29.64 -4.47
C ASN D 98 9.93 30.01 -4.25
N THR D 99 10.82 29.42 -5.06
CA THR D 99 12.25 29.70 -5.03
C THR D 99 12.81 29.83 -6.46
N SER D 100 11.93 30.02 -7.44
CA SER D 100 12.22 29.96 -8.88
C SER D 100 12.90 31.21 -9.44
N GLY D 101 12.76 32.37 -8.78
CA GLY D 101 13.18 33.64 -9.38
C GLY D 101 12.14 34.27 -10.31
N GLY D 102 10.93 33.70 -10.33
CA GLY D 102 9.83 34.13 -11.19
C GLY D 102 8.52 33.47 -10.77
N ALA D 103 7.39 33.92 -11.33
CA ALA D 103 6.08 33.49 -10.88
C ALA D 103 5.75 32.05 -11.33
N ILE D 104 5.14 31.24 -10.42
CA ILE D 104 4.85 29.83 -10.68
C ILE D 104 3.43 29.46 -10.27
N ASP D 105 2.94 28.34 -10.78
CA ASP D 105 1.65 27.77 -10.38
C ASP D 105 1.91 26.55 -9.47
N ILE D 106 1.31 26.54 -8.28
CA ILE D 106 1.43 25.43 -7.34
C ILE D 106 0.06 24.79 -7.16
N ILE D 107 -0.02 23.47 -7.38
CA ILE D 107 -1.22 22.70 -7.05
C ILE D 107 -0.85 21.58 -6.09
N ALA D 108 -1.48 21.52 -4.92
CA ALA D 108 -1.30 20.42 -3.98
C ALA D 108 -2.60 19.65 -3.85
N THR D 109 -2.56 18.32 -3.99
CA THR D 109 -3.75 17.50 -3.82
C THR D 109 -3.48 16.37 -2.83
N GLY D 110 -4.57 15.91 -2.23
CA GLY D 110 -4.51 14.87 -1.22
C GLY D 110 -5.91 14.52 -0.75
N ARG D 111 -5.98 14.11 0.52
CA ARG D 111 -7.18 13.57 1.08
C ARG D 111 -7.44 14.20 2.45
N GLU D 112 -8.72 14.39 2.78
CA GLU D 112 -9.11 14.72 4.13
C GLU D 112 -9.06 13.48 5.03
N VAL D 113 -8.63 13.73 6.27
CA VAL D 113 -8.47 12.70 7.29
C VAL D 113 -9.31 13.14 8.48
N SER D 114 -9.86 12.20 9.25
CA SER D 114 -10.53 12.55 10.49
C SER D 114 -9.54 13.12 11.50
N GLN D 115 -9.97 14.08 12.30
CA GLN D 115 -9.27 14.35 13.55
C GLN D 115 -9.62 13.28 14.60
N THR E 2 -25.27 -2.90 -4.76
CA THR E 2 -24.97 -3.14 -3.31
C THR E 2 -24.79 -1.80 -2.60
N ASP E 3 -24.68 -1.85 -1.26
CA ASP E 3 -24.54 -0.66 -0.41
C ASP E 3 -23.19 0.04 -0.63
N THR E 4 -23.22 1.36 -0.85
CA THR E 4 -22.01 2.13 -1.10
C THR E 4 -21.73 3.05 0.10
N ILE E 5 -20.49 3.00 0.60
CA ILE E 5 -20.06 3.81 1.74
C ILE E 5 -18.78 4.55 1.36
N VAL E 6 -18.67 5.80 1.83
CA VAL E 6 -17.45 6.58 1.68
C VAL E 6 -16.58 6.38 2.92
N ASN E 7 -15.36 5.89 2.72
CA ASN E 7 -14.38 5.72 3.78
C ASN E 7 -13.53 6.97 3.92
N VAL E 8 -13.66 7.71 5.04
CA VAL E 8 -12.66 8.70 5.41
C VAL E 8 -11.68 8.05 6.38
N GLN E 9 -10.40 8.42 6.26
CA GLN E 9 -9.35 7.73 6.99
C GLN E 9 -9.28 8.17 8.45
N GLY E 10 -8.88 7.20 9.30
CA GLY E 10 -8.87 7.27 10.76
C GLY E 10 -7.98 8.38 11.34
N SER E 11 -8.18 8.61 12.63
CA SER E 11 -7.81 9.86 13.26
C SER E 11 -6.35 10.22 13.06
N PHE E 12 -6.13 11.46 12.63
CA PHE E 12 -4.82 12.08 12.59
C PHE E 12 -4.20 12.11 13.99
N PHE E 13 -2.90 11.84 14.06
CA PHE E 13 -2.13 11.99 15.28
C PHE E 13 -0.89 12.84 15.00
N SER E 14 -0.56 13.77 15.92
CA SER E 14 0.78 14.36 15.89
C SER E 14 1.31 14.69 17.28
N ALA E 15 2.64 14.65 17.37
CA ALA E 15 3.39 15.16 18.49
C ALA E 15 4.38 16.19 17.96
N SER E 16 4.63 17.26 18.72
CA SER E 16 5.59 18.26 18.27
C SER E 16 6.26 18.95 19.45
N ALA E 17 7.47 19.44 19.19
CA ALA E 17 8.20 20.26 20.13
C ALA E 17 9.07 21.24 19.33
N SER E 18 8.98 22.53 19.69
CA SER E 18 9.91 23.52 19.20
C SER E 18 11.08 23.65 20.18
N GLY E 19 12.26 23.93 19.63
CA GLY E 19 13.42 24.26 20.46
C GLY E 19 13.81 23.14 21.43
N VAL E 20 13.77 21.89 20.98
CA VAL E 20 14.27 20.75 21.74
C VAL E 20 15.79 20.94 21.91
N ALA E 21 16.26 21.03 23.15
CA ALA E 21 17.67 21.27 23.45
C ALA E 21 18.55 20.09 23.01
N ASP E 22 19.87 20.29 22.99
CA ASP E 22 20.85 19.44 22.33
C ASP E 22 20.64 17.94 22.54
N THR E 23 20.59 17.46 23.80
CA THR E 23 20.46 16.03 24.08
C THR E 23 19.05 15.61 24.49
N GLU E 24 18.09 16.53 24.42
CA GLU E 24 16.72 16.30 24.85
C GLU E 24 15.89 15.65 23.74
N SER E 25 14.64 15.31 24.07
CA SER E 25 13.85 14.46 23.18
C SER E 25 12.37 14.85 23.17
N LEU E 26 11.71 14.53 22.04
CA LEU E 26 10.28 14.44 21.96
C LEU E 26 9.87 13.02 22.31
N LEU E 27 9.08 12.86 23.39
CA LEU E 27 8.50 11.57 23.71
C LEU E 27 7.09 11.49 23.12
N ILE E 28 6.96 10.66 22.09
CA ILE E 28 5.66 10.37 21.50
C ILE E 28 5.02 9.26 22.33
N ASP E 29 3.92 9.63 22.96
CA ASP E 29 3.22 8.77 23.88
C ASP E 29 1.87 8.38 23.28
N PRO E 30 1.59 7.08 23.03
CA PRO E 30 0.28 6.67 22.54
C PRO E 30 -0.86 6.86 23.54
N GLN E 31 -0.57 7.23 24.79
CA GLN E 31 -1.60 7.65 25.74
C GLN E 31 -2.31 8.94 25.32
N ASP E 32 -1.67 9.75 24.46
CA ASP E 32 -2.24 10.98 23.94
C ASP E 32 -3.25 10.73 22.82
N ALA E 33 -3.25 9.52 22.24
CA ALA E 33 -4.23 9.09 21.25
C ALA E 33 -5.56 8.75 21.93
N LYS E 34 -6.68 9.02 21.26
CA LYS E 34 -8.01 8.63 21.70
C LYS E 34 -8.15 7.10 21.70
N PHE E 35 -7.65 6.43 20.65
CA PHE E 35 -7.69 4.98 20.54
C PHE E 35 -6.57 4.27 21.30
N GLY E 36 -5.59 5.02 21.83
CA GLY E 36 -4.52 4.50 22.66
C GLY E 36 -3.43 3.74 21.90
N ALA E 37 -3.47 3.76 20.56
CA ALA E 37 -2.36 3.30 19.75
C ALA E 37 -2.14 4.23 18.57
N ILE E 38 -0.90 4.25 18.09
CA ILE E 38 -0.46 5.15 17.04
C ILE E 38 0.44 4.42 16.06
N GLU E 39 0.47 4.96 14.85
CA GLU E 39 1.38 4.56 13.81
C GLU E 39 1.97 5.86 13.27
N ILE E 40 3.24 6.12 13.56
CA ILE E 40 3.93 7.31 13.08
C ILE E 40 4.44 7.03 11.67
N HIS E 41 4.01 7.92 10.76
CA HIS E 41 4.38 7.88 9.36
C HIS E 41 5.56 8.81 9.10
N ASN E 42 5.47 10.02 9.68
CA ASN E 42 6.34 11.11 9.34
C ASN E 42 7.11 11.57 10.58
N ILE E 43 8.42 11.73 10.42
CA ILE E 43 9.24 12.45 11.38
C ILE E 43 9.96 13.55 10.62
N ALA E 44 9.54 14.80 10.85
CA ALA E 44 10.17 15.99 10.32
C ALA E 44 11.04 16.57 11.43
N NEP E 45 12.35 16.71 11.23
CA NEP E 45 13.23 16.73 12.39
C NEP E 45 14.07 18.00 12.60
O NEP E 45 14.62 18.14 13.70
CB NEP E 45 14.07 15.44 12.43
CG NEP E 45 14.77 15.01 11.17
ND1 NEP E 45 16.07 15.41 10.84
CD2 NEP E 45 14.34 14.13 10.23
CE1 NEP E 45 16.37 14.75 9.74
NE2 NEP E 45 15.37 13.93 9.28
P NEP E 45 15.41 12.81 7.94
O1P NEP E 45 16.88 12.36 7.86
O2P NEP E 45 14.52 11.72 8.42
O3P NEP E 45 14.94 13.61 6.79
N GLY E 46 14.19 18.91 11.62
CA GLY E 46 14.81 20.22 11.89
C GLY E 46 16.34 20.23 12.09
N GLY E 47 16.90 19.08 12.48
CA GLY E 47 18.31 18.80 12.65
C GLY E 47 18.49 17.32 12.95
N SER E 48 19.71 16.85 13.23
CA SER E 48 19.99 15.44 13.44
C SER E 48 19.26 14.86 14.66
N VAL E 49 18.70 13.66 14.50
CA VAL E 49 17.99 12.97 15.57
C VAL E 49 18.27 11.47 15.56
N ASP E 50 18.17 10.84 16.74
CA ASP E 50 18.03 9.40 16.89
C ASP E 50 16.58 9.06 17.21
N VAL E 51 16.04 8.06 16.50
CA VAL E 51 14.68 7.58 16.75
C VAL E 51 14.80 6.26 17.51
N GLU E 52 13.99 6.16 18.56
CA GLU E 52 14.17 5.07 19.52
C GLU E 52 12.79 4.54 19.93
N LEU E 53 12.65 3.20 19.99
CA LEU E 53 11.42 2.57 20.40
C LEU E 53 11.64 1.94 21.78
N LEU E 54 10.76 2.27 22.72
CA LEU E 54 10.93 1.90 24.10
C LEU E 54 9.70 1.17 24.62
N THR E 55 9.92 0.18 25.49
CA THR E 55 8.86 -0.40 26.30
C THR E 55 9.06 0.09 27.73
N SER E 56 7.98 0.49 28.40
CA SER E 56 8.01 0.81 29.81
C SER E 56 7.67 -0.38 30.72
N SER E 57 8.24 -0.42 31.93
CA SER E 57 7.79 -1.26 33.02
C SER E 57 6.45 -0.80 33.62
N ASP E 58 6.12 0.49 33.48
CA ASP E 58 4.95 1.11 34.09
C ASP E 58 3.84 1.35 33.07
N ASP E 59 2.56 1.18 33.49
CA ASP E 59 1.44 1.31 32.57
C ASP E 59 1.22 2.71 32.00
N THR E 60 1.75 3.73 32.70
CA THR E 60 1.34 5.11 32.53
C THR E 60 2.53 6.06 32.36
N GLU E 61 3.70 5.69 32.90
CA GLU E 61 4.91 6.50 32.84
C GLU E 61 6.00 5.73 32.09
N LEU E 62 6.99 6.45 31.52
CA LEU E 62 8.12 5.75 30.92
C LEU E 62 9.20 5.45 31.96
N VAL E 63 9.33 4.16 32.28
CA VAL E 63 10.45 3.60 33.01
C VAL E 63 11.04 2.53 32.08
N GLU E 64 12.22 2.78 31.51
CA GLU E 64 12.74 1.96 30.41
C GLU E 64 12.90 0.48 30.79
N ASP E 65 12.32 -0.37 29.95
CA ASP E 65 12.50 -1.81 30.01
C ASP E 65 13.33 -2.22 28.78
N ALA E 66 12.68 -2.25 27.62
CA ALA E 66 13.32 -2.49 26.33
C ALA E 66 13.57 -1.17 25.62
N ALA E 67 14.71 -0.99 24.96
CA ALA E 67 14.98 0.17 24.13
C ALA E 67 15.78 -0.21 22.89
N VAL E 68 15.29 0.17 21.70
CA VAL E 68 15.99 -0.10 20.45
C VAL E 68 16.11 1.21 19.67
N THR E 69 17.34 1.57 19.26
CA THR E 69 17.53 2.69 18.36
C THR E 69 17.17 2.24 16.95
N LEU E 70 16.05 2.77 16.43
CA LEU E 70 15.50 2.38 15.14
C LEU E 70 16.38 2.87 14.01
N ASP E 71 16.71 4.17 14.03
CA ASP E 71 17.53 4.80 13.01
C ASP E 71 18.08 6.14 13.49
N SER E 72 19.13 6.61 12.80
CA SER E 72 19.69 7.94 12.99
C SER E 72 19.49 8.77 11.73
N PHE E 73 18.97 9.98 11.91
CA PHE E 73 18.70 10.92 10.83
C PHE E 73 19.65 12.11 10.97
N THR E 74 20.18 12.60 9.85
CA THR E 74 21.17 13.68 9.87
C THR E 74 20.64 14.92 9.15
N GLY E 75 21.03 16.10 9.68
CA GLY E 75 20.60 17.38 9.12
C GLY E 75 19.09 17.59 9.23
N GLU E 76 18.57 18.49 8.37
CA GLU E 76 17.15 18.79 8.37
C GLU E 76 16.44 18.01 7.25
N GLY E 77 15.25 17.47 7.56
CA GLY E 77 14.44 16.82 6.54
C GLY E 77 13.24 16.13 7.15
N ILE E 78 12.64 15.23 6.34
CA ILE E 78 11.54 14.40 6.76
C ILE E 78 11.79 12.94 6.36
N SER E 79 11.64 12.03 7.33
CA SER E 79 11.38 10.63 7.02
C SER E 79 9.89 10.45 6.88
N GLN E 80 9.43 10.04 5.69
CA GLN E 80 8.02 10.03 5.33
C GLN E 80 7.57 8.60 5.04
N GLY E 81 6.33 8.25 5.41
CA GLY E 81 5.70 6.99 5.01
C GLY E 81 6.19 5.75 5.76
N ASN E 82 6.69 5.95 6.97
CA ASN E 82 7.01 4.86 7.90
C ASN E 82 5.74 4.20 8.47
N GLN E 83 5.93 3.11 9.20
CA GLN E 83 4.92 2.61 10.14
C GLN E 83 5.61 2.21 11.45
N ILE E 84 5.99 3.20 12.27
CA ILE E 84 6.49 2.81 13.59
C ILE E 84 5.33 2.91 14.58
N GLU E 85 5.13 1.84 15.35
CA GLU E 85 3.84 1.64 16.01
C GLU E 85 4.03 1.54 17.52
N ALA E 86 3.06 2.09 18.26
CA ALA E 86 3.16 2.17 19.72
C ALA E 86 1.74 2.11 20.29
N SER E 87 1.57 1.48 21.46
CA SER E 87 0.29 1.50 22.16
C SER E 87 0.47 1.76 23.65
N ASP E 88 -0.58 2.27 24.27
CA ASP E 88 -0.62 2.45 25.70
C ASP E 88 -0.59 1.11 26.42
N ASN E 89 -1.46 0.17 26.04
CA ASN E 89 -1.58 -1.07 26.80
C ASN E 89 -0.32 -1.93 26.70
N THR E 90 0.39 -1.90 25.56
CA THR E 90 1.69 -2.54 25.46
C THR E 90 2.84 -1.64 25.91
N ASN E 91 2.52 -0.48 26.47
CA ASN E 91 3.47 0.43 27.12
C ASN E 91 4.64 0.81 26.24
N THR E 92 4.36 1.04 24.96
CA THR E 92 5.37 1.29 23.94
C THR E 92 5.42 2.78 23.64
N TYR E 93 6.61 3.35 23.60
CA TYR E 93 6.83 4.78 23.40
C TYR E 93 7.83 4.98 22.26
N ILE E 94 7.71 6.08 21.52
CA ILE E 94 8.72 6.45 20.54
C ILE E 94 9.40 7.72 21.04
N ARG E 95 10.74 7.67 21.17
CA ARG E 95 11.50 8.83 21.56
C ARG E 95 12.32 9.32 20.37
N ILE E 96 12.23 10.62 20.08
CA ILE E 96 13.06 11.23 19.07
C ILE E 96 14.01 12.18 19.79
N THR E 97 15.31 11.85 19.76
CA THR E 97 16.32 12.53 20.56
C THR E 97 17.15 13.41 19.65
N ASN E 98 17.32 14.68 20.04
CA ASN E 98 18.18 15.62 19.34
C ASN E 98 19.64 15.15 19.46
N THR E 99 20.41 15.30 18.38
CA THR E 99 21.84 14.99 18.35
C THR E 99 22.62 16.07 17.60
N SER E 100 22.00 17.24 17.39
CA SER E 100 22.47 18.31 16.50
C SER E 100 23.58 19.19 17.10
N GLY E 101 23.69 19.26 18.44
CA GLY E 101 24.58 20.24 19.06
C GLY E 101 23.93 21.61 19.29
N GLY E 102 22.63 21.73 18.98
CA GLY E 102 21.85 22.95 19.11
C GLY E 102 20.36 22.66 19.02
N ALA E 103 19.51 23.66 19.28
CA ALA E 103 18.07 23.45 19.42
C ALA E 103 17.39 23.20 18.07
N ILE E 104 16.43 22.25 18.06
CA ILE E 104 15.72 21.85 16.83
C ILE E 104 14.21 21.77 17.05
N ASP E 105 13.47 21.85 15.94
CA ASP E 105 12.02 21.65 15.95
C ASP E 105 11.71 20.26 15.40
N ILE E 106 10.96 19.45 16.18
CA ILE E 106 10.58 18.10 15.80
C ILE E 106 9.06 18.05 15.65
N ILE E 107 8.57 17.63 14.49
CA ILE E 107 7.16 17.35 14.26
C ILE E 107 7.03 15.89 13.80
N ALA E 108 6.25 15.11 14.54
CA ALA E 108 5.97 13.73 14.17
C ALA E 108 4.48 13.57 13.89
N THR E 109 4.13 13.02 12.72
CA THR E 109 2.72 12.82 12.38
C THR E 109 2.46 11.37 11.98
N GLY E 110 1.21 10.97 12.15
CA GLY E 110 0.75 9.66 11.77
C GLY E 110 -0.73 9.52 12.04
N ARG E 111 -1.12 8.30 12.41
CA ARG E 111 -2.51 7.92 12.51
C ARG E 111 -2.74 7.19 13.83
N GLU E 112 -3.92 7.37 14.40
CA GLU E 112 -4.37 6.55 15.50
C GLU E 112 -4.86 5.20 15.00
N VAL E 113 -4.56 4.16 15.79
CA VAL E 113 -4.89 2.78 15.48
C VAL E 113 -5.69 2.25 16.67
N SER E 114 -6.61 1.32 16.44
CA SER E 114 -7.29 0.67 17.55
C SER E 114 -6.32 -0.18 18.35
N GLN E 115 -6.51 -0.27 19.66
CA GLN E 115 -5.94 -1.36 20.42
C GLN E 115 -6.78 -2.64 20.20
N THR F 2 -24.48 9.31 -0.40
CA THR F 2 -24.03 8.01 0.21
C THR F 2 -23.57 8.23 1.66
N ASP F 3 -23.54 7.15 2.44
CA ASP F 3 -23.09 7.14 3.83
C ASP F 3 -21.57 7.40 3.91
N THR F 4 -21.15 8.26 4.85
CA THR F 4 -19.73 8.43 5.15
C THR F 4 -19.39 7.79 6.50
N ILE F 5 -18.33 6.98 6.53
CA ILE F 5 -17.82 6.36 7.73
C ILE F 5 -16.34 6.67 7.88
N VAL F 6 -15.89 6.86 9.12
CA VAL F 6 -14.48 7.03 9.44
C VAL F 6 -13.89 5.66 9.79
N ASN F 7 -12.85 5.26 9.04
CA ASN F 7 -12.22 3.96 9.23
C ASN F 7 -10.98 4.10 10.08
N VAL F 8 -11.00 3.58 11.32
CA VAL F 8 -9.79 3.47 12.10
C VAL F 8 -9.24 2.05 11.94
N GLN F 9 -7.92 1.94 11.92
CA GLN F 9 -7.28 0.67 11.59
C GLN F 9 -7.28 -0.31 12.75
N GLY F 10 -7.38 -1.61 12.39
CA GLY F 10 -7.57 -2.75 13.27
C GLY F 10 -6.47 -2.96 14.29
N SER F 11 -6.77 -3.83 15.25
CA SER F 11 -6.09 -3.83 16.54
C SER F 11 -4.58 -3.94 16.42
N PHE F 12 -3.90 -3.01 17.08
CA PHE F 12 -2.48 -3.07 17.31
C PHE F 12 -2.10 -4.35 18.05
N PHE F 13 -0.98 -4.95 17.64
CA PHE F 13 -0.39 -6.09 18.33
C PHE F 13 1.10 -5.82 18.58
N SER F 14 1.60 -6.16 19.78
CA SER F 14 3.03 -6.24 19.97
C SER F 14 3.44 -7.34 20.94
N ALA F 15 4.63 -7.89 20.68
CA ALA F 15 5.35 -8.74 21.60
C ALA F 15 6.71 -8.11 21.88
N SER F 16 7.19 -8.20 23.11
CA SER F 16 8.49 -7.64 23.44
C SER F 16 9.17 -8.43 24.55
N ALA F 17 10.50 -8.31 24.56
CA ALA F 17 11.33 -8.86 25.61
C ALA F 17 12.55 -7.96 25.78
N SER F 18 12.95 -7.72 27.03
CA SER F 18 14.20 -7.04 27.35
C SER F 18 15.22 -8.04 27.89
N GLY F 19 16.50 -7.79 27.60
CA GLY F 19 17.58 -8.62 28.11
C GLY F 19 17.45 -10.10 27.75
N VAL F 20 17.04 -10.40 26.50
CA VAL F 20 17.02 -11.75 25.97
C VAL F 20 18.46 -12.26 25.92
N ALA F 21 18.76 -13.35 26.64
CA ALA F 21 20.12 -13.89 26.69
C ALA F 21 20.58 -14.44 25.33
N ASP F 22 21.88 -14.73 25.20
CA ASP F 22 22.56 -14.94 23.92
C ASP F 22 21.81 -15.83 22.93
N THR F 23 21.41 -17.06 23.32
CA THR F 23 20.74 -17.99 22.40
C THR F 23 19.22 -18.07 22.61
N GLU F 24 18.67 -17.22 23.48
CA GLU F 24 17.25 -17.26 23.81
C GLU F 24 16.40 -16.49 22.80
N SER F 25 15.07 -16.60 22.95
CA SER F 25 14.17 -16.10 21.93
C SER F 25 12.91 -15.47 22.49
N LEU F 26 12.36 -14.52 21.72
CA LEU F 26 11.00 -14.06 21.87
C LEU F 26 10.10 -14.97 21.02
N LEU F 27 9.16 -15.66 21.68
CA LEU F 27 8.16 -16.42 20.95
C LEU F 27 6.89 -15.59 20.81
N ILE F 28 6.62 -15.17 19.58
CA ILE F 28 5.42 -14.44 19.24
C ILE F 28 4.32 -15.45 18.95
N ASP F 29 3.33 -15.45 19.84
CA ASP F 29 2.25 -16.41 19.82
C ASP F 29 0.96 -15.69 19.42
N PRO F 30 0.29 -16.04 18.31
CA PRO F 30 -0.98 -15.44 17.95
C PRO F 30 -2.13 -15.80 18.90
N GLN F 31 -1.92 -16.70 19.86
CA GLN F 31 -2.87 -16.94 20.95
C GLN F 31 -3.02 -15.72 21.88
N ASP F 32 -2.04 -14.83 21.88
CA ASP F 32 -2.05 -13.60 22.66
C ASP F 32 -2.94 -12.51 22.03
N ALA F 33 -3.28 -12.68 20.74
CA ALA F 33 -4.16 -11.77 20.01
C ALA F 33 -5.62 -12.03 20.37
N LYS F 34 -6.45 -10.98 20.39
CA LYS F 34 -7.89 -11.11 20.59
C LYS F 34 -8.54 -11.88 19.43
N PHE F 35 -8.14 -11.57 18.18
CA PHE F 35 -8.65 -12.22 16.98
C PHE F 35 -7.96 -13.56 16.68
N GLY F 36 -6.88 -13.88 17.38
CA GLY F 36 -6.19 -15.16 17.24
C GLY F 36 -5.31 -15.27 15.99
N ALA F 37 -5.12 -14.18 15.25
CA ALA F 37 -4.12 -14.13 14.20
C ALA F 37 -3.45 -12.77 14.18
N ILE F 38 -2.21 -12.74 13.69
CA ILE F 38 -1.36 -11.56 13.70
C ILE F 38 -0.60 -11.45 12.39
N GLU F 39 -0.22 -10.21 12.11
CA GLU F 39 0.70 -9.87 11.04
C GLU F 39 1.75 -8.95 11.65
N ILE F 40 3.01 -9.39 11.71
CA ILE F 40 4.09 -8.56 12.23
C ILE F 40 4.65 -7.73 11.08
N HIS F 41 4.66 -6.42 11.29
CA HIS F 41 5.15 -5.43 10.35
C HIS F 41 6.57 -5.01 10.70
N ASN F 42 6.83 -4.87 12.00
CA ASN F 42 8.06 -4.27 12.50
C ASN F 42 8.74 -5.25 13.44
N ILE F 43 10.05 -5.42 13.25
CA ILE F 43 10.90 -6.08 14.23
C ILE F 43 12.04 -5.11 14.53
N ALA F 44 12.01 -4.53 15.75
CA ALA F 44 13.11 -3.73 16.27
C ALA F 44 14.02 -4.66 17.08
N NEP F 45 15.25 -4.86 16.60
CA NEP F 45 15.96 -6.07 16.99
C NEP F 45 17.04 -5.92 18.06
O NEP F 45 17.41 -6.93 18.64
CB NEP F 45 16.36 -6.86 15.75
CG NEP F 45 17.00 -6.16 14.59
ND1 NEP F 45 18.37 -6.06 14.44
CD2 NEP F 45 16.43 -5.72 13.41
CE1 NEP F 45 18.60 -5.55 13.25
NE2 NEP F 45 17.44 -5.33 12.54
P NEP F 45 17.39 -4.74 10.88
O1P NEP F 45 18.62 -5.28 10.20
O2P NEP F 45 16.17 -5.28 10.20
O3P NEP F 45 17.38 -3.26 10.91
N GLY F 46 17.54 -4.70 18.35
CA GLY F 46 18.47 -4.47 19.46
C GLY F 46 19.87 -5.04 19.30
N GLY F 47 20.01 -6.13 18.53
CA GLY F 47 21.26 -6.76 18.12
C GLY F 47 20.92 -7.80 17.06
N SER F 48 21.86 -8.71 16.77
CA SER F 48 21.67 -9.70 15.72
C SER F 48 20.61 -10.73 16.14
N VAL F 49 19.70 -11.08 15.20
CA VAL F 49 18.65 -12.06 15.46
C VAL F 49 18.37 -12.92 14.22
N ASP F 50 17.90 -14.15 14.47
CA ASP F 50 17.30 -14.99 13.46
C ASP F 50 15.78 -15.00 13.67
N VAL F 51 15.03 -14.80 12.58
CA VAL F 51 13.58 -14.88 12.60
C VAL F 51 13.17 -16.22 12.00
N GLU F 52 12.23 -16.88 12.67
CA GLU F 52 11.88 -18.24 12.35
C GLU F 52 10.37 -18.43 12.43
N LEU F 53 9.79 -19.13 11.45
CA LEU F 53 8.36 -19.39 11.39
C LEU F 53 8.14 -20.87 11.64
N LEU F 54 7.27 -21.19 12.61
CA LEU F 54 7.09 -22.56 13.07
C LEU F 54 5.63 -22.94 13.04
N THR F 55 5.35 -24.19 12.68
CA THR F 55 4.04 -24.81 12.86
C THR F 55 4.17 -25.80 14.00
N SER F 56 3.20 -25.79 14.93
CA SER F 56 3.13 -26.76 16.00
C SER F 56 2.25 -27.96 15.65
N SER F 57 2.60 -29.15 16.16
CA SER F 57 1.70 -30.31 16.21
C SER F 57 0.55 -30.14 17.21
N ASP F 58 0.75 -29.31 18.24
CA ASP F 58 -0.24 -29.09 19.31
C ASP F 58 -1.07 -27.84 19.06
N ASP F 59 -2.36 -27.87 19.41
CA ASP F 59 -3.25 -26.72 19.18
C ASP F 59 -2.90 -25.47 19.99
N THR F 60 -2.17 -25.65 21.10
CA THR F 60 -2.09 -24.67 22.18
C THR F 60 -0.66 -24.43 22.65
N GLU F 61 0.22 -25.42 22.48
CA GLU F 61 1.64 -25.35 22.84
C GLU F 61 2.50 -25.48 21.58
N LEU F 62 3.77 -25.07 21.64
CA LEU F 62 4.68 -25.28 20.52
C LEU F 62 5.44 -26.61 20.65
N VAL F 63 5.16 -27.53 19.72
CA VAL F 63 5.88 -28.75 19.46
C VAL F 63 6.22 -28.71 17.98
N GLU F 64 7.49 -28.50 17.60
CA GLU F 64 7.83 -28.16 16.23
C GLU F 64 7.46 -29.26 15.23
N ASP F 65 6.69 -28.87 14.21
CA ASP F 65 6.38 -29.71 13.07
C ASP F 65 7.21 -29.18 11.88
N ALA F 66 6.78 -28.04 11.34
CA ALA F 66 7.48 -27.31 10.29
C ALA F 66 8.24 -26.14 10.93
N ALA F 67 9.49 -25.90 10.51
CA ALA F 67 10.24 -24.73 10.94
C ALA F 67 11.07 -24.19 9.78
N VAL F 68 10.93 -22.89 9.49
CA VAL F 68 11.71 -22.24 8.45
C VAL F 68 12.38 -21.00 9.03
N THR F 69 13.71 -20.90 8.89
CA THR F 69 14.40 -19.67 9.25
C THR F 69 14.19 -18.66 8.13
N LEU F 70 13.40 -17.62 8.43
CA LEU F 70 12.95 -16.65 7.45
C LEU F 70 14.11 -15.77 6.98
N ASP F 71 14.83 -15.18 7.93
CA ASP F 71 15.90 -14.24 7.66
C ASP F 71 16.75 -14.01 8.92
N SER F 72 17.97 -13.50 8.71
CA SER F 72 18.86 -13.09 9.77
C SER F 72 19.09 -11.57 9.68
N PHE F 73 18.98 -10.91 10.82
CA PHE F 73 19.27 -9.49 10.95
C PHE F 73 20.56 -9.32 11.74
N THR F 74 21.40 -8.36 11.32
CA THR F 74 22.67 -8.09 12.00
C THR F 74 22.67 -6.69 12.61
N GLY F 75 23.34 -6.56 13.76
CA GLY F 75 23.44 -5.30 14.48
C GLY F 75 22.10 -4.82 15.01
N GLU F 76 22.06 -3.57 15.47
CA GLU F 76 20.82 -2.95 15.95
C GLU F 76 20.06 -2.27 14.82
N GLY F 77 18.73 -2.33 14.84
CA GLY F 77 17.93 -1.60 13.87
C GLY F 77 16.47 -2.04 13.87
N ILE F 78 15.76 -1.67 12.81
CA ILE F 78 14.39 -2.10 12.57
C ILE F 78 14.20 -2.72 11.18
N SER F 79 13.57 -3.89 11.15
CA SER F 79 13.00 -4.45 9.95
C SER F 79 11.58 -3.91 9.85
N GLN F 80 11.34 -3.03 8.88
CA GLN F 80 10.06 -2.34 8.72
C GLN F 80 9.36 -2.83 7.45
N GLY F 81 8.03 -2.92 7.46
CA GLY F 81 7.24 -3.25 6.28
C GLY F 81 7.13 -4.75 6.01
N ASN F 82 7.28 -5.57 7.06
CA ASN F 82 6.99 -6.99 6.99
C ASN F 82 5.50 -7.28 6.86
N GLN F 83 5.21 -8.53 6.47
CA GLN F 83 3.88 -9.10 6.61
C GLN F 83 4.01 -10.55 7.07
N ILE F 84 4.81 -10.85 8.10
CA ILE F 84 4.91 -12.22 8.56
C ILE F 84 3.68 -12.56 9.40
N GLU F 85 2.99 -13.64 9.03
CA GLU F 85 1.67 -13.90 9.57
C GLU F 85 1.63 -15.21 10.36
N ALA F 86 0.82 -15.21 11.41
CA ALA F 86 0.64 -16.38 12.24
C ALA F 86 -0.79 -16.43 12.78
N SER F 87 -1.35 -17.62 12.97
CA SER F 87 -2.64 -17.79 13.62
C SER F 87 -2.60 -18.92 14.64
N ASP F 88 -3.51 -18.83 15.62
CA ASP F 88 -3.68 -19.89 16.60
C ASP F 88 -4.22 -21.15 15.92
N ASN F 89 -5.30 -21.06 15.13
CA ASN F 89 -5.94 -22.26 14.63
C ASN F 89 -5.05 -23.02 13.64
N THR F 90 -4.20 -22.31 12.88
CA THR F 90 -3.20 -22.97 12.05
C THR F 90 -1.88 -23.21 12.80
N ASN F 91 -1.88 -23.00 14.12
CA ASN F 91 -0.80 -23.36 15.03
C ASN F 91 0.56 -22.82 14.63
N THR F 92 0.56 -21.58 14.15
CA THR F 92 1.75 -20.94 13.59
C THR F 92 2.35 -20.00 14.63
N TYR F 93 3.67 -20.04 14.80
CA TYR F 93 4.40 -19.22 15.77
C TYR F 93 5.55 -18.53 15.06
N ILE F 94 5.93 -17.32 15.52
CA ILE F 94 7.13 -16.66 15.05
C ILE F 94 8.12 -16.61 16.21
N ARG F 95 9.33 -17.13 16.00
CA ARG F 95 10.38 -17.09 17.01
C ARG F 95 11.46 -16.12 16.54
N ILE F 96 11.85 -15.18 17.40
CA ILE F 96 12.96 -14.30 17.12
C ILE F 96 14.06 -14.65 18.11
N THR F 97 15.17 -15.18 17.59
CA THR F 97 16.23 -15.75 18.41
C THR F 97 17.42 -14.81 18.40
N ASN F 98 17.93 -14.49 19.59
CA ASN F 98 19.17 -13.71 19.74
C ASN F 98 20.35 -14.51 19.16
N THR F 99 21.27 -13.82 18.50
CA THR F 99 22.50 -14.39 17.95
C THR F 99 23.70 -13.47 18.21
N SER F 100 23.56 -12.48 19.11
CA SER F 100 24.46 -11.35 19.28
C SER F 100 25.74 -11.67 20.07
N GLY F 101 25.74 -12.74 20.86
CA GLY F 101 26.80 -13.01 21.83
C GLY F 101 26.62 -12.27 23.16
N GLY F 102 25.45 -11.64 23.36
CA GLY F 102 25.15 -10.81 24.52
C GLY F 102 23.68 -10.42 24.54
N ALA F 103 23.20 -9.85 25.65
CA ALA F 103 21.77 -9.63 25.87
C ALA F 103 21.20 -8.50 25.00
N ILE F 104 19.98 -8.69 24.46
CA ILE F 104 19.34 -7.72 23.57
C ILE F 104 17.87 -7.47 23.95
N ASP F 105 17.35 -6.34 23.46
CA ASP F 105 15.93 -6.01 23.58
C ASP F 105 15.27 -6.20 22.22
N ILE F 106 14.18 -6.99 22.16
CA ILE F 106 13.44 -7.25 20.94
C ILE F 106 12.02 -6.68 21.08
N ILE F 107 11.59 -5.85 20.13
CA ILE F 107 10.20 -5.40 20.07
C ILE F 107 9.62 -5.74 18.70
N ALA F 108 8.55 -6.53 18.66
CA ALA F 108 7.86 -6.84 17.41
C ALA F 108 6.47 -6.22 17.43
N THR F 109 6.14 -5.42 16.41
CA THR F 109 4.82 -4.78 16.34
C THR F 109 4.15 -5.08 15.00
N GLY F 110 2.83 -5.04 15.04
CA GLY F 110 2.03 -5.32 13.87
C GLY F 110 0.56 -5.18 14.23
N ARG F 111 -0.25 -6.01 13.57
CA ARG F 111 -1.69 -5.87 13.58
C ARG F 111 -2.33 -7.24 13.81
N GLU F 112 -3.46 -7.24 14.52
CA GLU F 112 -4.29 -8.43 14.60
C GLU F 112 -5.12 -8.59 13.33
N VAL F 113 -5.30 -9.84 12.92
CA VAL F 113 -6.01 -10.22 11.72
C VAL F 113 -7.12 -11.19 12.17
N SER F 114 -8.27 -11.19 11.48
CA SER F 114 -9.28 -12.19 11.75
C SER F 114 -8.77 -13.58 11.35
N GLN F 115 -9.18 -14.61 12.10
CA GLN F 115 -9.14 -15.95 11.57
C GLN F 115 -10.31 -16.18 10.60
N THR G 2 -19.14 12.17 12.52
CA THR G 2 -19.74 11.07 11.71
C THR G 2 -19.30 9.71 12.27
N ASP G 3 -19.93 8.62 11.78
CA ASP G 3 -19.81 7.28 12.33
C ASP G 3 -18.39 6.71 12.20
N THR G 4 -17.82 6.22 13.31
CA THR G 4 -16.46 5.67 13.31
C THR G 4 -16.52 4.15 13.47
N ILE G 5 -15.81 3.44 12.59
CA ILE G 5 -15.72 1.99 12.63
C ILE G 5 -14.25 1.57 12.67
N VAL G 6 -13.96 0.52 13.45
CA VAL G 6 -12.64 -0.09 13.48
C VAL G 6 -12.60 -1.23 12.47
N ASN G 7 -11.67 -1.15 11.51
CA ASN G 7 -11.55 -2.15 10.48
C ASN G 7 -10.48 -3.18 10.86
N VAL G 8 -10.88 -4.41 11.19
CA VAL G 8 -9.91 -5.49 11.34
C VAL G 8 -9.82 -6.26 10.02
N GLN G 9 -8.61 -6.73 9.70
CA GLN G 9 -8.36 -7.30 8.38
C GLN G 9 -8.86 -8.75 8.28
N GLY G 10 -9.29 -9.10 7.07
CA GLY G 10 -10.00 -10.33 6.73
C GLY G 10 -9.21 -11.61 6.97
N SER G 11 -9.90 -12.73 6.84
CA SER G 11 -9.48 -13.99 7.43
C SER G 11 -8.08 -14.40 6.99
N PHE G 12 -7.24 -14.69 7.98
CA PHE G 12 -5.96 -15.35 7.81
C PHE G 12 -6.14 -16.70 7.09
N PHE G 13 -5.22 -17.02 6.18
CA PHE G 13 -5.15 -18.32 5.54
C PHE G 13 -3.72 -18.86 5.62
N SER G 14 -3.57 -20.16 5.91
CA SER G 14 -2.27 -20.80 5.70
C SER G 14 -2.40 -22.25 5.27
N ALA G 15 -1.38 -22.68 4.50
CA ALA G 15 -1.15 -24.07 4.16
C ALA G 15 0.27 -24.42 4.59
N SER G 16 0.47 -25.63 5.09
CA SER G 16 1.82 -26.03 5.48
C SER G 16 2.03 -27.53 5.32
N ALA G 17 3.30 -27.90 5.13
CA ALA G 17 3.72 -29.28 5.12
C ALA G 17 5.13 -29.36 5.67
N SER G 18 5.35 -30.28 6.62
CA SER G 18 6.69 -30.65 7.05
C SER G 18 7.19 -31.84 6.23
N GLY G 19 8.51 -31.90 6.01
CA GLY G 19 9.14 -33.08 5.41
C GLY G 19 8.58 -33.44 4.03
N VAL G 20 8.34 -32.42 3.19
CA VAL G 20 7.95 -32.62 1.80
C VAL G 20 9.14 -33.27 1.09
N ALA G 21 8.93 -34.48 0.52
CA ALA G 21 9.99 -35.23 -0.14
C ALA G 21 10.50 -34.51 -1.40
N ASP G 22 11.64 -34.97 -1.94
CA ASP G 22 12.44 -34.27 -2.93
C ASP G 22 11.65 -33.64 -4.08
N THR G 23 10.79 -34.42 -4.78
CA THR G 23 10.04 -33.90 -5.93
C THR G 23 8.57 -33.59 -5.61
N GLU G 24 8.16 -33.74 -4.35
CA GLU G 24 6.78 -33.59 -3.93
C GLU G 24 6.42 -32.13 -3.68
N SER G 25 5.14 -31.89 -3.37
CA SER G 25 4.64 -30.52 -3.34
C SER G 25 3.61 -30.29 -2.23
N LEU G 26 3.53 -29.02 -1.80
CA LEU G 26 2.38 -28.50 -1.08
C LEU G 26 1.37 -28.01 -2.11
N LEU G 27 0.18 -28.62 -2.12
CA LEU G 27 -0.91 -28.10 -2.93
C LEU G 27 -1.79 -27.20 -2.07
N ILE G 28 -1.75 -25.91 -2.39
CA ILE G 28 -2.58 -24.92 -1.74
C ILE G 28 -3.90 -24.88 -2.50
N ASP G 29 -4.95 -25.34 -1.81
CA ASP G 29 -6.25 -25.44 -2.41
C ASP G 29 -7.17 -24.39 -1.79
N PRO G 30 -7.69 -23.40 -2.56
CA PRO G 30 -8.63 -22.43 -2.03
C PRO G 30 -9.99 -23.02 -1.65
N GLN G 31 -10.24 -24.30 -1.90
CA GLN G 31 -11.38 -25.02 -1.31
C GLN G 31 -11.30 -25.11 0.22
N ASP G 32 -10.10 -24.98 0.79
CA ASP G 32 -9.87 -25.01 2.23
C ASP G 32 -10.23 -23.68 2.90
N ALA G 33 -10.37 -22.60 2.11
CA ALA G 33 -10.79 -21.30 2.59
C ALA G 33 -12.31 -21.28 2.84
N LYS G 34 -12.76 -20.52 3.84
CA LYS G 34 -14.18 -20.32 4.11
C LYS G 34 -14.85 -19.56 2.96
N PHE G 35 -14.20 -18.50 2.46
CA PHE G 35 -14.70 -17.69 1.35
C PHE G 35 -14.42 -18.29 -0.02
N GLY G 36 -13.60 -19.35 -0.09
CA GLY G 36 -13.31 -20.08 -1.32
C GLY G 36 -12.34 -19.34 -2.26
N ALA G 37 -11.72 -18.25 -1.82
CA ALA G 37 -10.60 -17.66 -2.56
C ALA G 37 -9.52 -17.20 -1.59
N ILE G 38 -8.29 -17.17 -2.08
CA ILE G 38 -7.11 -16.88 -1.28
C ILE G 38 -6.17 -15.97 -2.06
N GLU G 39 -5.35 -15.26 -1.29
CA GLU G 39 -4.25 -14.47 -1.79
C GLU G 39 -3.07 -14.82 -0.91
N ILE G 40 -2.10 -15.56 -1.47
CA ILE G 40 -0.89 -15.93 -0.74
C ILE G 40 0.10 -14.77 -0.82
N HIS G 41 0.51 -14.34 0.37
CA HIS G 41 1.47 -13.25 0.55
C HIS G 41 2.87 -13.82 0.76
N ASN G 42 2.95 -14.86 1.58
CA ASN G 42 4.20 -15.38 2.07
C ASN G 42 4.37 -16.83 1.66
N ILE G 43 5.55 -17.15 1.12
CA ILE G 43 5.99 -18.52 0.97
C ILE G 43 7.33 -18.64 1.69
N ALA G 44 7.34 -19.35 2.82
CA ALA G 44 8.53 -19.66 3.57
C ALA G 44 8.90 -21.10 3.27
N NEP G 45 10.10 -21.38 2.74
CA NEP G 45 10.25 -22.59 1.94
C NEP G 45 11.28 -23.63 2.44
O NEP G 45 11.24 -24.75 1.93
CB NEP G 45 10.43 -22.23 0.45
CG NEP G 45 11.43 -21.18 0.10
ND1 NEP G 45 12.77 -21.46 -0.17
CD2 NEP G 45 11.24 -19.84 -0.10
CE1 NEP G 45 13.32 -20.32 -0.53
NE2 NEP G 45 12.45 -19.25 -0.50
P NEP G 45 12.77 -17.62 -1.04
O1P NEP G 45 13.79 -17.76 -2.17
O2P NEP G 45 11.43 -17.18 -1.51
O3P NEP G 45 13.31 -16.96 0.19
N GLY G 46 12.17 -23.30 3.38
CA GLY G 46 13.03 -24.32 4.01
C GLY G 46 14.14 -24.94 3.13
N GLY G 47 13.97 -24.87 1.81
CA GLY G 47 14.92 -25.24 0.78
C GLY G 47 14.36 -24.83 -0.58
N SER G 48 15.03 -25.18 -1.68
CA SER G 48 14.63 -24.73 -3.02
C SER G 48 13.24 -25.25 -3.42
N VAL G 49 12.44 -24.35 -4.03
CA VAL G 49 11.11 -24.70 -4.52
C VAL G 49 10.80 -24.02 -5.86
N ASP G 50 9.91 -24.65 -6.63
CA ASP G 50 9.21 -24.00 -7.73
C ASP G 50 7.78 -23.70 -7.30
N VAL G 51 7.32 -22.48 -7.58
CA VAL G 51 5.94 -22.07 -7.31
C VAL G 51 5.19 -22.09 -8.64
N GLU G 52 3.98 -22.66 -8.61
CA GLU G 52 3.27 -22.96 -9.84
C GLU G 52 1.79 -22.67 -9.68
N LEU G 53 1.19 -22.02 -10.67
CA LEU G 53 -0.23 -21.68 -10.64
C LEU G 53 -0.96 -22.54 -11.66
N LEU G 54 -2.01 -23.23 -11.22
CA LEU G 54 -2.67 -24.25 -12.03
C LEU G 54 -4.17 -24.00 -12.08
N THR G 55 -4.78 -24.31 -13.23
CA THR G 55 -6.23 -24.43 -13.35
C THR G 55 -6.54 -25.92 -13.47
N SER G 56 -7.60 -26.38 -12.80
CA SER G 56 -8.08 -27.75 -12.95
C SER G 56 -9.23 -27.82 -13.98
N SER G 57 -9.30 -28.95 -14.71
CA SER G 57 -10.49 -29.35 -15.47
C SER G 57 -11.67 -29.75 -14.57
N ASP G 58 -11.39 -30.19 -13.33
CA ASP G 58 -12.39 -30.72 -12.41
C ASP G 58 -12.73 -29.68 -11.32
N ASP G 59 -14.01 -29.61 -10.94
CA ASP G 59 -14.45 -28.57 -10.02
C ASP G 59 -14.01 -28.81 -8.58
N THR G 60 -13.51 -30.01 -8.24
CA THR G 60 -13.22 -30.40 -6.86
C THR G 60 -11.81 -30.98 -6.67
N GLU G 61 -11.22 -31.53 -7.74
CA GLU G 61 -9.92 -32.18 -7.69
C GLU G 61 -8.96 -31.52 -8.69
N LEU G 62 -7.64 -31.68 -8.51
CA LEU G 62 -6.69 -31.15 -9.48
C LEU G 62 -6.45 -32.14 -10.63
N VAL G 63 -6.94 -31.78 -11.82
CA VAL G 63 -6.58 -32.38 -13.09
C VAL G 63 -6.03 -31.24 -13.94
N GLU G 64 -4.72 -31.19 -14.21
CA GLU G 64 -4.11 -30.02 -14.83
C GLU G 64 -4.71 -29.64 -16.18
N ASP G 65 -5.12 -28.37 -16.26
CA ASP G 65 -5.44 -27.69 -17.50
C ASP G 65 -4.31 -26.71 -17.84
N ALA G 66 -4.43 -25.45 -17.42
CA ALA G 66 -3.37 -24.45 -17.47
C ALA G 66 -2.40 -24.65 -16.30
N ALA G 67 -1.09 -24.58 -16.57
CA ALA G 67 -0.09 -24.59 -15.51
C ALA G 67 1.06 -23.65 -15.87
N VAL G 68 1.38 -22.71 -14.98
CA VAL G 68 2.47 -21.75 -15.20
C VAL G 68 3.39 -21.78 -14.00
N THR G 69 4.70 -21.99 -14.23
CA THR G 69 5.68 -21.86 -13.17
C THR G 69 5.94 -20.37 -12.94
N LEU G 70 5.50 -19.88 -11.78
CA LEU G 70 5.53 -18.46 -11.46
C LEU G 70 6.97 -18.00 -11.22
N ASP G 71 7.69 -18.73 -10.35
CA ASP G 71 9.06 -18.40 -9.99
C ASP G 71 9.73 -19.61 -9.32
N SER G 72 11.07 -19.58 -9.31
CA SER G 72 11.90 -20.54 -8.62
C SER G 72 12.66 -19.87 -7.49
N PHE G 73 12.58 -20.46 -6.30
CA PHE G 73 13.23 -19.97 -5.10
C PHE G 73 14.35 -20.94 -4.72
N THR G 74 15.53 -20.41 -4.36
CA THR G 74 16.69 -21.24 -4.05
C THR G 74 17.10 -21.10 -2.59
N GLY G 75 17.55 -22.21 -1.99
CA GLY G 75 17.95 -22.23 -0.59
C GLY G 75 16.76 -22.01 0.35
N GLU G 76 17.05 -21.60 1.59
CA GLU G 76 16.02 -21.37 2.59
C GLU G 76 15.72 -19.86 2.68
N GLY G 77 14.43 -19.52 2.79
CA GLY G 77 14.04 -18.16 3.11
C GLY G 77 12.53 -17.95 2.97
N ILE G 78 12.14 -16.68 2.80
CA ILE G 78 10.76 -16.30 2.62
C ILE G 78 10.60 -15.30 1.48
N SER G 79 9.68 -15.62 0.55
CA SER G 79 9.14 -14.61 -0.35
C SER G 79 7.94 -13.98 0.33
N GLN G 80 8.04 -12.67 0.65
CA GLN G 80 7.09 -11.98 1.50
C GLN G 80 6.34 -10.90 0.70
N GLY G 81 5.04 -10.71 0.98
CA GLY G 81 4.28 -9.58 0.41
C GLY G 81 3.89 -9.73 -1.06
N ASN G 82 3.78 -10.97 -1.53
CA ASN G 82 3.20 -11.32 -2.82
C ASN G 82 1.68 -11.12 -2.84
N GLN G 83 1.05 -11.29 -4.00
CA GLN G 83 -0.38 -11.46 -4.12
C GLN G 83 -0.67 -12.55 -5.17
N ILE G 84 -0.31 -13.81 -4.88
CA ILE G 84 -0.70 -14.86 -5.82
C ILE G 84 -2.08 -15.34 -5.43
N GLU G 85 -3.02 -15.35 -6.39
CA GLU G 85 -4.43 -15.47 -6.05
C GLU G 85 -5.04 -16.72 -6.68
N ALA G 86 -5.95 -17.37 -5.93
CA ALA G 86 -6.59 -18.59 -6.40
C ALA G 86 -7.99 -18.70 -5.83
N SER G 87 -8.93 -19.30 -6.59
CA SER G 87 -10.26 -19.55 -6.08
C SER G 87 -10.71 -20.99 -6.36
N ASP G 88 -11.68 -21.40 -5.56
CA ASP G 88 -12.43 -22.62 -5.65
C ASP G 88 -13.18 -22.63 -6.97
N ASN G 89 -14.04 -21.65 -7.24
CA ASN G 89 -14.95 -21.76 -8.37
C ASN G 89 -14.24 -21.60 -9.70
N THR G 90 -13.14 -20.83 -9.77
CA THR G 90 -12.35 -20.74 -10.99
C THR G 90 -11.34 -21.89 -11.16
N ASN G 91 -11.43 -22.93 -10.31
CA ASN G 91 -10.61 -24.11 -10.33
C ASN G 91 -9.12 -23.79 -10.27
N THR G 92 -8.69 -22.70 -9.64
CA THR G 92 -7.29 -22.32 -9.57
C THR G 92 -6.64 -22.90 -8.30
N TYR G 93 -5.37 -23.34 -8.41
CA TYR G 93 -4.59 -23.97 -7.38
C TYR G 93 -3.18 -23.40 -7.39
N ILE G 94 -2.51 -23.35 -6.23
CA ILE G 94 -1.09 -23.02 -6.17
C ILE G 94 -0.33 -24.26 -5.70
N ARG G 95 0.68 -24.68 -6.46
CA ARG G 95 1.52 -25.80 -6.08
C ARG G 95 2.92 -25.28 -5.78
N ILE G 96 3.47 -25.66 -4.62
CA ILE G 96 4.84 -25.34 -4.28
C ILE G 96 5.60 -26.65 -4.24
N THR G 97 6.53 -26.83 -5.18
CA THR G 97 7.19 -28.11 -5.41
C THR G 97 8.63 -28.04 -4.90
N ASN G 98 9.02 -29.02 -4.10
CA ASN G 98 10.38 -29.15 -3.63
C ASN G 98 11.32 -29.44 -4.81
N THR G 99 12.51 -28.82 -4.79
CA THR G 99 13.56 -29.05 -5.78
C THR G 99 14.94 -29.15 -5.13
N SER G 100 14.97 -29.37 -3.80
CA SER G 100 16.16 -29.30 -2.94
C SER G 100 17.09 -30.52 -3.02
N GLY G 101 16.60 -31.67 -3.48
CA GLY G 101 17.37 -32.92 -3.35
C GLY G 101 17.23 -33.61 -1.99
N GLY G 102 16.27 -33.13 -1.17
CA GLY G 102 16.06 -33.61 0.19
C GLY G 102 14.83 -32.96 0.83
N ALA G 103 14.39 -33.45 1.98
CA ALA G 103 13.09 -33.07 2.55
C ALA G 103 13.09 -31.65 3.12
N ILE G 104 11.99 -30.90 2.90
CA ILE G 104 11.87 -29.50 3.33
C ILE G 104 10.54 -29.23 4.02
N ASP G 105 10.50 -28.14 4.79
CA ASP G 105 9.28 -27.64 5.40
C ASP G 105 8.81 -26.41 4.62
N ILE G 106 7.54 -26.42 4.16
CA ILE G 106 6.95 -25.30 3.45
C ILE G 106 5.80 -24.74 4.26
N ILE G 107 5.82 -23.43 4.55
CA ILE G 107 4.70 -22.72 5.14
C ILE G 107 4.29 -21.58 4.19
N ALA G 108 3.03 -21.58 3.78
CA ALA G 108 2.49 -20.52 2.95
C ALA G 108 1.39 -19.79 3.73
N THR G 109 1.48 -18.46 3.82
CA THR G 109 0.45 -17.68 4.49
C THR G 109 -0.08 -16.56 3.60
N GLY G 110 -1.31 -16.17 3.90
CA GLY G 110 -1.96 -15.10 3.18
C GLY G 110 -3.33 -14.82 3.78
N ARG G 111 -4.25 -14.43 2.90
CA ARG G 111 -5.56 -13.95 3.32
C ARG G 111 -6.64 -14.60 2.47
N GLU G 112 -7.79 -14.85 3.07
CA GLU G 112 -8.98 -15.21 2.31
C GLU G 112 -9.59 -13.97 1.65
N VAL G 113 -10.11 -14.19 0.45
CA VAL G 113 -10.73 -13.17 -0.39
C VAL G 113 -12.14 -13.68 -0.70
N SER G 114 -13.09 -12.77 -0.92
CA SER G 114 -14.40 -13.17 -1.40
C SER G 114 -14.29 -13.72 -2.83
N GLN G 115 -15.12 -14.69 -3.17
CA GLN G 115 -15.41 -14.94 -4.57
C GLN G 115 -16.42 -13.90 -5.10
N THR H 2 9.55 14.08 -8.27
CA THR H 2 9.38 12.60 -8.30
C THR H 2 8.96 12.16 -9.70
N GLY H 3 8.02 12.89 -10.32
CA GLY H 3 7.44 12.53 -11.60
C GLY H 3 6.36 11.45 -11.48
N LEU H 4 5.85 11.00 -12.63
CA LEU H 4 4.87 9.90 -12.66
C LEU H 4 5.58 8.57 -12.84
N ASN H 5 4.84 7.47 -12.62
CA ASN H 5 5.41 6.13 -12.63
C ASN H 5 6.01 5.78 -13.98
N PRO H 6 7.14 5.04 -14.04
CA PRO H 6 7.70 4.57 -15.31
C PRO H 6 6.73 3.73 -16.12
N ASP H 7 6.96 3.79 -17.44
CA ASP H 7 6.33 2.93 -18.43
C ASP H 7 6.50 1.46 -18.03
N GLY H 8 5.40 0.72 -18.00
CA GLY H 8 5.49 -0.72 -17.99
C GLY H 8 4.38 -1.39 -17.18
N LEU H 9 4.21 -2.67 -17.45
CA LEU H 9 3.42 -3.51 -16.56
C LEU H 9 4.31 -4.12 -15.47
N GLY H 10 3.69 -4.93 -14.61
CA GLY H 10 4.28 -5.29 -13.33
C GLY H 10 4.23 -4.10 -12.36
N ARG H 11 4.81 -4.29 -11.18
CA ARG H 11 4.95 -3.22 -10.20
C ARG H 11 5.93 -2.18 -10.73
N THR H 12 5.46 -0.95 -10.95
CA THR H 12 6.33 0.17 -11.33
C THR H 12 6.16 1.26 -10.29
N ALA H 13 7.23 2.03 -10.05
CA ALA H 13 7.19 3.07 -9.04
C ALA H 13 8.12 4.23 -9.41
N ALA H 14 7.63 5.46 -9.20
CA ALA H 14 8.47 6.64 -9.18
C ALA H 14 8.77 7.02 -7.72
N PHE H 15 10.06 6.97 -7.38
CA PHE H 15 10.53 7.32 -6.06
C PHE H 15 11.31 8.63 -6.10
N SER H 16 11.41 9.26 -4.94
CA SER H 16 12.46 10.22 -4.71
C SER H 16 13.68 9.48 -4.20
N ASN H 17 13.73 9.22 -2.89
CA ASN H 17 14.90 8.58 -2.29
C ASN H 17 14.57 7.18 -1.83
N THR H 18 15.38 6.20 -2.25
CA THR H 18 15.24 4.82 -1.78
C THR H 18 16.51 4.33 -1.10
N SER H 19 16.31 3.45 -0.13
CA SER H 19 17.38 2.72 0.55
C SER H 19 17.08 1.24 0.39
N ALA H 20 18.13 0.43 0.13
CA ALA H 20 17.98 -1.00 0.07
C ALA H 20 19.23 -1.69 0.62
N GLU H 21 19.05 -2.91 1.11
CA GLU H 21 20.20 -3.77 1.42
C GLU H 21 20.73 -4.35 0.11
N SER H 22 19.83 -4.99 -0.66
CA SER H 22 20.22 -5.61 -1.93
C SER H 22 19.32 -5.16 -3.07
N VAL H 23 19.95 -4.76 -4.19
CA VAL H 23 19.24 -4.43 -5.41
C VAL H 23 19.70 -5.39 -6.51
N SER H 24 18.75 -6.12 -7.11
CA SER H 24 18.99 -6.84 -8.34
C SER H 24 18.31 -6.08 -9.48
N ALA H 25 19.08 -5.70 -10.50
CA ALA H 25 18.52 -5.01 -11.66
C ALA H 25 19.06 -5.64 -12.94
N VAL H 26 18.23 -5.71 -13.98
CA VAL H 26 18.76 -6.09 -15.28
C VAL H 26 19.44 -4.86 -15.88
N ASP H 27 18.66 -3.81 -16.16
CA ASP H 27 19.22 -2.54 -16.60
C ASP H 27 19.29 -1.55 -15.44
N ALA H 28 20.45 -0.91 -15.23
CA ALA H 28 20.49 0.27 -14.38
C ALA H 28 21.04 1.48 -15.14
N THR H 29 20.19 2.50 -15.31
CA THR H 29 20.57 3.79 -15.85
C THR H 29 20.81 4.75 -14.68
N ILE H 30 22.09 5.00 -14.39
CA ILE H 30 22.47 5.86 -13.29
C ILE H 30 23.18 7.08 -13.84
N ASP H 31 22.64 8.27 -13.55
CA ASP H 31 23.16 9.53 -14.06
C ASP H 31 24.45 9.96 -13.35
N ARG H 32 24.61 9.57 -12.08
CA ARG H 32 25.83 9.83 -11.32
C ARG H 32 26.06 8.72 -10.30
N LEU H 33 27.18 8.02 -10.46
CA LEU H 33 27.46 6.79 -9.73
C LEU H 33 28.48 7.01 -8.62
N TYR H 34 28.09 6.63 -7.40
CA TYR H 34 28.94 6.67 -6.22
C TYR H 34 29.19 5.21 -5.80
N ALA H 35 30.10 4.54 -6.52
CA ALA H 35 30.31 3.11 -6.32
C ALA H 35 31.79 2.76 -6.55
N GLN H 36 32.68 3.32 -5.72
CA GLN H 36 34.11 3.06 -5.84
C GLN H 36 34.46 1.61 -5.49
N ASP H 37 33.62 0.95 -4.68
CA ASP H 37 33.87 -0.40 -4.19
C ASP H 37 33.24 -1.46 -5.10
N ARG H 38 33.92 -1.75 -6.22
CA ARG H 38 33.56 -2.85 -7.10
C ARG H 38 33.86 -4.18 -6.42
N ILE H 39 32.91 -5.12 -6.53
CA ILE H 39 33.19 -6.52 -6.20
C ILE H 39 33.49 -7.26 -7.48
N GLU H 40 32.54 -7.25 -8.43
CA GLU H 40 32.77 -7.84 -9.72
C GLU H 40 33.56 -6.86 -10.58
N ILE H 41 34.73 -7.28 -11.07
CA ILE H 41 35.53 -6.44 -11.94
C ILE H 41 35.15 -6.68 -13.40
N PRO H 42 35.16 -5.63 -14.24
CA PRO H 42 34.81 -5.80 -15.65
C PRO H 42 35.84 -6.60 -16.45
N THR H 43 37.13 -6.53 -16.07
CA THR H 43 38.25 -7.15 -16.80
C THR H 43 38.34 -8.67 -16.61
N ASP H 44 38.43 -9.42 -17.74
CA ASP H 44 38.72 -10.85 -17.71
C ASP H 44 40.16 -11.10 -18.19
N SER H 45 41.09 -11.25 -17.25
CA SER H 45 42.51 -11.31 -17.56
C SER H 45 42.97 -12.66 -18.11
N ARG H 46 42.13 -13.72 -18.01
CA ARG H 46 42.53 -15.11 -18.23
C ARG H 46 43.26 -15.35 -19.54
N GLN H 47 42.79 -14.73 -20.64
CA GLN H 47 43.34 -14.96 -21.97
C GLN H 47 43.96 -13.71 -22.61
N LEU H 48 44.09 -12.59 -21.90
CA LEU H 48 44.66 -11.37 -22.48
C LEU H 48 46.14 -11.56 -22.80
N PHE H 49 46.89 -12.12 -21.85
CA PHE H 49 48.33 -12.19 -21.96
C PHE H 49 48.81 -13.47 -22.66
N SER H 50 47.92 -14.45 -22.83
CA SER H 50 48.21 -15.78 -23.36
C SER H 50 48.89 -15.77 -24.73
N THR H 51 48.60 -14.73 -25.54
CA THR H 51 49.14 -14.63 -26.89
C THR H 51 49.97 -13.36 -27.07
N ARG H 52 50.76 -13.02 -26.05
CA ARG H 52 51.82 -12.03 -26.18
C ARG H 52 53.06 -12.66 -26.83
N GLY H 53 54.00 -11.81 -27.24
CA GLY H 53 55.27 -12.25 -27.83
C GLY H 53 55.08 -13.03 -29.14
N THR H 54 56.05 -13.89 -29.46
CA THR H 54 56.05 -14.65 -30.70
C THR H 54 56.18 -16.15 -30.40
N VAL H 55 55.51 -16.99 -31.19
CA VAL H 55 55.64 -18.44 -31.03
C VAL H 55 56.98 -18.90 -31.59
N LEU H 56 57.81 -19.47 -30.71
CA LEU H 56 59.10 -20.02 -31.11
C LEU H 56 58.90 -21.44 -31.64
N ARG H 57 58.48 -22.37 -30.77
CA ARG H 57 58.19 -23.75 -31.14
C ARG H 57 56.69 -24.00 -30.98
N ASN H 58 56.06 -24.33 -32.10
CA ASN H 58 54.62 -24.50 -32.13
C ASN H 58 54.17 -25.93 -31.86
N PHE H 59 55.08 -26.92 -31.97
CA PHE H 59 54.79 -28.36 -31.92
C PHE H 59 53.75 -28.84 -32.94
N GLU H 60 53.51 -28.05 -34.01
CA GLU H 60 52.54 -28.42 -35.04
C GLU H 60 53.10 -29.40 -36.08
N ASP H 61 54.42 -29.63 -36.06
CA ASP H 61 55.12 -30.68 -36.82
C ASP H 61 56.32 -31.15 -36.00
N LEU H 62 56.32 -32.44 -35.59
CA LEU H 62 57.34 -32.98 -34.72
C LEU H 62 58.54 -33.57 -35.45
N SER H 63 58.66 -33.35 -36.78
CA SER H 63 59.82 -33.76 -37.56
C SER H 63 61.13 -33.17 -37.02
N GLY H 64 61.06 -31.96 -36.45
CA GLY H 64 62.21 -31.24 -35.89
C GLY H 64 62.61 -31.67 -34.47
N TRP H 65 61.80 -32.50 -33.81
CA TRP H 65 62.01 -32.90 -32.41
C TRP H 65 62.54 -34.33 -32.32
N THR H 66 63.55 -34.54 -31.45
CA THR H 66 64.12 -35.86 -31.18
C THR H 66 64.12 -36.13 -29.67
N ALA H 67 63.68 -37.32 -29.24
CA ALA H 67 63.74 -37.71 -27.85
C ALA H 67 65.15 -38.17 -27.45
N ASN H 68 65.81 -37.38 -26.59
CA ASN H 68 67.05 -37.79 -25.93
C ASN H 68 66.77 -38.91 -24.94
N ILE H 69 65.73 -38.76 -24.11
CA ILE H 69 65.15 -39.79 -23.25
C ILE H 69 63.63 -39.58 -23.14
N GLY H 70 62.89 -40.64 -22.82
CA GLY H 70 61.43 -40.62 -22.85
C GLY H 70 60.85 -40.77 -24.25
N SER H 71 59.54 -40.50 -24.40
CA SER H 71 58.83 -40.68 -25.66
C SER H 71 57.88 -39.52 -25.95
N LEU H 72 57.60 -39.30 -27.24
CA LEU H 72 56.94 -38.11 -27.74
C LEU H 72 55.93 -38.50 -28.83
N SER H 73 54.73 -37.88 -28.83
CA SER H 73 53.79 -38.03 -29.93
C SER H 73 52.97 -36.76 -30.19
N ALA H 74 52.42 -36.65 -31.39
CA ALA H 74 51.51 -35.58 -31.74
C ALA H 74 50.13 -35.91 -31.18
N GLU H 75 49.68 -35.10 -30.21
CA GLU H 75 48.34 -35.18 -29.66
C GLU H 75 47.42 -34.29 -30.46
N THR H 76 46.51 -34.92 -31.22
CA THR H 76 45.53 -34.27 -32.08
C THR H 76 44.12 -34.25 -31.48
N SER H 77 43.88 -35.03 -30.42
CA SER H 77 42.60 -35.04 -29.72
C SER H 77 42.47 -33.89 -28.72
N ASP H 78 43.60 -33.36 -28.27
CA ASP H 78 43.71 -32.48 -27.11
C ASP H 78 44.76 -31.41 -27.39
N VAL H 79 44.29 -30.19 -27.66
CA VAL H 79 45.15 -29.21 -28.30
C VAL H 79 44.97 -27.85 -27.63
N TYR H 80 46.08 -27.28 -27.17
CA TYR H 80 46.07 -25.93 -26.64
C TYR H 80 45.89 -24.91 -27.76
N VAL H 81 46.75 -25.03 -28.79
CA VAL H 81 46.88 -24.08 -29.88
C VAL H 81 47.12 -24.86 -31.17
N GLY H 82 46.49 -24.42 -32.27
CA GLY H 82 46.79 -24.96 -33.60
C GLY H 82 46.10 -26.30 -33.89
N SER H 83 46.81 -27.18 -34.59
CA SER H 83 46.33 -28.47 -35.06
C SER H 83 46.64 -29.59 -34.07
N GLN H 84 47.69 -29.41 -33.26
CA GLN H 84 48.17 -30.44 -32.34
C GLN H 84 49.00 -29.86 -31.19
N SER H 85 49.20 -30.71 -30.17
CA SER H 85 50.11 -30.47 -29.07
C SER H 85 51.09 -31.64 -28.99
N ALA H 86 52.21 -31.48 -28.27
CA ALA H 86 53.14 -32.58 -28.03
C ALA H 86 52.79 -33.31 -26.73
N ARG H 87 52.51 -34.62 -26.84
CA ARG H 87 52.37 -35.45 -25.66
C ARG H 87 53.72 -36.03 -25.29
N LEU H 88 54.16 -35.75 -24.05
CA LEU H 88 55.41 -36.26 -23.50
C LEU H 88 55.05 -37.39 -22.55
N THR H 89 55.61 -38.57 -22.79
CA THR H 89 55.34 -39.72 -21.94
C THR H 89 56.64 -40.44 -21.61
N ALA H 90 56.85 -40.79 -20.33
CA ALA H 90 58.02 -41.55 -19.92
C ALA H 90 57.70 -42.46 -18.73
N SER H 91 58.43 -43.58 -18.62
CA SER H 91 58.22 -44.57 -17.57
C SER H 91 59.55 -44.86 -16.86
N SER H 92 59.53 -44.85 -15.51
CA SER H 92 60.68 -45.09 -14.65
C SER H 92 61.92 -44.27 -15.05
N SER H 93 61.69 -43.04 -15.57
CA SER H 93 62.73 -42.21 -16.20
C SER H 93 62.28 -40.75 -16.29
N ALA H 94 63.23 -39.86 -16.60
CA ALA H 94 62.92 -38.51 -17.04
C ALA H 94 62.58 -38.48 -18.52
N VAL H 95 61.99 -37.37 -18.99
CA VAL H 95 61.88 -37.08 -20.42
C VAL H 95 62.77 -35.88 -20.74
N ASP H 96 63.37 -35.90 -21.93
CA ASP H 96 64.22 -34.84 -22.45
C ASP H 96 64.12 -34.89 -23.97
N ILE H 97 63.59 -33.82 -24.57
CA ILE H 97 63.35 -33.77 -26.01
C ILE H 97 64.03 -32.53 -26.56
N ARG H 98 64.58 -32.63 -27.79
CA ARG H 98 65.50 -31.64 -28.32
C ARG H 98 65.11 -31.23 -29.75
N TYR H 99 65.23 -29.94 -30.01
CA TYR H 99 65.04 -29.34 -31.33
C TYR H 99 66.30 -28.57 -31.70
N SER H 100 66.93 -28.93 -32.81
CA SER H 100 68.12 -28.20 -33.28
C SER H 100 67.67 -27.00 -34.12
N PHE H 101 68.14 -25.80 -33.76
CA PHE H 101 67.87 -24.61 -34.54
C PHE H 101 68.65 -24.60 -35.86
N GLY H 102 67.99 -24.16 -36.93
CA GLY H 102 68.57 -24.10 -38.28
C GLY H 102 69.74 -23.12 -38.41
N THR H 103 69.89 -22.23 -37.42
CA THR H 103 70.96 -21.25 -37.32
C THR H 103 71.13 -20.84 -35.86
N ALA H 104 72.27 -20.21 -35.52
CA ALA H 104 72.49 -19.65 -34.20
C ALA H 104 71.39 -18.65 -33.83
N GLN H 105 70.59 -18.96 -32.81
CA GLN H 105 69.65 -18.01 -32.23
C GLN H 105 70.37 -17.07 -31.27
N ASP H 106 69.93 -15.80 -31.25
CA ASP H 106 70.31 -14.87 -30.19
C ASP H 106 69.09 -14.63 -29.31
N PHE H 107 69.20 -15.00 -28.02
CA PHE H 107 68.12 -14.84 -27.05
C PHE H 107 68.48 -13.83 -25.96
N THR H 108 69.43 -12.93 -26.20
CA THR H 108 69.74 -11.86 -25.26
C THR H 108 68.50 -11.03 -24.96
N GLY H 109 68.17 -10.91 -23.67
CA GLY H 109 66.98 -10.18 -23.21
C GLY H 109 65.65 -10.85 -23.53
N LYS H 110 65.62 -12.08 -24.05
CA LYS H 110 64.37 -12.84 -24.21
C LYS H 110 64.06 -13.65 -22.95
N GLY H 111 62.76 -13.88 -22.71
CA GLY H 111 62.26 -14.79 -21.69
C GLY H 111 61.24 -15.76 -22.30
N PHE H 112 61.00 -16.89 -21.61
CA PHE H 112 60.35 -18.05 -22.22
C PHE H 112 59.08 -18.44 -21.49
N SER H 113 58.11 -18.96 -22.25
CA SER H 113 56.79 -19.30 -21.74
C SER H 113 56.24 -20.51 -22.51
N MET H 114 55.45 -21.37 -21.88
CA MET H 114 54.97 -22.58 -22.56
C MET H 114 53.59 -23.01 -22.03
N ALA H 115 52.76 -23.60 -22.91
CA ALA H 115 51.49 -24.20 -22.49
C ALA H 115 51.71 -25.63 -22.00
N LEU H 116 51.02 -25.99 -20.92
CA LEU H 116 51.24 -27.25 -20.21
C LEU H 116 49.88 -27.80 -19.74
N LYS H 117 49.69 -29.13 -19.84
CA LYS H 117 48.64 -29.83 -19.10
C LYS H 117 49.17 -31.14 -18.52
N ARG H 118 48.90 -31.42 -17.24
CA ARG H 118 49.26 -32.67 -16.59
C ARG H 118 48.17 -33.69 -16.86
N ILE H 119 48.50 -34.84 -17.47
CA ILE H 119 47.60 -35.98 -17.48
C ILE H 119 47.88 -36.87 -16.27
N ASP H 120 49.16 -37.24 -16.09
CA ASP H 120 49.59 -38.07 -14.96
C ASP H 120 51.08 -37.85 -14.69
N VAL H 121 51.46 -37.71 -13.41
CA VAL H 121 52.86 -37.83 -12.98
C VAL H 121 52.85 -38.57 -11.65
N SER H 122 53.67 -39.62 -11.48
CA SER H 122 53.69 -40.37 -10.23
C SER H 122 55.06 -41.00 -9.93
N GLY H 123 55.30 -41.27 -8.65
CA GLY H 123 56.50 -41.93 -8.16
C GLY H 123 56.96 -41.28 -6.86
N SER H 124 58.21 -40.80 -6.85
CA SER H 124 58.76 -40.01 -5.75
C SER H 124 57.94 -38.73 -5.48
N SER H 125 57.19 -38.27 -6.52
CA SER H 125 56.27 -37.16 -6.40
C SER H 125 55.15 -37.25 -7.45
N ASP H 126 54.04 -36.56 -7.18
CA ASP H 126 52.91 -36.33 -8.06
C ASP H 126 53.17 -35.23 -9.11
N SER H 127 54.36 -34.60 -9.04
CA SER H 127 54.65 -33.32 -9.68
C SER H 127 56.11 -33.32 -10.14
N THR H 128 56.44 -32.42 -11.06
CA THR H 128 57.80 -32.31 -11.57
C THR H 128 58.12 -30.86 -11.91
N PRO H 129 59.37 -30.39 -11.69
CA PRO H 129 59.87 -29.27 -12.47
C PRO H 129 59.90 -29.67 -13.93
N ILE H 130 59.42 -28.76 -14.77
CA ILE H 130 59.68 -28.79 -16.19
C ILE H 130 60.66 -27.67 -16.52
N LYS H 131 61.68 -28.01 -17.31
CA LYS H 131 62.79 -27.13 -17.61
C LYS H 131 62.83 -26.88 -19.12
N ILE H 132 62.80 -25.59 -19.51
CA ILE H 132 63.29 -25.19 -20.83
C ILE H 132 64.81 -25.01 -20.71
N ARG H 133 65.56 -25.73 -21.52
CA ARG H 133 66.99 -25.97 -21.36
C ARG H 133 67.65 -25.62 -22.70
N LEU H 134 68.23 -24.43 -22.79
CA LEU H 134 68.90 -23.97 -23.99
C LEU H 134 70.32 -24.55 -24.03
N VAL H 135 70.82 -24.82 -25.25
CA VAL H 135 72.17 -25.32 -25.48
C VAL H 135 72.91 -24.40 -26.47
N ASP H 136 74.11 -23.93 -26.08
CA ASP H 136 74.90 -23.03 -26.92
C ASP H 136 75.80 -23.77 -27.91
N GLY H 137 76.52 -23.00 -28.75
CA GLY H 137 77.53 -23.53 -29.67
C GLY H 137 78.74 -24.22 -29.02
N ASN H 138 78.82 -24.27 -27.68
CA ASN H 138 79.90 -24.87 -26.91
C ASN H 138 79.41 -26.05 -26.06
N THR H 139 78.12 -26.43 -26.18
CA THR H 139 77.46 -27.42 -25.33
C THR H 139 77.44 -27.03 -23.84
N ASN H 140 77.40 -25.73 -23.55
CA ASN H 140 76.92 -25.23 -22.28
C ASN H 140 75.38 -25.25 -22.29
N TYR H 141 74.77 -25.55 -21.14
CA TYR H 141 73.34 -25.30 -20.94
C TYR H 141 73.07 -23.93 -20.29
N ARG H 142 71.89 -23.37 -20.57
CA ARG H 142 71.19 -22.45 -19.68
C ARG H 142 69.78 -22.98 -19.44
N THR H 143 69.26 -22.89 -18.21
CA THR H 143 68.01 -23.51 -17.83
C THR H 143 67.05 -22.48 -17.26
N PHE H 144 65.79 -22.52 -17.71
CA PHE H 144 64.66 -21.87 -17.08
C PHE H 144 63.65 -22.95 -16.70
N SER H 145 62.87 -22.76 -15.63
CA SER H 145 61.96 -23.82 -15.20
C SER H 145 60.67 -23.29 -14.55
N ALA H 146 59.71 -24.22 -14.42
CA ALA H 146 58.39 -24.01 -13.84
C ALA H 146 57.88 -25.35 -13.31
N ARG H 147 56.79 -25.38 -12.53
CA ARG H 147 56.34 -26.63 -11.93
C ARG H 147 55.02 -27.12 -12.54
N CYS H 148 55.05 -28.38 -12.98
CA CYS H 148 53.85 -29.13 -13.25
C CYS H 148 53.34 -29.76 -11.95
N ARG H 149 52.10 -29.45 -11.54
CA ARG H 149 51.52 -29.94 -10.29
C ARG H 149 50.08 -30.42 -10.52
N PRO H 150 49.50 -31.25 -9.63
CA PRO H 150 48.05 -31.47 -9.59
C PRO H 150 47.31 -30.16 -9.29
N GLY H 151 46.02 -30.11 -9.66
CA GLY H 151 45.21 -28.91 -9.46
C GLY H 151 45.55 -27.85 -10.50
N GLY H 152 46.63 -27.10 -10.24
CA GLY H 152 47.05 -26.02 -11.12
C GLY H 152 47.40 -26.45 -12.54
N GLY H 153 47.78 -27.74 -12.70
CA GLY H 153 48.11 -28.30 -14.00
C GLY H 153 47.02 -29.19 -14.61
N ASP H 154 45.85 -29.30 -13.97
CA ASP H 154 44.81 -30.25 -14.38
C ASP H 154 44.13 -29.86 -15.70
N GLU H 155 44.25 -28.58 -16.10
CA GLU H 155 43.76 -28.07 -17.38
C GLU H 155 44.86 -27.19 -17.99
N TRP H 156 44.76 -26.94 -19.30
CA TRP H 156 45.81 -26.22 -20.01
C TRP H 156 46.05 -24.83 -19.41
N GLY H 157 47.29 -24.54 -19.06
CA GLY H 157 47.65 -23.23 -18.56
C GLY H 157 49.10 -22.90 -18.84
N ARG H 158 49.37 -21.66 -19.27
CA ARG H 158 50.73 -21.24 -19.57
C ARG H 158 51.54 -21.00 -18.30
N ARG H 159 52.79 -21.45 -18.33
CA ARG H 159 53.78 -21.10 -17.32
C ARG H 159 54.79 -20.15 -17.95
N ASP H 160 55.24 -19.16 -17.18
CA ASP H 160 56.26 -18.22 -17.59
C ASP H 160 57.52 -18.54 -16.80
N PHE H 161 58.61 -18.88 -17.50
CA PHE H 161 59.67 -19.68 -16.92
C PHE H 161 60.72 -18.81 -16.24
N GLY H 162 60.95 -19.09 -14.95
CA GLY H 162 62.02 -18.41 -14.24
C GLY H 162 63.38 -18.99 -14.58
N PHE H 163 64.40 -18.15 -14.64
CA PHE H 163 65.77 -18.65 -14.72
C PHE H 163 66.05 -19.64 -13.57
N GLU H 164 66.87 -20.67 -13.85
CA GLU H 164 67.20 -21.69 -12.87
C GLU H 164 68.71 -21.92 -12.74
N SER H 165 69.42 -22.07 -13.86
CA SER H 165 70.84 -22.40 -13.82
C SER H 165 71.54 -22.07 -15.14
N GLU H 166 72.88 -21.96 -15.11
CA GLU H 166 73.67 -21.72 -16.30
C GLU H 166 75.04 -22.37 -16.16
N ASP H 167 75.48 -23.12 -17.19
CA ASP H 167 76.85 -23.57 -17.31
C ASP H 167 77.74 -22.37 -17.63
N THR H 168 78.76 -22.12 -16.81
CA THR H 168 79.53 -20.89 -16.86
C THR H 168 80.11 -20.67 -18.27
N GLY H 169 79.88 -19.48 -18.83
CA GLY H 169 80.34 -19.14 -20.18
C GLY H 169 79.36 -19.51 -21.31
N PHE H 170 78.13 -19.93 -20.98
CA PHE H 170 77.06 -20.12 -21.94
C PHE H 170 76.87 -18.89 -22.83
N ASP H 171 76.94 -19.09 -24.16
CA ASP H 171 76.77 -18.00 -25.12
C ASP H 171 75.32 -17.86 -25.57
N VAL H 172 74.59 -17.00 -24.86
CA VAL H 172 73.20 -16.65 -25.14
C VAL H 172 73.02 -16.01 -26.54
N THR H 173 74.10 -15.52 -27.17
CA THR H 173 74.02 -14.98 -28.53
C THR H 173 74.11 -16.06 -29.60
N ASN H 174 74.46 -17.30 -29.21
CA ASN H 174 74.77 -18.40 -30.10
C ASN H 174 74.14 -19.69 -29.57
N VAL H 175 72.80 -19.72 -29.57
CA VAL H 175 72.06 -20.87 -29.09
C VAL H 175 71.71 -21.78 -30.28
N GLN H 176 72.02 -23.06 -30.12
CA GLN H 176 72.03 -24.04 -31.20
C GLN H 176 70.93 -25.10 -31.05
N THR H 177 70.47 -25.37 -29.83
CA THR H 177 69.44 -26.38 -29.59
C THR H 177 68.58 -25.95 -28.42
N MET H 178 67.27 -26.20 -28.52
CA MET H 178 66.36 -26.03 -27.41
C MET H 178 65.99 -27.43 -26.91
N THR H 179 65.99 -27.59 -25.59
CA THR H 179 65.62 -28.84 -24.95
C THR H 179 64.51 -28.61 -23.93
N VAL H 180 63.54 -29.53 -23.87
CA VAL H 180 62.52 -29.53 -22.83
C VAL H 180 62.72 -30.77 -21.97
N THR H 181 62.78 -30.65 -20.64
CA THR H 181 63.10 -31.80 -19.80
C THR H 181 62.47 -31.74 -18.40
N THR H 182 62.36 -32.90 -17.74
CA THR H 182 61.75 -33.07 -16.42
C THR H 182 62.70 -33.76 -15.45
N ASN H 183 62.34 -33.84 -14.17
CA ASN H 183 62.92 -34.84 -13.27
C ASN H 183 62.48 -36.25 -13.70
N SER H 184 63.13 -37.29 -13.14
CA SER H 184 62.75 -38.68 -13.34
C SER H 184 61.58 -39.09 -12.44
N ARG H 185 60.60 -39.84 -12.96
CA ARG H 185 59.45 -40.35 -12.22
C ARG H 185 58.99 -41.71 -12.76
N SER H 186 58.27 -42.49 -11.94
CA SER H 186 57.75 -43.80 -12.34
C SER H 186 56.80 -43.70 -13.54
N SER H 187 56.01 -42.62 -13.58
CA SER H 187 55.13 -42.27 -14.70
C SER H 187 55.25 -40.77 -14.95
N ILE H 188 55.31 -40.40 -16.23
CA ILE H 188 55.12 -39.04 -16.72
C ILE H 188 54.22 -39.13 -17.94
N ASP H 189 53.18 -38.28 -17.95
CA ASP H 189 52.28 -38.07 -19.09
C ASP H 189 51.78 -36.63 -19.04
N ILE H 190 52.43 -35.76 -19.81
CA ILE H 190 52.13 -34.32 -19.80
C ILE H 190 52.08 -33.82 -21.24
N LEU H 191 51.13 -32.91 -21.50
CA LEU H 191 50.99 -32.32 -22.82
C LEU H 191 51.63 -30.94 -22.77
N VAL H 192 52.36 -30.59 -23.83
CA VAL H 192 52.91 -29.25 -24.00
C VAL H 192 52.56 -28.73 -25.39
N ASP H 193 52.53 -27.40 -25.50
CA ASP H 193 52.24 -26.72 -26.75
C ASP H 193 52.84 -25.32 -26.68
N ASP H 194 53.03 -24.69 -27.85
CA ASP H 194 53.15 -23.24 -27.94
C ASP H 194 54.21 -22.61 -27.01
N ILE H 195 55.50 -22.90 -27.25
CA ILE H 195 56.57 -22.12 -26.60
C ILE H 195 56.60 -20.71 -27.19
N ARG H 196 56.60 -19.70 -26.31
CA ARG H 196 56.57 -18.29 -26.69
C ARG H 196 57.78 -17.55 -26.11
N VAL H 197 58.26 -16.60 -26.91
CA VAL H 197 59.37 -15.74 -26.57
C VAL H 197 58.83 -14.33 -26.34
N VAL H 198 59.20 -13.73 -25.21
CA VAL H 198 58.77 -12.40 -24.82
C VAL H 198 60.00 -11.53 -24.52
N ASP H 199 59.92 -10.23 -24.85
CA ASP H 199 60.98 -9.28 -24.52
C ASP H 199 61.01 -9.01 -23.01
N SER H 200 62.16 -9.31 -22.38
CA SER H 200 62.42 -9.11 -20.97
C SER H 200 63.75 -8.36 -20.79
N SER H 201 64.12 -7.52 -21.77
CA SER H 201 65.37 -6.76 -21.79
C SER H 201 65.42 -5.60 -20.79
N GLY H 202 64.28 -5.24 -20.20
CA GLY H 202 64.24 -4.20 -19.16
C GLY H 202 64.92 -4.62 -17.85
N THR H 203 64.94 -3.71 -16.87
CA THR H 203 65.53 -3.96 -15.56
C THR H 203 64.89 -5.14 -14.84
N GLY H 204 65.65 -5.84 -13.98
CA GLY H 204 65.10 -6.87 -13.09
C GLY H 204 64.19 -6.26 -12.02
N GLN H 205 63.24 -7.03 -11.49
CA GLN H 205 62.23 -6.50 -10.58
C GLN H 205 61.97 -7.43 -9.40
N VAL H 206 61.68 -6.88 -8.21
CA VAL H 206 61.37 -7.70 -7.03
C VAL H 206 60.01 -7.31 -6.43
N ILE H 207 59.19 -8.31 -6.11
CA ILE H 207 57.91 -8.17 -5.45
C ILE H 207 57.97 -8.95 -4.13
N VAL H 208 57.63 -8.30 -3.00
CA VAL H 208 57.64 -8.95 -1.70
C VAL H 208 56.22 -9.05 -1.15
N THR H 209 55.75 -10.27 -0.85
CA THR H 209 54.46 -10.44 -0.18
C THR H 209 54.60 -11.11 1.18
N ILE H 210 53.77 -10.65 2.13
CA ILE H 210 53.67 -11.24 3.44
C ILE H 210 52.26 -11.80 3.59
N ASP H 211 52.16 -13.08 3.99
CA ASP H 211 50.86 -13.75 4.05
C ASP H 211 50.28 -13.76 5.47
N ASP H 212 48.94 -13.75 5.55
CA ASP H 212 48.16 -14.22 6.70
C ASP H 212 48.23 -13.29 7.94
N VAL H 213 48.66 -12.03 7.78
CA VAL H 213 48.50 -10.91 8.71
C VAL H 213 48.97 -11.18 10.15
N HIS H 214 50.07 -11.93 10.29
CA HIS H 214 50.74 -12.13 11.58
C HIS H 214 51.35 -10.82 12.12
N THR H 215 51.44 -10.69 13.45
CA THR H 215 51.85 -9.45 14.10
C THR H 215 53.26 -8.99 13.69
N GLY H 216 54.13 -9.94 13.30
CA GLY H 216 55.47 -9.62 12.81
C GLY H 216 55.50 -8.72 11.58
N ASP H 217 54.35 -8.48 10.92
CA ASP H 217 54.27 -7.55 9.80
C ASP H 217 54.70 -6.13 10.20
N LYS H 218 54.60 -5.77 11.49
CA LYS H 218 55.09 -4.49 12.00
C LYS H 218 56.61 -4.37 11.86
N THR H 219 57.36 -5.38 12.35
CA THR H 219 58.82 -5.41 12.19
C THR H 219 59.20 -5.50 10.71
N ALA H 220 58.47 -6.30 9.92
CA ALA H 220 58.68 -6.39 8.48
C ALA H 220 58.57 -5.02 7.79
N ALA H 221 57.53 -4.25 8.14
CA ALA H 221 57.34 -2.91 7.60
C ALA H 221 58.53 -2.00 7.93
N GLU H 222 59.06 -2.06 9.16
CA GLU H 222 60.25 -1.29 9.51
C GLU H 222 61.46 -1.73 8.67
N VAL H 223 61.75 -3.04 8.65
CA VAL H 223 62.91 -3.62 7.98
C VAL H 223 62.93 -3.32 6.48
N PHE H 224 61.87 -3.66 5.74
CA PHE H 224 61.81 -3.40 4.30
C PHE H 224 61.66 -1.92 4.00
N GLY H 225 61.04 -1.19 4.93
CA GLY H 225 61.01 0.26 4.93
C GLY H 225 62.41 0.88 4.99
N ARG H 226 63.40 0.25 5.65
CA ARG H 226 64.75 0.82 5.71
C ARG H 226 65.41 0.96 4.33
N TYR H 227 64.79 0.48 3.24
CA TYR H 227 65.31 0.57 1.87
C TYR H 227 64.17 0.90 0.89
N GLY H 228 62.98 1.26 1.40
CA GLY H 228 61.81 1.62 0.61
C GLY H 228 61.35 0.53 -0.36
N ILE H 229 61.55 -0.75 0.00
CA ILE H 229 61.03 -1.89 -0.75
C ILE H 229 59.54 -2.05 -0.39
N PRO H 230 58.60 -2.13 -1.38
CA PRO H 230 57.19 -2.24 -1.05
C PRO H 230 56.74 -3.65 -0.70
N ILE H 231 55.94 -3.73 0.36
CA ILE H 231 55.37 -4.97 0.90
C ILE H 231 53.90 -5.08 0.51
N GLY H 232 53.54 -6.23 -0.05
CA GLY H 232 52.13 -6.61 -0.16
C GLY H 232 51.70 -7.47 1.02
N LEU H 233 50.76 -6.97 1.82
CA LEU H 233 50.06 -7.80 2.79
C LEU H 233 48.98 -8.61 2.08
N ALA H 234 49.19 -9.92 1.92
CA ALA H 234 48.15 -10.83 1.46
C ALA H 234 47.23 -11.10 2.65
N ALA H 235 46.12 -10.37 2.68
CA ALA H 235 45.35 -10.13 3.89
C ALA H 235 44.06 -10.95 3.95
N ASN H 236 43.80 -11.51 5.14
CA ASN H 236 42.53 -12.15 5.48
C ASN H 236 41.84 -11.28 6.53
N ALA H 237 40.70 -10.67 6.20
CA ALA H 237 40.11 -9.69 7.09
C ALA H 237 39.49 -10.30 8.36
N LYS H 238 39.14 -11.59 8.38
CA LYS H 238 38.65 -12.23 9.59
C LYS H 238 39.72 -12.33 10.67
N PHE H 239 40.97 -12.52 10.24
CA PHE H 239 42.11 -12.76 11.11
C PHE H 239 42.45 -11.53 11.96
N LEU H 240 42.11 -10.31 11.49
CA LEU H 240 42.36 -9.10 12.25
C LEU H 240 41.61 -9.13 13.58
N ASP H 241 42.29 -8.77 14.67
CA ASP H 241 41.78 -8.84 16.04
C ASP H 241 41.39 -10.25 16.54
N GLN H 242 41.87 -11.34 15.92
CA GLN H 242 41.59 -12.67 16.48
C GLN H 242 42.39 -12.95 17.76
N SER H 243 43.67 -12.50 17.78
CA SER H 243 44.66 -12.96 18.74
C SER H 243 45.79 -11.93 18.86
N SER H 244 46.68 -12.10 19.85
CA SER H 244 47.92 -11.33 19.92
C SER H 244 48.83 -11.62 18.72
N SER H 245 48.72 -12.81 18.12
CA SER H 245 49.59 -13.28 17.03
C SER H 245 49.25 -12.66 15.67
N LYS H 246 48.10 -12.00 15.54
CA LYS H 246 47.65 -11.34 14.31
C LYS H 246 47.31 -9.87 14.57
N LEU H 247 47.48 -9.03 13.54
CA LEU H 247 47.35 -7.58 13.66
C LEU H 247 45.98 -7.16 14.19
N THR H 248 45.92 -6.05 14.95
CA THR H 248 44.64 -5.39 15.19
C THR H 248 44.16 -4.65 13.94
N THR H 249 42.87 -4.29 13.92
CA THR H 249 42.30 -3.49 12.83
C THR H 249 43.04 -2.15 12.70
N GLN H 250 43.30 -1.48 13.83
CA GLN H 250 44.00 -0.22 13.81
C GLN H 250 45.46 -0.37 13.35
N GLU H 251 46.14 -1.43 13.79
CA GLU H 251 47.49 -1.75 13.31
C GLU H 251 47.52 -1.97 11.79
N PHE H 252 46.55 -2.71 11.24
CA PHE H 252 46.46 -2.94 9.80
C PHE H 252 46.26 -1.64 9.02
N LYS H 253 45.31 -0.79 9.48
CA LYS H 253 45.06 0.53 8.90
C LYS H 253 46.29 1.43 8.97
N ASP H 254 46.97 1.45 10.13
CA ASP H 254 48.21 2.20 10.34
C ASP H 254 49.33 1.70 9.42
N LEU H 255 49.49 0.37 9.28
CA LEU H 255 50.43 -0.22 8.35
C LEU H 255 50.18 0.24 6.91
N LEU H 256 48.93 0.17 6.44
CA LEU H 256 48.59 0.55 5.07
C LEU H 256 48.72 2.05 4.80
N ALA H 257 48.69 2.89 5.83
CA ALA H 257 48.98 4.31 5.68
C ALA H 257 50.46 4.56 5.33
N LYS H 258 51.36 3.61 5.60
CA LYS H 258 52.78 3.74 5.28
C LYS H 258 52.97 3.54 3.78
N PRO H 259 53.73 4.42 3.09
CA PRO H 259 53.70 4.51 1.62
C PRO H 259 54.18 3.26 0.88
N HIS H 260 54.92 2.38 1.55
CA HIS H 260 55.46 1.17 0.96
C HIS H 260 54.62 -0.08 1.26
N VAL H 261 53.59 0.02 2.11
CA VAL H 261 52.75 -1.13 2.42
C VAL H 261 51.42 -1.04 1.65
N TYR H 262 51.05 -2.14 0.98
CA TYR H 262 49.78 -2.23 0.27
C TYR H 262 49.13 -3.58 0.59
N ALA H 263 47.81 -3.71 0.41
CA ALA H 263 47.13 -4.96 0.70
C ALA H 263 46.57 -5.59 -0.57
N VAL H 264 46.61 -6.93 -0.62
CA VAL H 264 45.98 -7.73 -1.65
C VAL H 264 45.12 -8.79 -0.97
N ASN H 265 44.11 -9.30 -1.66
CA ASN H 265 43.16 -10.19 -1.05
C ASN H 265 43.74 -11.61 -0.90
N HIS H 266 43.42 -12.28 0.21
CA HIS H 266 43.84 -13.65 0.45
C HIS H 266 42.68 -14.46 1.06
N GLY H 267 41.46 -13.93 0.90
CA GLY H 267 40.20 -14.55 1.33
C GLY H 267 39.89 -14.18 2.78
N TYR H 268 38.62 -13.89 3.09
CA TYR H 268 38.22 -13.43 4.42
C TYR H 268 38.72 -14.34 5.54
N ASN H 269 38.56 -15.65 5.34
CA ASN H 269 38.86 -16.70 6.29
C ASN H 269 39.82 -17.75 5.70
N HIS H 270 40.63 -17.36 4.71
CA HIS H 270 41.69 -18.20 4.14
C HIS H 270 41.19 -19.53 3.56
N TYR H 271 40.01 -19.55 2.91
CA TYR H 271 39.51 -20.80 2.34
C TYR H 271 40.29 -21.17 1.07
N ASP H 272 41.05 -22.26 1.14
CA ASP H 272 41.89 -22.75 0.05
C ASP H 272 41.15 -23.74 -0.86
N TYR H 273 41.55 -23.79 -2.14
CA TYR H 273 41.00 -24.74 -3.09
C TYR H 273 41.21 -26.19 -2.65
N GLY H 274 40.25 -27.07 -2.96
CA GLY H 274 40.30 -28.46 -2.56
C GLY H 274 39.74 -28.71 -1.16
N SER H 275 40.05 -27.80 -0.21
CA SER H 275 39.57 -27.91 1.17
C SER H 275 38.09 -27.54 1.29
N TYR H 276 37.62 -26.60 0.44
CA TYR H 276 36.26 -26.08 0.46
C TYR H 276 35.69 -26.09 -0.97
N SER H 277 34.36 -26.02 -1.11
CA SER H 277 33.73 -25.96 -2.43
C SER H 277 34.03 -24.62 -3.12
N ILE H 278 33.89 -24.57 -4.46
CA ILE H 278 34.10 -23.35 -5.22
C ILE H 278 33.18 -22.22 -4.73
N ASP H 279 31.93 -22.57 -4.38
CA ASP H 279 30.97 -21.63 -3.84
C ASP H 279 31.41 -21.01 -2.51
N GLU H 280 31.94 -21.82 -1.59
CA GLU H 280 32.45 -21.33 -0.31
C GLU H 280 33.66 -20.42 -0.52
N ILE H 281 34.55 -20.79 -1.43
CA ILE H 281 35.73 -19.99 -1.74
C ILE H 281 35.30 -18.67 -2.39
N GLU H 282 34.29 -18.70 -3.26
CA GLU H 282 33.76 -17.49 -3.88
C GLU H 282 33.20 -16.52 -2.83
N ASP H 283 32.45 -17.04 -1.85
CA ASP H 283 32.00 -16.23 -0.72
C ASP H 283 33.18 -15.63 0.07
N ASP H 284 34.25 -16.41 0.27
CA ASP H 284 35.44 -15.98 0.97
C ASP H 284 36.21 -14.88 0.21
N VAL H 285 36.25 -15.02 -1.12
CA VAL H 285 36.84 -14.06 -2.05
C VAL H 285 36.05 -12.75 -2.01
N ILE H 286 34.72 -12.82 -2.15
CA ILE H 286 33.82 -11.69 -2.16
C ILE H 286 33.89 -10.96 -0.82
N ARG H 287 33.77 -11.70 0.29
CA ARG H 287 33.81 -11.09 1.60
C ARG H 287 35.17 -10.50 1.90
N GLY H 288 36.26 -11.17 1.51
CA GLY H 288 37.60 -10.61 1.61
C GLY H 288 37.69 -9.25 0.93
N LYS H 289 37.22 -9.18 -0.32
CA LYS H 289 37.24 -7.96 -1.14
C LYS H 289 36.50 -6.82 -0.44
N TYR H 290 35.24 -7.04 0.00
CA TYR H 290 34.45 -5.96 0.57
C TYR H 290 34.89 -5.54 1.97
N GLU H 291 35.35 -6.48 2.79
CA GLU H 291 35.87 -6.15 4.12
C GLU H 291 37.15 -5.33 4.01
N LEU H 292 38.06 -5.71 3.10
CA LEU H 292 39.27 -4.93 2.85
C LEU H 292 38.95 -3.57 2.23
N GLN H 293 37.92 -3.47 1.38
CA GLN H 293 37.47 -2.19 0.86
C GLN H 293 36.92 -1.28 1.97
N ASP H 294 36.21 -1.84 2.95
CA ASP H 294 35.77 -1.10 4.14
C ASP H 294 36.96 -0.61 4.99
N LEU H 295 38.05 -1.38 5.01
CA LEU H 295 39.32 -0.99 5.63
C LEU H 295 40.14 0.00 4.77
N GLY H 296 39.65 0.36 3.58
CA GLY H 296 40.23 1.40 2.75
C GLY H 296 41.13 0.90 1.61
N VAL H 297 41.19 -0.42 1.38
CA VAL H 297 42.00 -1.00 0.31
C VAL H 297 41.27 -0.82 -1.03
N ARG H 298 41.74 0.11 -1.86
CA ARG H 298 41.03 0.51 -3.08
C ARG H 298 41.59 -0.15 -4.35
N GLU H 299 40.98 0.20 -5.48
CA GLU H 299 40.84 -0.65 -6.66
C GLU H 299 42.10 -1.38 -7.14
N PRO H 300 43.19 -0.71 -7.56
CA PRO H 300 44.29 -1.42 -8.21
C PRO H 300 44.93 -2.43 -7.26
N ASN H 301 44.99 -2.08 -5.97
CA ASN H 301 45.47 -2.98 -4.92
C ASN H 301 44.53 -4.18 -4.75
N ILE H 302 43.23 -3.93 -4.59
CA ILE H 302 42.26 -4.97 -4.28
C ILE H 302 41.82 -5.79 -5.50
N ASN H 303 42.42 -5.54 -6.66
CA ASN H 303 42.28 -6.36 -7.84
C ASN H 303 43.24 -7.56 -7.87
N HIS H 304 44.14 -7.68 -6.88
CA HIS H 304 45.07 -8.79 -6.77
C HIS H 304 44.66 -9.78 -5.68
N TYR H 305 44.84 -11.08 -5.96
CA TYR H 305 44.54 -12.11 -5.00
C TYR H 305 45.66 -13.13 -4.89
N VAL H 306 46.02 -13.53 -3.68
CA VAL H 306 47.05 -14.53 -3.46
C VAL H 306 46.36 -15.80 -3.01
N TYR H 307 46.66 -16.93 -3.66
CA TYR H 307 45.91 -18.15 -3.38
C TYR H 307 46.11 -18.60 -1.93
N PRO H 308 45.03 -18.88 -1.16
CA PRO H 308 45.15 -19.42 0.19
C PRO H 308 45.84 -20.78 0.16
N SER H 309 46.86 -20.95 1.01
CA SER H 309 47.72 -22.13 1.01
C SER H 309 48.32 -22.47 -0.36
N GLY H 310 48.38 -21.51 -1.29
CA GLY H 310 48.87 -21.72 -2.65
C GLY H 310 48.01 -22.64 -3.54
N ASN H 311 46.89 -23.17 -3.03
CA ASN H 311 46.07 -24.13 -3.77
C ASN H 311 45.21 -23.42 -4.83
N TYR H 312 45.18 -24.00 -6.04
CA TYR H 312 44.33 -23.50 -7.12
C TYR H 312 44.08 -24.58 -8.19
N ALA H 313 43.11 -24.29 -9.09
CA ALA H 313 42.89 -25.01 -10.32
C ALA H 313 42.26 -24.05 -11.34
N GLN H 314 41.95 -24.53 -12.55
CA GLN H 314 41.23 -23.70 -13.52
C GLN H 314 39.83 -23.34 -13.01
N GLU H 315 39.19 -24.22 -12.22
CA GLU H 315 37.92 -23.94 -11.56
C GLU H 315 37.99 -22.67 -10.71
N SER H 316 39.01 -22.57 -9.86
CA SER H 316 39.19 -21.40 -9.02
C SER H 316 39.57 -20.18 -9.85
N ILE H 317 40.44 -20.33 -10.86
CA ILE H 317 40.83 -19.25 -11.75
C ILE H 317 39.61 -18.63 -12.46
N ASP H 318 38.72 -19.49 -12.95
CA ASP H 318 37.49 -19.06 -13.61
C ASP H 318 36.63 -18.22 -12.67
N MET H 319 36.40 -18.71 -11.44
CA MET H 319 35.62 -17.99 -10.44
C MET H 319 36.30 -16.67 -10.05
N LEU H 320 37.60 -16.72 -9.75
CA LEU H 320 38.40 -15.57 -9.35
C LEU H 320 38.47 -14.49 -10.41
N SER H 321 38.42 -14.85 -11.69
CA SER H 321 38.48 -13.89 -12.79
C SER H 321 37.33 -12.88 -12.80
N ASN H 322 36.23 -13.18 -12.09
CA ASN H 322 35.14 -12.22 -11.95
C ASN H 322 35.48 -11.11 -10.93
N TYR H 323 36.48 -11.33 -10.06
CA TYR H 323 36.74 -10.51 -8.88
C TYR H 323 38.17 -9.93 -8.88
N HIS H 324 39.14 -10.64 -9.48
CA HIS H 324 40.56 -10.31 -9.45
C HIS H 324 41.18 -10.50 -10.83
N VAL H 325 42.33 -9.85 -11.08
CA VAL H 325 43.01 -9.91 -12.38
C VAL H 325 44.22 -10.84 -12.35
N MET H 326 44.79 -11.07 -11.17
CA MET H 326 46.09 -11.71 -11.08
C MET H 326 46.20 -12.46 -9.75
N SER H 327 46.83 -13.65 -9.81
CA SER H 327 47.05 -14.47 -8.64
C SER H 327 48.38 -15.22 -8.67
N TRP H 328 48.81 -15.54 -7.45
CA TRP H 328 50.11 -16.10 -7.19
C TRP H 328 50.01 -17.33 -6.29
N GLY H 329 50.70 -18.40 -6.71
CA GLY H 329 50.85 -19.61 -5.91
C GLY H 329 52.13 -19.59 -5.08
N THR H 330 52.69 -20.78 -4.83
CA THR H 330 53.78 -20.99 -3.87
C THR H 330 54.78 -22.02 -4.40
N GLY H 331 56.06 -21.87 -4.00
CA GLY H 331 57.12 -22.80 -4.36
C GLY H 331 58.33 -22.62 -3.46
N ALA H 332 59.22 -23.62 -3.45
CA ALA H 332 60.31 -23.68 -2.50
C ALA H 332 61.64 -23.13 -3.05
N GLU H 333 61.74 -22.85 -4.35
CA GLU H 333 63.04 -22.70 -5.01
C GLU H 333 63.11 -21.46 -5.90
N SER H 334 64.34 -21.07 -6.25
CA SER H 334 64.63 -19.77 -6.85
C SER H 334 63.83 -19.52 -8.13
N PHE H 335 63.73 -20.54 -8.99
CA PHE H 335 62.97 -20.43 -10.22
C PHE H 335 61.46 -20.26 -10.02
N ASP H 336 60.91 -20.68 -8.87
CA ASP H 336 59.51 -20.46 -8.54
C ASP H 336 59.19 -18.97 -8.35
N ALA H 337 60.10 -18.20 -7.78
CA ALA H 337 59.95 -16.75 -7.70
C ALA H 337 59.96 -16.11 -9.09
N LEU H 338 60.72 -16.69 -10.00
CA LEU H 338 61.19 -15.98 -11.17
C LEU H 338 60.22 -16.10 -12.35
N THR H 339 60.01 -14.97 -13.02
CA THR H 339 59.28 -14.91 -14.29
C THR H 339 59.99 -13.91 -15.19
N PRO H 340 59.76 -13.97 -16.53
CA PRO H 340 60.04 -12.80 -17.37
C PRO H 340 59.26 -11.60 -16.85
N ASN H 341 59.67 -10.39 -17.24
CA ASN H 341 58.92 -9.18 -16.91
C ASN H 341 57.55 -9.13 -17.59
N GLN H 342 57.46 -9.71 -18.80
CA GLN H 342 56.19 -9.89 -19.49
C GLN H 342 55.64 -11.29 -19.18
N LEU H 343 54.53 -11.36 -18.45
CA LEU H 343 53.83 -12.62 -18.25
C LEU H 343 53.04 -13.00 -19.50
N THR H 344 52.66 -14.28 -19.56
CA THR H 344 51.61 -14.73 -20.47
C THR H 344 50.43 -15.34 -19.71
N SER H 345 50.60 -15.76 -18.45
CA SER H 345 49.46 -16.03 -17.59
C SER H 345 49.57 -15.22 -16.30
N PRO H 346 48.59 -14.36 -15.94
CA PRO H 346 48.60 -13.72 -14.63
C PRO H 346 48.08 -14.62 -13.52
N TRP H 347 47.80 -15.91 -13.80
CA TRP H 347 47.14 -16.81 -12.86
C TRP H 347 47.98 -18.00 -12.39
N HIS H 348 48.89 -18.51 -13.24
CA HIS H 348 49.58 -19.77 -12.95
C HIS H 348 50.93 -19.59 -12.25
N ASN H 349 51.44 -18.36 -12.16
CA ASN H 349 52.79 -18.08 -11.66
C ASN H 349 52.91 -18.19 -10.13
N LEU H 350 54.13 -18.56 -9.66
CA LEU H 350 54.38 -18.89 -8.27
C LEU H 350 55.20 -17.81 -7.53
N ARG H 351 55.45 -18.04 -6.23
CA ARG H 351 56.28 -17.19 -5.40
C ARG H 351 57.25 -18.07 -4.61
N CYS H 352 58.49 -17.63 -4.39
CA CYS H 352 59.42 -18.40 -3.58
C CYS H 352 59.25 -18.07 -2.10
N SER H 353 58.98 -19.09 -1.27
CA SER H 353 58.98 -18.94 0.18
C SER H 353 60.38 -18.66 0.70
N PHE H 354 60.53 -17.75 1.68
CA PHE H 354 61.73 -17.71 2.50
C PHE H 354 61.47 -17.92 3.99
N ASP H 355 60.37 -18.59 4.32
CA ASP H 355 60.07 -19.04 5.68
C ASP H 355 61.13 -20.03 6.19
N SER H 356 61.61 -20.90 5.29
CA SER H 356 62.59 -21.95 5.58
C SER H 356 64.01 -21.52 5.20
N GLY H 357 64.34 -20.24 5.46
CA GLY H 357 65.68 -19.70 5.23
C GLY H 357 65.82 -18.99 3.88
N THR H 358 66.70 -17.99 3.84
CA THR H 358 66.65 -16.95 2.81
C THR H 358 67.34 -17.35 1.51
N ALA H 359 68.05 -18.49 1.48
CA ALA H 359 68.99 -18.82 0.41
C ALA H 359 68.38 -18.78 -0.99
N GLU H 360 67.27 -19.51 -1.22
CA GLU H 360 66.63 -19.61 -2.53
C GLU H 360 66.07 -18.27 -3.00
N ALA H 361 65.54 -17.47 -2.06
CA ALA H 361 65.04 -16.14 -2.35
C ALA H 361 66.18 -15.20 -2.71
N GLU H 362 67.29 -15.22 -1.98
CA GLU H 362 68.42 -14.34 -2.28
C GLU H 362 69.10 -14.74 -3.60
N GLN H 363 69.13 -16.05 -3.90
CA GLN H 363 69.44 -16.55 -5.24
C GLN H 363 68.49 -15.97 -6.30
N ALA H 364 67.18 -15.98 -6.04
CA ALA H 364 66.19 -15.41 -6.96
C ALA H 364 66.38 -13.91 -7.17
N VAL H 365 66.71 -13.14 -6.11
CA VAL H 365 66.98 -11.71 -6.21
C VAL H 365 68.22 -11.46 -7.05
N ASN H 366 69.30 -12.21 -6.82
CA ASN H 366 70.52 -12.10 -7.60
C ASN H 366 70.31 -12.50 -9.06
N ASP H 367 69.50 -13.53 -9.32
CA ASP H 367 69.16 -13.95 -10.67
C ASP H 367 68.23 -12.97 -11.36
N ALA H 368 67.30 -12.32 -10.63
CA ALA H 368 66.45 -11.27 -11.16
C ALA H 368 67.29 -10.12 -11.70
N ALA H 369 68.30 -9.70 -10.93
CA ALA H 369 69.27 -8.70 -11.37
C ALA H 369 70.08 -9.19 -12.58
N THR H 370 70.65 -10.39 -12.47
CA THR H 370 71.64 -10.90 -13.42
C THR H 370 71.00 -11.17 -14.79
N TYR H 371 69.85 -11.84 -14.80
CA TYR H 371 69.22 -12.34 -16.02
C TYR H 371 68.02 -11.51 -16.47
N ASN H 372 67.80 -10.33 -15.86
CA ASN H 372 66.72 -9.40 -16.21
C ASN H 372 65.34 -10.07 -16.13
N GLN H 373 64.95 -10.42 -14.90
CA GLN H 373 63.71 -11.11 -14.61
C GLN H 373 63.02 -10.50 -13.38
N THR H 374 61.74 -10.86 -13.20
CA THR H 374 60.96 -10.45 -12.05
C THR H 374 60.92 -11.60 -11.04
N ALA H 375 61.23 -11.32 -9.78
CA ALA H 375 61.21 -12.30 -8.69
C ALA H 375 60.13 -11.94 -7.67
N HIS H 376 59.24 -12.89 -7.37
CA HIS H 376 58.25 -12.71 -6.33
C HIS H 376 58.59 -13.62 -5.15
N ILE H 377 58.89 -12.99 -4.00
CA ILE H 377 59.32 -13.71 -2.81
C ILE H 377 58.30 -13.45 -1.71
N TYR H 378 58.10 -14.45 -0.85
CA TYR H 378 57.10 -14.31 0.20
C TYR H 378 57.51 -14.98 1.51
N PHE H 379 56.84 -14.55 2.57
CA PHE H 379 57.03 -15.14 3.88
C PHE H 379 55.80 -14.91 4.77
N HIS H 380 55.77 -15.64 5.88
CA HIS H 380 54.91 -15.31 7.00
C HIS H 380 55.81 -14.71 8.07
N SER H 381 55.39 -13.58 8.64
CA SER H 381 56.23 -12.83 9.57
C SER H 381 56.37 -13.49 10.95
N ASP H 382 55.64 -14.58 11.23
CA ASP H 382 55.87 -15.41 12.41
C ASP H 382 57.03 -16.39 12.21
N ASN H 383 57.17 -16.94 11.00
CA ASN H 383 58.21 -17.91 10.65
C ASN H 383 59.61 -17.29 10.57
N VAL H 384 59.70 -16.00 10.23
CA VAL H 384 60.95 -15.35 9.84
C VAL H 384 61.45 -14.42 10.96
N THR H 385 62.73 -14.54 11.32
CA THR H 385 63.39 -13.70 12.31
C THR H 385 63.77 -12.33 11.71
N GLN H 386 64.00 -11.32 12.56
CA GLN H 386 64.29 -9.98 12.07
C GLN H 386 65.60 -9.94 11.26
N SER H 387 66.63 -10.70 11.69
CA SER H 387 67.89 -10.82 10.98
C SER H 387 67.74 -11.44 9.58
N GLU H 388 66.83 -12.40 9.42
CA GLU H 388 66.53 -12.95 8.10
C GLU H 388 65.90 -11.91 7.18
N MET H 389 64.95 -11.11 7.71
CA MET H 389 64.36 -10.02 6.95
C MET H 389 65.41 -9.01 6.53
N GLU H 390 66.33 -8.66 7.44
CA GLU H 390 67.40 -7.72 7.16
C GLU H 390 68.35 -8.26 6.09
N SER H 391 68.64 -9.56 6.09
CA SER H 391 69.42 -10.22 5.04
C SER H 391 68.75 -10.06 3.66
N VAL H 392 67.45 -10.34 3.58
CA VAL H 392 66.71 -10.22 2.33
C VAL H 392 66.64 -8.76 1.89
N ALA H 393 66.33 -7.85 2.81
CA ALA H 393 66.20 -6.43 2.53
C ALA H 393 67.51 -5.84 2.00
N GLN H 394 68.64 -6.19 2.63
CA GLN H 394 69.96 -5.77 2.17
C GLN H 394 70.36 -6.45 0.86
N THR H 395 69.97 -7.72 0.64
CA THR H 395 70.15 -8.37 -0.66
C THR H 395 69.46 -7.56 -1.77
N ILE H 396 68.21 -7.14 -1.54
CA ILE H 396 67.45 -6.39 -2.53
C ILE H 396 68.06 -5.00 -2.75
N ASN H 397 68.44 -4.30 -1.68
CA ASN H 397 68.98 -2.97 -1.79
C ASN H 397 70.35 -2.94 -2.48
N SER H 398 71.16 -4.00 -2.31
CA SER H 398 72.48 -4.12 -2.93
C SER H 398 72.41 -4.64 -4.37
N ALA H 399 71.36 -5.38 -4.75
CA ALA H 399 71.19 -5.91 -6.10
C ALA H 399 70.74 -4.84 -7.12
N ASP H 400 70.92 -5.14 -8.41
CA ASP H 400 70.43 -4.33 -9.52
C ASP H 400 69.01 -4.72 -9.92
N VAL H 401 68.03 -4.38 -9.07
CA VAL H 401 66.61 -4.62 -9.30
C VAL H 401 65.80 -3.40 -8.90
N THR H 402 64.67 -3.17 -9.58
CA THR H 402 63.68 -2.20 -9.11
C THR H 402 62.70 -2.94 -8.20
N PRO H 403 62.53 -2.53 -6.93
CA PRO H 403 61.49 -3.13 -6.09
C PRO H 403 60.14 -2.51 -6.46
N ILE H 404 59.12 -3.35 -6.72
CA ILE H 404 57.85 -2.88 -7.27
C ILE H 404 56.63 -3.45 -6.53
N THR H 405 55.49 -2.76 -6.67
CA THR H 405 54.19 -3.27 -6.22
C THR H 405 53.61 -4.23 -7.27
N LEU H 406 52.67 -5.09 -6.84
CA LEU H 406 51.90 -5.93 -7.76
C LEU H 406 51.12 -5.11 -8.78
N MET H 407 50.61 -3.94 -8.35
CA MET H 407 49.90 -3.00 -9.19
C MET H 407 50.77 -2.54 -10.35
N ASP H 408 52.01 -2.11 -10.04
CA ASP H 408 52.98 -1.67 -11.02
C ASP H 408 53.24 -2.79 -12.03
N PHE H 409 53.49 -4.00 -11.52
CA PHE H 409 53.74 -5.17 -12.35
C PHE H 409 52.60 -5.46 -13.34
N TYR H 410 51.34 -5.40 -12.87
CA TYR H 410 50.20 -5.61 -13.75
C TYR H 410 50.01 -4.49 -14.76
N ASN H 411 50.28 -3.23 -14.37
CA ASN H 411 50.24 -2.10 -15.28
C ASN H 411 51.30 -2.18 -16.40
N GLN H 412 52.41 -2.88 -16.16
CA GLN H 412 53.45 -3.07 -17.17
C GLN H 412 53.06 -4.09 -18.25
N GLN H 413 52.10 -5.00 -17.99
CA GLN H 413 51.79 -6.10 -18.90
C GLN H 413 51.19 -5.64 -20.25
N THR I 2 7.76 -9.83 -14.02
CA THR I 2 8.11 -9.25 -12.70
C THR I 2 8.87 -10.28 -11.88
N GLY I 3 8.36 -11.53 -11.85
CA GLY I 3 8.72 -12.52 -10.84
C GLY I 3 7.97 -12.29 -9.52
N LEU I 4 8.24 -13.17 -8.54
CA LEU I 4 7.76 -12.99 -7.17
C LEU I 4 8.77 -12.20 -6.35
N ASN I 5 8.35 -11.76 -5.16
CA ASN I 5 9.16 -10.88 -4.33
C ASN I 5 10.47 -11.57 -3.91
N PRO I 6 11.61 -10.83 -3.81
CA PRO I 6 12.85 -11.40 -3.32
C PRO I 6 12.74 -11.98 -1.91
N ASP I 7 13.62 -12.94 -1.68
CA ASP I 7 13.89 -13.58 -0.40
C ASP I 7 14.14 -12.52 0.66
N GLY I 8 13.43 -12.66 1.80
CA GLY I 8 13.90 -12.03 3.02
C GLY I 8 12.83 -11.20 3.71
N LEU I 9 13.23 -10.68 4.87
CA LEU I 9 12.35 -9.87 5.69
C LEU I 9 12.67 -8.39 5.52
N GLY I 10 11.85 -7.56 6.16
CA GLY I 10 11.73 -6.16 5.78
C GLY I 10 10.91 -6.02 4.51
N ARG I 11 10.72 -4.77 4.07
CA ARG I 11 10.05 -4.48 2.81
C ARG I 11 10.89 -5.04 1.64
N THR I 12 10.35 -6.07 0.97
CA THR I 12 10.94 -6.60 -0.26
C THR I 12 9.94 -6.39 -1.39
N ALA I 13 10.44 -6.16 -2.61
CA ALA I 13 9.57 -5.88 -3.74
C ALA I 13 10.19 -6.39 -5.04
N ALA I 14 9.34 -6.97 -5.89
CA ALA I 14 9.68 -7.26 -7.27
C ALA I 14 9.06 -6.19 -8.16
N PHE I 15 9.91 -5.43 -8.85
CA PHE I 15 9.47 -4.39 -9.77
C PHE I 15 9.75 -4.78 -11.21
N SER I 16 9.05 -4.13 -12.11
CA SER I 16 9.52 -4.02 -13.49
C SER I 16 10.45 -2.82 -13.57
N ASN I 17 9.88 -1.62 -13.74
CA ASN I 17 10.67 -0.42 -13.98
C ASN I 17 10.54 0.52 -12.78
N THR I 18 11.69 0.96 -12.24
CA THR I 18 11.69 1.93 -11.16
C THR I 18 12.47 3.19 -11.55
N SER I 19 11.91 4.33 -11.15
CA SER I 19 12.55 5.62 -11.27
C SER I 19 12.81 6.12 -9.85
N ALA I 20 14.00 6.68 -9.64
CA ALA I 20 14.35 7.29 -8.36
C ALA I 20 15.25 8.49 -8.60
N GLU I 21 15.21 9.43 -7.65
CA GLU I 21 16.20 10.50 -7.64
C GLU I 21 17.49 9.94 -7.04
N SER I 22 17.39 9.35 -5.84
CA SER I 22 18.57 8.81 -5.16
C SER I 22 18.34 7.36 -4.73
N VAL I 23 19.32 6.49 -5.02
CA VAL I 23 19.30 5.10 -4.60
C VAL I 23 20.51 4.83 -3.71
N SER I 24 20.26 4.40 -2.47
CA SER I 24 21.29 3.87 -1.61
C SER I 24 21.13 2.36 -1.56
N ALA I 25 22.20 1.62 -1.90
CA ALA I 25 22.18 0.16 -1.81
C ALA I 25 23.45 -0.32 -1.12
N VAL I 26 23.32 -1.35 -0.27
CA VAL I 26 24.50 -2.00 0.25
C VAL I 26 25.17 -2.78 -0.89
N ASP I 27 24.44 -3.72 -1.49
CA ASP I 27 24.90 -4.38 -2.70
C ASP I 27 23.94 -4.17 -3.85
N ALA I 28 24.50 -3.97 -5.04
CA ALA I 28 23.70 -3.93 -6.26
C ALA I 28 24.28 -4.91 -7.27
N THR I 29 23.45 -5.87 -7.69
CA THR I 29 23.74 -6.78 -8.80
C THR I 29 23.04 -6.25 -10.03
N ILE I 30 23.81 -5.72 -10.98
CA ILE I 30 23.25 -5.14 -12.19
C ILE I 30 23.78 -5.93 -13.37
N ASP I 31 22.86 -6.51 -14.17
CA ASP I 31 23.21 -7.34 -15.31
C ASP I 31 23.75 -6.52 -16.48
N ARG I 32 23.30 -5.26 -16.62
CA ARG I 32 23.78 -4.36 -17.65
C ARG I 32 23.73 -2.91 -17.18
N LEU I 33 24.91 -2.30 -17.09
CA LEU I 33 25.08 -1.01 -16.45
C LEU I 33 25.21 0.12 -17.46
N TYR I 34 24.32 1.12 -17.32
CA TYR I 34 24.36 2.36 -18.08
C TYR I 34 24.74 3.49 -17.13
N ALA I 35 26.03 3.58 -16.80
CA ALA I 35 26.51 4.52 -15.80
C ALA I 35 27.90 5.04 -16.13
N GLN I 36 28.04 5.71 -17.29
CA GLN I 36 29.32 6.23 -17.72
C GLN I 36 29.82 7.37 -16.82
N ASP I 37 28.89 8.08 -16.17
CA ASP I 37 29.18 9.27 -15.38
C ASP I 37 29.48 8.90 -13.92
N ARG I 38 30.71 8.43 -13.67
CA ARG I 38 31.18 8.16 -12.31
C ARG I 38 31.45 9.47 -11.58
N ILE I 39 31.03 9.53 -10.32
CA ILE I 39 31.49 10.59 -9.42
C ILE I 39 32.67 10.05 -8.62
N GLU I 40 32.42 8.91 -7.98
CA GLU I 40 33.34 8.32 -7.05
C GLU I 40 34.13 7.25 -7.81
N ILE I 41 35.45 7.44 -7.89
CA ILE I 41 36.29 6.62 -8.75
C ILE I 41 36.87 5.46 -7.94
N PRO I 42 37.04 4.28 -8.55
CA PRO I 42 37.57 3.13 -7.82
C PRO I 42 39.05 3.27 -7.43
N THR I 43 39.86 3.97 -8.24
CA THR I 43 41.32 4.11 -8.05
C THR I 43 41.71 5.06 -6.90
N ASP I 44 42.58 4.59 -5.99
CA ASP I 44 43.23 5.44 -5.00
C ASP I 44 44.70 5.68 -5.40
N SER I 45 44.98 6.86 -5.95
CA SER I 45 46.28 7.14 -6.53
C SER I 45 47.34 7.54 -5.49
N ARG I 46 46.95 7.87 -4.25
CA ARG I 46 47.80 8.54 -3.26
C ARG I 46 49.15 7.85 -3.05
N GLN I 47 49.16 6.51 -2.92
CA GLN I 47 50.36 5.77 -2.56
C GLN I 47 50.85 4.83 -3.66
N LEU I 48 50.26 4.86 -4.88
CA LEU I 48 50.72 4.00 -5.97
C LEU I 48 52.12 4.40 -6.43
N PHE I 49 52.34 5.71 -6.59
CA PHE I 49 53.56 6.20 -7.19
C PHE I 49 54.67 6.44 -6.17
N SER I 50 54.34 6.44 -4.87
CA SER I 50 55.26 6.74 -3.78
C SER I 50 56.49 5.82 -3.74
N THR I 51 56.36 4.59 -4.27
CA THR I 51 57.46 3.62 -4.25
C THR I 51 57.85 3.18 -5.67
N ARG I 52 57.83 4.11 -6.61
CA ARG I 52 58.50 3.94 -7.88
C ARG I 52 59.99 4.27 -7.75
N GLY I 53 60.77 3.90 -8.78
CA GLY I 53 62.21 4.13 -8.81
C GLY I 53 62.95 3.42 -7.69
N THR I 54 64.15 3.92 -7.35
CA THR I 54 65.02 3.30 -6.35
C THR I 54 65.38 4.32 -5.29
N VAL I 55 65.49 3.89 -4.02
CA VAL I 55 65.91 4.79 -2.94
C VAL I 55 67.41 5.05 -3.04
N LEU I 56 67.77 6.28 -3.44
CA LEU I 56 69.18 6.66 -3.56
C LEU I 56 69.75 7.00 -2.18
N ARG I 57 69.02 7.82 -1.41
CA ARG I 57 69.44 8.23 -0.07
C ARG I 57 68.34 7.94 0.93
N ASN I 58 68.76 7.38 2.06
CA ASN I 58 67.94 6.53 2.88
C ASN I 58 67.60 7.18 4.22
N PHE I 59 68.49 8.03 4.74
CA PHE I 59 68.39 8.71 6.04
C PHE I 59 68.26 7.76 7.25
N GLU I 60 68.39 6.44 7.07
CA GLU I 60 68.25 5.50 8.19
C GLU I 60 69.47 5.48 9.11
N ASP I 61 70.60 6.04 8.64
CA ASP I 61 71.84 6.28 9.39
C ASP I 61 72.48 7.56 8.86
N LEU I 62 72.63 8.57 9.74
CA LEU I 62 73.10 9.88 9.33
C LEU I 62 74.63 10.02 9.40
N SER I 63 75.37 8.93 9.68
CA SER I 63 76.83 8.96 9.75
C SER I 63 77.48 9.46 8.46
N GLY I 64 76.86 9.17 7.31
CA GLY I 64 77.35 9.56 5.98
C GLY I 64 77.00 10.99 5.58
N TRP I 65 76.16 11.67 6.36
CA TRP I 65 75.74 13.05 6.09
C TRP I 65 76.51 14.03 6.98
N THR I 66 76.99 15.11 6.35
CA THR I 66 77.64 16.22 7.05
C THR I 66 76.72 17.42 7.04
N ALA I 67 76.44 17.99 8.22
CA ALA I 67 75.76 19.27 8.31
C ALA I 67 76.72 20.43 7.99
N ASN I 68 76.59 21.01 6.80
CA ASN I 68 77.45 22.08 6.33
C ASN I 68 77.10 23.39 7.02
N ILE I 69 75.79 23.75 7.03
CA ILE I 69 75.21 24.82 7.84
C ILE I 69 73.81 24.41 8.31
N GLY I 70 73.32 25.07 9.36
CA GLY I 70 72.13 24.60 10.08
C GLY I 70 72.46 23.37 10.93
N SER I 71 71.45 22.53 11.19
CA SER I 71 71.57 21.36 12.05
C SER I 71 70.76 20.18 11.51
N LEU I 72 71.22 18.97 11.85
CA LEU I 72 70.67 17.72 11.36
C LEU I 72 70.57 16.71 12.51
N SER I 73 69.43 16.03 12.65
CA SER I 73 69.26 15.03 13.70
C SER I 73 68.29 13.92 13.29
N ALA I 74 68.50 12.72 13.84
CA ALA I 74 67.66 11.57 13.56
C ALA I 74 66.29 11.74 14.23
N GLU I 75 65.22 11.42 13.48
CA GLU I 75 63.86 11.49 13.97
C GLU I 75 63.24 10.10 13.88
N THR I 76 63.18 9.39 15.03
CA THR I 76 62.78 8.00 15.13
C THR I 76 61.29 7.84 15.51
N SER I 77 60.63 8.95 15.88
CA SER I 77 59.22 8.94 16.28
C SER I 77 58.35 9.28 15.07
N ASP I 78 58.81 10.24 14.24
CA ASP I 78 58.01 10.82 13.16
C ASP I 78 58.61 10.40 11.82
N VAL I 79 58.31 9.14 11.48
CA VAL I 79 59.06 8.45 10.44
C VAL I 79 58.21 8.32 9.19
N TYR I 80 58.74 8.80 8.06
CA TYR I 80 58.08 8.55 6.78
C TYR I 80 58.23 7.08 6.37
N VAL I 81 59.49 6.62 6.36
CA VAL I 81 59.88 5.32 5.83
C VAL I 81 61.00 4.76 6.72
N GLY I 82 60.97 3.45 6.99
CA GLY I 82 62.06 2.78 7.69
C GLY I 82 62.00 2.96 9.21
N SER I 83 63.19 3.11 9.83
CA SER I 83 63.38 3.28 11.26
C SER I 83 63.43 4.75 11.66
N GLN I 84 63.81 5.64 10.72
CA GLN I 84 63.88 7.07 11.01
C GLN I 84 63.77 7.95 9.76
N SER I 85 63.41 9.21 10.01
CA SER I 85 63.55 10.33 9.09
C SER I 85 64.64 11.27 9.62
N ALA I 86 64.94 12.34 8.88
CA ALA I 86 65.94 13.32 9.26
C ALA I 86 65.26 14.68 9.55
N ARG I 87 65.46 15.22 10.75
CA ARG I 87 65.11 16.60 11.05
C ARG I 87 66.21 17.54 10.55
N LEU I 88 65.79 18.49 9.71
CA LEU I 88 66.60 19.64 9.33
C LEU I 88 66.12 20.83 10.14
N THR I 89 67.03 21.50 10.86
CA THR I 89 66.66 22.61 11.73
C THR I 89 67.66 23.75 11.60
N ALA I 90 67.20 25.01 11.59
CA ALA I 90 68.08 26.16 11.52
C ALA I 90 67.45 27.40 12.17
N SER I 91 68.28 28.34 12.65
CA SER I 91 67.82 29.62 13.20
C SER I 91 68.56 30.78 12.52
N SER I 92 67.81 31.78 12.04
CA SER I 92 68.33 32.93 11.30
C SER I 92 69.31 32.55 10.17
N SER I 93 69.14 31.36 9.57
CA SER I 93 70.11 30.77 8.66
C SER I 93 69.45 29.80 7.70
N ALA I 94 70.14 29.55 6.58
CA ALA I 94 69.83 28.43 5.69
C ALA I 94 70.32 27.12 6.33
N VAL I 95 69.71 25.99 5.92
CA VAL I 95 70.30 24.69 6.20
C VAL I 95 70.92 24.14 4.91
N ASP I 96 72.02 23.40 5.05
CA ASP I 96 72.69 22.73 3.96
C ASP I 96 73.34 21.48 4.56
N ILE I 97 72.94 20.32 4.05
CA ILE I 97 73.50 19.03 4.46
C ILE I 97 74.01 18.32 3.21
N ARG I 98 75.10 17.54 3.34
CA ARG I 98 75.69 16.93 2.16
C ARG I 98 76.27 15.55 2.43
N TYR I 99 76.26 14.73 1.37
CA TYR I 99 76.65 13.32 1.37
C TYR I 99 77.61 13.06 0.21
N SER I 100 78.74 12.39 0.48
CA SER I 100 79.77 12.14 -0.52
C SER I 100 79.78 10.67 -0.96
N PHE I 101 79.73 10.44 -2.26
CA PHE I 101 79.56 9.09 -2.80
C PHE I 101 80.88 8.32 -2.74
N GLY I 102 80.80 7.02 -2.42
CA GLY I 102 81.93 6.10 -2.39
C GLY I 102 82.61 5.88 -3.74
N THR I 103 81.94 6.29 -4.83
CA THR I 103 82.46 6.30 -6.19
C THR I 103 81.68 7.35 -7.01
N ALA I 104 82.23 7.77 -8.15
CA ALA I 104 81.57 8.70 -9.06
C ALA I 104 80.19 8.17 -9.48
N GLN I 105 79.17 9.05 -9.39
CA GLN I 105 77.81 8.70 -9.82
C GLN I 105 77.50 9.31 -11.18
N ASP I 106 76.88 8.49 -12.03
CA ASP I 106 76.30 8.95 -13.28
C ASP I 106 74.78 9.05 -13.11
N PHE I 107 74.27 10.28 -13.23
CA PHE I 107 72.85 10.57 -13.11
C PHE I 107 72.23 11.05 -14.43
N THR I 108 72.86 10.73 -15.57
CA THR I 108 72.26 10.99 -16.88
C THR I 108 70.88 10.34 -16.96
N GLY I 109 69.86 11.14 -17.32
CA GLY I 109 68.50 10.68 -17.46
C GLY I 109 67.78 10.34 -16.14
N LYS I 110 68.32 10.77 -14.99
CA LYS I 110 67.68 10.53 -13.69
C LYS I 110 67.01 11.79 -13.15
N GLY I 111 65.74 11.67 -12.73
CA GLY I 111 65.05 12.70 -11.97
C GLY I 111 64.97 12.34 -10.49
N PHE I 112 64.75 13.35 -9.64
CA PHE I 112 64.89 13.20 -8.20
C PHE I 112 63.59 13.50 -7.45
N SER I 113 63.40 12.82 -6.32
CA SER I 113 62.16 12.92 -5.55
C SER I 113 62.48 12.72 -4.07
N MET I 114 61.74 13.37 -3.16
CA MET I 114 62.03 13.26 -1.73
C MET I 114 60.77 13.40 -0.87
N ALA I 115 60.72 12.70 0.28
CA ALA I 115 59.66 12.88 1.25
C ALA I 115 59.94 14.06 2.17
N LEU I 116 58.91 14.83 2.49
CA LEU I 116 59.04 16.11 3.19
C LEU I 116 57.88 16.30 4.17
N LYS I 117 58.14 16.88 5.35
CA LYS I 117 57.10 17.42 6.23
C LYS I 117 57.57 18.73 6.87
N ARG I 118 56.75 19.79 6.82
CA ARG I 118 57.04 21.06 7.46
C ARG I 118 56.58 21.03 8.91
N ILE I 119 57.49 21.27 9.86
CA ILE I 119 57.12 21.43 11.26
C ILE I 119 57.02 22.93 11.58
N ASP I 120 58.05 23.69 11.20
CA ASP I 120 58.06 25.14 11.30
C ASP I 120 58.95 25.78 10.23
N VAL I 121 58.51 26.92 9.68
CA VAL I 121 59.34 27.81 8.87
C VAL I 121 58.80 29.22 9.12
N SER I 122 59.67 30.19 9.46
CA SER I 122 59.23 31.58 9.58
C SER I 122 60.37 32.56 9.26
N GLY I 123 59.99 33.69 8.67
CA GLY I 123 60.94 34.71 8.22
C GLY I 123 60.33 35.56 7.12
N SER I 124 61.08 35.79 6.03
CA SER I 124 60.60 36.46 4.84
C SER I 124 59.42 35.73 4.18
N SER I 125 59.27 34.43 4.47
CA SER I 125 58.05 33.68 4.19
C SER I 125 57.88 32.54 5.21
N ASP I 126 56.65 32.04 5.38
CA ASP I 126 56.35 30.82 6.13
C ASP I 126 56.59 29.54 5.33
N SER I 127 57.42 29.65 4.29
CA SER I 127 57.69 28.65 3.27
C SER I 127 59.15 28.79 2.83
N THR I 128 59.70 27.73 2.23
CA THR I 128 61.02 27.81 1.62
C THR I 128 61.08 26.94 0.37
N PRO I 129 61.79 27.37 -0.69
CA PRO I 129 62.35 26.43 -1.64
C PRO I 129 63.29 25.50 -0.90
N ILE I 130 63.13 24.21 -1.18
CA ILE I 130 64.10 23.19 -0.79
C ILE I 130 64.76 22.72 -2.08
N LYS I 131 66.10 22.65 -2.04
CA LYS I 131 66.92 22.46 -3.23
C LYS I 131 67.77 21.21 -3.03
N ILE I 132 67.64 20.24 -3.94
CA ILE I 132 68.62 19.17 -4.08
C ILE I 132 69.67 19.66 -5.08
N ARG I 133 70.90 19.87 -4.58
CA ARG I 133 72.06 20.26 -5.35
C ARG I 133 72.94 19.03 -5.55
N LEU I 134 73.16 18.63 -6.81
CA LEU I 134 74.26 17.72 -7.14
C LEU I 134 75.53 18.54 -7.33
N VAL I 135 76.71 17.94 -7.07
CA VAL I 135 77.98 18.60 -7.34
C VAL I 135 78.97 17.61 -7.97
N ASP I 136 79.63 18.04 -9.06
CA ASP I 136 80.55 17.21 -9.84
C ASP I 136 81.99 17.24 -9.29
N GLY I 137 82.86 16.43 -9.91
CA GLY I 137 84.30 16.40 -9.59
C GLY I 137 85.05 17.73 -9.81
N ASN I 138 84.41 18.70 -10.48
CA ASN I 138 84.97 20.02 -10.77
C ASN I 138 84.41 21.11 -9.85
N THR I 139 83.50 20.74 -8.92
CA THR I 139 82.74 21.68 -8.08
C THR I 139 81.82 22.59 -8.90
N ASN I 140 81.31 22.12 -10.04
CA ASN I 140 80.09 22.66 -10.63
C ASN I 140 78.89 22.07 -9.88
N TYR I 141 77.86 22.86 -9.61
CA TYR I 141 76.57 22.36 -9.16
C TYR I 141 75.57 22.15 -10.30
N ARG I 142 74.60 21.24 -10.07
CA ARG I 142 73.30 21.26 -10.74
C ARG I 142 72.22 21.27 -9.64
N THR I 143 71.19 22.10 -9.80
CA THR I 143 70.16 22.26 -8.78
C THR I 143 68.81 21.80 -9.30
N PHE I 144 68.13 20.98 -8.51
CA PHE I 144 66.71 20.70 -8.65
C PHE I 144 66.01 21.17 -7.37
N SER I 145 64.76 21.61 -7.46
CA SER I 145 64.09 22.19 -6.28
C SER I 145 62.57 21.98 -6.32
N ALA I 146 61.97 22.23 -5.15
CA ALA I 146 60.53 22.13 -4.88
C ALA I 146 60.21 23.08 -3.73
N ARG I 147 58.93 23.34 -3.45
CA ARG I 147 58.57 24.26 -2.36
C ARG I 147 57.96 23.53 -1.16
N CYS I 148 58.54 23.80 0.00
CA CYS I 148 57.96 23.45 1.28
C CYS I 148 57.04 24.59 1.72
N ARG I 149 55.73 24.30 1.87
CA ARG I 149 54.71 25.33 2.15
C ARG I 149 53.81 24.85 3.29
N PRO I 150 53.10 25.77 4.00
CA PRO I 150 52.00 25.38 4.88
C PRO I 150 50.88 24.71 4.09
N GLY I 151 50.06 23.92 4.80
CA GLY I 151 48.98 23.17 4.18
C GLY I 151 49.51 21.95 3.44
N GLY I 152 50.04 22.14 2.23
CA GLY I 152 50.53 21.03 1.42
C GLY I 152 51.75 20.31 2.02
N GLY I 153 52.39 20.92 3.03
CA GLY I 153 53.49 20.28 3.75
C GLY I 153 53.19 19.97 5.21
N ASP I 154 51.94 20.12 5.67
CA ASP I 154 51.58 19.90 7.07
C ASP I 154 51.66 18.43 7.50
N GLU I 155 51.66 17.52 6.52
CA GLU I 155 51.80 16.08 6.70
C GLU I 155 52.78 15.55 5.66
N TRP I 156 53.29 14.34 5.86
CA TRP I 156 54.30 13.79 4.97
C TRP I 156 53.79 13.66 3.54
N GLY I 157 54.53 14.23 2.58
CA GLY I 157 54.20 14.10 1.18
C GLY I 157 55.46 14.20 0.31
N ARG I 158 55.49 13.44 -0.78
CA ARG I 158 56.64 13.46 -1.68
C ARG I 158 56.56 14.66 -2.62
N ARG I 159 57.71 15.31 -2.84
CA ARG I 159 57.88 16.25 -3.93
C ARG I 159 58.75 15.63 -5.00
N ASP I 160 58.39 15.88 -6.26
CA ASP I 160 59.19 15.44 -7.40
C ASP I 160 59.87 16.68 -8.00
N PHE I 161 61.20 16.70 -7.92
CA PHE I 161 61.98 17.93 -7.98
C PHE I 161 62.23 18.40 -9.42
N GLY I 162 61.93 19.67 -9.67
CA GLY I 162 62.15 20.26 -10.98
C GLY I 162 63.54 20.87 -11.09
N PHE I 163 64.16 20.74 -12.28
CA PHE I 163 65.41 21.42 -12.55
C PHE I 163 65.29 22.93 -12.28
N GLU I 164 66.37 23.57 -11.79
CA GLU I 164 66.38 24.98 -11.45
C GLU I 164 67.56 25.71 -12.08
N SER I 165 68.78 25.18 -11.93
CA SER I 165 69.99 25.85 -12.37
C SER I 165 71.15 24.87 -12.55
N GLU I 166 72.18 25.29 -13.29
CA GLU I 166 73.36 24.47 -13.51
C GLU I 166 74.57 25.36 -13.76
N ASP I 167 75.67 25.07 -13.04
CA ASP I 167 76.96 25.70 -13.29
C ASP I 167 77.53 25.17 -14.61
N THR I 168 77.89 26.10 -15.51
CA THR I 168 78.23 25.75 -16.89
C THR I 168 79.32 24.68 -16.94
N GLY I 169 79.04 23.57 -17.64
CA GLY I 169 79.99 22.47 -17.78
C GLY I 169 79.92 21.41 -16.68
N PHE I 170 78.88 21.43 -15.84
CA PHE I 170 78.62 20.37 -14.86
C PHE I 170 78.65 18.97 -15.46
N ASP I 171 79.47 18.09 -14.88
CA ASP I 171 79.57 16.70 -15.35
C ASP I 171 78.63 15.77 -14.60
N VAL I 172 77.42 15.64 -15.13
CA VAL I 172 76.39 14.73 -14.66
C VAL I 172 76.83 13.25 -14.65
N THR I 173 77.89 12.89 -15.38
CA THR I 173 78.41 11.52 -15.36
C THR I 173 79.37 11.26 -14.21
N ASN I 174 79.81 12.33 -13.53
CA ASN I 174 80.88 12.31 -12.54
C ASN I 174 80.48 13.14 -11.32
N VAL I 175 79.30 12.83 -10.77
CA VAL I 175 78.82 13.49 -9.56
C VAL I 175 79.50 12.85 -8.35
N GLN I 176 80.02 13.70 -7.46
CA GLN I 176 80.86 13.29 -6.34
C GLN I 176 80.18 13.49 -4.99
N THR I 177 79.21 14.41 -4.94
CA THR I 177 78.47 14.69 -3.71
C THR I 177 77.07 15.15 -4.08
N MET I 178 76.12 14.91 -3.16
CA MET I 178 74.82 15.54 -3.25
C MET I 178 74.48 16.26 -1.94
N THR I 179 73.77 17.37 -2.10
CA THR I 179 73.56 18.38 -1.07
C THR I 179 72.08 18.76 -1.04
N VAL I 180 71.51 18.91 0.15
CA VAL I 180 70.13 19.35 0.33
C VAL I 180 70.17 20.68 1.07
N THR I 181 69.50 21.73 0.56
CA THR I 181 69.65 23.07 1.11
C THR I 181 68.40 23.95 0.93
N THR I 182 68.29 25.02 1.74
CA THR I 182 67.10 25.90 1.77
C THR I 182 67.51 27.37 1.67
N ASN I 183 66.53 28.25 1.40
CA ASN I 183 66.71 29.66 1.69
C ASN I 183 66.84 29.87 3.21
N SER I 184 67.42 31.01 3.62
CA SER I 184 67.59 31.38 5.02
C SER I 184 66.28 31.88 5.64
N ARG I 185 65.98 31.49 6.89
CA ARG I 185 64.81 31.95 7.63
C ARG I 185 65.12 32.08 9.12
N SER I 186 64.34 32.92 9.83
CA SER I 186 64.47 33.10 11.27
C SER I 186 64.31 31.78 12.04
N SER I 187 63.43 30.90 11.54
CA SER I 187 63.27 29.53 12.03
C SER I 187 63.05 28.58 10.86
N ILE I 188 63.68 27.40 10.92
CA ILE I 188 63.40 26.25 10.08
C ILE I 188 63.39 25.02 10.97
N ASP I 189 62.35 24.19 10.81
CA ASP I 189 62.26 22.83 11.29
C ASP I 189 61.43 22.04 10.27
N ILE I 190 62.10 21.25 9.43
CA ILE I 190 61.43 20.42 8.44
C ILE I 190 62.03 19.01 8.49
N LEU I 191 61.18 18.00 8.35
CA LEU I 191 61.64 16.62 8.25
C LEU I 191 61.77 16.22 6.79
N VAL I 192 62.77 15.39 6.48
CA VAL I 192 62.91 14.75 5.18
C VAL I 192 63.22 13.26 5.36
N ASP I 193 62.95 12.46 4.32
CA ASP I 193 63.26 11.05 4.27
C ASP I 193 63.29 10.60 2.81
N ASP I 194 63.85 9.42 2.54
CA ASP I 194 63.56 8.66 1.33
C ASP I 194 63.73 9.45 0.01
N ILE I 195 64.99 9.80 -0.34
CA ILE I 195 65.27 10.33 -1.68
C ILE I 195 65.22 9.19 -2.70
N ARG I 196 64.52 9.43 -3.81
CA ARG I 196 64.32 8.44 -4.87
C ARG I 196 64.82 8.96 -6.22
N VAL I 197 65.38 8.03 -6.98
CA VAL I 197 65.84 8.25 -8.35
C VAL I 197 64.86 7.54 -9.29
N VAL I 198 64.40 8.28 -10.31
CA VAL I 198 63.46 7.78 -11.30
C VAL I 198 64.02 7.97 -12.72
N ASP I 199 63.74 6.99 -13.58
CA ASP I 199 64.11 7.06 -14.99
C ASP I 199 63.27 8.14 -15.69
N SER I 200 63.96 9.15 -16.22
CA SER I 200 63.38 10.25 -16.96
C SER I 200 64.09 10.42 -18.32
N SER I 201 64.52 9.29 -18.90
CA SER I 201 65.34 9.24 -20.12
C SER I 201 64.55 9.53 -21.40
N GLY I 202 63.21 9.58 -21.32
CA GLY I 202 62.38 9.99 -22.45
C GLY I 202 62.54 11.47 -22.81
N THR I 203 61.82 11.91 -23.84
CA THR I 203 61.76 13.31 -24.25
C THR I 203 61.22 14.21 -23.13
N GLY I 204 61.52 15.52 -23.19
CA GLY I 204 60.83 16.52 -22.40
C GLY I 204 59.38 16.68 -22.83
N GLN I 205 58.52 17.16 -21.91
CA GLN I 205 57.08 17.26 -22.16
C GLN I 205 56.52 18.56 -21.58
N VAL I 206 55.45 19.11 -22.19
CA VAL I 206 54.80 20.32 -21.69
C VAL I 206 53.30 20.11 -21.55
N ILE I 207 52.73 20.58 -20.42
CA ILE I 207 51.31 20.60 -20.14
C ILE I 207 50.88 22.07 -19.94
N VAL I 208 49.82 22.50 -20.64
CA VAL I 208 49.31 23.86 -20.51
C VAL I 208 47.90 23.83 -19.91
N THR I 209 47.68 24.56 -18.81
CA THR I 209 46.34 24.72 -18.26
C THR I 209 45.91 26.19 -18.20
N ILE I 210 44.63 26.43 -18.52
CA ILE I 210 44.01 27.72 -18.34
C ILE I 210 42.98 27.58 -17.22
N ASP I 211 43.07 28.46 -16.22
CA ASP I 211 42.17 28.40 -15.08
C ASP I 211 40.97 29.34 -15.22
N ASP I 212 39.83 28.94 -14.61
CA ASP I 212 38.76 29.84 -14.21
C ASP I 212 37.91 30.40 -15.36
N VAL I 213 37.96 29.79 -16.54
CA VAL I 213 36.98 29.89 -17.64
C VAL I 213 36.66 31.31 -18.12
N HIS I 214 37.70 32.16 -18.18
CA HIS I 214 37.56 33.53 -18.67
C HIS I 214 37.32 33.58 -20.19
N THR I 215 36.68 34.63 -20.71
CA THR I 215 36.32 34.71 -22.14
C THR I 215 37.55 34.65 -23.06
N GLY I 216 38.71 35.11 -22.56
CA GLY I 216 39.95 35.05 -23.33
C GLY I 216 40.41 33.63 -23.68
N ASP I 217 39.80 32.60 -23.09
CA ASP I 217 40.11 31.22 -23.43
C ASP I 217 39.85 30.93 -24.91
N LYS I 218 38.94 31.68 -25.54
CA LYS I 218 38.67 31.58 -26.98
C LYS I 218 39.91 31.95 -27.80
N THR I 219 40.49 33.14 -27.54
CA THR I 219 41.71 33.57 -28.22
C THR I 219 42.89 32.66 -27.86
N ALA I 220 42.98 32.21 -26.61
CA ALA I 220 43.98 31.24 -26.19
C ALA I 220 43.93 29.96 -27.02
N ALA I 221 42.73 29.38 -27.19
CA ALA I 221 42.56 28.16 -27.97
C ALA I 221 43.03 28.35 -29.42
N GLU I 222 42.71 29.49 -30.04
CA GLU I 222 43.19 29.81 -31.38
C GLU I 222 44.72 29.86 -31.43
N VAL I 223 45.36 30.59 -30.49
CA VAL I 223 46.80 30.77 -30.41
C VAL I 223 47.53 29.43 -30.21
N PHE I 224 47.22 28.67 -29.15
CA PHE I 224 47.90 27.42 -28.89
C PHE I 224 47.58 26.34 -29.93
N GLY I 225 46.40 26.47 -30.54
CA GLY I 225 46.03 25.70 -31.71
C GLY I 225 47.01 25.87 -32.87
N ARG I 226 47.64 27.03 -33.05
CA ARG I 226 48.53 27.26 -34.19
C ARG I 226 49.76 26.34 -34.17
N TYR I 227 49.98 25.55 -33.10
CA TYR I 227 51.09 24.61 -33.00
C TYR I 227 50.64 23.26 -32.45
N GLY I 228 49.32 23.04 -32.42
CA GLY I 228 48.70 21.81 -31.93
C GLY I 228 49.03 21.49 -30.47
N ILE I 229 49.32 22.49 -29.64
CA ILE I 229 49.58 22.32 -28.21
C ILE I 229 48.23 22.15 -27.50
N PRO I 230 48.02 21.11 -26.67
CA PRO I 230 46.74 20.94 -26.00
C PRO I 230 46.57 21.76 -24.73
N ILE I 231 45.38 22.36 -24.60
CA ILE I 231 44.97 23.19 -23.48
C ILE I 231 44.04 22.40 -22.58
N GLY I 232 44.36 22.36 -21.27
CA GLY I 232 43.39 21.97 -20.27
C GLY I 232 42.65 23.19 -19.70
N LEU I 233 41.33 23.25 -19.90
CA LEU I 233 40.50 24.21 -19.17
C LEU I 233 40.22 23.66 -17.78
N ALA I 234 40.83 24.26 -16.75
CA ALA I 234 40.51 23.96 -15.37
C ALA I 234 39.22 24.70 -15.04
N ALA I 235 38.11 23.96 -15.09
CA ALA I 235 36.78 24.52 -15.26
C ALA I 235 35.98 24.56 -13.95
N ASN I 236 35.33 25.70 -13.72
CA ASN I 236 34.32 25.85 -12.68
C ASN I 236 32.96 26.01 -13.36
N ALA I 237 32.05 25.06 -13.24
CA ALA I 237 30.83 25.09 -14.03
C ALA I 237 29.84 26.20 -13.65
N LYS I 238 29.89 26.71 -12.41
CA LYS I 238 29.02 27.83 -12.00
C LYS I 238 29.37 29.12 -12.74
N PHE I 239 30.66 29.31 -13.03
CA PHE I 239 31.18 30.51 -13.65
C PHE I 239 30.68 30.70 -15.09
N LEU I 240 30.30 29.61 -15.78
CA LEU I 240 29.76 29.70 -17.13
C LEU I 240 28.48 30.54 -17.15
N ASP I 241 28.38 31.46 -18.12
CA ASP I 241 27.25 32.36 -18.31
C ASP I 241 27.02 33.36 -17.16
N GLN I 242 27.99 33.57 -16.24
CA GLN I 242 27.78 34.53 -15.15
C GLN I 242 27.84 35.98 -15.64
N SER I 243 28.73 36.25 -16.60
CA SER I 243 29.12 37.58 -17.04
C SER I 243 29.72 37.51 -18.44
N SER I 244 29.90 38.67 -19.09
CA SER I 244 30.60 38.76 -20.37
C SER I 244 32.07 38.33 -20.27
N SER I 245 32.65 38.38 -19.05
CA SER I 245 34.04 38.07 -18.77
C SER I 245 34.34 36.57 -18.62
N LYS I 246 33.31 35.71 -18.60
CA LYS I 246 33.44 34.26 -18.55
C LYS I 246 32.67 33.59 -19.69
N LEU I 247 33.15 32.43 -20.15
CA LEU I 247 32.58 31.73 -21.29
C LEU I 247 31.09 31.45 -21.13
N THR I 248 30.33 31.49 -22.24
CA THR I 248 28.98 30.92 -22.21
C THR I 248 29.06 29.39 -22.23
N THR I 249 27.95 28.74 -21.88
CA THR I 249 27.85 27.28 -21.96
C THR I 249 28.13 26.79 -23.39
N GLN I 250 27.55 27.46 -24.39
CA GLN I 250 27.76 27.08 -25.78
C GLN I 250 29.21 27.28 -26.21
N GLU I 251 29.84 28.39 -25.82
CA GLU I 251 31.25 28.64 -26.09
C GLU I 251 32.14 27.56 -25.47
N PHE I 252 31.86 27.15 -24.22
CA PHE I 252 32.62 26.13 -23.53
C PHE I 252 32.51 24.78 -24.24
N LYS I 253 31.30 24.37 -24.60
CA LYS I 253 31.05 23.15 -25.36
C LYS I 253 31.72 23.17 -26.73
N ASP I 254 31.63 24.30 -27.44
CA ASP I 254 32.30 24.50 -28.73
C ASP I 254 33.82 24.43 -28.59
N LEU I 255 34.40 25.06 -27.56
CA LEU I 255 35.81 24.94 -27.24
C LEU I 255 36.23 23.49 -27.04
N LEU I 256 35.51 22.73 -26.21
CA LEU I 256 35.85 21.35 -25.91
C LEU I 256 35.69 20.41 -27.12
N ALA I 257 34.88 20.79 -28.11
CA ALA I 257 34.81 20.04 -29.37
C ALA I 257 36.10 20.15 -30.19
N LYS I 258 36.95 21.16 -29.93
CA LYS I 258 38.21 21.34 -30.65
C LYS I 258 39.21 20.30 -30.15
N PRO I 259 39.92 19.58 -31.05
CA PRO I 259 40.68 18.38 -30.69
C PRO I 259 41.81 18.58 -29.68
N HIS I 260 42.26 19.83 -29.49
CA HIS I 260 43.35 20.15 -28.57
C HIS I 260 42.86 20.69 -27.22
N VAL I 261 41.56 20.97 -27.06
CA VAL I 261 41.03 21.49 -25.81
C VAL I 261 40.35 20.37 -25.01
N TYR I 262 40.66 20.29 -23.72
CA TYR I 262 40.04 19.33 -22.81
C TYR I 262 39.74 20.04 -21.49
N ALA I 263 38.82 19.49 -20.68
CA ALA I 263 38.47 20.10 -19.40
C ALA I 263 38.87 19.20 -18.23
N VAL I 264 39.29 19.84 -17.14
CA VAL I 264 39.56 19.18 -15.87
C VAL I 264 38.82 19.94 -14.78
N ASN I 265 38.52 19.28 -13.66
CA ASN I 265 37.67 19.87 -12.64
C ASN I 265 38.45 20.90 -11.82
N HIS I 266 37.80 22.02 -11.46
CA HIS I 266 38.40 23.05 -10.62
C HIS I 266 37.38 23.54 -9.58
N GLY I 267 36.35 22.71 -9.32
CA GLY I 267 35.30 22.93 -8.34
C GLY I 267 34.18 23.78 -8.92
N TYR I 268 32.91 23.40 -8.69
CA TYR I 268 31.76 24.06 -9.30
C TYR I 268 31.80 25.59 -9.14
N ASN I 269 32.09 26.05 -7.91
CA ASN I 269 32.14 27.45 -7.51
C ASN I 269 33.51 27.81 -6.93
N HIS I 270 34.59 27.10 -7.34
CA HIS I 270 35.97 27.42 -7.01
C HIS I 270 36.23 27.47 -5.48
N TYR I 271 35.63 26.56 -4.70
CA TYR I 271 35.88 26.58 -3.25
C TYR I 271 37.28 26.05 -2.92
N ASP I 272 38.14 26.94 -2.44
CA ASP I 272 39.52 26.62 -2.11
C ASP I 272 39.70 26.16 -0.66
N TYR I 273 40.72 25.33 -0.43
CA TYR I 273 41.04 24.83 0.91
C TYR I 273 41.33 25.97 1.91
N GLY I 274 40.90 25.79 3.16
CA GLY I 274 41.08 26.80 4.20
C GLY I 274 39.95 27.84 4.21
N SER I 275 39.53 28.30 3.03
CA SER I 275 38.42 29.26 2.90
C SER I 275 37.06 28.63 3.19
N TYR I 276 36.94 27.32 2.99
CA TYR I 276 35.72 26.53 3.19
C TYR I 276 36.04 25.25 3.95
N SER I 277 35.03 24.60 4.56
CA SER I 277 35.24 23.31 5.22
C SER I 277 35.48 22.21 4.18
N ILE I 278 36.09 21.10 4.61
CA ILE I 278 36.33 19.96 3.74
C ILE I 278 35.03 19.43 3.12
N ASP I 279 33.94 19.44 3.90
CA ASP I 279 32.63 19.03 3.45
C ASP I 279 32.09 19.91 2.32
N GLU I 280 32.23 21.22 2.44
CA GLU I 280 31.78 22.16 1.42
C GLU I 280 32.61 22.02 0.14
N ILE I 281 33.92 21.81 0.29
CA ILE I 281 34.80 21.57 -0.85
C ILE I 281 34.44 20.26 -1.52
N GLU I 282 34.10 19.22 -0.76
CA GLU I 282 33.65 17.95 -1.31
C GLU I 282 32.39 18.11 -2.14
N ASP I 283 31.42 18.89 -1.66
CA ASP I 283 30.23 19.23 -2.43
C ASP I 283 30.60 19.97 -3.73
N ASP I 284 31.56 20.89 -3.67
CA ASP I 284 32.02 21.65 -4.82
C ASP I 284 32.72 20.77 -5.86
N VAL I 285 33.49 19.79 -5.37
CA VAL I 285 34.19 18.79 -6.16
C VAL I 285 33.18 17.89 -6.86
N ILE I 286 32.23 17.32 -6.10
CA ILE I 286 31.19 16.42 -6.61
C ILE I 286 30.32 17.15 -7.63
N ARG I 287 29.85 18.35 -7.30
CA ARG I 287 29.02 19.12 -8.20
C ARG I 287 29.79 19.53 -9.45
N GLY I 288 31.05 19.95 -9.30
CA GLY I 288 31.91 20.25 -10.44
C GLY I 288 32.00 19.06 -11.40
N LYS I 289 32.26 17.87 -10.85
CA LYS I 289 32.37 16.63 -11.61
C LYS I 289 31.08 16.36 -12.41
N TYR I 290 29.91 16.36 -11.76
CA TYR I 290 28.68 15.99 -12.45
C TYR I 290 28.17 17.05 -13.42
N GLU I 291 28.35 18.33 -13.10
CA GLU I 291 27.98 19.41 -14.01
C GLU I 291 28.83 19.38 -15.28
N LEU I 292 30.14 19.13 -15.14
CA LEU I 292 31.03 18.98 -16.29
C LEU I 292 30.71 17.70 -17.09
N GLN I 293 30.30 16.62 -16.42
CA GLN I 293 29.88 15.40 -17.11
C GLN I 293 28.61 15.62 -17.92
N ASP I 294 27.67 16.43 -17.43
CA ASP I 294 26.50 16.85 -18.19
C ASP I 294 26.88 17.70 -19.41
N LEU I 295 27.94 18.51 -19.30
CA LEU I 295 28.54 19.24 -20.42
C LEU I 295 29.40 18.36 -21.33
N GLY I 296 29.44 17.04 -21.10
CA GLY I 296 30.08 16.07 -21.99
C GLY I 296 31.54 15.77 -21.66
N VAL I 297 32.08 16.26 -20.54
CA VAL I 297 33.44 15.97 -20.11
C VAL I 297 33.50 14.56 -19.52
N ARG I 298 34.18 13.62 -20.20
CA ARG I 298 34.15 12.21 -19.82
C ARG I 298 35.44 11.72 -19.14
N GLU I 299 35.47 10.41 -18.83
CA GLU I 299 36.24 9.83 -17.74
C GLU I 299 37.71 10.26 -17.64
N PRO I 300 38.60 10.00 -18.64
CA PRO I 300 40.02 10.23 -18.46
C PRO I 300 40.29 11.70 -18.20
N ASN I 301 39.53 12.60 -18.83
CA ASN I 301 39.60 14.04 -18.60
C ASN I 301 39.12 14.38 -17.17
N ILE I 302 37.91 13.93 -16.79
CA ILE I 302 37.26 14.35 -15.56
C ILE I 302 37.76 13.59 -14.32
N ASN I 303 38.80 12.76 -14.48
CA ASN I 303 39.56 12.20 -13.38
C ASN I 303 40.65 13.14 -12.85
N HIS I 304 40.87 14.30 -13.50
CA HIS I 304 41.87 15.28 -13.08
C HIS I 304 41.23 16.49 -12.40
N TYR I 305 41.90 16.99 -11.35
CA TYR I 305 41.45 18.19 -10.65
C TYR I 305 42.61 19.17 -10.47
N VAL I 306 42.29 20.45 -10.37
CA VAL I 306 43.29 21.48 -10.16
C VAL I 306 42.85 22.24 -8.92
N TYR I 307 43.76 22.43 -7.95
CA TYR I 307 43.37 23.00 -6.68
C TYR I 307 42.88 24.44 -6.87
N PRO I 308 41.67 24.81 -6.37
CA PRO I 308 41.18 26.18 -6.45
C PRO I 308 42.10 27.11 -5.67
N SER I 309 42.52 28.20 -6.31
CA SER I 309 43.51 29.14 -5.78
C SER I 309 44.82 28.46 -5.32
N GLY I 310 45.11 27.25 -5.82
CA GLY I 310 46.29 26.48 -5.44
C GLY I 310 46.31 25.97 -3.99
N ASN I 311 45.28 26.22 -3.18
CA ASN I 311 45.26 25.83 -1.77
C ASN I 311 44.97 24.33 -1.62
N TYR I 312 45.76 23.63 -0.79
CA TYR I 312 45.53 22.21 -0.50
C TYR I 312 46.19 21.76 0.80
N ALA I 313 45.83 20.56 1.27
CA ALA I 313 46.44 19.87 2.39
C ALA I 313 46.25 18.36 2.22
N GLN I 314 46.80 17.54 3.13
CA GLN I 314 46.54 16.11 3.10
C GLN I 314 45.05 15.81 3.33
N GLU I 315 44.37 16.63 4.13
CA GLU I 315 42.92 16.55 4.36
C GLU I 315 42.15 16.60 3.02
N SER I 316 42.46 17.60 2.20
CA SER I 316 41.81 17.76 0.91
C SER I 316 42.22 16.67 -0.07
N ILE I 317 43.49 16.26 -0.06
CA ILE I 317 43.97 15.15 -0.89
C ILE I 317 43.20 13.87 -0.59
N ASP I 318 43.02 13.54 0.68
CA ASP I 318 42.29 12.36 1.09
C ASP I 318 40.85 12.37 0.56
N MET I 319 40.16 13.51 0.70
CA MET I 319 38.81 13.68 0.17
C MET I 319 38.81 13.57 -1.36
N LEU I 320 39.69 14.32 -2.04
CA LEU I 320 39.79 14.35 -3.50
C LEU I 320 40.12 13.00 -4.11
N SER I 321 40.88 12.15 -3.40
CA SER I 321 41.24 10.82 -3.87
C SER I 321 40.05 9.90 -4.12
N ASN I 322 38.88 10.21 -3.56
CA ASN I 322 37.66 9.46 -3.85
C ASN I 322 37.09 9.81 -5.23
N TYR I 323 37.46 10.98 -5.78
CA TYR I 323 36.81 11.57 -6.95
C TYR I 323 37.77 11.78 -8.13
N HIS I 324 39.06 12.01 -7.84
CA HIS I 324 40.09 12.37 -8.80
C HIS I 324 41.36 11.57 -8.54
N VAL I 325 42.24 11.45 -9.55
CA VAL I 325 43.49 10.70 -9.44
C VAL I 325 44.71 11.61 -9.27
N MET I 326 44.59 12.87 -9.68
CA MET I 326 45.75 13.73 -9.83
C MET I 326 45.35 15.19 -9.63
N SER I 327 46.23 15.97 -8.99
CA SER I 327 45.99 17.40 -8.82
C SER I 327 47.28 18.21 -8.80
N TRP I 328 47.10 19.49 -9.08
CA TRP I 328 48.17 20.44 -9.31
C TRP I 328 47.97 21.72 -8.52
N GLY I 329 49.02 22.17 -7.83
CA GLY I 329 49.06 23.46 -7.17
C GLY I 329 49.61 24.57 -8.07
N THR I 330 50.23 25.58 -7.44
CA THR I 330 50.65 26.82 -8.10
C THR I 330 52.02 27.29 -7.59
N GLY I 331 52.76 27.99 -8.47
CA GLY I 331 54.04 28.60 -8.13
C GLY I 331 54.43 29.63 -9.19
N ALA I 332 55.45 30.44 -8.89
CA ALA I 332 55.83 31.56 -9.73
C ALA I 332 57.04 31.27 -10.63
N GLU I 333 57.73 30.13 -10.45
CA GLU I 333 59.09 29.97 -10.96
C GLU I 333 59.28 28.66 -11.72
N SER I 334 60.36 28.59 -12.50
CA SER I 334 60.58 27.55 -13.49
C SER I 334 60.60 26.15 -12.85
N PHE I 335 61.24 26.05 -11.68
CA PHE I 335 61.28 24.78 -10.95
C PHE I 335 59.92 24.33 -10.41
N ASP I 336 58.97 25.25 -10.21
CA ASP I 336 57.60 24.88 -9.84
C ASP I 336 56.88 24.12 -10.96
N ALA I 337 57.08 24.55 -12.21
CA ALA I 337 56.51 23.86 -13.35
C ALA I 337 57.12 22.47 -13.53
N LEU I 338 58.40 22.32 -13.19
CA LEU I 338 59.16 21.17 -13.66
C LEU I 338 59.02 19.96 -12.73
N THR I 339 58.84 18.78 -13.34
CA THR I 339 58.89 17.49 -12.65
C THR I 339 59.59 16.48 -13.54
N PRO I 340 60.13 15.38 -12.97
CA PRO I 340 60.53 14.23 -13.78
C PRO I 340 59.30 13.72 -14.56
N ASN I 341 59.55 12.94 -15.60
CA ASN I 341 58.47 12.32 -16.36
C ASN I 341 57.72 11.26 -15.53
N GLN I 342 58.43 10.58 -14.63
CA GLN I 342 57.82 9.67 -13.66
C GLN I 342 57.61 10.41 -12.34
N LEU I 343 56.33 10.65 -11.97
CA LEU I 343 56.03 11.22 -10.66
C LEU I 343 56.15 10.16 -9.56
N THR I 344 56.26 10.64 -8.32
CA THR I 344 56.06 9.79 -7.15
C THR I 344 54.91 10.29 -6.27
N SER I 345 54.47 11.55 -6.41
CA SER I 345 53.16 11.96 -5.91
C SER I 345 52.33 12.61 -7.02
N PRO I 346 51.13 12.07 -7.36
CA PRO I 346 50.25 12.75 -8.31
C PRO I 346 49.46 13.90 -7.68
N TRP I 347 49.74 14.25 -6.41
CA TRP I 347 48.96 15.24 -5.66
C TRP I 347 49.76 16.49 -5.29
N HIS I 348 51.07 16.37 -5.02
CA HIS I 348 51.81 17.47 -4.40
C HIS I 348 52.43 18.48 -5.38
N ASN I 349 52.51 18.14 -6.67
CA ASN I 349 53.29 18.89 -7.64
C ASN I 349 52.59 20.19 -8.10
N LEU I 350 53.39 21.18 -8.51
CA LEU I 350 52.93 22.55 -8.78
C LEU I 350 52.93 22.89 -10.29
N ARG I 351 52.48 24.11 -10.62
CA ARG I 351 52.45 24.65 -11.98
C ARG I 351 53.02 26.06 -11.97
N CYS I 352 53.79 26.44 -13.00
CA CYS I 352 54.31 27.80 -13.08
C CYS I 352 53.28 28.75 -13.72
N SER I 353 52.89 29.80 -12.98
CA SER I 353 52.06 30.87 -13.50
C SER I 353 52.84 31.69 -14.53
N PHE I 354 52.19 32.05 -15.65
CA PHE I 354 52.71 33.12 -16.49
C PHE I 354 51.75 34.32 -16.62
N ASP I 355 50.84 34.48 -15.66
CA ASP I 355 50.02 35.67 -15.49
C ASP I 355 50.85 36.95 -15.34
N SER I 356 52.05 36.82 -14.73
CA SER I 356 52.94 37.93 -14.41
C SER I 356 54.08 38.13 -15.42
N GLY I 357 54.16 37.33 -16.48
CA GLY I 357 55.21 37.45 -17.49
C GLY I 357 55.77 36.08 -17.88
N THR I 358 56.16 35.91 -19.16
CA THR I 358 56.38 34.58 -19.72
C THR I 358 57.74 33.99 -19.36
N ALA I 359 58.64 34.77 -18.75
CA ALA I 359 60.03 34.40 -18.54
C ALA I 359 60.22 33.03 -17.85
N GLU I 360 59.60 32.84 -16.67
CA GLU I 360 59.80 31.63 -15.88
C GLU I 360 59.21 30.40 -16.55
N ALA I 361 58.08 30.58 -17.25
CA ALA I 361 57.46 29.52 -18.04
C ALA I 361 58.34 29.14 -19.23
N GLU I 362 58.87 30.12 -19.96
CA GLU I 362 59.70 29.84 -21.13
C GLU I 362 61.04 29.25 -20.71
N GLN I 363 61.59 29.68 -19.58
CA GLN I 363 62.70 29.02 -18.90
C GLN I 363 62.39 27.56 -18.60
N ALA I 364 61.20 27.28 -18.04
CA ALA I 364 60.74 25.91 -17.80
C ALA I 364 60.64 25.08 -19.09
N VAL I 365 60.09 25.65 -20.16
CA VAL I 365 59.93 24.93 -21.43
C VAL I 365 61.29 24.58 -22.03
N ASN I 366 62.23 25.55 -22.03
CA ASN I 366 63.58 25.33 -22.52
C ASN I 366 64.33 24.33 -21.64
N ASP I 367 64.17 24.39 -20.32
CA ASP I 367 64.78 23.42 -19.41
C ASP I 367 64.14 22.03 -19.55
N ALA I 368 62.83 21.93 -19.81
CA ALA I 368 62.15 20.67 -20.05
C ALA I 368 62.78 19.95 -21.24
N ALA I 369 63.03 20.69 -22.33
CA ALA I 369 63.73 20.18 -23.50
C ALA I 369 65.17 19.76 -23.16
N THR I 370 65.90 20.65 -22.47
CA THR I 370 67.31 20.48 -22.22
C THR I 370 67.61 19.28 -21.31
N TYR I 371 66.85 19.17 -20.20
CA TYR I 371 67.12 18.24 -19.12
C TYR I 371 66.13 17.07 -19.06
N ASN I 372 65.31 16.85 -20.11
CA ASN I 372 64.36 15.75 -20.19
C ASN I 372 63.41 15.68 -18.98
N GLN I 373 62.58 16.73 -18.85
CA GLN I 373 61.62 16.86 -17.76
C GLN I 373 60.25 17.30 -18.32
N THR I 374 59.22 17.19 -17.48
CA THR I 374 57.87 17.61 -17.80
C THR I 374 57.59 18.94 -17.13
N ALA I 375 57.12 19.95 -17.90
CA ALA I 375 56.80 21.27 -17.37
C ALA I 375 55.30 21.53 -17.43
N HIS I 376 54.70 21.96 -16.32
CA HIS I 376 53.29 22.34 -16.31
C HIS I 376 53.18 23.85 -16.10
N ILE I 377 52.63 24.55 -17.11
CA ILE I 377 52.54 26.00 -17.10
C ILE I 377 51.07 26.39 -17.17
N TYR I 378 50.71 27.50 -16.50
CA TYR I 378 49.31 27.88 -16.43
C TYR I 378 49.13 29.40 -16.44
N PHE I 379 47.89 29.80 -16.75
CA PHE I 379 47.52 31.20 -16.77
C PHE I 379 46.01 31.38 -16.64
N HIS I 380 45.60 32.61 -16.35
CA HIS I 380 44.23 33.06 -16.60
C HIS I 380 44.25 33.93 -17.84
N SER I 381 43.32 33.69 -18.76
CA SER I 381 43.31 34.39 -20.04
C SER I 381 42.85 35.86 -19.95
N ASP I 382 42.34 36.31 -18.79
CA ASP I 382 42.10 37.73 -18.56
C ASP I 382 43.40 38.49 -18.25
N ASN I 383 44.32 37.85 -17.52
CA ASN I 383 45.61 38.42 -17.13
C ASN I 383 46.59 38.52 -18.29
N VAL I 384 46.54 37.59 -19.26
CA VAL I 384 47.57 37.39 -20.26
C VAL I 384 47.11 37.95 -21.61
N THR I 385 48.01 38.71 -22.29
CA THR I 385 47.71 39.26 -23.62
C THR I 385 47.82 38.20 -24.71
N GLN I 386 47.29 38.47 -25.92
CA GLN I 386 47.51 37.61 -27.07
C GLN I 386 49.00 37.43 -27.37
N SER I 387 49.79 38.53 -27.31
CA SER I 387 51.21 38.50 -27.61
C SER I 387 52.00 37.63 -26.62
N GLU I 388 51.60 37.62 -25.34
CA GLU I 388 52.24 36.77 -24.34
C GLU I 388 51.97 35.29 -24.65
N MET I 389 50.72 34.95 -24.99
CA MET I 389 50.39 33.58 -25.38
C MET I 389 51.19 33.15 -26.61
N GLU I 390 51.31 34.02 -27.61
CA GLU I 390 52.06 33.73 -28.81
C GLU I 390 53.55 33.50 -28.53
N SER I 391 54.14 34.24 -27.56
CA SER I 391 55.50 34.00 -27.11
C SER I 391 55.67 32.59 -26.54
N VAL I 392 54.77 32.18 -25.64
CA VAL I 392 54.82 30.85 -25.03
C VAL I 392 54.58 29.76 -26.07
N ALA I 393 53.57 29.94 -26.94
CA ALA I 393 53.22 28.98 -27.96
C ALA I 393 54.38 28.75 -28.95
N GLN I 394 55.03 29.83 -29.39
CA GLN I 394 56.20 29.75 -30.25
C GLN I 394 57.43 29.19 -29.53
N THR I 395 57.60 29.48 -28.23
CA THR I 395 58.62 28.83 -27.41
C THR I 395 58.44 27.30 -27.43
N ILE I 396 57.21 26.82 -27.22
CA ILE I 396 56.92 25.40 -27.18
C ILE I 396 57.13 24.76 -28.57
N ASN I 397 56.70 25.42 -29.64
CA ASN I 397 56.86 24.90 -30.99
C ASN I 397 58.33 24.79 -31.42
N SER I 398 59.19 25.70 -30.93
CA SER I 398 60.61 25.74 -31.25
C SER I 398 61.46 24.85 -30.34
N ALA I 399 61.00 24.55 -29.13
CA ALA I 399 61.70 23.66 -28.20
C ALA I 399 61.57 22.17 -28.57
N ASP I 400 62.48 21.35 -28.04
CA ASP I 400 62.43 19.90 -28.15
C ASP I 400 61.60 19.28 -27.02
N VAL I 401 60.27 19.48 -27.08
CA VAL I 401 59.32 18.95 -26.11
C VAL I 401 58.12 18.37 -26.84
N THR I 402 57.49 17.33 -26.26
CA THR I 402 56.19 16.88 -26.72
C THR I 402 55.13 17.65 -25.94
N PRO I 403 54.21 18.39 -26.58
CA PRO I 403 53.08 18.97 -25.85
C PRO I 403 52.04 17.88 -25.60
N ILE I 404 51.57 17.72 -24.35
CA ILE I 404 50.73 16.59 -23.96
C ILE I 404 49.53 17.01 -23.11
N THR I 405 48.51 16.16 -23.08
CA THR I 405 47.38 16.28 -22.18
C THR I 405 47.73 15.73 -20.79
N LEU I 406 46.98 16.15 -19.77
CA LEU I 406 47.07 15.59 -18.43
C LEU I 406 46.76 14.09 -18.41
N MET I 407 45.82 13.66 -19.26
CA MET I 407 45.45 12.26 -19.40
C MET I 407 46.65 11.44 -19.86
N ASP I 408 47.36 11.88 -20.90
CA ASP I 408 48.55 11.23 -21.41
C ASP I 408 49.59 11.10 -20.29
N PHE I 409 49.84 12.21 -19.59
CA PHE I 409 50.80 12.22 -18.51
C PHE I 409 50.49 11.21 -17.40
N TYR I 410 49.22 11.10 -16.98
CA TYR I 410 48.82 10.12 -15.98
C TYR I 410 48.90 8.68 -16.50
N ASN I 411 48.55 8.46 -17.77
CA ASN I 411 48.69 7.15 -18.40
C ASN I 411 50.14 6.68 -18.51
N GLN I 412 51.11 7.61 -18.56
CA GLN I 412 52.53 7.26 -18.59
C GLN I 412 53.07 6.73 -17.26
N GLN I 413 52.40 6.99 -16.13
CA GLN I 413 52.93 6.70 -14.80
C GLN I 413 53.02 5.20 -14.49
N PHE J 101 -45.37 -65.26 -19.15
CA PHE J 101 -45.29 -65.35 -17.66
C PHE J 101 -46.49 -66.15 -17.15
N ALA J 102 -47.49 -65.41 -16.64
CA ALA J 102 -48.66 -66.02 -16.03
C ALA J 102 -49.86 -65.13 -16.39
N ALA J 103 -49.99 -63.98 -15.73
CA ALA J 103 -50.71 -62.84 -16.26
C ALA J 103 -50.25 -61.60 -15.50
N SER J 104 -49.67 -60.63 -16.23
CA SER J 104 -49.09 -59.43 -15.64
C SER J 104 -49.43 -58.21 -16.51
N ASP J 105 -49.31 -57.01 -15.92
CA ASP J 105 -49.55 -55.75 -16.62
C ASP J 105 -48.74 -55.62 -17.91
N PRO J 106 -47.40 -55.88 -17.94
CA PRO J 106 -46.62 -55.68 -19.15
C PRO J 106 -46.99 -56.60 -20.31
N GLU J 107 -47.66 -57.73 -20.03
CA GLU J 107 -48.11 -58.64 -21.08
C GLU J 107 -49.39 -58.14 -21.75
N TYR J 108 -50.30 -57.55 -20.94
CA TYR J 108 -51.67 -57.30 -21.36
C TYR J 108 -52.09 -55.84 -21.30
N VAL J 109 -51.11 -54.93 -21.28
CA VAL J 109 -51.25 -53.47 -21.18
C VAL J 109 -52.12 -52.83 -22.27
N ASP J 110 -52.28 -53.51 -23.42
CA ASP J 110 -53.14 -53.01 -24.49
C ASP J 110 -54.17 -54.06 -24.93
N THR J 111 -54.32 -55.17 -24.16
CA THR J 111 -55.31 -56.18 -24.49
C THR J 111 -56.43 -56.23 -23.45
N LEU J 112 -56.08 -56.23 -22.15
CA LEU J 112 -57.08 -56.36 -21.08
C LEU J 112 -57.41 -55.04 -20.40
N PHE J 113 -56.59 -54.02 -20.61
CA PHE J 113 -56.81 -52.67 -20.10
C PHE J 113 -56.11 -51.66 -21.02
N ARG J 114 -56.18 -50.38 -20.70
CA ARG J 114 -55.48 -49.31 -21.41
C ARG J 114 -54.76 -48.44 -20.41
N GLU J 115 -53.58 -47.93 -20.78
CA GLU J 115 -52.84 -46.98 -19.96
C GLU J 115 -53.73 -45.78 -19.62
N GLN J 116 -53.67 -45.31 -18.37
CA GLN J 116 -54.38 -44.09 -17.98
C GLN J 116 -53.79 -42.87 -18.71
N LEU J 117 -54.69 -42.03 -19.26
CA LEU J 117 -54.36 -40.65 -19.56
C LEU J 117 -54.94 -39.77 -18.45
N LEU J 118 -54.10 -38.89 -17.92
CA LEU J 118 -54.56 -37.88 -16.97
C LEU J 118 -55.43 -36.86 -17.71
N GLU J 119 -56.61 -36.53 -17.15
CA GLU J 119 -57.55 -35.63 -17.80
C GLU J 119 -57.07 -34.16 -17.80
N VAL J 120 -56.10 -33.82 -16.94
CA VAL J 120 -55.51 -32.50 -16.90
C VAL J 120 -54.40 -32.44 -17.96
N VAL J 121 -54.51 -31.45 -18.87
CA VAL J 121 -53.42 -31.15 -19.77
C VAL J 121 -52.56 -30.04 -19.15
N MET J 122 -51.26 -30.30 -19.03
CA MET J 122 -50.34 -29.41 -18.33
C MET J 122 -49.89 -28.29 -19.28
N GLU J 123 -49.96 -27.04 -18.80
CA GLU J 123 -50.08 -25.87 -19.64
C GLU J 123 -48.87 -25.51 -20.51
N GLY J 124 -47.67 -25.70 -19.98
CA GLY J 124 -46.49 -25.13 -20.61
C GLY J 124 -46.39 -23.61 -20.43
N ARG J 125 -45.46 -23.00 -21.14
CA ARG J 125 -44.98 -21.66 -20.80
C ARG J 125 -46.04 -20.61 -21.11
N GLU J 126 -46.50 -19.87 -20.09
CA GLU J 126 -47.43 -18.77 -20.28
C GLU J 126 -46.74 -17.44 -20.01
N LEU J 127 -46.80 -16.54 -20.99
CA LEU J 127 -46.14 -15.24 -20.86
C LEU J 127 -47.02 -14.27 -20.08
N ARG J 128 -46.37 -13.28 -19.45
CA ARG J 128 -47.05 -12.25 -18.68
C ARG J 128 -47.73 -11.25 -19.60
N LYS J 129 -49.03 -11.04 -19.37
CA LYS J 129 -49.88 -10.18 -20.20
C LYS J 129 -50.31 -8.99 -19.36
N VAL J 130 -49.84 -7.78 -19.71
CA VAL J 130 -50.02 -6.59 -18.88
C VAL J 130 -50.40 -5.33 -19.67
N ALA J 131 -50.17 -5.28 -20.98
CA ALA J 131 -50.30 -4.08 -21.81
C ALA J 131 -51.66 -3.38 -21.72
N ARG J 132 -52.76 -4.12 -21.57
CA ARG J 132 -54.11 -3.55 -21.53
C ARG J 132 -54.38 -2.81 -20.21
N GLU J 133 -53.72 -3.23 -19.14
CA GLU J 133 -53.77 -2.58 -17.83
C GLU J 133 -52.71 -1.47 -17.74
N ALA J 134 -51.53 -1.71 -18.34
CA ALA J 134 -50.33 -0.91 -18.24
C ALA J 134 -50.25 0.21 -19.30
N SER J 135 -51.29 0.42 -20.13
CA SER J 135 -51.32 1.50 -21.10
C SER J 135 -52.75 1.99 -21.33
N ASN J 136 -52.89 3.16 -21.96
CA ASN J 136 -54.20 3.63 -22.39
C ASN J 136 -54.63 2.87 -23.66
N VAL J 137 -55.79 2.21 -23.64
CA VAL J 137 -56.26 1.47 -24.83
C VAL J 137 -57.25 2.32 -25.62
N ILE J 138 -56.93 2.57 -26.88
CA ILE J 138 -57.75 3.35 -27.80
C ILE J 138 -58.37 2.38 -28.79
N ASN J 139 -59.70 2.33 -28.84
CA ASN J 139 -60.40 1.67 -29.91
C ASN J 139 -60.54 2.61 -31.11
N ALA J 140 -59.65 2.46 -32.09
CA ALA J 140 -59.63 3.32 -33.27
C ALA J 140 -60.69 2.91 -34.29
N ASN J 141 -61.17 3.90 -35.05
CA ASN J 141 -62.14 3.73 -36.11
C ASN J 141 -61.47 3.48 -37.45
N THR J 142 -60.13 3.63 -37.58
CA THR J 142 -59.34 3.44 -38.78
C THR J 142 -57.99 2.81 -38.45
N ARG J 143 -57.39 2.03 -39.38
CA ARG J 143 -56.09 1.38 -39.16
C ARG J 143 -54.99 2.45 -39.04
N VAL J 144 -55.12 3.50 -39.88
CA VAL J 144 -54.15 4.57 -39.93
C VAL J 144 -54.85 5.86 -39.49
N GLY J 145 -54.12 6.68 -38.72
CA GLY J 145 -54.71 7.87 -38.18
C GLY J 145 -53.66 8.72 -37.47
N ASP J 146 -54.15 9.88 -37.02
CA ASP J 146 -53.33 10.85 -36.33
C ASP J 146 -54.03 11.29 -35.05
N VAL J 147 -53.26 11.29 -33.95
CA VAL J 147 -53.74 11.81 -32.68
C VAL J 147 -53.09 13.17 -32.45
N PRO J 148 -53.86 14.25 -32.18
CA PRO J 148 -53.30 15.57 -31.95
C PRO J 148 -52.59 15.71 -30.60
N ILE J 149 -51.37 16.27 -30.65
CA ILE J 149 -50.57 16.58 -29.49
C ILE J 149 -50.51 18.11 -29.39
N ALA J 150 -50.80 18.61 -28.17
CA ALA J 150 -50.69 20.02 -27.87
C ALA J 150 -49.27 20.42 -27.47
N SER J 151 -48.88 21.64 -27.86
CA SER J 151 -47.62 22.26 -27.46
C SER J 151 -47.50 22.38 -25.94
N ASP J 152 -46.24 22.37 -25.45
CA ASP J 152 -45.97 22.51 -24.03
C ASP J 152 -46.50 23.83 -23.47
N GLU J 153 -46.84 23.78 -22.17
CA GLU J 153 -47.22 24.94 -21.40
C GLU J 153 -46.06 25.95 -21.35
N GLU J 154 -46.36 27.22 -21.61
CA GLU J 154 -45.36 28.27 -21.65
C GLU J 154 -45.57 29.25 -20.50
N PHE J 155 -44.91 30.41 -20.60
CA PHE J 155 -44.97 31.48 -19.63
C PHE J 155 -45.58 32.71 -20.29
N ALA J 156 -46.41 33.44 -19.55
CA ALA J 156 -46.79 34.79 -19.90
C ALA J 156 -45.55 35.70 -19.99
N ARG J 157 -45.67 36.83 -20.71
CA ARG J 157 -44.58 37.78 -20.82
C ARG J 157 -44.91 39.12 -20.14
N PRO J 158 -43.91 39.78 -19.52
CA PRO J 158 -44.05 41.14 -19.02
C PRO J 158 -44.49 42.12 -20.11
N THR J 159 -45.50 42.93 -19.76
CA THR J 159 -46.19 43.79 -20.71
C THR J 159 -46.40 45.18 -20.10
N GLY J 160 -46.24 46.23 -20.91
CA GLY J 160 -46.56 47.59 -20.49
C GLY J 160 -48.06 47.82 -20.37
N GLN J 161 -48.45 48.92 -19.70
CA GLN J 161 -49.84 49.32 -19.68
C GLN J 161 -50.28 49.87 -21.04
N GLY J 162 -51.42 49.38 -21.56
CA GLY J 162 -51.94 49.80 -22.86
C GLY J 162 -51.19 49.22 -24.06
N ALA J 163 -50.16 48.39 -23.82
CA ALA J 163 -49.42 47.70 -24.87
C ALA J 163 -50.21 46.51 -25.42
N GLU J 164 -49.93 46.14 -26.68
CA GLU J 164 -50.62 45.03 -27.34
C GLU J 164 -50.25 43.69 -26.69
N ILE J 165 -51.26 42.86 -26.42
CA ILE J 165 -51.02 41.51 -25.96
C ILE J 165 -50.62 40.65 -27.16
N ARG J 166 -49.43 40.05 -27.08
CA ARG J 166 -48.89 39.29 -28.19
C ARG J 166 -49.43 37.87 -28.20
N ASP J 167 -49.59 37.32 -29.41
CA ASP J 167 -50.15 35.98 -29.54
C ASP J 167 -49.09 34.89 -29.32
N ASP J 168 -49.47 33.92 -28.48
CA ASP J 168 -48.71 32.70 -28.30
C ASP J 168 -49.67 31.55 -28.07
N GLY J 169 -50.54 31.30 -29.06
CA GLY J 169 -51.61 30.34 -28.96
C GLY J 169 -51.11 28.90 -29.03
N GLU J 170 -52.01 27.96 -28.70
CA GLU J 170 -51.64 26.56 -28.69
C GLU J 170 -51.35 26.06 -30.12
N THR J 171 -50.09 25.70 -30.36
CA THR J 171 -49.71 25.02 -31.58
C THR J 171 -49.87 23.52 -31.39
N TYR J 172 -50.15 22.80 -32.50
CA TYR J 172 -50.39 21.37 -32.47
C TYR J 172 -49.48 20.63 -33.44
N THR J 173 -49.22 19.35 -33.11
CA THR J 173 -48.62 18.37 -34.00
C THR J 173 -49.42 17.08 -33.88
N THR J 174 -49.00 16.02 -34.58
CA THR J 174 -49.71 14.74 -34.47
C THR J 174 -48.73 13.58 -34.32
N VAL J 175 -49.22 12.52 -33.70
CA VAL J 175 -48.53 11.24 -33.66
C VAL J 175 -49.35 10.29 -34.53
N ALA J 176 -48.67 9.64 -35.47
CA ALA J 176 -49.31 8.74 -36.43
C ALA J 176 -49.41 7.34 -35.85
N TRP J 177 -50.55 6.65 -36.09
CA TRP J 177 -50.63 5.22 -35.86
C TRP J 177 -50.85 4.49 -37.18
N ASN J 178 -50.34 3.27 -37.27
CA ASN J 178 -50.53 2.38 -38.38
C ASN J 178 -50.67 0.97 -37.82
N ALA J 179 -51.90 0.56 -37.54
CA ALA J 179 -52.21 -0.68 -36.88
C ALA J 179 -51.85 -1.89 -37.75
N THR J 180 -50.97 -2.76 -37.25
CA THR J 180 -50.52 -3.94 -37.96
C THR J 180 -51.43 -5.12 -37.62
N LYS J 181 -51.84 -5.88 -38.65
CA LYS J 181 -52.63 -7.07 -38.49
C LYS J 181 -51.77 -8.18 -37.87
N LEU J 182 -51.98 -8.48 -36.60
CA LEU J 182 -51.39 -9.65 -35.95
C LEU J 182 -52.39 -10.80 -36.10
N THR J 183 -51.89 -11.96 -36.55
CA THR J 183 -52.73 -13.12 -36.75
C THR J 183 -52.14 -14.38 -36.14
N GLU J 184 -53.04 -15.26 -35.72
CA GLU J 184 -52.73 -16.60 -35.30
C GLU J 184 -53.83 -17.53 -35.78
N GLY J 185 -53.45 -18.72 -36.27
CA GLY J 185 -54.42 -19.74 -36.61
C GLY J 185 -54.02 -21.12 -36.09
N SER J 186 -55.02 -22.01 -36.01
CA SER J 186 -54.81 -23.41 -35.77
C SER J 186 -55.95 -24.24 -36.35
N ARG J 187 -55.66 -25.50 -36.72
CA ARG J 187 -56.64 -26.39 -37.35
C ARG J 187 -56.66 -27.74 -36.64
N VAL J 188 -57.87 -28.27 -36.41
CA VAL J 188 -58.09 -29.59 -35.82
C VAL J 188 -59.09 -30.35 -36.67
N THR J 189 -58.90 -31.65 -36.89
CA THR J 189 -59.88 -32.47 -37.59
C THR J 189 -61.05 -32.79 -36.67
N ASP J 190 -62.24 -32.99 -37.26
CA ASP J 190 -63.43 -33.34 -36.50
C ASP J 190 -63.25 -34.64 -35.71
N GLU J 191 -62.47 -35.58 -36.25
CA GLU J 191 -62.13 -36.83 -35.58
C GLU J 191 -61.28 -36.60 -34.33
N MET J 192 -60.30 -35.70 -34.41
CA MET J 192 -59.46 -35.40 -33.25
C MET J 192 -60.25 -34.65 -32.17
N ARG J 193 -61.16 -33.75 -32.60
CA ARG J 193 -62.03 -33.01 -31.72
C ARG J 193 -62.92 -33.95 -30.91
N ASP J 194 -63.50 -34.97 -31.59
CA ASP J 194 -64.34 -35.97 -30.92
C ASP J 194 -63.53 -36.82 -29.92
N GLN J 195 -62.37 -37.33 -30.37
CA GLN J 195 -61.64 -38.35 -29.64
C GLN J 195 -60.84 -37.82 -28.46
N ALA J 196 -60.42 -36.55 -28.51
CA ALA J 196 -59.70 -35.93 -27.40
C ALA J 196 -60.57 -35.83 -26.14
N MET J 197 -59.94 -36.04 -24.97
CA MET J 197 -60.69 -35.95 -23.72
C MET J 197 -60.86 -34.50 -23.26
N VAL J 198 -59.98 -33.61 -23.71
CA VAL J 198 -60.07 -32.17 -23.49
C VAL J 198 -60.80 -31.52 -24.67
N ASP J 199 -61.45 -30.38 -24.42
CA ASP J 199 -62.02 -29.60 -25.52
C ASP J 199 -60.88 -28.92 -26.29
N LEU J 200 -60.51 -29.51 -27.44
CA LEU J 200 -59.43 -29.01 -28.27
C LEU J 200 -59.79 -27.66 -28.91
N ILE J 201 -61.06 -27.39 -29.17
CA ILE J 201 -61.44 -26.09 -29.71
C ILE J 201 -61.29 -25.03 -28.63
N GLU J 202 -61.73 -25.29 -27.39
CA GLU J 202 -61.48 -24.40 -26.27
C GLU J 202 -59.98 -24.16 -26.08
N ARG J 203 -59.16 -25.22 -26.05
CA ARG J 203 -57.71 -25.13 -25.96
C ARG J 203 -57.10 -24.24 -27.05
N ASN J 204 -57.55 -24.41 -28.30
CA ASN J 204 -57.06 -23.64 -29.42
C ASN J 204 -57.55 -22.20 -29.38
N ILE J 205 -58.78 -21.95 -28.91
CA ILE J 205 -59.28 -20.59 -28.66
C ILE J 205 -58.41 -19.90 -27.64
N GLN J 206 -58.07 -20.58 -26.54
CA GLN J 206 -57.14 -20.05 -25.54
C GLN J 206 -55.76 -19.77 -26.14
N ARG J 207 -55.19 -20.68 -26.95
CA ARG J 207 -53.90 -20.47 -27.60
C ARG J 207 -53.92 -19.27 -28.52
N VAL J 208 -54.97 -19.16 -29.36
CA VAL J 208 -55.09 -18.09 -30.35
C VAL J 208 -55.25 -16.76 -29.62
N GLY J 209 -56.12 -16.69 -28.61
CA GLY J 209 -56.31 -15.50 -27.79
C GLY J 209 -55.04 -15.09 -27.08
N ALA J 210 -54.36 -16.02 -26.41
CA ALA J 210 -53.10 -15.79 -25.71
C ALA J 210 -52.02 -15.29 -26.65
N SER J 211 -51.90 -15.89 -27.85
CA SER J 211 -50.92 -15.52 -28.87
C SER J 211 -51.14 -14.09 -29.37
N LEU J 212 -52.40 -13.69 -29.56
CA LEU J 212 -52.74 -12.31 -29.88
C LEU J 212 -52.43 -11.34 -28.75
N GLU J 213 -52.75 -11.69 -27.50
CA GLU J 213 -52.39 -10.89 -26.33
C GLU J 213 -50.89 -10.74 -26.21
N ASN J 214 -50.12 -11.80 -26.41
CA ASN J 214 -48.65 -11.77 -26.45
C ASN J 214 -48.16 -10.82 -27.54
N GLY J 215 -48.83 -10.81 -28.70
CA GLY J 215 -48.60 -9.86 -29.78
C GLY J 215 -48.81 -8.40 -29.34
N ILE J 216 -49.94 -8.09 -28.69
CA ILE J 216 -50.23 -6.75 -28.16
C ILE J 216 -49.10 -6.34 -27.22
N ASN J 217 -48.71 -7.23 -26.31
CA ASN J 217 -47.69 -7.02 -25.31
C ASN J 217 -46.33 -6.76 -25.97
N ARG J 218 -45.99 -7.46 -27.06
CA ARG J 218 -44.78 -7.21 -27.82
C ARG J 218 -44.79 -5.82 -28.46
N VAL J 219 -45.87 -5.44 -29.13
CA VAL J 219 -45.99 -4.14 -29.77
C VAL J 219 -45.86 -3.02 -28.74
N PHE J 220 -46.56 -3.16 -27.62
CA PHE J 220 -46.51 -2.26 -26.48
C PHE J 220 -45.08 -2.14 -25.92
N LEU J 221 -44.46 -3.25 -25.54
CA LEU J 221 -43.15 -3.21 -24.89
C LEU J 221 -42.08 -2.69 -25.83
N THR J 222 -42.16 -3.04 -27.11
CA THR J 222 -41.20 -2.59 -28.11
C THR J 222 -41.30 -1.08 -28.32
N GLU J 223 -42.51 -0.53 -28.44
CA GLU J 223 -42.69 0.91 -28.48
C GLU J 223 -42.16 1.60 -27.23
N LEU J 224 -42.57 1.08 -26.07
CA LEU J 224 -42.27 1.65 -24.76
C LEU J 224 -40.75 1.74 -24.56
N VAL J 225 -40.02 0.65 -24.81
CA VAL J 225 -38.57 0.59 -24.64
C VAL J 225 -37.84 1.44 -25.68
N ASP J 226 -38.24 1.38 -26.95
CA ASP J 226 -37.53 2.06 -28.03
C ASP J 226 -37.71 3.59 -27.99
N ASN J 227 -38.92 4.07 -27.68
CA ASN J 227 -39.31 5.46 -27.93
C ASN J 227 -39.40 6.30 -26.64
N ALA J 228 -38.94 5.77 -25.50
CA ALA J 228 -38.77 6.56 -24.28
C ALA J 228 -37.72 7.66 -24.53
N GLN J 229 -38.04 8.92 -24.22
CA GLN J 229 -37.14 10.03 -24.50
C GLN J 229 -36.13 10.29 -23.37
N ASN J 230 -36.34 9.69 -22.20
CA ASN J 230 -35.40 9.78 -21.09
C ASN J 230 -34.79 8.41 -20.80
N ASN J 231 -33.60 8.45 -20.19
CA ASN J 231 -32.86 7.23 -19.88
C ASN J 231 -32.03 7.48 -18.62
N HIS J 232 -32.08 6.54 -17.67
CA HIS J 232 -31.13 6.52 -16.57
C HIS J 232 -30.11 5.39 -16.80
N ASP J 233 -28.86 5.80 -17.09
CA ASP J 233 -27.77 4.87 -17.24
C ASP J 233 -27.21 4.54 -15.84
N THR J 234 -27.44 3.30 -15.40
CA THR J 234 -26.97 2.86 -14.09
C THR J 234 -25.47 2.60 -14.08
N ALA J 235 -24.87 2.33 -15.26
CA ALA J 235 -23.45 2.03 -15.41
C ALA J 235 -23.02 0.86 -14.49
N GLY J 236 -23.83 -0.19 -14.42
CA GLY J 236 -23.61 -1.34 -13.57
C GLY J 236 -23.60 -1.06 -12.07
N SER J 237 -24.20 0.04 -11.60
CA SER J 237 -24.12 0.43 -10.21
C SER J 237 -25.46 0.97 -9.72
N ASN J 238 -25.73 0.86 -8.41
CA ASN J 238 -26.93 1.40 -7.74
C ASN J 238 -28.24 1.06 -8.47
N GLN J 239 -28.42 -0.21 -8.85
CA GLN J 239 -29.40 -0.61 -9.84
C GLN J 239 -30.82 -0.84 -9.32
N GLY J 240 -31.03 -0.89 -7.99
CA GLY J 240 -32.34 -1.14 -7.40
C GLY J 240 -33.22 0.11 -7.27
N TYR J 241 -33.68 0.42 -6.05
CA TYR J 241 -34.52 1.56 -5.77
C TYR J 241 -33.93 2.88 -6.30
N GLN J 242 -32.61 3.05 -6.15
CA GLN J 242 -31.95 4.29 -6.57
C GLN J 242 -32.12 4.54 -8.07
N ALA J 243 -32.06 3.48 -8.88
CA ALA J 243 -32.28 3.56 -10.31
C ALA J 243 -33.72 3.95 -10.63
N LEU J 244 -34.71 3.38 -9.92
CA LEU J 244 -36.11 3.76 -10.10
C LEU J 244 -36.32 5.23 -9.73
N ASN J 245 -35.83 5.66 -8.57
CA ASN J 245 -35.91 7.04 -8.13
C ASN J 245 -35.26 7.99 -9.14
N SER J 246 -34.09 7.61 -9.67
CA SER J 246 -33.37 8.39 -10.68
C SER J 246 -34.12 8.47 -12.01
N ALA J 247 -34.75 7.37 -12.43
CA ALA J 247 -35.60 7.35 -13.62
C ALA J 247 -36.86 8.21 -13.42
N VAL J 248 -37.49 8.16 -12.25
CA VAL J 248 -38.58 9.07 -11.90
C VAL J 248 -38.08 10.52 -11.96
N GLY J 249 -36.86 10.77 -11.45
CA GLY J 249 -36.20 12.06 -11.53
C GLY J 249 -36.03 12.60 -12.94
N GLU J 250 -35.67 11.73 -13.92
CA GLU J 250 -35.56 12.12 -15.31
C GLU J 250 -36.90 12.60 -15.88
N VAL J 251 -37.99 11.86 -15.58
CA VAL J 251 -39.32 12.20 -16.05
C VAL J 251 -39.83 13.47 -15.37
N ASP J 252 -39.55 13.62 -14.07
CA ASP J 252 -39.85 14.80 -13.25
C ASP J 252 -39.13 16.05 -13.80
N LYS J 253 -37.89 15.88 -14.28
CA LYS J 253 -37.10 16.96 -14.87
C LYS J 253 -37.69 17.45 -16.20
N ASP J 254 -38.37 16.58 -16.96
CA ASP J 254 -39.10 16.96 -18.14
C ASP J 254 -40.56 17.32 -17.83
N ASP J 255 -40.92 17.50 -16.54
CA ASP J 255 -42.22 17.96 -16.04
C ASP J 255 -43.41 17.07 -16.39
N PHE J 256 -43.17 15.75 -16.30
CA PHE J 256 -44.22 14.74 -16.34
C PHE J 256 -44.18 13.93 -15.05
N ARG J 257 -45.31 13.29 -14.69
CA ARG J 257 -45.39 12.50 -13.48
C ARG J 257 -45.63 11.03 -13.84
N PRO J 258 -44.61 10.14 -13.70
CA PRO J 258 -44.81 8.73 -13.99
C PRO J 258 -45.58 8.05 -12.87
N ASP J 259 -46.27 6.96 -13.21
CA ASP J 259 -47.13 6.25 -12.27
C ASP J 259 -47.01 4.73 -12.41
N THR J 260 -46.24 4.25 -13.41
CA THR J 260 -46.14 2.82 -13.70
C THR J 260 -44.69 2.47 -13.98
N TYR J 261 -44.32 1.22 -13.70
CA TYR J 261 -43.09 0.69 -14.26
C TYR J 261 -43.27 -0.73 -14.80
N VAL J 262 -42.65 -0.96 -15.95
CA VAL J 262 -42.58 -2.23 -16.64
C VAL J 262 -41.18 -2.80 -16.39
N THR J 263 -41.11 -4.10 -16.11
CA THR J 263 -39.88 -4.66 -15.58
C THR J 263 -39.54 -6.00 -16.25
N HIS J 264 -38.25 -6.21 -16.57
CA HIS J 264 -37.67 -7.47 -17.01
C HIS J 264 -37.41 -8.40 -15.83
N PRO J 265 -37.46 -9.75 -15.97
CA PRO J 265 -37.14 -10.69 -14.89
C PRO J 265 -35.80 -10.47 -14.19
N ASP J 266 -34.75 -10.13 -14.94
CA ASP J 266 -33.42 -9.87 -14.36
C ASP J 266 -33.45 -8.61 -13.52
N TYR J 267 -34.14 -7.56 -14.00
CA TYR J 267 -34.29 -6.34 -13.21
C TYR J 267 -35.05 -6.62 -11.91
N ARG J 268 -36.17 -7.35 -11.98
CA ARG J 268 -36.91 -7.78 -10.80
C ARG J 268 -35.99 -8.48 -9.80
N THR J 269 -35.16 -9.40 -10.28
CA THR J 269 -34.23 -10.16 -9.46
C THR J 269 -33.25 -9.24 -8.73
N GLN J 270 -32.64 -8.30 -9.45
CA GLN J 270 -31.74 -7.30 -8.88
C GLN J 270 -32.46 -6.42 -7.85
N LEU J 271 -33.67 -5.94 -8.17
CA LEU J 271 -34.46 -5.08 -7.31
C LEU J 271 -34.78 -5.78 -5.98
N PHE J 272 -35.11 -7.06 -6.01
CA PHE J 272 -35.43 -7.80 -4.80
C PHE J 272 -34.19 -8.26 -4.01
N ASN J 273 -32.98 -8.13 -4.58
CA ASN J 273 -31.73 -8.26 -3.85
C ASN J 273 -31.30 -6.95 -3.18
N ASP J 274 -31.87 -5.80 -3.59
CA ASP J 274 -31.51 -4.50 -3.04
C ASP J 274 -31.80 -4.48 -1.53
N THR J 275 -30.80 -4.14 -0.73
CA THR J 275 -30.96 -4.13 0.73
C THR J 275 -32.05 -3.16 1.17
N ASN J 276 -32.34 -2.12 0.40
CA ASN J 276 -33.41 -1.19 0.70
C ASN J 276 -34.81 -1.83 0.68
N LEU J 277 -34.97 -2.95 -0.05
CA LEU J 277 -36.22 -3.69 -0.16
C LEU J 277 -36.13 -5.03 0.56
N ALA J 278 -34.99 -5.72 0.46
CA ALA J 278 -34.77 -7.05 1.02
C ALA J 278 -34.72 -7.03 2.55
N TYR J 279 -34.15 -5.98 3.15
CA TYR J 279 -34.11 -5.87 4.60
C TYR J 279 -35.39 -5.20 5.08
N ALA J 280 -36.16 -5.90 5.92
CA ALA J 280 -37.43 -5.42 6.44
C ALA J 280 -37.31 -4.06 7.13
N ASN J 281 -36.22 -3.89 7.88
CA ASN J 281 -35.69 -2.68 8.47
C ASN J 281 -35.75 -1.48 7.49
N ARG J 282 -35.08 -1.64 6.33
CA ARG J 282 -34.95 -0.58 5.34
C ARG J 282 -36.23 -0.38 4.53
N ALA J 283 -37.01 -1.42 4.30
CA ALA J 283 -38.24 -1.39 3.53
C ALA J 283 -39.47 -0.95 4.35
N GLY J 284 -39.41 -1.09 5.67
CA GLY J 284 -40.56 -0.86 6.54
C GLY J 284 -41.54 -2.02 6.61
N THR J 285 -41.36 -3.08 5.81
CA THR J 285 -42.08 -4.34 5.88
C THR J 285 -41.19 -5.48 5.36
N ASN J 286 -41.44 -6.71 5.80
CA ASN J 286 -40.76 -7.89 5.27
C ASN J 286 -41.46 -8.49 4.04
N GLU J 287 -42.44 -7.80 3.47
CA GLU J 287 -43.24 -8.25 2.35
C GLU J 287 -42.45 -8.64 1.11
N VAL J 288 -41.36 -7.92 0.77
CA VAL J 288 -40.55 -8.27 -0.40
C VAL J 288 -39.74 -9.53 -0.14
N LEU J 289 -39.16 -9.66 1.07
CA LEU J 289 -38.44 -10.85 1.49
C LEU J 289 -39.35 -12.08 1.46
N ARG J 290 -40.60 -11.91 1.90
CA ARG J 290 -41.56 -13.00 2.00
C ARG J 290 -42.23 -13.32 0.66
N ASN J 291 -42.88 -12.32 0.04
CA ASN J 291 -43.81 -12.52 -1.07
C ASN J 291 -43.26 -12.03 -2.42
N ARG J 292 -42.04 -11.49 -2.46
CA ARG J 292 -41.32 -11.10 -3.68
C ARG J 292 -42.12 -10.07 -4.50
N GLU J 293 -42.53 -10.43 -5.73
CA GLU J 293 -43.24 -9.47 -6.59
C GLU J 293 -44.69 -9.24 -6.15
N ASP J 294 -45.26 -10.17 -5.38
CA ASP J 294 -46.63 -10.08 -4.87
C ASP J 294 -46.75 -9.18 -3.64
N ALA J 295 -45.63 -8.62 -3.18
CA ALA J 295 -45.56 -7.62 -2.11
C ALA J 295 -46.29 -6.33 -2.53
N PRO J 296 -47.09 -5.69 -1.64
CA PRO J 296 -47.71 -4.41 -1.93
C PRO J 296 -46.71 -3.29 -2.26
N ILE J 297 -45.52 -3.31 -1.65
CA ILE J 297 -44.47 -2.30 -1.89
C ILE J 297 -43.99 -2.30 -3.34
N VAL J 298 -43.99 -3.44 -4.02
CA VAL J 298 -43.48 -3.52 -5.37
C VAL J 298 -44.41 -2.78 -6.34
N GLY J 299 -45.73 -2.76 -6.07
CA GLY J 299 -46.65 -1.91 -6.81
C GLY J 299 -46.84 -0.51 -6.21
N ASP J 300 -45.98 -0.10 -5.25
CA ASP J 300 -46.11 1.14 -4.52
C ASP J 300 -44.71 1.65 -4.16
N ILE J 301 -43.91 1.98 -5.17
CA ILE J 301 -42.51 2.37 -4.98
C ILE J 301 -42.16 3.58 -5.83
N ALA J 302 -41.38 4.51 -5.26
CA ALA J 302 -40.91 5.73 -5.93
C ALA J 302 -42.04 6.59 -6.53
N GLY J 303 -43.23 6.55 -5.90
CA GLY J 303 -44.39 7.32 -6.36
C GLY J 303 -45.18 6.63 -7.48
N LEU J 304 -44.79 5.41 -7.86
CA LEU J 304 -45.45 4.62 -8.89
C LEU J 304 -46.47 3.70 -8.23
N ASP J 305 -47.67 3.65 -8.83
CA ASP J 305 -48.79 2.90 -8.27
C ASP J 305 -49.09 1.62 -9.03
N MET J 306 -48.31 1.30 -10.07
CA MET J 306 -48.48 0.04 -10.78
C MET J 306 -47.13 -0.57 -11.17
N HIS J 307 -47.00 -1.87 -10.90
CA HIS J 307 -45.89 -2.65 -11.43
C HIS J 307 -46.43 -3.62 -12.48
N ALA J 308 -45.88 -3.52 -13.69
CA ALA J 308 -46.23 -4.35 -14.82
C ALA J 308 -45.05 -5.31 -15.07
N ALA J 309 -45.10 -6.47 -14.43
CA ALA J 309 -44.09 -7.50 -14.62
C ALA J 309 -44.24 -8.10 -16.04
N MET J 310 -43.16 -8.01 -16.81
CA MET J 310 -43.16 -8.54 -18.18
C MET J 310 -42.19 -9.71 -18.32
N SER J 311 -42.43 -10.54 -19.34
CA SER J 311 -41.59 -11.68 -19.69
C SER J 311 -40.34 -11.26 -20.47
N SER J 312 -39.32 -12.11 -20.47
CA SER J 312 -38.08 -11.88 -21.22
C SER J 312 -38.32 -11.93 -22.74
N ALA J 313 -39.21 -12.81 -23.18
CA ALA J 313 -39.47 -13.05 -24.60
C ALA J 313 -40.29 -11.94 -25.28
N THR J 314 -40.93 -11.05 -24.51
CA THR J 314 -41.95 -10.14 -25.03
C THR J 314 -41.38 -9.11 -26.00
N TYR J 315 -40.18 -8.57 -25.73
CA TYR J 315 -39.62 -7.53 -26.59
C TYR J 315 -39.23 -8.09 -27.96
N ASP J 316 -39.43 -7.28 -29.00
CA ASP J 316 -39.08 -7.68 -30.35
C ASP J 316 -37.58 -7.53 -30.61
N ASP J 317 -36.83 -8.63 -30.49
CA ASP J 317 -35.43 -8.66 -30.89
C ASP J 317 -35.24 -9.18 -32.32
N GLY J 318 -36.33 -9.34 -33.08
CA GLY J 318 -36.24 -9.67 -34.50
C GLY J 318 -35.88 -11.12 -34.83
N THR J 319 -35.88 -12.02 -33.83
CA THR J 319 -35.54 -13.42 -34.09
C THR J 319 -36.74 -14.24 -34.59
N ASP J 320 -37.95 -13.79 -34.26
CA ASP J 320 -39.18 -14.43 -34.70
C ASP J 320 -39.53 -13.99 -36.13
N ILE J 321 -40.16 -14.90 -36.90
CA ILE J 321 -40.54 -14.62 -38.27
C ILE J 321 -41.68 -13.58 -38.32
N GLY J 322 -41.50 -12.59 -39.20
CA GLY J 322 -42.47 -11.51 -39.35
C GLY J 322 -42.15 -10.30 -38.48
N TRP J 323 -41.55 -10.56 -37.31
CA TRP J 323 -41.16 -9.51 -36.38
C TRP J 323 -39.80 -8.94 -36.76
N SER J 324 -39.74 -7.62 -36.99
CA SER J 324 -38.50 -6.92 -37.30
C SER J 324 -38.05 -6.14 -36.07
N GLY J 325 -36.85 -6.42 -35.55
CA GLY J 325 -36.49 -6.09 -34.18
C GLY J 325 -36.59 -4.58 -33.91
N GLY J 326 -36.87 -4.25 -32.63
CA GLY J 326 -36.67 -2.90 -32.10
C GLY J 326 -35.19 -2.51 -32.02
N SER J 327 -34.93 -1.26 -31.67
CA SER J 327 -33.59 -0.68 -31.66
C SER J 327 -32.75 -1.07 -30.45
N GLU J 328 -33.38 -1.52 -29.37
CA GLU J 328 -32.76 -1.72 -28.05
C GLU J 328 -32.54 -3.21 -27.74
N THR J 329 -32.02 -3.49 -26.54
CA THR J 329 -32.02 -4.83 -25.97
C THR J 329 -32.85 -4.82 -24.69
N TRP J 330 -33.85 -5.70 -24.59
CA TRP J 330 -34.60 -5.93 -23.37
C TRP J 330 -33.88 -6.97 -22.51
N GLY J 331 -33.52 -6.59 -21.28
CA GLY J 331 -32.69 -7.41 -20.45
C GLY J 331 -32.15 -6.62 -19.27
N PHE J 332 -31.40 -7.29 -18.40
CA PHE J 332 -30.68 -6.57 -17.37
C PHE J 332 -29.42 -7.33 -16.94
N SER J 333 -28.60 -7.65 -17.95
CA SER J 333 -27.52 -8.62 -17.84
C SER J 333 -26.16 -8.04 -18.27
N SER J 334 -26.21 -7.08 -19.17
CA SER J 334 -25.07 -6.58 -19.92
C SER J 334 -25.25 -5.12 -20.29
N ASP J 335 -24.14 -4.40 -20.47
CA ASP J 335 -24.11 -2.96 -20.74
C ASP J 335 -25.04 -2.57 -21.90
N GLY J 336 -25.95 -1.62 -21.64
CA GLY J 336 -26.86 -1.10 -22.64
C GLY J 336 -28.20 -1.82 -22.69
N ASP J 337 -28.37 -2.93 -21.93
CA ASP J 337 -29.67 -3.55 -21.75
C ASP J 337 -30.64 -2.58 -21.06
N LYS J 338 -31.89 -2.55 -21.51
CA LYS J 338 -32.96 -1.81 -20.88
C LYS J 338 -33.77 -2.82 -20.07
N GLY J 339 -33.81 -2.65 -18.73
CA GLY J 339 -34.40 -3.65 -17.84
C GLY J 339 -35.71 -3.20 -17.19
N ALA J 340 -35.96 -1.89 -17.18
CA ALA J 340 -37.22 -1.36 -16.70
C ALA J 340 -37.54 -0.08 -17.46
N VAL J 341 -38.84 0.22 -17.58
CA VAL J 341 -39.29 1.53 -18.04
C VAL J 341 -40.20 2.10 -16.96
N VAL J 342 -39.92 3.34 -16.56
CA VAL J 342 -40.73 4.10 -15.63
C VAL J 342 -41.49 5.14 -16.45
N TYR J 343 -42.81 5.16 -16.35
CA TYR J 343 -43.59 5.95 -17.30
C TYR J 343 -44.96 6.36 -16.77
N ASP J 344 -45.60 7.26 -17.51
CA ASP J 344 -46.99 7.64 -17.33
C ASP J 344 -47.85 6.76 -18.23
N ARG J 345 -48.69 5.93 -17.58
CA ARG J 345 -49.61 4.98 -18.20
C ARG J 345 -50.57 5.64 -19.19
N ASP J 346 -50.89 6.93 -18.97
CA ASP J 346 -51.86 7.66 -19.76
C ASP J 346 -51.22 8.29 -21.02
N ASN J 347 -49.87 8.31 -21.11
CA ASN J 347 -49.14 8.89 -22.22
C ASN J 347 -48.56 7.86 -23.19
N ILE J 348 -48.84 6.58 -22.99
CA ILE J 348 -48.54 5.53 -23.96
C ILE J 348 -49.86 4.83 -24.34
N HIS J 349 -50.12 4.81 -25.65
CA HIS J 349 -51.42 4.42 -26.19
C HIS J 349 -51.26 3.12 -26.95
N THR J 350 -52.01 2.08 -26.55
CA THR J 350 -52.17 0.88 -27.35
C THR J 350 -53.44 1.05 -28.18
N ILE J 351 -53.26 1.05 -29.50
CA ILE J 351 -54.33 1.44 -30.40
C ILE J 351 -54.79 0.15 -31.08
N LEU J 352 -56.06 -0.18 -30.89
CA LEU J 352 -56.66 -1.42 -31.40
C LEU J 352 -57.71 -1.05 -32.43
N TYR J 353 -57.57 -1.63 -33.63
CA TYR J 353 -58.53 -1.47 -34.71
C TYR J 353 -59.24 -2.79 -35.01
N ALA J 354 -60.57 -2.67 -35.13
CA ALA J 354 -61.38 -3.79 -35.55
C ALA J 354 -62.43 -3.29 -36.54
N PRO J 355 -62.42 -3.76 -37.81
CA PRO J 355 -63.47 -3.42 -38.77
C PRO J 355 -64.86 -3.92 -38.40
N ASN J 356 -64.93 -5.02 -37.66
CA ASN J 356 -66.18 -5.56 -37.12
C ASN J 356 -66.46 -5.15 -35.68
N GLY J 357 -65.79 -4.11 -35.17
CA GLY J 357 -66.08 -3.49 -33.88
C GLY J 357 -65.61 -4.31 -32.69
N GLN J 358 -65.72 -5.64 -32.78
CA GLN J 358 -65.25 -6.57 -31.77
C GLN J 358 -63.72 -6.41 -31.55
N ASP J 359 -63.32 -6.03 -30.34
CA ASP J 359 -61.99 -5.50 -30.06
C ASP J 359 -60.85 -6.48 -30.38
N VAL J 360 -61.11 -7.79 -30.31
CA VAL J 360 -60.22 -8.86 -30.78
C VAL J 360 -61.06 -10.00 -31.36
N GLU J 361 -60.77 -10.41 -32.60
CA GLU J 361 -61.75 -11.27 -33.29
C GLU J 361 -61.19 -12.70 -33.37
N ILE J 362 -61.84 -13.61 -32.65
CA ILE J 362 -61.56 -15.03 -32.76
C ILE J 362 -62.77 -15.69 -33.42
N LYS J 363 -62.49 -16.40 -34.52
CA LYS J 363 -63.50 -17.11 -35.29
C LYS J 363 -63.17 -18.59 -35.30
N ASP J 364 -64.15 -19.42 -34.90
CA ASP J 364 -64.15 -20.81 -35.30
C ASP J 364 -64.91 -20.89 -36.63
N TYR J 365 -64.38 -21.72 -37.53
CA TYR J 365 -65.10 -22.06 -38.75
C TYR J 365 -64.92 -23.55 -39.04
N GLU J 366 -65.95 -24.12 -39.67
CA GLU J 366 -65.89 -25.50 -40.14
C GLU J 366 -65.66 -25.51 -41.64
N ASP J 367 -64.72 -26.35 -42.07
CA ASP J 367 -64.55 -26.73 -43.46
C ASP J 367 -65.30 -28.05 -43.70
N PRO J 368 -66.51 -28.03 -44.31
CA PRO J 368 -67.27 -29.25 -44.54
C PRO J 368 -66.68 -30.15 -45.61
N ILE J 369 -65.76 -29.63 -46.45
CA ILE J 369 -65.11 -30.38 -47.52
C ILE J 369 -63.97 -31.23 -46.97
N ARG J 370 -63.25 -30.72 -45.96
CA ARG J 370 -62.09 -31.38 -45.37
C ARG J 370 -62.32 -31.98 -43.98
N ASP J 371 -63.47 -31.70 -43.34
CA ASP J 371 -63.76 -32.07 -41.95
C ASP J 371 -62.73 -31.49 -40.96
N ILE J 372 -62.41 -30.22 -41.18
CA ILE J 372 -61.48 -29.49 -40.31
C ILE J 372 -62.24 -28.35 -39.65
N THR J 373 -62.00 -28.16 -38.35
CA THR J 373 -62.38 -26.92 -37.68
C THR J 373 -61.13 -26.07 -37.51
N GLY J 374 -61.24 -24.84 -37.99
CA GLY J 374 -60.15 -23.88 -37.85
C GLY J 374 -60.53 -22.81 -36.82
N VAL J 375 -59.53 -22.40 -36.06
CA VAL J 375 -59.66 -21.33 -35.09
C VAL J 375 -58.67 -20.24 -35.48
N ASN J 376 -59.22 -19.13 -35.98
CA ASN J 376 -58.45 -18.03 -36.51
C ASN J 376 -58.64 -16.78 -35.62
N GLY J 377 -57.54 -16.14 -35.27
CA GLY J 377 -57.55 -14.94 -34.49
C GLY J 377 -56.84 -13.82 -35.24
N ARG J 378 -57.43 -12.63 -35.19
CA ARG J 378 -56.84 -11.44 -35.79
C ARG J 378 -57.09 -10.22 -34.91
N LEU J 379 -56.14 -9.29 -35.01
CA LEU J 379 -56.19 -8.03 -34.30
C LEU J 379 -55.32 -7.02 -35.03
N HIS J 380 -55.79 -5.80 -35.22
CA HIS J 380 -54.90 -4.77 -35.73
C HIS J 380 -54.47 -3.89 -34.56
N VAL J 381 -53.16 -3.78 -34.36
CA VAL J 381 -52.63 -3.08 -33.21
C VAL J 381 -51.44 -2.21 -33.59
N ASP J 382 -51.37 -1.04 -32.94
CA ASP J 382 -50.17 -0.22 -32.88
C ASP J 382 -49.97 0.23 -31.44
N CYS J 383 -48.77 0.70 -31.14
CA CYS J 383 -48.54 1.39 -29.88
C CYS J 383 -47.71 2.64 -30.14
N GLN J 384 -48.14 3.76 -29.56
CA GLN J 384 -47.49 5.05 -29.76
C GLN J 384 -47.50 5.85 -28.47
N TYR J 385 -46.40 6.52 -28.15
CA TYR J 385 -46.40 7.55 -27.13
C TYR J 385 -47.08 8.82 -27.64
N SER J 386 -47.97 9.39 -26.80
CA SER J 386 -48.34 10.80 -26.98
C SER J 386 -47.20 11.71 -26.54
N GLN J 387 -46.60 11.42 -25.38
CA GLN J 387 -45.46 12.16 -24.85
C GLN J 387 -44.39 11.15 -24.41
N GLY J 388 -43.33 10.98 -25.23
CA GLY J 388 -42.26 10.06 -24.93
C GLY J 388 -41.37 10.49 -23.75
N ARG J 389 -41.39 11.81 -23.45
CA ARG J 389 -40.74 12.41 -22.29
C ARG J 389 -41.36 11.99 -20.97
N SER J 390 -42.60 11.50 -20.99
CA SER J 390 -43.26 10.95 -19.81
C SER J 390 -42.69 9.60 -19.37
N SER J 391 -41.64 9.11 -20.04
CA SER J 391 -41.06 7.81 -19.77
C SER J 391 -39.53 7.84 -19.76
N ALA J 392 -38.96 7.01 -18.88
CA ALA J 392 -37.53 6.81 -18.74
C ALA J 392 -37.20 5.32 -18.71
N THR J 393 -36.24 4.90 -19.53
CA THR J 393 -35.71 3.54 -19.41
C THR J 393 -34.62 3.49 -18.34
N VAL J 394 -34.50 2.35 -17.68
CA VAL J 394 -33.38 2.06 -16.79
C VAL J 394 -32.43 1.15 -17.56
N GLN J 395 -31.19 1.62 -17.70
CA GLN J 395 -30.19 0.98 -18.53
C GLN J 395 -29.09 0.41 -17.66
N TYR J 396 -28.67 -0.82 -17.95
CA TYR J 396 -27.56 -1.50 -17.29
C TYR J 396 -26.21 -0.87 -17.69
N PHE K 101 -14.79 -62.06 46.80
CA PHE K 101 -15.05 -61.00 47.83
C PHE K 101 -15.89 -61.60 48.97
N ALA K 102 -16.75 -60.78 49.57
CA ALA K 102 -17.79 -61.23 50.47
C ALA K 102 -18.92 -61.78 49.61
N ALA K 103 -19.74 -60.90 49.05
CA ALA K 103 -20.69 -61.20 47.99
C ALA K 103 -21.09 -59.87 47.34
N SER K 104 -20.95 -59.74 46.01
CA SER K 104 -20.91 -58.45 45.35
C SER K 104 -21.74 -58.42 44.07
N ASP K 105 -22.17 -57.23 43.63
CA ASP K 105 -23.02 -57.10 42.45
C ASP K 105 -22.26 -57.58 41.20
N PRO K 106 -21.03 -57.09 40.90
CA PRO K 106 -20.26 -57.57 39.74
C PRO K 106 -19.93 -59.05 39.75
N GLU K 107 -19.99 -59.69 40.92
CA GLU K 107 -19.62 -61.07 41.11
C GLU K 107 -20.75 -62.02 40.77
N TYR K 108 -22.00 -61.64 41.01
CA TYR K 108 -23.18 -62.49 40.82
C TYR K 108 -24.20 -61.94 39.80
N VAL K 109 -23.73 -61.10 38.88
CA VAL K 109 -24.52 -60.30 37.94
C VAL K 109 -25.44 -61.13 37.01
N ASP K 110 -25.09 -62.40 36.75
CA ASP K 110 -25.91 -63.29 35.96
C ASP K 110 -26.24 -64.59 36.71
N THR K 111 -25.96 -64.65 38.03
CA THR K 111 -26.23 -65.80 38.87
C THR K 111 -27.45 -65.55 39.75
N LEU K 112 -27.50 -64.40 40.46
CA LEU K 112 -28.55 -64.14 41.44
C LEU K 112 -29.64 -63.19 40.93
N PHE K 113 -29.37 -62.49 39.82
CA PHE K 113 -30.26 -61.56 39.15
C PHE K 113 -29.85 -61.48 37.69
N ARG K 114 -30.65 -60.80 36.85
CA ARG K 114 -30.29 -60.45 35.48
C ARG K 114 -30.14 -58.94 35.38
N GLU K 115 -29.19 -58.45 34.57
CA GLU K 115 -29.13 -57.06 34.15
C GLU K 115 -30.50 -56.61 33.63
N GLN K 116 -30.92 -55.39 34.01
CA GLN K 116 -32.16 -54.82 33.51
C GLN K 116 -32.07 -54.56 32.00
N LEU K 117 -33.11 -54.98 31.24
CA LEU K 117 -33.37 -54.41 29.94
C LEU K 117 -34.54 -53.46 30.09
N LEU K 118 -34.32 -52.20 29.69
CA LEU K 118 -35.40 -51.22 29.64
C LEU K 118 -36.31 -51.58 28.46
N GLU K 119 -37.64 -51.64 28.68
CA GLU K 119 -38.55 -52.14 27.65
C GLU K 119 -38.75 -51.17 26.47
N VAL K 120 -38.36 -49.90 26.64
CA VAL K 120 -38.41 -48.93 25.56
C VAL K 120 -37.26 -49.19 24.60
N VAL K 121 -37.56 -49.62 23.38
CA VAL K 121 -36.59 -49.67 22.30
C VAL K 121 -36.46 -48.30 21.61
N MET K 122 -35.23 -47.81 21.48
CA MET K 122 -34.97 -46.46 21.07
C MET K 122 -34.56 -46.39 19.58
N GLU K 123 -35.16 -45.42 18.89
CA GLU K 123 -35.23 -45.38 17.44
C GLU K 123 -33.86 -45.07 16.83
N GLY K 124 -33.62 -45.60 15.64
CA GLY K 124 -32.53 -45.10 14.79
C GLY K 124 -32.86 -43.74 14.17
N ARG K 125 -32.00 -43.31 13.24
CA ARG K 125 -32.22 -42.07 12.52
C ARG K 125 -33.52 -42.14 11.71
N GLU K 126 -34.31 -41.06 11.77
CA GLU K 126 -35.55 -40.96 10.99
C GLU K 126 -35.37 -39.90 9.90
N LEU K 127 -35.56 -40.31 8.65
CA LEU K 127 -35.40 -39.38 7.52
C LEU K 127 -36.63 -38.49 7.39
N ARG K 128 -36.42 -37.28 6.89
CA ARG K 128 -37.51 -36.32 6.67
C ARG K 128 -38.37 -36.77 5.48
N LYS K 129 -39.68 -36.81 5.71
CA LYS K 129 -40.67 -37.26 4.73
C LYS K 129 -41.54 -36.09 4.35
N VAL K 130 -41.41 -35.63 3.09
CA VAL K 130 -42.01 -34.39 2.62
C VAL K 130 -42.65 -34.49 1.24
N ALA K 131 -42.30 -35.52 0.43
CA ALA K 131 -43.11 -35.93 -0.71
C ALA K 131 -44.55 -36.21 -0.23
N ARG K 132 -45.53 -36.21 -1.11
CA ARG K 132 -46.96 -36.12 -0.79
C ARG K 132 -47.38 -34.69 -0.48
N GLU K 133 -46.60 -33.94 0.30
CA GLU K 133 -46.92 -32.55 0.60
C GLU K 133 -46.26 -31.64 -0.44
N ALA K 134 -45.02 -31.97 -0.82
CA ALA K 134 -44.14 -31.16 -1.66
C ALA K 134 -44.30 -31.41 -3.16
N SER K 135 -45.28 -32.23 -3.58
CA SER K 135 -45.51 -32.57 -4.98
C SER K 135 -47.00 -32.82 -5.23
N ASN K 136 -47.41 -32.79 -6.49
CA ASN K 136 -48.76 -33.20 -6.85
C ASN K 136 -48.85 -34.73 -6.83
N VAL K 137 -49.73 -35.31 -5.98
CA VAL K 137 -49.85 -36.76 -5.91
C VAL K 137 -50.97 -37.23 -6.84
N ILE K 138 -50.61 -38.15 -7.75
CA ILE K 138 -51.55 -38.84 -8.61
C ILE K 138 -51.76 -40.24 -8.04
N ASN K 139 -52.99 -40.53 -7.62
CA ASN K 139 -53.38 -41.86 -7.24
C ASN K 139 -53.85 -42.54 -8.52
N ALA K 140 -52.93 -43.26 -9.17
CA ALA K 140 -53.15 -43.75 -10.53
C ALA K 140 -54.09 -44.96 -10.55
N ASN K 141 -54.85 -45.09 -11.64
CA ASN K 141 -55.66 -46.27 -11.88
C ASN K 141 -54.83 -47.41 -12.52
N THR K 142 -53.73 -47.04 -13.19
CA THR K 142 -52.83 -47.98 -13.86
C THR K 142 -51.37 -47.68 -13.50
N ARG K 143 -50.56 -48.74 -13.44
CA ARG K 143 -49.15 -48.66 -13.11
C ARG K 143 -48.36 -47.88 -14.16
N VAL K 144 -48.81 -47.98 -15.41
CA VAL K 144 -48.24 -47.24 -16.53
C VAL K 144 -49.29 -46.26 -17.05
N GLY K 145 -48.85 -45.04 -17.34
CA GLY K 145 -49.77 -44.02 -17.82
C GLY K 145 -49.03 -42.81 -18.37
N ASP K 146 -49.80 -41.84 -18.86
CA ASP K 146 -49.27 -40.64 -19.49
C ASP K 146 -50.00 -39.40 -18.99
N VAL K 147 -49.25 -38.33 -18.76
CA VAL K 147 -49.79 -37.00 -18.54
C VAL K 147 -49.62 -36.18 -19.82
N PRO K 148 -50.70 -35.60 -20.39
CA PRO K 148 -50.55 -34.74 -21.58
C PRO K 148 -50.00 -33.36 -21.25
N ILE K 149 -49.02 -32.93 -22.05
CA ILE K 149 -48.36 -31.62 -21.97
C ILE K 149 -48.74 -30.83 -23.23
N ALA K 150 -49.12 -29.57 -23.04
CA ALA K 150 -49.34 -28.63 -24.13
C ALA K 150 -48.06 -27.84 -24.45
N SER K 151 -47.91 -27.46 -25.73
CA SER K 151 -46.84 -26.59 -26.20
C SER K 151 -46.92 -25.20 -25.55
N ASP K 152 -45.77 -24.54 -25.51
CA ASP K 152 -45.64 -23.16 -25.04
C ASP K 152 -46.48 -22.19 -25.87
N GLU K 153 -46.88 -21.10 -25.20
CA GLU K 153 -47.46 -19.95 -25.86
C GLU K 153 -46.47 -19.34 -26.85
N GLU K 154 -46.97 -18.97 -28.03
CA GLU K 154 -46.18 -18.20 -29.00
C GLU K 154 -46.73 -16.78 -29.13
N PHE K 155 -46.23 -16.07 -30.16
CA PHE K 155 -46.70 -14.74 -30.53
C PHE K 155 -47.37 -14.80 -31.90
N ALA K 156 -48.47 -14.06 -32.04
CA ALA K 156 -49.13 -13.95 -33.33
C ALA K 156 -48.19 -13.33 -34.38
N ARG K 157 -48.43 -13.65 -35.66
CA ARG K 157 -47.58 -13.15 -36.73
C ARG K 157 -48.04 -11.75 -37.14
N PRO K 158 -47.16 -10.74 -37.26
CA PRO K 158 -47.50 -9.55 -38.05
C PRO K 158 -47.70 -9.96 -39.51
N THR K 159 -48.82 -9.52 -40.10
CA THR K 159 -49.21 -9.92 -41.44
C THR K 159 -49.63 -8.68 -42.23
N GLY K 160 -49.43 -8.73 -43.57
CA GLY K 160 -49.93 -7.69 -44.46
C GLY K 160 -51.45 -7.71 -44.58
N GLN K 161 -52.01 -6.62 -45.12
CA GLN K 161 -53.45 -6.54 -45.35
C GLN K 161 -53.91 -7.53 -46.43
N GLY K 162 -54.95 -8.30 -46.13
CA GLY K 162 -55.47 -9.30 -47.06
C GLY K 162 -54.67 -10.61 -47.08
N ALA K 163 -53.61 -10.72 -46.28
CA ALA K 163 -52.76 -11.91 -46.26
C ALA K 163 -53.40 -13.04 -45.43
N GLU K 164 -53.13 -14.29 -45.82
CA GLU K 164 -53.73 -15.46 -45.15
C GLU K 164 -53.06 -15.69 -43.79
N ILE K 165 -53.83 -16.24 -42.85
CA ILE K 165 -53.34 -16.57 -41.54
C ILE K 165 -52.57 -17.89 -41.62
N ARG K 166 -51.29 -17.85 -41.24
CA ARG K 166 -50.54 -19.10 -41.07
C ARG K 166 -50.98 -19.80 -39.78
N ASP K 167 -51.11 -21.12 -39.87
CA ASP K 167 -51.40 -21.95 -38.70
C ASP K 167 -50.15 -22.27 -37.89
N ASP K 168 -50.31 -22.21 -36.56
CA ASP K 168 -49.32 -22.66 -35.61
C ASP K 168 -50.10 -23.16 -34.41
N GLY K 169 -50.69 -24.36 -34.57
CA GLY K 169 -51.61 -24.93 -33.59
C GLY K 169 -50.91 -25.38 -32.32
N GLU K 170 -51.71 -25.68 -31.28
CA GLU K 170 -51.16 -26.29 -30.08
C GLU K 170 -50.68 -27.71 -30.38
N THR K 171 -49.37 -27.94 -30.28
CA THR K 171 -48.81 -29.29 -30.32
C THR K 171 -48.85 -29.89 -28.92
N TYR K 172 -48.98 -31.21 -28.85
CA TYR K 172 -49.05 -31.93 -27.58
C TYR K 172 -48.02 -33.07 -27.52
N THR K 173 -47.58 -33.36 -26.29
CA THR K 173 -46.72 -34.48 -25.99
C THR K 173 -47.16 -35.08 -24.65
N THR K 174 -46.46 -36.11 -24.16
CA THR K 174 -46.78 -36.65 -22.84
C THR K 174 -45.51 -36.88 -22.02
N VAL K 175 -45.68 -36.90 -20.68
CA VAL K 175 -44.68 -37.53 -19.84
C VAL K 175 -45.25 -38.84 -19.31
N ALA K 176 -44.48 -39.92 -19.48
CA ALA K 176 -44.92 -41.25 -19.11
C ALA K 176 -44.57 -41.50 -17.65
N TRP K 177 -45.47 -42.18 -16.92
CA TRP K 177 -45.10 -42.78 -15.65
C TRP K 177 -45.05 -44.29 -15.78
N ASN K 178 -43.99 -44.86 -15.20
CA ASN K 178 -43.86 -46.29 -15.01
C ASN K 178 -43.64 -46.50 -13.50
N ALA K 179 -44.76 -46.69 -12.79
CA ALA K 179 -44.68 -46.80 -11.33
C ALA K 179 -43.96 -48.11 -10.96
N THR K 180 -42.82 -47.95 -10.27
CA THR K 180 -41.90 -49.03 -9.97
C THR K 180 -42.28 -49.58 -8.60
N LYS K 181 -42.37 -50.92 -8.48
CA LYS K 181 -42.78 -51.54 -7.24
C LYS K 181 -41.65 -51.43 -6.21
N LEU K 182 -41.81 -50.55 -5.22
CA LEU K 182 -40.89 -50.50 -4.09
C LEU K 182 -41.39 -51.44 -3.01
N THR K 183 -40.49 -52.29 -2.52
CA THR K 183 -40.88 -53.39 -1.64
C THR K 183 -39.91 -53.47 -0.46
N GLU K 184 -40.45 -53.96 0.65
CA GLU K 184 -39.69 -54.15 1.87
C GLU K 184 -40.27 -55.35 2.61
N GLY K 185 -39.40 -56.24 3.10
CA GLY K 185 -39.85 -57.40 3.84
C GLY K 185 -39.02 -57.62 5.10
N SER K 186 -39.59 -58.40 6.02
CA SER K 186 -38.91 -58.83 7.21
C SER K 186 -39.52 -60.16 7.68
N ARG K 187 -38.66 -61.03 8.22
CA ARG K 187 -39.05 -62.31 8.77
C ARG K 187 -38.56 -62.46 10.20
N VAL K 188 -39.42 -63.05 11.04
CA VAL K 188 -39.20 -63.22 12.47
C VAL K 188 -39.61 -64.64 12.83
N THR K 189 -38.84 -65.33 13.69
CA THR K 189 -39.22 -66.67 14.12
C THR K 189 -40.31 -66.56 15.20
N ASP K 190 -41.14 -67.61 15.32
CA ASP K 190 -42.15 -67.68 16.37
C ASP K 190 -41.52 -67.59 17.77
N GLU K 191 -40.32 -68.16 17.92
CA GLU K 191 -39.55 -68.11 19.15
C GLU K 191 -39.11 -66.67 19.50
N MET K 192 -38.66 -65.91 18.51
CA MET K 192 -38.24 -64.52 18.75
C MET K 192 -39.45 -63.63 19.05
N ARG K 193 -40.58 -63.89 18.36
CA ARG K 193 -41.83 -63.18 18.57
C ARG K 193 -42.33 -63.37 20.00
N ASP K 194 -42.23 -64.59 20.53
CA ASP K 194 -42.62 -64.88 21.91
C ASP K 194 -41.69 -64.18 22.91
N GLN K 195 -40.38 -64.33 22.73
CA GLN K 195 -39.39 -63.99 23.75
C GLN K 195 -39.10 -62.50 23.84
N ALA K 196 -39.30 -61.74 22.76
CA ALA K 196 -39.10 -60.30 22.76
C ALA K 196 -40.03 -59.57 23.75
N MET K 197 -39.50 -58.53 24.42
CA MET K 197 -40.29 -57.69 25.28
C MET K 197 -41.13 -56.67 24.48
N VAL K 198 -40.84 -56.54 23.19
CA VAL K 198 -41.45 -55.59 22.26
C VAL K 198 -42.22 -56.35 21.17
N ASP K 199 -43.27 -55.71 20.63
CA ASP K 199 -44.02 -56.31 19.54
C ASP K 199 -43.20 -56.20 18.25
N LEU K 200 -42.50 -57.28 17.90
CA LEU K 200 -41.56 -57.28 16.78
C LEU K 200 -42.28 -57.19 15.45
N ILE K 201 -43.49 -57.75 15.36
CA ILE K 201 -44.29 -57.66 14.13
C ILE K 201 -44.76 -56.22 13.94
N GLU K 202 -45.27 -55.57 14.99
CA GLU K 202 -45.65 -54.17 14.93
C GLU K 202 -44.45 -53.29 14.54
N ARG K 203 -43.29 -53.50 15.17
CA ARG K 203 -42.06 -52.78 14.85
C ARG K 203 -41.65 -52.96 13.39
N ASN K 204 -41.71 -54.19 12.87
CA ASN K 204 -41.38 -54.47 11.50
C ASN K 204 -42.41 -53.88 10.52
N ILE K 205 -43.70 -53.86 10.88
CA ILE K 205 -44.74 -53.15 10.13
C ILE K 205 -44.39 -51.66 10.02
N GLN K 206 -43.98 -51.04 11.12
CA GLN K 206 -43.53 -49.66 11.15
C GLN K 206 -42.29 -49.44 10.28
N ARG K 207 -41.28 -50.33 10.35
CA ARG K 207 -40.09 -50.27 9.51
C ARG K 207 -40.44 -50.37 8.04
N VAL K 208 -41.31 -51.31 7.67
CA VAL K 208 -41.76 -51.52 6.30
C VAL K 208 -42.45 -50.25 5.78
N GLY K 209 -43.39 -49.68 6.54
CA GLY K 209 -44.07 -48.44 6.18
C GLY K 209 -43.08 -47.28 5.98
N ALA K 210 -42.20 -47.07 6.96
CA ALA K 210 -41.20 -46.02 6.93
C ALA K 210 -40.24 -46.16 5.74
N SER K 211 -39.79 -47.39 5.47
CA SER K 211 -38.89 -47.73 4.38
C SER K 211 -39.50 -47.42 3.01
N LEU K 212 -40.80 -47.70 2.85
CA LEU K 212 -41.56 -47.34 1.66
C LEU K 212 -41.69 -45.83 1.51
N GLU K 213 -42.03 -45.11 2.59
CA GLU K 213 -42.10 -43.65 2.59
C GLU K 213 -40.76 -43.02 2.21
N ASN K 214 -39.65 -43.54 2.77
CA ASN K 214 -38.32 -43.12 2.41
C ASN K 214 -38.04 -43.36 0.93
N GLY K 215 -38.52 -44.48 0.39
CA GLY K 215 -38.49 -44.80 -1.03
C GLY K 215 -39.21 -43.76 -1.89
N ILE K 216 -40.45 -43.38 -1.53
CA ILE K 216 -41.20 -42.34 -2.23
C ILE K 216 -40.38 -41.05 -2.28
N ASN K 217 -39.84 -40.66 -1.11
CA ASN K 217 -39.05 -39.46 -0.94
C ASN K 217 -37.77 -39.49 -1.77
N ARG K 218 -37.10 -40.64 -1.88
CA ARG K 218 -35.93 -40.81 -2.75
C ARG K 218 -36.30 -40.64 -4.22
N VAL K 219 -37.36 -41.30 -4.70
CA VAL K 219 -37.80 -41.21 -6.08
C VAL K 219 -38.11 -39.76 -6.44
N PHE K 220 -38.87 -39.09 -5.56
CA PHE K 220 -39.20 -37.68 -5.68
C PHE K 220 -37.95 -36.80 -5.74
N LEU K 221 -37.08 -36.88 -4.72
CA LEU K 221 -35.93 -36.00 -4.63
C LEU K 221 -34.94 -36.20 -5.79
N THR K 222 -34.78 -37.46 -6.22
CA THR K 222 -33.87 -37.80 -7.31
C THR K 222 -34.39 -37.24 -8.63
N GLU K 223 -35.70 -37.38 -8.92
CA GLU K 223 -36.31 -36.76 -10.09
C GLU K 223 -36.16 -35.23 -10.02
N LEU K 224 -36.51 -34.65 -8.87
CA LEU K 224 -36.55 -33.23 -8.66
C LEU K 224 -35.18 -32.60 -8.91
N VAL K 225 -34.12 -33.14 -8.32
CA VAL K 225 -32.77 -32.61 -8.43
C VAL K 225 -32.22 -32.83 -9.85
N ASP K 226 -32.40 -34.04 -10.42
CA ASP K 226 -31.75 -34.38 -11.67
C ASP K 226 -32.39 -33.70 -12.88
N ASN K 227 -33.73 -33.60 -12.90
CA ASN K 227 -34.45 -33.18 -14.10
C ASN K 227 -34.91 -31.72 -14.08
N ALA K 228 -34.50 -30.94 -13.07
CA ALA K 228 -34.69 -29.49 -13.07
C ALA K 228 -33.92 -28.86 -14.24
N GLN K 229 -34.60 -28.04 -15.05
CA GLN K 229 -34.01 -27.53 -16.29
C GLN K 229 -33.25 -26.21 -16.09
N ASN K 230 -33.46 -25.52 -14.96
CA ASN K 230 -32.73 -24.33 -14.61
C ASN K 230 -31.76 -24.56 -13.46
N ASN K 231 -30.75 -23.69 -13.37
CA ASN K 231 -29.74 -23.77 -12.33
C ASN K 231 -29.27 -22.36 -11.99
N HIS K 232 -29.13 -22.07 -10.69
CA HIS K 232 -28.44 -20.88 -10.23
C HIS K 232 -27.10 -21.28 -9.64
N ASP K 233 -26.02 -20.85 -10.30
CA ASP K 233 -24.67 -21.12 -9.83
C ASP K 233 -24.26 -20.01 -8.88
N THR K 234 -24.18 -20.33 -7.58
CA THR K 234 -23.83 -19.33 -6.58
C THR K 234 -22.35 -18.98 -6.63
N ALA K 235 -21.49 -19.93 -7.03
CA ALA K 235 -20.04 -19.75 -7.13
C ALA K 235 -19.48 -19.30 -5.77
N GLY K 236 -19.77 -20.11 -4.72
CA GLY K 236 -19.58 -19.60 -3.35
C GLY K 236 -20.44 -18.34 -3.13
N SER K 237 -19.87 -17.29 -2.54
CA SER K 237 -20.49 -15.96 -2.53
C SER K 237 -21.92 -15.88 -1.91
N ASN K 238 -22.94 -15.40 -2.61
CA ASN K 238 -24.19 -14.92 -2.02
C ASN K 238 -25.23 -16.03 -1.91
N GLN K 239 -24.97 -16.99 -1.01
CA GLN K 239 -25.64 -18.29 -1.06
C GLN K 239 -27.00 -18.35 -0.34
N GLY K 240 -27.38 -17.33 0.45
CA GLY K 240 -28.60 -17.36 1.25
C GLY K 240 -29.86 -16.97 0.49
N TYR K 241 -30.60 -15.95 1.00
CA TYR K 241 -31.79 -15.42 0.36
C TYR K 241 -31.53 -15.01 -1.10
N GLN K 242 -30.37 -14.40 -1.37
CA GLN K 242 -30.04 -13.94 -2.71
C GLN K 242 -30.05 -15.08 -3.73
N ALA K 243 -29.55 -16.26 -3.33
CA ALA K 243 -29.56 -17.44 -4.17
C ALA K 243 -30.98 -17.93 -4.42
N LEU K 244 -31.86 -17.93 -3.40
CA LEU K 244 -33.26 -18.30 -3.57
C LEU K 244 -33.95 -17.33 -4.53
N ASN K 245 -33.80 -16.02 -4.31
CA ASN K 245 -34.34 -15.00 -5.19
C ASN K 245 -33.84 -15.17 -6.63
N SER K 246 -32.55 -15.46 -6.80
CA SER K 246 -31.94 -15.67 -8.11
C SER K 246 -32.45 -16.95 -8.78
N ALA K 247 -32.66 -18.03 -8.03
CA ALA K 247 -33.26 -19.25 -8.52
C ALA K 247 -34.72 -19.05 -8.93
N VAL K 248 -35.49 -18.29 -8.16
CA VAL K 248 -36.82 -17.86 -8.57
C VAL K 248 -36.76 -17.05 -9.86
N GLY K 249 -35.77 -16.16 -9.97
CA GLY K 249 -35.48 -15.39 -11.18
C GLY K 249 -35.22 -16.24 -12.41
N GLU K 250 -34.49 -17.35 -12.28
CA GLU K 250 -34.26 -18.28 -13.38
C GLU K 250 -35.55 -18.93 -13.87
N VAL K 251 -36.42 -19.35 -12.94
CA VAL K 251 -37.70 -19.95 -13.28
C VAL K 251 -38.65 -18.90 -13.89
N ASP K 252 -38.62 -17.67 -13.38
CA ASP K 252 -39.35 -16.51 -13.88
C ASP K 252 -38.91 -16.17 -15.31
N LYS K 253 -37.63 -16.32 -15.64
CA LYS K 253 -37.10 -16.11 -16.98
C LYS K 253 -37.60 -17.13 -18.00
N ASP K 254 -37.94 -18.36 -17.56
CA ASP K 254 -38.66 -19.32 -18.40
C ASP K 254 -40.18 -19.26 -18.23
N ASP K 255 -40.71 -18.19 -17.64
CA ASP K 255 -42.13 -17.84 -17.52
C ASP K 255 -42.95 -18.85 -16.72
N PHE K 256 -42.35 -19.41 -15.66
CA PHE K 256 -43.03 -20.23 -14.68
C PHE K 256 -42.93 -19.59 -13.29
N ARG K 257 -43.86 -19.93 -12.39
CA ARG K 257 -43.92 -19.30 -11.07
C ARG K 257 -43.70 -20.37 -10.00
N PRO K 258 -42.50 -20.45 -9.36
CA PRO K 258 -42.26 -21.44 -8.33
C PRO K 258 -42.93 -21.04 -7.01
N ASP K 259 -43.24 -22.05 -6.20
CA ASP K 259 -43.97 -21.84 -4.95
C ASP K 259 -43.41 -22.70 -3.80
N THR K 260 -42.42 -23.55 -4.09
CA THR K 260 -41.88 -24.48 -3.10
C THR K 260 -40.37 -24.52 -3.20
N TYR K 261 -39.70 -24.82 -2.09
CA TYR K 261 -38.30 -25.20 -2.17
C TYR K 261 -37.97 -26.39 -1.27
N VAL K 262 -37.16 -27.27 -1.82
CA VAL K 262 -36.62 -28.47 -1.18
C VAL K 262 -35.17 -28.14 -0.85
N THR K 263 -34.73 -28.53 0.36
CA THR K 263 -33.46 -28.04 0.88
C THR K 263 -32.66 -29.16 1.52
N HIS K 264 -31.35 -29.17 1.28
CA HIS K 264 -30.35 -30.01 1.96
C HIS K 264 -30.01 -29.42 3.34
N PRO K 265 -29.64 -30.22 4.36
CA PRO K 265 -29.22 -29.70 5.66
C PRO K 265 -28.13 -28.64 5.65
N ASP K 266 -27.12 -28.78 4.76
CA ASP K 266 -26.05 -27.80 4.64
C ASP K 266 -26.58 -26.46 4.11
N TYR K 267 -27.46 -26.53 3.10
CA TYR K 267 -28.08 -25.31 2.57
C TYR K 267 -28.92 -24.62 3.65
N ARG K 268 -29.74 -25.37 4.39
CA ARG K 268 -30.49 -24.83 5.53
C ARG K 268 -29.57 -24.10 6.50
N THR K 269 -28.45 -24.72 6.85
CA THR K 269 -27.49 -24.17 7.79
C THR K 269 -26.95 -22.83 7.30
N GLN K 270 -26.53 -22.77 6.03
CA GLN K 270 -26.05 -21.56 5.39
C GLN K 270 -27.14 -20.47 5.34
N LEU K 271 -28.37 -20.85 4.97
CA LEU K 271 -29.51 -19.94 4.88
C LEU K 271 -29.83 -19.30 6.24
N PHE K 272 -29.75 -20.06 7.33
CA PHE K 272 -30.02 -19.52 8.66
C PHE K 272 -28.84 -18.73 9.26
N ASN K 273 -27.66 -18.79 8.65
CA ASN K 273 -26.55 -17.88 8.92
C ASN K 273 -26.67 -16.55 8.16
N ASP K 274 -27.51 -16.48 7.11
CA ASP K 274 -27.67 -15.27 6.31
C ASP K 274 -28.19 -14.13 7.20
N THR K 275 -27.47 -13.01 7.17
CA THR K 275 -27.78 -11.79 7.91
C THR K 275 -29.21 -11.32 7.68
N ASN K 276 -29.75 -11.54 6.46
CA ASN K 276 -31.10 -11.09 6.13
C ASN K 276 -32.17 -11.87 6.91
N LEU K 277 -31.86 -13.08 7.37
CA LEU K 277 -32.78 -13.94 8.12
C LEU K 277 -32.40 -14.01 9.60
N ALA K 278 -31.11 -14.03 9.90
CA ALA K 278 -30.58 -14.13 11.26
C ALA K 278 -30.82 -12.84 12.06
N TYR K 279 -30.73 -11.66 11.43
CA TYR K 279 -30.97 -10.41 12.11
C TYR K 279 -32.47 -10.08 12.07
N ALA K 280 -33.07 -9.96 13.26
CA ALA K 280 -34.52 -9.85 13.40
C ALA K 280 -35.06 -8.63 12.64
N ASN K 281 -34.34 -7.51 12.72
CA ASN K 281 -34.67 -6.29 11.99
C ASN K 281 -34.69 -6.51 10.48
N ARG K 282 -33.72 -7.25 9.91
CA ARG K 282 -33.66 -7.51 8.47
C ARG K 282 -34.73 -8.51 8.02
N ALA K 283 -35.08 -9.49 8.86
CA ALA K 283 -36.11 -10.47 8.59
C ALA K 283 -37.54 -9.96 8.88
N GLY K 284 -37.67 -8.93 9.71
CA GLY K 284 -38.95 -8.44 10.22
C GLY K 284 -39.54 -9.30 11.35
N THR K 285 -38.78 -10.31 11.81
CA THR K 285 -39.14 -11.21 12.91
C THR K 285 -37.88 -11.88 13.45
N ASN K 286 -37.85 -12.26 14.73
CA ASN K 286 -36.75 -13.04 15.29
C ASN K 286 -36.97 -14.54 15.20
N GLU K 287 -38.01 -15.00 14.49
CA GLU K 287 -38.41 -16.40 14.41
C GLU K 287 -37.31 -17.31 13.85
N VAL K 288 -36.47 -16.86 12.90
CA VAL K 288 -35.40 -17.71 12.39
C VAL K 288 -34.30 -17.89 13.43
N LEU K 289 -33.93 -16.80 14.11
CA LEU K 289 -32.94 -16.81 15.18
C LEU K 289 -33.42 -17.74 16.32
N ARG K 290 -34.71 -17.70 16.62
CA ARG K 290 -35.29 -18.48 17.71
C ARG K 290 -35.57 -19.93 17.31
N ASN K 291 -36.40 -20.14 16.28
CA ASN K 291 -37.05 -21.42 15.99
C ASN K 291 -36.54 -22.10 14.71
N ARG K 292 -35.57 -21.48 13.99
CA ARG K 292 -34.87 -22.12 12.86
C ARG K 292 -35.81 -22.57 11.74
N GLU K 293 -35.90 -23.88 11.43
CA GLU K 293 -36.77 -24.34 10.34
C GLU K 293 -38.27 -24.16 10.60
N ASP K 294 -38.66 -24.07 11.88
CA ASP K 294 -40.05 -23.96 12.30
C ASP K 294 -40.58 -22.53 12.21
N ALA K 295 -39.72 -21.57 11.82
CA ALA K 295 -40.10 -20.18 11.60
C ALA K 295 -41.07 -20.05 10.42
N PRO K 296 -42.18 -19.27 10.53
CA PRO K 296 -43.10 -19.09 9.42
C PRO K 296 -42.46 -18.47 8.19
N ILE K 297 -41.45 -17.61 8.34
CA ILE K 297 -40.74 -17.02 7.19
C ILE K 297 -39.96 -18.06 6.39
N VAL K 298 -39.54 -19.16 6.97
CA VAL K 298 -38.85 -20.20 6.20
C VAL K 298 -39.80 -20.86 5.19
N GLY K 299 -41.08 -20.98 5.50
CA GLY K 299 -42.11 -21.33 4.54
C GLY K 299 -42.77 -20.16 3.82
N ASP K 300 -42.19 -18.96 3.86
CA ASP K 300 -42.77 -17.75 3.29
C ASP K 300 -41.62 -16.80 2.91
N ILE K 301 -40.82 -17.23 1.93
CA ILE K 301 -39.63 -16.49 1.50
C ILE K 301 -39.50 -16.53 -0.03
N ALA K 302 -39.07 -15.42 -0.63
CA ALA K 302 -38.87 -15.27 -2.08
C ALA K 302 -40.12 -15.61 -2.91
N GLY K 303 -41.33 -15.42 -2.35
CA GLY K 303 -42.57 -15.73 -3.03
C GLY K 303 -42.98 -17.20 -2.96
N LEU K 304 -42.25 -18.00 -2.17
CA LEU K 304 -42.49 -19.42 -2.00
C LEU K 304 -43.42 -19.62 -0.80
N ASP K 305 -44.38 -20.54 -0.95
CA ASP K 305 -45.40 -20.89 0.03
C ASP K 305 -45.00 -22.07 0.92
N MET K 306 -43.99 -22.85 0.50
CA MET K 306 -43.67 -24.10 1.20
C MET K 306 -42.17 -24.36 1.24
N HIS K 307 -41.69 -24.76 2.42
CA HIS K 307 -40.36 -25.31 2.59
C HIS K 307 -40.46 -26.80 2.89
N ALA K 308 -39.80 -27.59 2.05
CA ALA K 308 -39.73 -29.03 2.17
C ALA K 308 -38.32 -29.40 2.61
N ALA K 309 -38.13 -29.49 3.94
CA ALA K 309 -36.83 -29.87 4.49
C ALA K 309 -36.54 -31.33 4.18
N MET K 310 -35.45 -31.60 3.45
CA MET K 310 -35.05 -32.95 3.09
C MET K 310 -33.82 -33.41 3.90
N SER K 311 -33.63 -34.73 3.94
CA SER K 311 -32.47 -35.37 4.53
C SER K 311 -31.33 -35.51 3.52
N SER K 312 -30.09 -35.65 4.02
CA SER K 312 -28.91 -35.85 3.19
C SER K 312 -28.96 -37.22 2.47
N ALA K 313 -29.45 -38.25 3.16
CA ALA K 313 -29.44 -39.62 2.65
C ALA K 313 -30.51 -39.91 1.60
N THR K 314 -31.51 -39.02 1.45
CA THR K 314 -32.69 -39.27 0.63
C THR K 314 -32.35 -39.37 -0.86
N TYR K 315 -31.39 -38.56 -1.35
CA TYR K 315 -31.04 -38.57 -2.75
C TYR K 315 -30.35 -39.88 -3.15
N ASP K 316 -30.67 -40.37 -4.34
CA ASP K 316 -30.05 -41.59 -4.86
C ASP K 316 -28.61 -41.32 -5.34
N ASP K 317 -27.63 -41.65 -4.51
CA ASP K 317 -26.22 -41.62 -4.91
C ASP K 317 -25.75 -42.97 -5.48
N GLY K 318 -26.64 -43.95 -5.60
CA GLY K 318 -26.31 -45.25 -6.17
C GLY K 318 -25.60 -46.20 -5.20
N THR K 319 -25.48 -45.83 -3.91
CA THR K 319 -24.75 -46.67 -2.95
C THR K 319 -25.62 -47.78 -2.35
N ASP K 320 -26.94 -47.59 -2.34
CA ASP K 320 -27.87 -48.60 -1.83
C ASP K 320 -28.17 -49.67 -2.88
N ILE K 321 -28.47 -50.88 -2.43
CA ILE K 321 -28.74 -52.00 -3.33
C ILE K 321 -30.09 -51.80 -4.05
N GLY K 322 -30.10 -51.96 -5.37
CA GLY K 322 -31.31 -51.75 -6.15
C GLY K 322 -31.48 -50.32 -6.65
N TRP K 323 -30.70 -49.37 -6.13
CA TRP K 323 -30.78 -47.97 -6.51
C TRP K 323 -29.62 -47.62 -7.44
N SER K 324 -29.89 -47.01 -8.59
CA SER K 324 -28.90 -46.85 -9.66
C SER K 324 -28.09 -45.55 -9.63
N GLY K 325 -28.53 -44.58 -8.84
CA GLY K 325 -27.84 -43.30 -8.72
C GLY K 325 -28.33 -42.23 -9.71
N GLY K 326 -28.57 -41.01 -9.21
CA GLY K 326 -28.84 -39.87 -10.05
C GLY K 326 -27.57 -39.23 -10.61
N SER K 327 -27.74 -38.19 -11.43
CA SER K 327 -26.66 -37.51 -12.13
C SER K 327 -25.91 -36.50 -11.24
N GLU K 328 -26.58 -35.94 -10.23
CA GLU K 328 -26.06 -34.83 -9.44
C GLU K 328 -25.43 -35.25 -8.11
N THR K 329 -24.88 -34.25 -7.41
CA THR K 329 -24.48 -34.42 -6.02
C THR K 329 -25.42 -33.59 -5.14
N TRP K 330 -26.10 -34.27 -4.21
CA TRP K 330 -26.98 -33.60 -3.27
C TRP K 330 -26.16 -33.18 -2.05
N GLY K 331 -26.07 -31.87 -1.82
CA GLY K 331 -25.16 -31.35 -0.82
C GLY K 331 -25.04 -29.84 -0.93
N PHE K 332 -24.27 -29.24 -0.01
CA PHE K 332 -23.95 -27.82 -0.16
C PHE K 332 -22.61 -27.50 0.49
N SER K 333 -21.58 -28.23 0.05
CA SER K 333 -20.29 -28.28 0.75
C SER K 333 -19.10 -27.91 -0.14
N SER K 334 -19.27 -28.14 -1.43
CA SER K 334 -18.20 -28.15 -2.43
C SER K 334 -18.76 -27.77 -3.81
N ASP K 335 -17.88 -27.23 -4.66
CA ASP K 335 -18.24 -26.74 -5.98
C ASP K 335 -19.07 -27.76 -6.79
N GLY K 336 -20.25 -27.31 -7.27
CA GLY K 336 -21.10 -28.16 -8.10
C GLY K 336 -22.15 -28.95 -7.32
N ASP K 337 -22.10 -28.93 -5.98
CA ASP K 337 -23.15 -29.54 -5.17
C ASP K 337 -24.48 -28.80 -5.39
N LYS K 338 -25.58 -29.55 -5.51
CA LYS K 338 -26.92 -28.99 -5.59
C LYS K 338 -27.55 -29.08 -4.20
N GLY K 339 -27.85 -27.93 -3.58
CA GLY K 339 -28.26 -27.88 -2.18
C GLY K 339 -29.71 -27.48 -1.94
N ALA K 340 -30.35 -26.91 -2.95
CA ALA K 340 -31.77 -26.62 -2.88
C ALA K 340 -32.37 -26.71 -4.29
N VAL K 341 -33.66 -27.02 -4.36
CA VAL K 341 -34.42 -26.91 -5.59
C VAL K 341 -35.60 -25.98 -5.31
N VAL K 342 -35.75 -24.97 -6.16
CA VAL K 342 -36.83 -24.00 -6.11
C VAL K 342 -37.75 -24.32 -7.27
N TYR K 343 -39.03 -24.61 -7.02
CA TYR K 343 -39.86 -25.22 -8.05
C TYR K 343 -41.35 -24.95 -7.85
N ASP K 344 -42.13 -25.30 -8.88
CA ASP K 344 -43.58 -25.30 -8.83
C ASP K 344 -44.07 -26.68 -8.43
N ARG K 345 -44.70 -26.76 -7.26
CA ARG K 345 -45.24 -27.97 -6.64
C ARG K 345 -46.26 -28.68 -7.54
N ASP K 346 -46.95 -27.91 -8.39
CA ASP K 346 -47.99 -28.44 -9.26
C ASP K 346 -47.44 -28.97 -10.59
N ASN K 347 -46.16 -28.74 -10.87
CA ASN K 347 -45.49 -29.17 -12.10
C ASN K 347 -44.58 -30.40 -11.89
N ILE K 348 -44.51 -30.93 -10.65
CA ILE K 348 -43.87 -32.20 -10.41
C ILE K 348 -44.88 -33.16 -9.79
N HIS K 349 -45.01 -34.32 -10.43
CA HIS K 349 -46.05 -35.29 -10.16
C HIS K 349 -45.43 -36.54 -9.55
N THR K 350 -45.90 -36.90 -8.37
CA THR K 350 -45.55 -38.13 -7.70
C THR K 350 -46.71 -39.07 -7.94
N ILE K 351 -46.44 -40.19 -8.60
CA ILE K 351 -47.51 -41.08 -9.03
C ILE K 351 -47.44 -42.31 -8.13
N LEU K 352 -48.53 -42.58 -7.40
CA LEU K 352 -48.65 -43.72 -6.54
C LEU K 352 -49.72 -44.66 -7.09
N TYR K 353 -49.33 -45.92 -7.29
CA TYR K 353 -50.22 -46.99 -7.71
C TYR K 353 -50.22 -48.10 -6.66
N ALA K 354 -51.42 -48.55 -6.31
CA ALA K 354 -51.59 -49.73 -5.49
C ALA K 354 -52.69 -50.59 -6.10
N PRO K 355 -52.50 -51.92 -6.25
CA PRO K 355 -53.55 -52.77 -6.81
C PRO K 355 -54.77 -52.86 -5.90
N ASN K 356 -54.55 -53.01 -4.57
CA ASN K 356 -55.62 -53.42 -3.66
C ASN K 356 -56.10 -52.27 -2.77
N GLY K 357 -55.96 -51.03 -3.25
CA GLY K 357 -56.33 -49.83 -2.50
C GLY K 357 -55.71 -48.58 -3.12
N GLN K 358 -55.40 -47.59 -2.28
CA GLN K 358 -54.88 -46.30 -2.69
C GLN K 358 -53.38 -46.16 -2.32
N ASP K 359 -52.89 -46.95 -1.35
CA ASP K 359 -51.65 -46.66 -0.66
C ASP K 359 -50.89 -47.93 -0.25
N VAL K 360 -49.87 -47.81 0.61
CA VAL K 360 -49.01 -48.90 1.05
C VAL K 360 -49.79 -50.12 1.55
N GLU K 361 -49.52 -51.26 0.93
CA GLU K 361 -50.24 -52.48 1.25
C GLU K 361 -49.29 -53.42 2.00
N ILE K 362 -49.69 -53.74 3.25
CA ILE K 362 -48.90 -54.58 4.12
C ILE K 362 -49.59 -55.92 4.27
N LYS K 363 -48.82 -56.99 3.99
CA LYS K 363 -49.24 -58.37 4.07
C LYS K 363 -48.40 -59.08 5.12
N ASP K 364 -49.03 -60.06 5.74
CA ASP K 364 -48.32 -60.97 6.62
C ASP K 364 -48.59 -62.43 6.22
N TYR K 365 -47.64 -63.27 6.56
CA TYR K 365 -47.74 -64.69 6.27
C TYR K 365 -47.11 -65.49 7.40
N GLU K 366 -47.75 -66.63 7.72
CA GLU K 366 -47.14 -67.62 8.59
C GLU K 366 -46.62 -68.77 7.73
N ASP K 367 -45.37 -69.14 7.98
CA ASP K 367 -44.78 -70.35 7.45
C ASP K 367 -44.88 -71.46 8.51
N PRO K 368 -45.86 -72.39 8.41
CA PRO K 368 -46.00 -73.46 9.39
C PRO K 368 -44.90 -74.52 9.31
N ILE K 369 -44.15 -74.56 8.20
CA ILE K 369 -43.08 -75.52 7.98
C ILE K 369 -41.79 -75.08 8.68
N ARG K 370 -41.54 -73.75 8.73
CA ARG K 370 -40.31 -73.18 9.25
C ARG K 370 -40.48 -72.39 10.56
N ASP K 371 -41.73 -72.19 11.03
CA ASP K 371 -42.05 -71.40 12.22
C ASP K 371 -41.60 -69.94 12.08
N ILE K 372 -41.86 -69.38 10.90
CA ILE K 372 -41.52 -68.01 10.57
C ILE K 372 -42.79 -67.21 10.31
N THR K 373 -42.82 -65.98 10.82
CA THR K 373 -43.82 -65.00 10.44
C THR K 373 -43.12 -63.94 9.60
N GLY K 374 -43.69 -63.66 8.42
CA GLY K 374 -43.18 -62.63 7.55
C GLY K 374 -44.14 -61.45 7.47
N VAL K 375 -43.59 -60.25 7.32
CA VAL K 375 -44.31 -59.03 7.03
C VAL K 375 -43.68 -58.43 5.77
N ASN K 376 -44.51 -58.06 4.80
CA ASN K 376 -43.99 -57.35 3.65
C ASN K 376 -44.90 -56.20 3.26
N GLY K 377 -44.29 -55.17 2.69
CA GLY K 377 -44.99 -54.00 2.21
C GLY K 377 -44.64 -53.70 0.76
N ARG K 378 -45.61 -53.12 0.03
CA ARG K 378 -45.37 -52.65 -1.33
C ARG K 378 -46.14 -51.38 -1.63
N LEU K 379 -45.55 -50.56 -2.50
CA LEU K 379 -46.27 -49.51 -3.21
C LEU K 379 -45.57 -49.32 -4.55
N HIS K 380 -46.33 -48.95 -5.60
CA HIS K 380 -45.69 -48.60 -6.85
C HIS K 380 -45.58 -47.08 -6.95
N VAL K 381 -44.39 -46.57 -7.22
CA VAL K 381 -44.16 -45.14 -7.28
C VAL K 381 -43.33 -44.73 -8.51
N ASP K 382 -43.70 -43.59 -9.09
CA ASP K 382 -42.84 -42.86 -10.02
C ASP K 382 -42.87 -41.37 -9.64
N CYS K 383 -41.91 -40.62 -10.15
CA CYS K 383 -41.97 -39.18 -10.04
C CYS K 383 -41.50 -38.59 -11.37
N GLN K 384 -42.29 -37.64 -11.90
CA GLN K 384 -42.02 -37.02 -13.19
C GLN K 384 -42.33 -35.52 -13.12
N TYR K 385 -41.43 -34.68 -13.64
CA TYR K 385 -41.81 -33.31 -13.96
C TYR K 385 -42.68 -33.28 -15.22
N SER K 386 -43.81 -32.57 -15.13
CA SER K 386 -44.55 -32.19 -16.33
C SER K 386 -43.84 -31.04 -17.04
N GLN K 387 -43.38 -30.04 -16.32
CA GLN K 387 -42.53 -28.97 -16.84
C GLN K 387 -41.29 -28.80 -15.95
N GLY K 388 -40.15 -29.34 -16.38
CA GLY K 388 -38.90 -29.22 -15.66
C GLY K 388 -38.31 -27.80 -15.64
N ARG K 389 -38.77 -26.93 -16.55
CA ARG K 389 -38.42 -25.51 -16.58
C ARG K 389 -39.02 -24.72 -15.42
N SER K 390 -40.06 -25.28 -14.78
CA SER K 390 -40.65 -24.71 -13.58
C SER K 390 -39.75 -24.86 -12.35
N SER K 391 -38.53 -25.39 -12.50
CA SER K 391 -37.67 -25.73 -11.39
C SER K 391 -36.22 -25.30 -11.62
N ALA K 392 -35.59 -24.80 -10.56
CA ALA K 392 -34.19 -24.38 -10.56
C ALA K 392 -33.45 -25.02 -9.38
N THR K 393 -32.30 -25.64 -9.66
CA THR K 393 -31.39 -26.05 -8.61
C THR K 393 -30.51 -24.88 -8.18
N VAL K 394 -30.13 -24.86 -6.90
CA VAL K 394 -29.16 -23.92 -6.38
C VAL K 394 -27.85 -24.69 -6.20
N GLN K 395 -26.80 -24.18 -6.87
CA GLN K 395 -25.53 -24.86 -6.96
C GLN K 395 -24.46 -24.07 -6.19
N TYR K 396 -23.65 -24.79 -5.41
CA TYR K 396 -22.52 -24.24 -4.69
C TYR K 396 -21.38 -23.80 -5.63
N ARG L 114 -70.22 2.96 -40.64
CA ARG L 114 -70.00 3.87 -39.47
C ARG L 114 -68.59 4.46 -39.55
N GLU L 115 -68.48 5.78 -39.35
CA GLU L 115 -67.18 6.45 -39.22
C GLU L 115 -67.26 7.61 -38.24
N GLN L 116 -66.29 7.71 -37.33
CA GLN L 116 -66.15 8.82 -36.39
C GLN L 116 -64.66 9.03 -36.10
N LEU L 117 -64.23 10.30 -36.00
CA LEU L 117 -62.87 10.68 -35.68
C LEU L 117 -62.56 10.65 -34.18
N LEU L 118 -61.29 10.40 -33.85
CA LEU L 118 -60.87 10.35 -32.47
C LEU L 118 -60.83 11.78 -31.92
N GLU L 119 -61.76 12.08 -31.01
CA GLU L 119 -62.01 13.42 -30.51
C GLU L 119 -61.22 13.56 -29.20
N VAL L 120 -59.89 13.44 -29.26
CA VAL L 120 -59.00 13.76 -28.14
C VAL L 120 -57.82 14.64 -28.55
N VAL L 121 -57.36 15.47 -27.63
CA VAL L 121 -56.10 16.19 -27.76
C VAL L 121 -55.19 15.79 -26.57
N MET L 122 -53.96 15.41 -26.89
CA MET L 122 -53.03 14.97 -25.86
C MET L 122 -52.26 16.16 -25.31
N GLU L 123 -52.20 16.25 -23.99
CA GLU L 123 -51.62 17.39 -23.29
C GLU L 123 -50.10 17.49 -23.44
N GLY L 124 -49.59 18.72 -23.43
CA GLY L 124 -48.16 18.92 -23.32
C GLY L 124 -47.67 18.77 -21.88
N ARG L 125 -46.39 19.10 -21.69
CA ARG L 125 -45.74 19.22 -20.39
C ARG L 125 -46.49 20.22 -19.50
N GLU L 126 -46.80 19.84 -18.26
CA GLU L 126 -47.43 20.75 -17.30
C GLU L 126 -46.45 21.10 -16.18
N LEU L 127 -46.20 22.38 -15.99
CA LEU L 127 -45.28 22.81 -14.93
C LEU L 127 -45.97 22.82 -13.57
N ARG L 128 -45.18 22.62 -12.52
CA ARG L 128 -45.67 22.64 -11.15
C ARG L 128 -45.94 24.09 -10.72
N LYS L 129 -47.16 24.33 -10.20
CA LYS L 129 -47.61 25.63 -9.75
C LYS L 129 -47.79 25.64 -8.25
N VAL L 130 -46.96 26.40 -7.53
CA VAL L 130 -46.86 26.32 -6.07
C VAL L 130 -46.79 27.69 -5.36
N ALA L 131 -46.50 28.78 -6.08
CA ALA L 131 -46.21 30.08 -5.50
C ALA L 131 -47.30 30.63 -4.56
N ARG L 132 -48.58 30.39 -4.87
CA ARG L 132 -49.70 30.87 -4.08
C ARG L 132 -49.80 30.19 -2.71
N GLU L 133 -49.34 28.94 -2.63
CA GLU L 133 -49.27 28.14 -1.41
C GLU L 133 -47.96 28.41 -0.68
N ALA L 134 -46.86 28.59 -1.43
CA ALA L 134 -45.49 28.65 -0.96
C ALA L 134 -45.02 30.07 -0.59
N SER L 135 -45.90 31.08 -0.62
CA SER L 135 -45.54 32.45 -0.25
C SER L 135 -46.74 33.17 0.38
N ASN L 136 -46.51 34.32 0.99
CA ASN L 136 -47.59 35.15 1.50
C ASN L 136 -48.15 35.96 0.34
N VAL L 137 -49.46 35.78 0.01
CA VAL L 137 -50.06 36.45 -1.13
C VAL L 137 -50.75 37.73 -0.66
N ILE L 138 -50.27 38.88 -1.21
CA ILE L 138 -50.95 40.16 -1.08
C ILE L 138 -51.85 40.32 -2.30
N ASN L 139 -53.15 40.41 -2.05
CA ASN L 139 -54.08 40.87 -3.08
C ASN L 139 -54.12 42.40 -3.00
N ALA L 140 -53.31 43.05 -3.85
CA ALA L 140 -53.06 44.48 -3.73
C ALA L 140 -54.23 45.29 -4.29
N ASN L 141 -54.45 46.47 -3.71
CA ASN L 141 -55.40 47.43 -4.21
C ASN L 141 -54.80 48.30 -5.31
N THR L 142 -53.46 48.42 -5.35
CA THR L 142 -52.72 49.24 -6.30
C THR L 142 -51.56 48.46 -6.91
N ARG L 143 -51.26 48.76 -8.18
CA ARG L 143 -50.23 48.11 -8.97
C ARG L 143 -48.83 48.34 -8.42
N VAL L 144 -48.64 49.53 -7.83
CA VAL L 144 -47.44 49.94 -7.11
C VAL L 144 -47.83 50.19 -5.66
N GLY L 145 -46.95 49.82 -4.73
CA GLY L 145 -47.21 49.97 -3.31
C GLY L 145 -46.00 49.65 -2.47
N ASP L 146 -46.15 49.78 -1.15
CA ASP L 146 -45.06 49.60 -0.20
C ASP L 146 -45.51 48.78 1.00
N VAL L 147 -44.61 47.89 1.47
CA VAL L 147 -44.78 47.17 2.72
C VAL L 147 -43.84 47.81 3.75
N PRO L 148 -44.33 48.28 4.91
CA PRO L 148 -43.44 48.83 5.94
C PRO L 148 -42.69 47.75 6.73
N ILE L 149 -41.39 47.96 6.89
CA ILE L 149 -40.45 47.05 7.54
C ILE L 149 -39.88 47.77 8.75
N ALA L 150 -39.90 47.10 9.92
CA ALA L 150 -39.31 47.63 11.15
C ALA L 150 -37.84 47.24 11.28
N SER L 151 -37.06 48.12 11.94
CA SER L 151 -35.66 47.87 12.28
C SER L 151 -35.48 46.60 13.12
N ASP L 152 -34.26 46.03 13.05
CA ASP L 152 -33.92 44.88 13.88
C ASP L 152 -33.99 45.20 15.37
N GLU L 153 -34.26 44.16 16.17
CA GLU L 153 -34.16 44.24 17.61
C GLU L 153 -32.72 44.56 18.03
N GLU L 154 -32.57 45.49 18.97
CA GLU L 154 -31.26 45.86 19.48
C GLU L 154 -31.08 45.38 20.93
N PHE L 155 -29.97 45.82 21.53
CA PHE L 155 -29.70 45.58 22.95
C PHE L 155 -29.74 46.91 23.71
N ALA L 156 -30.41 46.88 24.87
CA ALA L 156 -30.51 48.08 25.69
C ALA L 156 -29.13 48.54 26.15
N ARG L 157 -28.98 49.85 26.42
CA ARG L 157 -27.65 50.41 26.63
C ARG L 157 -27.29 50.43 28.10
N PRO L 158 -26.08 49.96 28.51
CA PRO L 158 -25.62 50.16 29.88
C PRO L 158 -25.48 51.66 30.18
N THR L 159 -26.12 52.07 31.28
CA THR L 159 -26.35 53.47 31.60
C THR L 159 -25.96 53.74 33.04
N GLY L 160 -25.39 54.93 33.30
CA GLY L 160 -25.09 55.38 34.66
C GLY L 160 -26.35 55.70 35.45
N GLN L 161 -26.24 55.77 36.78
CA GLN L 161 -27.36 56.19 37.60
C GLN L 161 -27.57 57.71 37.46
N GLY L 162 -28.82 58.13 37.20
CA GLY L 162 -29.12 59.55 37.02
C GLY L 162 -28.74 60.12 35.65
N ALA L 163 -28.16 59.29 34.77
CA ALA L 163 -27.80 59.68 33.41
C ALA L 163 -29.02 59.71 32.50
N GLU L 164 -28.97 60.51 31.42
CA GLU L 164 -30.07 60.62 30.47
C GLU L 164 -30.24 59.33 29.68
N ILE L 165 -31.48 58.85 29.52
CA ILE L 165 -31.75 57.74 28.64
C ILE L 165 -31.73 58.23 27.20
N ARG L 166 -30.86 57.64 26.38
CA ARG L 166 -30.69 58.03 24.99
C ARG L 166 -31.72 57.33 24.12
N ASP L 167 -32.10 58.01 23.03
CA ASP L 167 -33.07 57.45 22.09
C ASP L 167 -32.42 56.52 21.07
N ASP L 168 -33.12 55.40 20.85
CA ASP L 168 -32.84 54.45 19.77
C ASP L 168 -34.19 53.82 19.44
N GLY L 169 -35.05 54.63 18.80
CA GLY L 169 -36.40 54.23 18.46
C GLY L 169 -36.45 53.22 17.32
N GLU L 170 -37.64 52.73 17.02
CA GLU L 170 -37.87 51.98 15.79
C GLU L 170 -37.64 52.90 14.58
N THR L 171 -36.60 52.59 13.79
CA THR L 171 -36.52 53.11 12.43
C THR L 171 -37.33 52.21 11.50
N TYR L 172 -37.91 52.82 10.45
CA TYR L 172 -38.74 52.11 9.49
C TYR L 172 -38.25 52.36 8.07
N THR L 173 -38.46 51.35 7.21
CA THR L 173 -38.19 51.43 5.79
C THR L 173 -39.32 50.69 5.07
N THR L 174 -39.26 50.59 3.74
CA THR L 174 -40.26 49.82 3.01
C THR L 174 -39.60 48.91 1.99
N VAL L 175 -40.31 47.83 1.63
CA VAL L 175 -40.04 47.16 0.36
C VAL L 175 -41.16 47.53 -0.61
N ALA L 176 -40.76 48.01 -1.78
CA ALA L 176 -41.70 48.45 -2.79
C ALA L 176 -42.12 47.24 -3.64
N TRP L 177 -43.42 47.18 -4.00
CA TRP L 177 -43.83 46.33 -5.09
C TRP L 177 -44.16 47.19 -6.30
N ASN L 178 -43.79 46.68 -7.47
CA ASN L 178 -44.16 47.24 -8.74
C ASN L 178 -44.59 46.08 -9.60
N ALA L 179 -45.91 45.82 -9.60
CA ALA L 179 -46.45 44.61 -10.19
C ALA L 179 -46.34 44.69 -11.71
N THR L 180 -45.69 43.70 -12.33
CA THR L 180 -45.47 43.65 -13.76
C THR L 180 -46.67 42.94 -14.40
N LYS L 181 -47.22 43.53 -15.47
CA LYS L 181 -48.32 42.92 -16.19
C LYS L 181 -47.80 41.72 -16.99
N LEU L 182 -48.21 40.52 -16.58
CA LEU L 182 -47.93 39.34 -17.36
C LEU L 182 -49.15 39.09 -18.23
N THR L 183 -48.90 38.88 -19.53
CA THR L 183 -49.97 38.67 -20.48
C THR L 183 -49.70 37.46 -21.37
N GLU L 184 -50.79 36.81 -21.76
CA GLU L 184 -50.72 35.71 -22.73
C GLU L 184 -51.99 35.79 -23.57
N GLY L 185 -51.87 35.69 -24.89
CA GLY L 185 -53.03 35.81 -25.75
C GLY L 185 -53.03 34.75 -26.85
N SER L 186 -54.21 34.61 -27.46
CA SER L 186 -54.38 33.71 -28.59
C SER L 186 -55.47 34.28 -29.51
N ARG L 187 -55.15 34.44 -30.80
CA ARG L 187 -56.16 34.81 -31.79
C ARG L 187 -56.28 33.71 -32.85
N VAL L 188 -57.53 33.35 -33.17
CA VAL L 188 -57.90 32.28 -34.06
C VAL L 188 -58.98 32.81 -35.00
N THR L 189 -59.01 32.29 -36.24
CA THR L 189 -60.07 32.63 -37.17
C THR L 189 -61.37 31.94 -36.77
N ASP L 190 -62.47 32.66 -36.93
CA ASP L 190 -63.79 32.17 -36.49
C ASP L 190 -64.17 30.85 -37.19
N GLU L 191 -63.73 30.67 -38.43
CA GLU L 191 -63.84 29.46 -39.22
C GLU L 191 -63.14 28.27 -38.57
N MET L 192 -61.95 28.45 -38.00
CA MET L 192 -61.26 27.37 -37.30
C MET L 192 -61.97 26.99 -36.00
N ARG L 193 -62.57 27.91 -35.27
CA ARG L 193 -63.40 27.60 -34.10
C ARG L 193 -64.54 26.63 -34.45
N ASP L 194 -65.21 26.84 -35.59
CA ASP L 194 -66.27 25.98 -36.05
C ASP L 194 -65.76 24.60 -36.44
N GLN L 195 -64.66 24.51 -37.19
CA GLN L 195 -64.20 23.22 -37.70
C GLN L 195 -63.38 22.40 -36.70
N ALA L 196 -62.91 22.98 -35.59
CA ALA L 196 -62.07 22.30 -34.62
C ALA L 196 -62.74 21.06 -34.00
N MET L 197 -61.91 20.06 -33.66
CA MET L 197 -62.40 18.81 -33.11
C MET L 197 -62.74 18.94 -31.62
N VAL L 198 -62.08 19.87 -30.90
CA VAL L 198 -62.35 20.17 -29.50
C VAL L 198 -62.73 21.64 -29.36
N ASP L 199 -63.27 22.07 -28.20
CA ASP L 199 -63.50 23.48 -27.92
C ASP L 199 -62.18 24.25 -27.84
N LEU L 200 -61.86 24.91 -28.97
CA LEU L 200 -60.57 25.53 -29.19
C LEU L 200 -60.41 26.78 -28.31
N ILE L 201 -61.52 27.47 -28.03
CA ILE L 201 -61.53 28.58 -27.09
C ILE L 201 -61.27 28.07 -25.68
N GLU L 202 -61.94 27.02 -25.24
CA GLU L 202 -61.70 26.45 -23.91
C GLU L 202 -60.24 26.00 -23.77
N ARG L 203 -59.69 25.31 -24.77
CA ARG L 203 -58.27 24.91 -24.79
C ARG L 203 -57.32 26.12 -24.65
N ASN L 204 -57.60 27.19 -25.39
CA ASN L 204 -56.78 28.39 -25.32
C ASN L 204 -56.97 29.14 -23.99
N ILE L 205 -58.17 29.14 -23.40
CA ILE L 205 -58.42 29.65 -22.05
C ILE L 205 -57.54 28.90 -21.04
N GLN L 206 -57.48 27.57 -21.12
CA GLN L 206 -56.64 26.76 -20.26
C GLN L 206 -55.15 27.07 -20.48
N ARG L 207 -54.70 27.21 -21.75
CA ARG L 207 -53.32 27.59 -22.04
C ARG L 207 -52.97 28.96 -21.43
N VAL L 208 -53.84 29.94 -21.65
CA VAL L 208 -53.64 31.31 -21.18
C VAL L 208 -53.57 31.34 -19.65
N GLY L 209 -54.52 30.68 -18.97
CA GLY L 209 -54.51 30.56 -17.51
C GLY L 209 -53.25 29.90 -16.99
N ALA L 210 -52.85 28.76 -17.57
CA ALA L 210 -51.63 28.05 -17.20
C ALA L 210 -50.37 28.90 -17.40
N SER L 211 -50.29 29.61 -18.54
CA SER L 211 -49.17 30.49 -18.86
C SER L 211 -49.00 31.63 -17.84
N LEU L 212 -50.12 32.19 -17.37
CA LEU L 212 -50.11 33.18 -16.32
C LEU L 212 -49.68 32.61 -14.98
N GLU L 213 -50.20 31.44 -14.59
CA GLU L 213 -49.76 30.76 -13.37
C GLU L 213 -48.27 30.45 -13.40
N ASN L 214 -47.76 29.96 -14.54
CA ASN L 214 -46.35 29.72 -14.77
C ASN L 214 -45.55 31.00 -14.62
N GLY L 215 -46.09 32.12 -15.10
CA GLY L 215 -45.53 33.45 -14.91
C GLY L 215 -45.42 33.86 -13.45
N ILE L 216 -46.48 33.68 -12.63
CA ILE L 216 -46.44 33.95 -11.20
C ILE L 216 -45.30 33.15 -10.56
N ASN L 217 -45.23 31.86 -10.90
CA ASN L 217 -44.24 30.94 -10.37
C ASN L 217 -42.82 31.33 -10.78
N ARG L 218 -42.61 31.82 -12.01
CA ARG L 218 -41.33 32.35 -12.46
C ARG L 218 -40.91 33.58 -11.67
N VAL L 219 -41.80 34.57 -11.50
CA VAL L 219 -41.51 35.78 -10.77
C VAL L 219 -41.12 35.44 -9.33
N PHE L 220 -41.92 34.58 -8.70
CA PHE L 220 -41.68 34.07 -7.36
C PHE L 220 -40.33 33.37 -7.23
N LEU L 221 -40.08 32.35 -8.06
CA LEU L 221 -38.87 31.55 -7.95
C LEU L 221 -37.62 32.38 -8.24
N THR L 222 -37.71 33.31 -9.20
CA THR L 222 -36.59 34.17 -9.57
C THR L 222 -36.24 35.12 -8.43
N GLU L 223 -37.24 35.76 -7.80
CA GLU L 223 -37.00 36.56 -6.60
C GLU L 223 -36.38 35.72 -5.48
N LEU L 224 -37.01 34.58 -5.22
CA LEU L 224 -36.66 33.70 -4.12
C LEU L 224 -35.20 33.24 -4.23
N VAL L 225 -34.78 32.75 -5.39
CA VAL L 225 -33.43 32.26 -5.61
C VAL L 225 -32.41 33.41 -5.62
N ASP L 226 -32.71 34.53 -6.31
CA ASP L 226 -31.74 35.59 -6.51
C ASP L 226 -31.48 36.42 -5.26
N ASN L 227 -32.52 36.72 -4.48
CA ASN L 227 -32.45 37.67 -3.38
C ASN L 227 -32.34 37.03 -1.99
N ALA L 228 -32.22 35.69 -1.91
CA ALA L 228 -31.88 35.00 -0.67
C ALA L 228 -30.51 35.45 -0.18
N GLN L 229 -30.40 35.87 1.09
CA GLN L 229 -29.17 36.45 1.60
C GLN L 229 -28.15 35.42 2.12
N ASN L 230 -28.58 34.17 2.30
CA ASN L 230 -27.74 33.11 2.84
C ASN L 230 -27.57 31.99 1.81
N ASN L 231 -26.48 31.22 1.94
CA ASN L 231 -26.17 30.16 1.00
C ASN L 231 -25.45 29.03 1.74
N HIS L 232 -25.83 27.78 1.47
CA HIS L 232 -25.07 26.62 1.90
C HIS L 232 -24.42 25.99 0.66
N ASP L 233 -23.10 26.04 0.59
CA ASP L 233 -22.34 25.37 -0.44
C ASP L 233 -22.11 23.91 -0.03
N THR L 234 -22.76 22.98 -0.74
CA THR L 234 -22.59 21.57 -0.45
C THR L 234 -21.25 21.03 -0.94
N ALA L 235 -20.62 21.71 -1.91
CA ALA L 235 -19.35 21.30 -2.52
C ALA L 235 -19.42 19.87 -3.07
N GLY L 236 -20.52 19.52 -3.73
CA GLY L 236 -20.76 18.20 -4.26
C GLY L 236 -20.84 17.08 -3.23
N SER L 237 -21.11 17.36 -1.95
CA SER L 237 -21.07 16.35 -0.91
C SER L 237 -22.16 16.60 0.14
N ASN L 238 -22.66 15.54 0.80
CA ASN L 238 -23.66 15.62 1.87
C ASN L 238 -24.89 16.44 1.45
N GLN L 239 -25.43 16.16 0.26
CA GLN L 239 -26.40 17.00 -0.40
C GLN L 239 -27.87 16.80 0.04
N GLY L 240 -28.19 15.73 0.78
CA GLY L 240 -29.58 15.44 1.16
C GLY L 240 -30.07 16.18 2.40
N TYR L 241 -30.53 15.44 3.42
CA TYR L 241 -31.02 16.01 4.68
C TYR L 241 -29.99 16.96 5.31
N GLN L 242 -28.71 16.60 5.27
CA GLN L 242 -27.65 17.40 5.88
C GLN L 242 -27.59 18.80 5.28
N ALA L 243 -27.77 18.91 3.97
CA ALA L 243 -27.81 20.20 3.29
C ALA L 243 -29.03 21.03 3.71
N LEU L 244 -30.21 20.41 3.87
CA LEU L 244 -31.40 21.10 4.35
C LEU L 244 -31.16 21.61 5.78
N ASN L 245 -30.68 20.73 6.67
CA ASN L 245 -30.35 21.11 8.04
C ASN L 245 -29.32 22.25 8.09
N SER L 246 -28.31 22.20 7.23
CA SER L 246 -27.27 23.22 7.14
C SER L 246 -27.82 24.56 6.62
N ALA L 247 -28.72 24.52 5.63
CA ALA L 247 -29.42 25.71 5.14
C ALA L 247 -30.34 26.30 6.20
N VAL L 248 -31.05 25.47 6.96
CA VAL L 248 -31.82 25.94 8.13
C VAL L 248 -30.88 26.59 9.15
N GLY L 249 -29.70 25.99 9.37
CA GLY L 249 -28.65 26.55 10.22
C GLY L 249 -28.18 27.94 9.79
N GLU L 250 -28.03 28.19 8.48
CA GLU L 250 -27.68 29.50 7.96
C GLU L 250 -28.75 30.54 8.27
N VAL L 251 -30.03 30.20 8.10
CA VAL L 251 -31.14 31.10 8.40
C VAL L 251 -31.26 31.34 9.91
N ASP L 252 -31.04 30.30 10.72
CA ASP L 252 -30.99 30.34 12.17
C ASP L 252 -29.86 31.25 12.67
N LYS L 253 -28.71 31.27 11.98
CA LYS L 253 -27.59 32.17 12.28
C LYS L 253 -27.91 33.65 12.04
N ASP L 254 -28.81 33.97 11.09
CA ASP L 254 -29.33 35.31 10.93
C ASP L 254 -30.60 35.57 11.75
N ASP L 255 -30.94 34.67 12.68
CA ASP L 255 -32.00 34.79 13.68
C ASP L 255 -33.41 34.85 13.07
N PHE L 256 -33.63 34.09 12.00
CA PHE L 256 -34.95 33.83 11.43
C PHE L 256 -35.25 32.33 11.45
N ARG L 257 -36.54 31.98 11.37
CA ARG L 257 -36.95 30.57 11.40
C ARG L 257 -37.62 30.21 10.08
N PRO L 258 -36.97 29.40 9.21
CA PRO L 258 -37.60 28.96 7.97
C PRO L 258 -38.65 27.88 8.24
N ASP L 259 -39.62 27.78 7.33
CA ASP L 259 -40.71 26.82 7.46
C ASP L 259 -41.05 26.14 6.13
N THR L 260 -40.40 26.54 5.04
CA THR L 260 -40.72 26.05 3.70
C THR L 260 -39.44 25.79 2.93
N TYR L 261 -39.49 24.86 1.98
CA TYR L 261 -38.45 24.77 0.98
C TYR L 261 -39.02 24.56 -0.41
N VAL L 262 -38.40 25.26 -1.38
CA VAL L 262 -38.63 25.02 -2.80
C VAL L 262 -37.49 24.20 -3.35
N THR L 263 -37.83 23.29 -4.26
CA THR L 263 -36.86 22.28 -4.68
C THR L 263 -36.89 22.10 -6.20
N HIS L 264 -35.70 21.97 -6.80
CA HIS L 264 -35.49 21.58 -8.19
C HIS L 264 -35.66 20.06 -8.36
N PRO L 265 -36.10 19.53 -9.52
CA PRO L 265 -36.19 18.08 -9.75
C PRO L 265 -34.92 17.27 -9.45
N ASP L 266 -33.73 17.80 -9.78
CA ASP L 266 -32.47 17.14 -9.50
C ASP L 266 -32.22 17.05 -7.99
N TYR L 267 -32.51 18.14 -7.27
CA TYR L 267 -32.40 18.14 -5.82
C TYR L 267 -33.35 17.11 -5.20
N ARG L 268 -34.61 17.08 -5.62
CA ARG L 268 -35.57 16.07 -5.17
C ARG L 268 -35.03 14.66 -5.35
N THR L 269 -34.46 14.38 -6.53
CA THR L 269 -33.93 13.08 -6.89
C THR L 269 -32.80 12.68 -5.93
N GLN L 270 -31.86 13.61 -5.70
CA GLN L 270 -30.75 13.40 -4.76
C GLN L 270 -31.25 13.18 -3.34
N LEU L 271 -32.21 14.00 -2.88
CA LEU L 271 -32.79 13.93 -1.54
C LEU L 271 -33.44 12.57 -1.30
N PHE L 272 -34.16 12.03 -2.28
CA PHE L 272 -34.83 10.74 -2.14
C PHE L 272 -33.91 9.54 -2.31
N ASN L 273 -32.66 9.75 -2.77
CA ASN L 273 -31.58 8.75 -2.70
C ASN L 273 -30.88 8.74 -1.33
N ASP L 274 -31.05 9.78 -0.50
CA ASP L 274 -30.42 9.86 0.81
C ASP L 274 -30.90 8.70 1.68
N THR L 275 -29.96 7.92 2.23
CA THR L 275 -30.31 6.77 3.04
C THR L 275 -31.11 7.17 4.28
N ASN L 276 -30.98 8.40 4.77
CA ASN L 276 -31.77 8.87 5.91
C ASN L 276 -33.27 8.95 5.59
N LEU L 277 -33.64 9.11 4.30
CA LEU L 277 -35.03 9.17 3.86
C LEU L 277 -35.44 7.87 3.17
N ALA L 278 -34.55 7.28 2.37
CA ALA L 278 -34.80 6.07 1.60
C ALA L 278 -34.98 4.83 2.49
N TYR L 279 -34.24 4.72 3.59
CA TYR L 279 -34.35 3.59 4.49
C TYR L 279 -35.43 3.87 5.53
N ALA L 280 -36.44 3.01 5.60
CA ALA L 280 -37.62 3.22 6.42
C ALA L 280 -37.26 3.37 7.90
N ASN L 281 -36.33 2.56 8.37
CA ASN L 281 -35.80 2.64 9.73
C ASN L 281 -35.15 3.99 10.04
N ARG L 282 -34.39 4.57 9.10
CA ARG L 282 -33.73 5.87 9.30
C ARG L 282 -34.74 7.03 9.23
N ALA L 283 -35.77 6.91 8.38
CA ALA L 283 -36.81 7.92 8.22
C ALA L 283 -37.93 7.81 9.26
N GLY L 284 -38.10 6.64 9.88
CA GLY L 284 -39.23 6.36 10.76
C GLY L 284 -40.53 6.01 10.04
N THR L 285 -40.53 6.03 8.69
CA THR L 285 -41.60 5.53 7.85
C THR L 285 -41.05 5.13 6.48
N ASN L 286 -41.75 4.26 5.75
CA ASN L 286 -41.38 3.91 4.38
C ASN L 286 -42.03 4.81 3.33
N GLU L 287 -42.69 5.90 3.74
CA GLU L 287 -43.43 6.79 2.85
C GLU L 287 -42.60 7.38 1.70
N VAL L 288 -41.32 7.71 1.92
CA VAL L 288 -40.49 8.27 0.85
C VAL L 288 -40.15 7.18 -0.18
N LEU L 289 -39.83 5.97 0.30
CA LEU L 289 -39.57 4.82 -0.56
C LEU L 289 -40.81 4.48 -1.39
N ARG L 290 -41.98 4.55 -0.79
CA ARG L 290 -43.25 4.22 -1.45
C ARG L 290 -43.76 5.34 -2.35
N ASN L 291 -44.00 6.54 -1.79
CA ASN L 291 -44.78 7.60 -2.40
C ASN L 291 -43.94 8.82 -2.79
N ARG L 292 -42.64 8.81 -2.53
CA ARG L 292 -41.66 9.80 -3.01
C ARG L 292 -42.00 11.21 -2.55
N GLU L 293 -42.30 12.18 -3.45
CA GLU L 293 -42.57 13.55 -2.98
C GLU L 293 -43.95 13.70 -2.34
N ASP L 294 -44.85 12.74 -2.51
CA ASP L 294 -46.17 12.73 -1.90
C ASP L 294 -46.14 12.25 -0.44
N ALA L 295 -44.97 11.85 0.06
CA ALA L 295 -44.78 11.41 1.43
C ALA L 295 -44.97 12.56 2.41
N PRO L 296 -45.67 12.37 3.56
CA PRO L 296 -45.81 13.42 4.57
C PRO L 296 -44.49 13.92 5.13
N ILE L 297 -43.46 13.06 5.24
CA ILE L 297 -42.14 13.48 5.77
C ILE L 297 -41.45 14.49 4.85
N VAL L 298 -41.73 14.48 3.54
CA VAL L 298 -41.08 15.43 2.64
C VAL L 298 -41.58 16.86 2.92
N GLY L 299 -42.85 17.02 3.32
CA GLY L 299 -43.35 18.28 3.82
C GLY L 299 -43.24 18.45 5.33
N ASP L 300 -42.36 17.69 6.00
CA ASP L 300 -42.19 17.69 7.44
C ASP L 300 -40.75 17.28 7.75
N ILE L 301 -39.77 18.08 7.32
CA ILE L 301 -38.35 17.74 7.42
C ILE L 301 -37.51 18.96 7.80
N ALA L 302 -36.51 18.77 8.67
CA ALA L 302 -35.60 19.82 9.14
C ALA L 302 -36.34 21.02 9.77
N GLY L 303 -37.52 20.79 10.37
CA GLY L 303 -38.33 21.84 10.96
C GLY L 303 -39.20 22.62 9.97
N LEU L 304 -39.19 22.21 8.71
CA LEU L 304 -39.95 22.82 7.62
C LEU L 304 -41.27 22.08 7.49
N ASP L 305 -42.36 22.84 7.38
CA ASP L 305 -43.72 22.31 7.34
C ASP L 305 -44.33 22.36 5.94
N MET L 306 -43.59 22.83 4.92
CA MET L 306 -44.07 22.80 3.56
C MET L 306 -42.96 22.52 2.55
N HIS L 307 -43.25 21.64 1.60
CA HIS L 307 -42.42 21.40 0.44
C HIS L 307 -43.12 21.93 -0.81
N ALA L 308 -42.44 22.81 -1.52
CA ALA L 308 -42.91 23.39 -2.75
C ALA L 308 -42.09 22.81 -3.92
N ALA L 309 -42.61 21.74 -4.52
CA ALA L 309 -41.93 21.11 -5.65
C ALA L 309 -42.02 22.03 -6.88
N MET L 310 -40.88 22.51 -7.36
CA MET L 310 -40.82 23.39 -8.52
C MET L 310 -40.34 22.63 -9.77
N SER L 311 -40.69 23.18 -10.95
CA SER L 311 -40.24 22.68 -12.24
C SER L 311 -38.94 23.37 -12.66
N SER L 312 -38.16 22.67 -13.50
CA SER L 312 -36.85 23.11 -13.95
C SER L 312 -36.92 24.37 -14.84
N ALA L 313 -37.97 24.48 -15.68
CA ALA L 313 -38.14 25.61 -16.58
C ALA L 313 -38.57 26.92 -15.90
N THR L 314 -39.01 26.86 -14.63
CA THR L 314 -39.68 27.94 -13.96
C THR L 314 -38.77 29.15 -13.74
N TYR L 315 -37.49 28.93 -13.39
CA TYR L 315 -36.59 30.03 -13.10
C TYR L 315 -36.25 30.82 -14.38
N ASP L 316 -36.09 32.12 -14.23
CA ASP L 316 -35.76 32.99 -15.35
C ASP L 316 -34.28 32.88 -15.75
N ASP L 317 -33.99 32.05 -16.75
CA ASP L 317 -32.67 31.94 -17.35
C ASP L 317 -32.38 33.12 -18.30
N GLY L 318 -33.39 33.92 -18.67
CA GLY L 318 -33.27 34.91 -19.72
C GLY L 318 -33.32 34.35 -21.15
N THR L 319 -33.56 33.04 -21.30
CA THR L 319 -33.64 32.38 -22.59
C THR L 319 -35.04 32.50 -23.22
N ASP L 320 -36.06 32.75 -22.40
CA ASP L 320 -37.45 32.91 -22.85
C ASP L 320 -37.70 34.33 -23.33
N ILE L 321 -38.62 34.51 -24.28
CA ILE L 321 -38.80 35.80 -24.94
C ILE L 321 -39.53 36.76 -24.00
N GLY L 322 -39.01 37.98 -23.85
CA GLY L 322 -39.61 38.98 -22.96
C GLY L 322 -39.12 38.89 -21.51
N TRP L 323 -38.42 37.82 -21.15
CA TRP L 323 -37.86 37.62 -19.82
C TRP L 323 -36.37 37.92 -19.82
N SER L 324 -35.91 38.72 -18.84
CA SER L 324 -34.51 39.09 -18.70
C SER L 324 -33.97 38.40 -17.45
N GLY L 325 -32.92 37.59 -17.57
CA GLY L 325 -32.63 36.52 -16.62
C GLY L 325 -32.35 36.99 -15.20
N GLY L 326 -32.48 36.05 -14.28
CA GLY L 326 -31.94 36.20 -12.93
C GLY L 326 -30.42 36.01 -12.86
N SER L 327 -29.84 36.21 -11.67
CA SER L 327 -28.40 36.19 -11.45
C SER L 327 -27.83 34.77 -11.32
N GLU L 328 -28.66 33.80 -10.91
CA GLU L 328 -28.23 32.46 -10.53
C GLU L 328 -28.49 31.40 -11.61
N THR L 329 -28.09 30.15 -11.33
CA THR L 329 -28.53 29.01 -12.13
C THR L 329 -29.41 28.12 -11.25
N TRP L 330 -30.65 27.88 -11.70
CA TRP L 330 -31.55 26.92 -11.07
C TRP L 330 -31.25 25.52 -11.59
N GLY L 331 -30.88 24.63 -10.67
CA GLY L 331 -30.43 23.30 -11.05
C GLY L 331 -29.78 22.59 -9.87
N PHE L 332 -29.42 21.33 -10.07
CA PHE L 332 -28.67 20.62 -9.04
C PHE L 332 -27.86 19.49 -9.67
N SER L 333 -27.08 19.83 -10.69
CA SER L 333 -26.26 18.84 -11.37
C SER L 333 -24.92 19.39 -11.82
N SER L 334 -24.62 20.67 -11.53
CA SER L 334 -23.28 21.20 -11.80
C SER L 334 -22.86 22.25 -10.77
N ASP L 335 -21.54 22.40 -10.58
CA ASP L 335 -20.95 23.27 -9.57
C ASP L 335 -21.50 24.69 -9.64
N GLY L 336 -22.08 25.18 -8.53
CA GLY L 336 -22.62 26.52 -8.42
C GLY L 336 -24.12 26.61 -8.69
N ASP L 337 -24.77 25.53 -9.10
CA ASP L 337 -26.22 25.53 -9.28
C ASP L 337 -26.92 25.67 -7.92
N LYS L 338 -28.02 26.42 -7.88
CA LYS L 338 -28.89 26.52 -6.72
C LYS L 338 -30.07 25.57 -6.93
N GLY L 339 -30.21 24.55 -6.07
CA GLY L 339 -31.19 23.50 -6.28
C GLY L 339 -32.33 23.44 -5.28
N ALA L 340 -32.19 24.15 -4.17
CA ALA L 340 -33.27 24.30 -3.20
C ALA L 340 -33.12 25.65 -2.52
N VAL L 341 -34.25 26.22 -2.07
CA VAL L 341 -34.24 27.39 -1.20
C VAL L 341 -35.04 27.03 0.04
N VAL L 342 -34.43 27.27 1.21
CA VAL L 342 -35.05 27.04 2.51
C VAL L 342 -35.38 28.43 3.05
N TYR L 343 -36.65 28.69 3.39
CA TYR L 343 -37.05 30.05 3.67
C TYR L 343 -38.28 30.12 4.59
N ASP L 344 -38.55 31.34 5.06
CA ASP L 344 -39.77 31.66 5.78
C ASP L 344 -40.84 32.15 4.81
N ARG L 345 -41.91 31.37 4.67
CA ARG L 345 -43.05 31.62 3.79
C ARG L 345 -43.73 32.95 4.09
N ASP L 346 -43.64 33.43 5.33
CA ASP L 346 -44.26 34.67 5.77
C ASP L 346 -43.40 35.91 5.45
N ASN L 347 -42.14 35.71 5.04
CA ASN L 347 -41.20 36.77 4.72
C ASN L 347 -40.95 36.92 3.21
N ILE L 348 -41.60 36.11 2.38
CA ILE L 348 -41.58 36.29 0.93
C ILE L 348 -43.01 36.54 0.43
N HIS L 349 -43.17 37.68 -0.23
CA HIS L 349 -44.47 38.20 -0.62
C HIS L 349 -44.67 38.07 -2.12
N THR L 350 -45.75 37.39 -2.53
CA THR L 350 -46.20 37.46 -3.89
C THR L 350 -47.34 38.46 -3.93
N ILE L 351 -47.18 39.52 -4.73
CA ILE L 351 -48.16 40.58 -4.77
C ILE L 351 -48.91 40.44 -6.08
N LEU L 352 -50.23 40.21 -6.00
CA LEU L 352 -51.09 40.05 -7.16
C LEU L 352 -52.05 41.23 -7.24
N TYR L 353 -52.03 41.90 -8.40
CA TYR L 353 -52.93 42.99 -8.69
C TYR L 353 -53.73 42.65 -9.96
N ALA L 354 -55.04 42.89 -9.90
CA ALA L 354 -55.87 42.93 -11.08
C ALA L 354 -56.83 44.11 -10.96
N PRO L 355 -57.08 44.90 -12.02
CA PRO L 355 -58.02 46.01 -11.92
C PRO L 355 -59.46 45.53 -11.74
N ASN L 356 -59.86 44.44 -12.42
CA ASN L 356 -61.27 44.06 -12.46
C ASN L 356 -61.72 43.05 -11.39
N GLY L 357 -60.80 42.57 -10.56
CA GLY L 357 -61.13 41.57 -9.55
C GLY L 357 -59.92 41.24 -8.67
N GLN L 358 -59.95 40.05 -8.08
CA GLN L 358 -58.92 39.61 -7.14
C GLN L 358 -57.71 39.01 -7.84
N ASP L 359 -57.90 38.49 -9.07
CA ASP L 359 -57.00 37.48 -9.64
C ASP L 359 -56.98 37.56 -11.17
N VAL L 360 -56.53 36.49 -11.85
CA VAL L 360 -56.40 36.35 -13.30
C VAL L 360 -57.70 36.76 -14.01
N GLU L 361 -57.56 37.68 -14.96
CA GLU L 361 -58.65 38.05 -15.84
C GLU L 361 -58.42 37.45 -17.22
N ILE L 362 -59.34 36.60 -17.67
CA ILE L 362 -59.35 36.10 -19.03
C ILE L 362 -60.54 36.72 -19.76
N LYS L 363 -60.25 37.35 -20.90
CA LYS L 363 -61.25 38.01 -21.72
C LYS L 363 -61.37 37.31 -23.08
N ASP L 364 -62.57 36.86 -23.40
CA ASP L 364 -62.86 36.43 -24.77
C ASP L 364 -63.31 37.64 -25.57
N TYR L 365 -62.82 37.79 -26.81
CA TYR L 365 -63.17 38.96 -27.58
C TYR L 365 -63.26 38.59 -29.07
N GLU L 366 -64.06 39.35 -29.80
CA GLU L 366 -64.14 39.31 -31.24
C GLU L 366 -63.50 40.59 -31.81
N ASP L 367 -62.73 40.42 -32.90
CA ASP L 367 -62.41 41.59 -33.72
C ASP L 367 -63.72 42.09 -34.35
N PRO L 368 -64.05 43.39 -34.28
CA PRO L 368 -65.31 43.88 -34.86
C PRO L 368 -65.35 43.84 -36.39
N ILE L 369 -64.17 43.72 -37.05
CA ILE L 369 -64.04 43.85 -38.49
C ILE L 369 -63.84 42.45 -39.13
N ARG L 370 -63.06 41.53 -38.51
CA ARG L 370 -62.23 40.59 -39.27
C ARG L 370 -62.63 39.12 -39.18
N ASP L 371 -63.64 38.78 -38.37
CA ASP L 371 -64.03 37.38 -38.08
C ASP L 371 -62.89 36.60 -37.40
N ILE L 372 -62.26 37.26 -36.43
CA ILE L 372 -61.23 36.69 -35.58
C ILE L 372 -61.73 36.73 -34.15
N THR L 373 -61.52 35.61 -33.43
CA THR L 373 -61.82 35.52 -32.01
C THR L 373 -60.48 35.39 -31.26
N GLY L 374 -60.36 36.01 -30.10
CA GLY L 374 -59.26 35.64 -29.24
C GLY L 374 -59.63 35.49 -27.78
N VAL L 375 -58.68 34.89 -27.06
CA VAL L 375 -58.70 34.82 -25.61
C VAL L 375 -57.43 35.44 -25.05
N ASN L 376 -57.60 36.44 -24.18
CA ASN L 376 -56.49 37.24 -23.68
C ASN L 376 -56.45 37.20 -22.15
N GLY L 377 -55.32 36.82 -21.57
CA GLY L 377 -55.19 36.73 -20.13
C GLY L 377 -54.20 37.76 -19.59
N ARG L 378 -54.50 38.27 -18.39
CA ARG L 378 -53.64 39.22 -17.71
C ARG L 378 -53.68 38.98 -16.19
N LEU L 379 -52.53 39.29 -15.58
CA LEU L 379 -52.40 39.46 -14.14
C LEU L 379 -51.18 40.35 -13.90
N HIS L 380 -51.20 41.20 -12.88
CA HIS L 380 -50.00 41.92 -12.49
C HIS L 380 -49.41 41.22 -11.27
N VAL L 381 -48.10 40.93 -11.33
CA VAL L 381 -47.43 40.24 -10.25
C VAL L 381 -46.08 40.89 -9.93
N ASP L 382 -45.78 40.94 -8.64
CA ASP L 382 -44.44 41.18 -8.14
C ASP L 382 -44.12 40.14 -7.08
N CYS L 383 -42.82 39.92 -6.85
CA CYS L 383 -42.43 39.14 -5.72
C CYS L 383 -41.27 39.83 -5.01
N GLN L 384 -41.39 39.97 -3.68
CA GLN L 384 -40.40 40.68 -2.89
C GLN L 384 -40.19 39.96 -1.55
N TYR L 385 -38.92 39.81 -1.16
CA TYR L 385 -38.62 39.47 0.23
C TYR L 385 -38.86 40.68 1.14
N SER L 386 -39.60 40.46 2.22
CA SER L 386 -39.64 41.31 3.39
C SER L 386 -38.29 41.25 4.12
N GLN L 387 -37.82 40.04 4.42
CA GLN L 387 -36.49 39.81 5.00
C GLN L 387 -35.80 38.71 4.18
N GLY L 388 -34.84 39.09 3.34
CA GLY L 388 -34.06 38.14 2.54
C GLY L 388 -33.13 37.24 3.37
N ARG L 389 -32.81 37.67 4.59
CA ARG L 389 -32.07 36.93 5.59
C ARG L 389 -32.83 35.69 6.11
N SER L 390 -34.16 35.69 5.95
CA SER L 390 -35.00 34.56 6.29
C SER L 390 -34.86 33.40 5.30
N SER L 391 -33.94 33.48 4.34
CA SER L 391 -33.84 32.49 3.26
C SER L 391 -32.39 32.10 2.96
N ALA L 392 -32.21 30.81 2.67
CA ALA L 392 -30.92 30.23 2.31
C ALA L 392 -31.05 29.33 1.07
N THR L 393 -30.18 29.54 0.08
CA THR L 393 -30.09 28.63 -1.06
C THR L 393 -29.17 27.46 -0.75
N VAL L 394 -29.46 26.30 -1.34
CA VAL L 394 -28.58 25.15 -1.31
C VAL L 394 -27.88 25.07 -2.65
N GLN L 395 -26.54 25.06 -2.61
CA GLN L 395 -25.70 25.13 -3.79
C GLN L 395 -24.95 23.82 -4.00
N TYR L 396 -24.93 23.34 -5.25
CA TYR L 396 -24.20 22.15 -5.66
C TYR L 396 -22.68 22.41 -5.67
N PHE M 101 -50.11 59.12 -22.39
CA PHE M 101 -50.75 58.81 -23.69
C PHE M 101 -52.27 58.95 -23.49
N ALA M 102 -52.98 57.82 -23.38
CA ALA M 102 -54.22 57.76 -22.63
C ALA M 102 -53.89 57.93 -21.14
N ALA M 103 -54.92 57.99 -20.29
CA ALA M 103 -54.70 58.04 -18.84
C ALA M 103 -54.14 56.72 -18.33
N SER M 104 -53.03 56.75 -17.57
CA SER M 104 -52.29 55.55 -17.21
C SER M 104 -51.81 55.59 -15.75
N ASP M 105 -51.64 54.41 -15.15
CA ASP M 105 -51.23 54.24 -13.77
C ASP M 105 -49.94 54.98 -13.45
N PRO M 106 -48.84 54.88 -14.25
CA PRO M 106 -47.59 55.56 -13.91
C PRO M 106 -47.67 57.08 -13.93
N GLU M 107 -48.64 57.64 -14.64
CA GLU M 107 -48.76 59.07 -14.88
C GLU M 107 -49.46 59.78 -13.72
N TYR M 108 -50.43 59.09 -13.10
CA TYR M 108 -51.33 59.67 -12.11
C TYR M 108 -51.24 59.00 -10.73
N VAL M 109 -50.11 58.35 -10.45
CA VAL M 109 -49.78 57.59 -9.26
C VAL M 109 -49.87 58.39 -7.95
N ASP M 110 -49.76 59.72 -8.02
CA ASP M 110 -49.94 60.60 -6.88
C ASP M 110 -50.96 61.72 -7.16
N THR M 111 -51.73 61.60 -8.24
CA THR M 111 -52.73 62.57 -8.66
C THR M 111 -54.13 62.03 -8.42
N LEU M 112 -54.44 60.84 -8.95
CA LEU M 112 -55.79 60.26 -8.94
C LEU M 112 -55.94 59.17 -7.88
N PHE M 113 -54.82 58.66 -7.35
CA PHE M 113 -54.80 57.66 -6.29
C PHE M 113 -53.50 57.79 -5.50
N ARG M 114 -53.38 57.05 -4.40
CA ARG M 114 -52.17 56.95 -3.60
C ARG M 114 -51.70 55.49 -3.63
N GLU M 115 -50.37 55.28 -3.67
CA GLU M 115 -49.79 53.95 -3.51
C GLU M 115 -50.32 53.30 -2.22
N GLN M 116 -50.65 52.01 -2.29
CA GLN M 116 -51.07 51.26 -1.10
C GLN M 116 -49.91 51.12 -0.12
N LEU M 117 -50.18 51.36 1.17
CA LEU M 117 -49.39 50.79 2.26
C LEU M 117 -50.16 49.61 2.84
N LEU M 118 -49.46 48.50 3.10
CA LEU M 118 -49.96 47.50 4.04
C LEU M 118 -50.02 48.09 5.45
N GLU M 119 -51.12 47.84 6.16
CA GLU M 119 -51.20 48.18 7.59
C GLU M 119 -50.32 47.30 8.47
N VAL M 120 -49.94 46.12 7.99
CA VAL M 120 -49.00 45.24 8.67
C VAL M 120 -47.59 45.84 8.56
N VAL M 121 -46.92 46.05 9.71
CA VAL M 121 -45.50 46.36 9.70
C VAL M 121 -44.71 45.07 9.91
N MET M 122 -43.81 44.76 8.97
CA MET M 122 -43.06 43.52 8.96
C MET M 122 -41.88 43.63 9.92
N GLU M 123 -41.70 42.61 10.75
CA GLU M 123 -40.73 42.66 11.85
C GLU M 123 -39.29 42.60 11.34
N GLY M 124 -38.38 43.26 12.06
CA GLY M 124 -36.96 43.03 11.86
C GLY M 124 -36.50 41.69 12.45
N ARG M 125 -35.18 41.52 12.50
CA ARG M 125 -34.59 40.34 13.15
C ARG M 125 -34.94 40.32 14.64
N GLU M 126 -35.55 39.21 15.10
CA GLU M 126 -35.91 39.06 16.50
C GLU M 126 -35.04 37.97 17.14
N LEU M 127 -34.31 38.35 18.20
CA LEU M 127 -33.38 37.45 18.84
C LEU M 127 -34.08 36.47 19.77
N ARG M 128 -33.44 35.32 20.03
CA ARG M 128 -33.97 34.31 20.93
C ARG M 128 -33.83 34.74 22.38
N LYS M 129 -34.94 34.69 23.12
CA LYS M 129 -35.04 35.20 24.49
C LYS M 129 -35.36 34.04 25.42
N VAL M 130 -34.40 33.61 26.25
CA VAL M 130 -34.50 32.36 27.01
C VAL M 130 -34.04 32.48 28.46
N ALA M 131 -33.28 33.52 28.83
CA ALA M 131 -32.58 33.63 30.11
C ALA M 131 -33.47 33.49 31.35
N ARG M 132 -34.72 33.99 31.31
CA ARG M 132 -35.63 33.91 32.46
C ARG M 132 -36.09 32.49 32.75
N GLU M 133 -36.16 31.64 31.72
CA GLU M 133 -36.49 30.23 31.82
C GLU M 133 -35.23 29.41 32.10
N ALA M 134 -34.10 29.80 31.48
CA ALA M 134 -32.83 29.10 31.45
C ALA M 134 -31.91 29.38 32.65
N SER M 135 -32.37 30.14 33.66
CA SER M 135 -31.59 30.47 34.84
C SER M 135 -32.51 30.64 36.05
N ASN M 136 -31.92 30.68 37.26
CA ASN M 136 -32.64 31.12 38.43
C ASN M 136 -32.73 32.65 38.41
N VAL M 137 -33.94 33.21 38.56
CA VAL M 137 -34.10 34.67 38.63
C VAL M 137 -34.20 35.10 40.08
N ILE M 138 -33.29 36.00 40.50
CA ILE M 138 -33.31 36.62 41.81
C ILE M 138 -33.84 38.04 41.64
N ASN M 139 -34.97 38.32 42.30
CA ASN M 139 -35.51 39.66 42.34
C ASN M 139 -34.87 40.35 43.55
N ALA M 140 -33.79 41.09 43.31
CA ALA M 140 -32.98 41.67 44.38
C ALA M 140 -33.65 42.89 45.00
N ASN M 141 -33.39 43.08 46.30
CA ASN M 141 -33.81 44.29 47.01
C ASN M 141 -32.81 45.44 46.81
N THR M 142 -31.55 45.11 46.51
CA THR M 142 -30.50 46.10 46.28
C THR M 142 -29.74 45.79 44.98
N ARG M 143 -29.29 46.86 44.32
CA ARG M 143 -28.57 46.79 43.06
C ARG M 143 -27.23 46.06 43.21
N VAL M 144 -26.61 46.21 44.38
CA VAL M 144 -25.39 45.51 44.73
C VAL M 144 -25.68 44.56 45.89
N GLY M 145 -25.13 43.35 45.81
CA GLY M 145 -25.36 42.35 46.83
C GLY M 145 -24.40 41.18 46.72
N ASP M 146 -24.52 40.24 47.65
CA ASP M 146 -23.70 39.06 47.73
C ASP M 146 -24.56 37.82 48.02
N VAL M 147 -24.23 36.70 47.38
CA VAL M 147 -24.82 35.42 47.74
C VAL M 147 -23.75 34.57 48.43
N PRO M 148 -24.01 34.04 49.65
CA PRO M 148 -23.04 33.17 50.33
C PRO M 148 -22.95 31.77 49.75
N ILE M 149 -21.73 31.30 49.58
CA ILE M 149 -21.39 29.99 49.01
C ILE M 149 -20.66 29.17 50.06
N ALA M 150 -21.06 27.90 50.22
CA ALA M 150 -20.41 26.98 51.15
C ALA M 150 -19.36 26.13 50.43
N SER M 151 -18.28 25.80 51.14
CA SER M 151 -17.25 24.87 50.68
C SER M 151 -17.81 23.47 50.43
N ASP M 152 -17.14 22.72 49.56
CA ASP M 152 -17.49 21.37 49.21
C ASP M 152 -17.54 20.43 50.41
N GLU M 153 -18.37 19.38 50.26
CA GLU M 153 -18.31 18.19 51.09
C GLU M 153 -16.92 17.53 50.98
N GLU M 154 -16.36 17.16 52.13
CA GLU M 154 -15.07 16.47 52.17
C GLU M 154 -15.24 15.06 52.72
N PHE M 155 -14.12 14.44 53.09
CA PHE M 155 -14.09 13.10 53.66
C PHE M 155 -13.56 13.16 55.10
N ALA M 156 -14.16 12.37 55.97
CA ALA M 156 -13.67 12.21 57.33
C ALA M 156 -12.24 11.64 57.33
N ARG M 157 -11.53 11.79 58.46
CA ARG M 157 -10.13 11.42 58.58
C ARG M 157 -10.01 10.08 59.30
N PRO M 158 -9.28 9.08 58.78
CA PRO M 158 -9.01 7.86 59.54
C PRO M 158 -8.11 8.22 60.73
N THR M 159 -8.54 7.83 61.93
CA THR M 159 -7.99 8.38 63.17
C THR M 159 -7.62 7.23 64.11
N GLY M 160 -6.46 7.36 64.79
CA GLY M 160 -6.08 6.42 65.83
C GLY M 160 -7.01 6.50 67.05
N GLN M 161 -7.06 5.44 67.85
CA GLN M 161 -7.88 5.48 69.06
C GLN M 161 -7.28 6.41 70.12
N GLY M 162 -8.10 7.32 70.66
CA GLY M 162 -7.62 8.29 71.64
C GLY M 162 -6.86 9.48 71.04
N ALA M 163 -6.74 9.55 69.71
CA ALA M 163 -6.10 10.66 69.02
C ALA M 163 -7.06 11.86 68.89
N GLU M 164 -6.50 13.07 68.70
CA GLU M 164 -7.28 14.28 68.54
C GLU M 164 -8.06 14.26 67.21
N ILE M 165 -9.34 14.66 67.27
CA ILE M 165 -10.10 14.88 66.05
C ILE M 165 -9.70 16.23 65.46
N ARG M 166 -9.21 16.21 64.22
CA ARG M 166 -8.73 17.41 63.54
C ARG M 166 -9.88 18.15 62.88
N ASP M 167 -9.77 19.48 62.81
CA ASP M 167 -10.81 20.32 62.26
C ASP M 167 -10.67 20.47 60.74
N ASP M 168 -11.83 20.43 60.06
CA ASP M 168 -11.96 20.83 58.67
C ASP M 168 -13.36 21.42 58.47
N GLY M 169 -13.59 22.56 59.11
CA GLY M 169 -14.92 23.16 59.18
C GLY M 169 -15.36 23.80 57.86
N GLU M 170 -16.65 24.15 57.79
CA GLU M 170 -17.18 24.76 56.57
C GLU M 170 -16.59 26.16 56.37
N THR M 171 -15.80 26.31 55.31
CA THR M 171 -15.37 27.63 54.84
C THR M 171 -16.44 28.20 53.92
N TYR M 172 -16.55 29.53 53.89
CA TYR M 172 -17.53 30.24 53.08
C TYR M 172 -16.89 31.33 52.24
N THR M 173 -17.55 31.65 51.12
CA THR M 173 -17.21 32.78 50.27
C THR M 173 -18.51 33.44 49.78
N THR M 174 -18.41 34.46 48.92
CA THR M 174 -19.60 34.99 48.26
C THR M 174 -19.33 35.20 46.77
N VAL M 175 -20.39 35.23 45.96
CA VAL M 175 -20.31 35.91 44.68
C VAL M 175 -21.11 37.20 44.77
N ALA M 176 -20.45 38.29 44.34
CA ALA M 176 -21.05 39.60 44.30
C ALA M 176 -21.88 39.78 43.03
N TRP M 177 -23.02 40.45 43.15
CA TRP M 177 -23.69 41.04 42.00
C TRP M 177 -23.59 42.55 42.06
N ASN M 178 -23.37 43.18 40.91
CA ASN M 178 -23.68 44.59 40.75
C ASN M 178 -24.49 44.75 39.47
N ALA M 179 -25.79 44.96 39.66
CA ALA M 179 -26.73 45.06 38.57
C ALA M 179 -26.47 46.35 37.77
N THR M 180 -26.29 46.19 36.46
CA THR M 180 -26.04 47.31 35.56
C THR M 180 -27.37 47.81 35.00
N LYS M 181 -27.59 49.12 35.00
CA LYS M 181 -28.78 49.71 34.43
C LYS M 181 -28.76 49.58 32.91
N LEU M 182 -29.64 48.75 32.36
CA LEU M 182 -29.85 48.71 30.92
C LEU M 182 -31.03 49.62 30.61
N THR M 183 -30.85 50.51 29.64
CA THR M 183 -31.90 51.46 29.28
C THR M 183 -32.14 51.53 27.78
N GLU M 184 -33.37 51.89 27.41
CA GLU M 184 -33.73 52.11 26.02
C GLU M 184 -34.77 53.22 25.94
N GLY M 185 -34.67 54.12 24.96
CA GLY M 185 -35.61 55.22 24.84
C GLY M 185 -36.02 55.48 23.40
N SER M 186 -37.14 56.19 23.24
CA SER M 186 -37.65 56.58 21.93
C SER M 186 -38.55 57.80 22.04
N ARG M 187 -38.52 58.67 21.02
CA ARG M 187 -39.35 59.85 20.95
C ARG M 187 -40.12 59.92 19.63
N VAL M 188 -41.38 60.34 19.71
CA VAL M 188 -42.31 60.40 18.58
C VAL M 188 -43.04 61.74 18.66
N THR M 189 -43.20 62.44 17.53
CA THR M 189 -43.97 63.68 17.54
C THR M 189 -45.47 63.37 17.55
N ASP M 190 -46.28 64.26 18.12
CA ASP M 190 -47.72 64.11 18.12
C ASP M 190 -48.32 63.97 16.73
N GLU M 191 -47.73 64.68 15.76
CA GLU M 191 -48.17 64.61 14.37
C GLU M 191 -47.88 63.25 13.75
N MET M 192 -46.70 62.68 14.03
CA MET M 192 -46.37 61.35 13.53
C MET M 192 -47.23 60.26 14.19
N ARG M 193 -47.52 60.42 15.49
CA ARG M 193 -48.38 59.53 16.23
C ARG M 193 -49.79 59.51 15.64
N ASP M 194 -50.32 60.67 15.26
CA ASP M 194 -51.61 60.76 14.61
C ASP M 194 -51.60 60.10 13.22
N GLN M 195 -50.62 60.47 12.40
CA GLN M 195 -50.64 60.14 10.97
C GLN M 195 -50.27 58.69 10.66
N ALA M 196 -49.46 58.06 11.51
CA ALA M 196 -49.06 56.66 11.32
C ALA M 196 -50.28 55.72 11.44
N MET M 197 -50.26 54.65 10.65
CA MET M 197 -51.38 53.70 10.68
C MET M 197 -51.22 52.70 11.84
N VAL M 198 -49.97 52.44 12.26
CA VAL M 198 -49.67 51.62 13.44
C VAL M 198 -49.66 52.49 14.71
N ASP M 199 -49.92 51.87 15.86
CA ASP M 199 -49.69 52.56 17.12
C ASP M 199 -48.19 52.62 17.39
N LEU M 200 -47.58 53.78 17.11
CA LEU M 200 -46.14 53.97 17.23
C LEU M 200 -45.68 53.91 18.69
N ILE M 201 -46.53 54.34 19.63
CA ILE M 201 -46.18 54.26 21.04
C ILE M 201 -46.17 52.80 21.49
N GLU M 202 -47.19 52.02 21.12
CA GLU M 202 -47.20 50.59 21.41
C GLU M 202 -45.99 49.89 20.78
N ARG M 203 -45.69 50.16 19.50
CA ARG M 203 -44.51 49.63 18.80
C ARG M 203 -43.21 49.95 19.55
N ASN M 204 -43.06 51.19 20.00
CA ASN M 204 -41.86 51.62 20.70
C ASN M 204 -41.79 51.04 22.11
N ILE M 205 -42.92 50.87 22.80
CA ILE M 205 -43.00 50.17 24.08
C ILE M 205 -42.50 48.73 23.91
N GLN M 206 -42.94 48.05 22.84
CA GLN M 206 -42.50 46.69 22.54
C GLN M 206 -41.03 46.65 22.16
N ARG M 207 -40.50 47.61 21.39
CA ARG M 207 -39.06 47.71 21.10
C ARG M 207 -38.25 47.89 22.39
N VAL M 208 -38.69 48.79 23.26
CA VAL M 208 -38.05 49.06 24.54
C VAL M 208 -37.99 47.79 25.39
N GLY M 209 -39.14 47.10 25.55
CA GLY M 209 -39.22 45.85 26.28
C GLY M 209 -38.29 44.77 25.70
N ALA M 210 -38.37 44.55 24.39
CA ALA M 210 -37.56 43.57 23.69
C ALA M 210 -36.06 43.86 23.80
N SER M 211 -35.67 45.14 23.68
CA SER M 211 -34.29 45.59 23.79
C SER M 211 -33.70 45.31 25.18
N LEU M 212 -34.51 45.50 26.22
CA LEU M 212 -34.14 45.15 27.58
C LEU M 212 -34.00 43.63 27.76
N GLU M 213 -34.96 42.84 27.24
CA GLU M 213 -34.88 41.39 27.27
C GLU M 213 -33.63 40.87 26.55
N ASN M 214 -33.29 41.43 25.39
CA ASN M 214 -32.06 41.12 24.68
C ASN M 214 -30.84 41.40 25.54
N GLY M 215 -30.87 42.52 26.29
CA GLY M 215 -29.85 42.86 27.26
C GLY M 215 -29.69 41.82 28.38
N ILE M 216 -30.80 41.37 28.99
CA ILE M 216 -30.79 40.30 30.00
C ILE M 216 -30.11 39.06 29.42
N ASN M 217 -30.51 38.67 28.21
CA ASN M 217 -30.01 37.50 27.52
C ASN M 217 -28.52 37.61 27.22
N ARG M 218 -28.02 38.81 26.85
CA ARG M 218 -26.59 39.05 26.66
C ARG M 218 -25.81 38.88 27.96
N VAL M 219 -26.28 39.50 29.05
CA VAL M 219 -25.61 39.40 30.34
C VAL M 219 -25.52 37.94 30.79
N PHE M 220 -26.65 37.23 30.70
CA PHE M 220 -26.76 35.82 31.00
C PHE M 220 -25.79 34.97 30.16
N LEU M 221 -25.86 35.07 28.82
CA LEU M 221 -25.07 34.23 27.95
C LEU M 221 -23.57 34.49 28.12
N THR M 222 -23.19 35.77 28.31
CA THR M 222 -21.80 36.13 28.48
C THR M 222 -21.24 35.58 29.78
N GLU M 223 -21.99 35.69 30.90
CA GLU M 223 -21.60 35.04 32.15
C GLU M 223 -21.48 33.53 31.98
N LEU M 224 -22.51 32.92 31.40
CA LEU M 224 -22.63 31.49 31.26
C LEU M 224 -21.45 30.91 30.50
N VAL M 225 -21.13 31.47 29.33
CA VAL M 225 -20.05 30.99 28.48
C VAL M 225 -18.68 31.27 29.11
N ASP M 226 -18.46 32.47 29.66
CA ASP M 226 -17.14 32.86 30.12
C ASP M 226 -16.73 32.18 31.42
N ASN M 227 -17.66 32.04 32.37
CA ASN M 227 -17.33 31.63 33.74
C ASN M 227 -17.62 30.15 34.02
N ALA M 228 -17.98 29.36 33.02
CA ALA M 228 -18.07 27.91 33.12
C ALA M 228 -16.69 27.31 33.44
N GLN M 229 -16.59 26.42 34.42
CA GLN M 229 -15.32 25.93 34.93
C GLN M 229 -14.89 24.59 34.33
N ASN M 230 -15.76 23.96 33.55
CA ASN M 230 -15.42 22.75 32.80
C ASN M 230 -15.50 22.97 31.31
N ASN M 231 -14.78 22.16 30.55
CA ASN M 231 -14.74 22.28 29.10
C ASN M 231 -14.58 20.90 28.49
N HIS M 232 -15.39 20.60 27.46
CA HIS M 232 -15.16 19.45 26.61
C HIS M 232 -14.61 19.93 25.26
N ASP M 233 -13.34 19.60 25.00
CA ASP M 233 -12.72 19.95 23.74
C ASP M 233 -13.01 18.84 22.72
N THR M 234 -13.87 19.14 21.75
CA THR M 234 -14.27 18.15 20.76
C THR M 234 -13.16 17.87 19.76
N ALA M 235 -12.29 18.87 19.50
CA ALA M 235 -11.18 18.76 18.57
C ALA M 235 -11.68 18.35 17.18
N GLY M 236 -12.65 19.11 16.64
CA GLY M 236 -13.44 18.61 15.51
C GLY M 236 -14.15 17.31 15.89
N SER M 237 -14.12 16.28 15.04
CA SER M 237 -14.52 14.92 15.44
C SER M 237 -15.97 14.76 15.97
N ASN M 238 -16.19 14.24 17.19
CA ASN M 238 -17.47 13.67 17.62
C ASN M 238 -18.37 14.71 18.29
N GLN M 239 -18.85 15.67 17.48
CA GLN M 239 -19.39 16.93 18.00
C GLN M 239 -20.86 16.90 18.42
N GLY M 240 -21.62 15.84 18.12
CA GLY M 240 -23.06 15.79 18.41
C GLY M 240 -23.38 15.33 19.84
N TYR M 241 -24.22 14.29 19.96
CA TYR M 241 -24.60 13.69 21.23
C TYR M 241 -23.38 13.31 22.09
N GLN M 242 -22.31 12.78 21.47
CA GLN M 242 -21.12 12.37 22.21
C GLN M 242 -20.50 13.54 22.97
N ALA M 243 -20.47 14.73 22.36
CA ALA M 243 -19.97 15.93 23.00
C ALA M 243 -20.86 16.35 24.17
N LEU M 244 -22.19 16.27 24.04
CA LEU M 244 -23.10 16.55 25.14
C LEU M 244 -22.90 15.57 26.27
N ASN M 245 -22.87 14.27 25.99
CA ASN M 245 -22.60 13.22 26.96
C ASN M 245 -21.26 13.47 27.69
N SER M 246 -20.23 13.85 26.95
CA SER M 246 -18.91 14.12 27.49
C SER M 246 -18.89 15.39 28.35
N ALA M 247 -19.62 16.43 27.97
CA ALA M 247 -19.80 17.64 28.76
C ALA M 247 -20.57 17.35 30.04
N VAL M 248 -21.63 16.52 29.99
CA VAL M 248 -22.31 16.06 31.18
C VAL M 248 -21.34 15.27 32.08
N GLY M 249 -20.50 14.43 31.47
CA GLY M 249 -19.43 13.70 32.15
C GLY M 249 -18.45 14.61 32.90
N GLU M 250 -18.05 15.74 32.31
CA GLU M 250 -17.18 16.71 32.96
C GLU M 250 -17.84 17.31 34.21
N VAL M 251 -19.11 17.67 34.12
CA VAL M 251 -19.87 18.22 35.25
C VAL M 251 -20.07 17.15 36.33
N ASP M 252 -20.36 15.91 35.93
CA ASP M 252 -20.49 14.74 36.78
C ASP M 252 -19.18 14.45 37.55
N LYS M 253 -18.02 14.66 36.90
CA LYS M 253 -16.70 14.49 37.52
C LYS M 253 -16.43 15.53 38.61
N ASP M 254 -17.00 16.74 38.50
CA ASP M 254 -16.95 17.73 39.56
C ASP M 254 -18.14 17.62 40.53
N ASP M 255 -18.91 16.51 40.49
CA ASP M 255 -19.98 16.15 41.40
C ASP M 255 -21.18 17.10 41.39
N PHE M 256 -21.53 17.60 40.20
CA PHE M 256 -22.76 18.34 39.96
C PHE M 256 -23.60 17.63 38.90
N ARG M 257 -24.91 17.90 38.87
CA ARG M 257 -25.80 17.32 37.88
C ARG M 257 -26.38 18.41 36.98
N PRO M 258 -25.97 18.51 35.69
CA PRO M 258 -26.56 19.50 34.79
C PRO M 258 -27.95 19.06 34.34
N ASP M 259 -28.79 20.03 33.98
CA ASP M 259 -30.15 19.79 33.56
C ASP M 259 -30.56 20.63 32.35
N THR M 260 -29.68 21.53 31.89
CA THR M 260 -30.02 22.46 30.82
C THR M 260 -28.84 22.57 29.85
N TYR M 261 -29.14 22.87 28.59
CA TYR M 261 -28.07 23.29 27.68
C TYR M 261 -28.49 24.47 26.82
N VAL M 262 -27.55 25.39 26.68
CA VAL M 262 -27.65 26.60 25.87
C VAL M 262 -26.81 26.34 24.62
N THR M 263 -27.33 26.72 23.45
CA THR M 263 -26.74 26.25 22.20
C THR M 263 -26.64 27.39 21.17
N HIS M 264 -25.52 27.45 20.45
CA HIS M 264 -25.30 28.31 19.29
C HIS M 264 -25.93 27.69 18.04
N PRO M 265 -26.41 28.48 17.04
CA PRO M 265 -26.96 27.95 15.78
C PRO M 265 -26.06 26.94 15.04
N ASP M 266 -24.73 27.15 15.03
CA ASP M 266 -23.80 26.24 14.39
C ASP M 266 -23.77 24.89 15.14
N TYR M 267 -23.77 24.94 16.48
CA TYR M 267 -23.82 23.73 17.29
C TYR M 267 -25.13 22.96 17.04
N ARG M 268 -26.26 23.66 17.03
CA ARG M 268 -27.56 23.06 16.69
C ARG M 268 -27.48 22.31 15.36
N THR M 269 -26.89 22.96 14.34
CA THR M 269 -26.73 22.39 13.01
C THR M 269 -25.94 21.08 13.05
N GLN M 270 -24.80 21.08 13.73
CA GLN M 270 -23.97 19.90 13.92
C GLN M 270 -24.71 18.79 14.67
N LEU M 271 -25.41 19.14 15.76
CA LEU M 271 -26.17 18.21 16.57
C LEU M 271 -27.24 17.50 15.75
N PHE M 272 -27.96 18.24 14.89
CA PHE M 272 -29.01 17.66 14.08
C PHE M 272 -28.50 16.91 12.83
N ASN M 273 -27.21 17.03 12.50
CA ASN M 273 -26.53 16.18 11.54
C ASN M 273 -26.05 14.86 12.16
N ASP M 274 -25.97 14.77 13.50
CA ASP M 274 -25.49 13.57 14.17
C ASP M 274 -26.44 12.40 13.85
N THR M 275 -25.87 11.31 13.33
CA THR M 275 -26.57 10.09 12.99
C THR M 275 -27.38 9.56 14.15
N ASN M 276 -26.93 9.76 15.39
CA ASN M 276 -27.64 9.28 16.56
C ASN M 276 -28.99 9.97 16.77
N LEU M 277 -29.15 11.20 16.25
CA LEU M 277 -30.38 11.98 16.34
C LEU M 277 -31.13 11.98 15.00
N ALA M 278 -30.39 12.09 13.89
CA ALA M 278 -30.95 12.20 12.55
C ALA M 278 -31.63 10.92 12.08
N TYR M 279 -31.11 9.74 12.43
CA TYR M 279 -31.71 8.48 12.04
C TYR M 279 -32.75 8.07 13.09
N ALA M 280 -33.99 7.86 12.66
CA ALA M 280 -35.11 7.60 13.55
C ALA M 280 -34.88 6.37 14.42
N ASN M 281 -34.31 5.32 13.84
CA ASN M 281 -33.94 4.11 14.59
C ASN M 281 -32.94 4.38 15.70
N ARG M 282 -31.92 5.22 15.45
CA ARG M 282 -30.90 5.53 16.45
C ARG M 282 -31.46 6.44 17.56
N ALA M 283 -32.38 7.37 17.22
CA ALA M 283 -32.98 8.29 18.17
C ALA M 283 -34.20 7.70 18.89
N GLY M 284 -34.82 6.64 18.35
CA GLY M 284 -36.08 6.11 18.85
C GLY M 284 -37.32 6.91 18.41
N THR M 285 -37.12 7.97 17.62
CA THR M 285 -38.16 8.85 17.08
C THR M 285 -37.62 9.54 15.83
N ASN M 286 -38.52 9.84 14.86
CA ASN M 286 -38.13 10.66 13.71
C ASN M 286 -38.32 12.16 13.95
N GLU M 287 -38.66 12.57 15.18
CA GLU M 287 -38.96 13.96 15.52
C GLU M 287 -37.83 14.95 15.20
N VAL M 288 -36.56 14.57 15.34
CA VAL M 288 -35.46 15.47 15.00
C VAL M 288 -35.35 15.65 13.48
N LEU M 289 -35.49 14.56 12.73
CA LEU M 289 -35.50 14.60 11.26
C LEU M 289 -36.66 15.47 10.76
N ARG M 290 -37.83 15.37 11.40
CA ARG M 290 -39.03 16.09 11.00
C ARG M 290 -39.03 17.53 11.50
N ASN M 291 -38.97 17.73 12.83
CA ASN M 291 -39.29 19.00 13.47
C ASN M 291 -38.06 19.70 14.07
N ARG M 292 -36.85 19.13 13.91
CA ARG M 292 -35.57 19.74 14.25
C ARG M 292 -35.50 20.12 15.74
N GLU M 293 -35.36 21.41 16.08
CA GLU M 293 -35.22 21.83 17.47
C GLU M 293 -36.52 21.75 18.25
N ASP M 294 -37.66 21.71 17.57
CA ASP M 294 -38.98 21.57 18.20
C ASP M 294 -39.31 20.14 18.60
N ALA M 295 -38.41 19.19 18.31
CA ALA M 295 -38.52 17.80 18.73
C ALA M 295 -38.47 17.66 20.24
N PRO M 296 -39.36 16.87 20.90
CA PRO M 296 -39.31 16.68 22.35
C PRO M 296 -37.99 16.08 22.84
N ILE M 297 -37.33 15.25 22.03
CA ILE M 297 -36.04 14.67 22.38
C ILE M 297 -34.93 15.73 22.50
N VAL M 298 -35.02 16.87 21.81
CA VAL M 298 -33.98 17.90 21.90
C VAL M 298 -34.01 18.56 23.27
N GLY M 299 -35.18 18.68 23.91
CA GLY M 299 -35.27 19.06 25.32
C GLY M 299 -35.10 17.90 26.31
N ASP M 300 -34.57 16.76 25.84
CA ASP M 300 -34.50 15.53 26.60
C ASP M 300 -33.31 14.71 26.10
N ILE M 301 -32.09 15.30 26.02
CA ILE M 301 -30.86 14.64 25.63
C ILE M 301 -29.98 14.49 26.89
N ALA M 302 -29.31 13.34 27.04
CA ALA M 302 -28.23 13.13 28.00
C ALA M 302 -28.60 13.45 29.46
N GLY M 303 -29.88 13.30 29.83
CA GLY M 303 -30.34 13.61 31.18
C GLY M 303 -30.63 15.10 31.42
N LEU M 304 -30.57 15.91 30.36
CA LEU M 304 -30.95 17.32 30.40
C LEU M 304 -32.45 17.46 30.12
N ASP M 305 -33.10 18.36 30.86
CA ASP M 305 -34.53 18.63 30.84
C ASP M 305 -34.91 19.81 29.95
N MET M 306 -33.93 20.64 29.58
CA MET M 306 -34.22 21.88 28.88
C MET M 306 -33.18 22.22 27.82
N HIS M 307 -33.67 22.61 26.63
CA HIS M 307 -32.83 23.19 25.61
C HIS M 307 -33.17 24.67 25.46
N ALA M 308 -32.16 25.51 25.66
CA ALA M 308 -32.24 26.95 25.54
C ALA M 308 -31.53 27.35 24.25
N ALA M 309 -32.28 27.44 23.15
CA ALA M 309 -31.72 27.86 21.87
C ALA M 309 -31.35 29.35 21.93
N MET M 310 -30.07 29.67 21.77
CA MET M 310 -29.60 31.05 21.77
C MET M 310 -29.25 31.51 20.35
N SER M 311 -29.19 32.83 20.18
CA SER M 311 -28.81 33.48 18.93
C SER M 311 -27.33 33.79 18.89
N SER M 312 -26.77 33.96 17.67
CA SER M 312 -25.36 34.28 17.47
C SER M 312 -24.99 35.66 18.05
N ALA M 313 -25.89 36.64 17.90
CA ALA M 313 -25.63 38.03 18.27
C ALA M 313 -25.68 38.30 19.78
N THR M 314 -26.24 37.36 20.56
CA THR M 314 -26.51 37.58 21.98
C THR M 314 -25.24 37.74 22.81
N TYR M 315 -24.18 36.98 22.49
CA TYR M 315 -22.94 37.03 23.23
C TYR M 315 -22.23 38.38 23.07
N ASP M 316 -21.60 38.86 24.14
CA ASP M 316 -20.90 40.13 24.13
C ASP M 316 -19.54 40.04 23.44
N ASP M 317 -19.48 40.45 22.17
CA ASP M 317 -18.24 40.58 21.43
C ASP M 317 -17.44 41.85 21.79
N GLY M 318 -18.00 42.77 22.57
CA GLY M 318 -17.38 44.04 22.85
C GLY M 318 -17.48 45.10 21.78
N THR M 319 -18.30 44.85 20.74
CA THR M 319 -18.45 45.76 19.61
C THR M 319 -19.40 46.94 19.93
N ASP M 320 -20.31 46.73 20.89
CA ASP M 320 -21.40 47.66 21.17
C ASP M 320 -20.94 48.62 22.27
N ILE M 321 -21.52 49.83 22.30
CA ILE M 321 -21.11 50.85 23.27
C ILE M 321 -21.60 50.49 24.66
N GLY M 322 -20.69 50.55 25.65
CA GLY M 322 -21.03 50.21 27.02
C GLY M 322 -20.81 48.73 27.36
N TRP M 323 -20.75 47.87 26.34
CA TRP M 323 -20.55 46.44 26.50
C TRP M 323 -19.07 46.08 26.42
N SER M 324 -18.52 45.64 27.56
CA SER M 324 -17.11 45.20 27.61
C SER M 324 -17.05 43.69 27.33
N GLY M 325 -16.49 43.33 26.16
CA GLY M 325 -16.65 42.00 25.59
C GLY M 325 -16.21 40.87 26.50
N GLY M 326 -16.83 39.69 26.27
CA GLY M 326 -16.44 38.48 26.98
C GLY M 326 -15.09 37.91 26.54
N SER M 327 -14.61 36.90 27.26
CA SER M 327 -13.30 36.29 27.04
C SER M 327 -13.29 35.28 25.89
N GLU M 328 -14.45 34.66 25.59
CA GLU M 328 -14.55 33.55 24.65
C GLU M 328 -15.03 34.00 23.26
N THR M 329 -15.08 33.01 22.36
CA THR M 329 -15.81 33.17 21.10
C THR M 329 -17.04 32.27 21.15
N TRP M 330 -18.22 32.90 21.01
CA TRP M 330 -19.47 32.18 20.89
C TRP M 330 -19.68 31.79 19.42
N GLY M 331 -19.74 30.48 19.18
CA GLY M 331 -19.68 29.99 17.81
C GLY M 331 -19.43 28.49 17.80
N PHE M 332 -19.49 27.87 16.62
CA PHE M 332 -19.11 26.48 16.51
C PHE M 332 -18.66 26.16 15.08
N SER M 333 -17.71 26.95 14.59
CA SER M 333 -17.22 26.80 13.23
C SER M 333 -15.71 26.94 13.11
N SER M 334 -15.00 27.23 14.21
CA SER M 334 -13.54 27.30 14.19
C SER M 334 -12.93 26.87 15.52
N ASP M 335 -11.69 26.40 15.50
CA ASP M 335 -10.98 25.85 16.65
C ASP M 335 -10.99 26.81 17.84
N GLY M 336 -11.52 26.34 18.99
CA GLY M 336 -11.57 27.12 20.21
C GLY M 336 -12.90 27.84 20.43
N ASP M 337 -13.81 27.81 19.45
CA ASP M 337 -15.15 28.38 19.65
C ASP M 337 -15.92 27.57 20.69
N LYS M 338 -16.71 28.26 21.54
CA LYS M 338 -17.62 27.62 22.48
C LYS M 338 -19.02 27.66 21.88
N GLY M 339 -19.59 26.49 21.60
CA GLY M 339 -20.85 26.38 20.84
C GLY M 339 -22.05 25.94 21.68
N ALA M 340 -21.80 25.36 22.85
CA ALA M 340 -22.87 25.00 23.77
C ALA M 340 -22.34 25.10 25.20
N VAL M 341 -23.24 25.37 26.15
CA VAL M 341 -22.95 25.19 27.56
C VAL M 341 -23.97 24.21 28.12
N VAL M 342 -23.47 23.19 28.81
CA VAL M 342 -24.27 22.20 29.52
C VAL M 342 -24.14 22.54 31.00
N TYR M 343 -25.25 22.76 31.71
CA TYR M 343 -25.18 23.36 33.03
C TYR M 343 -26.37 23.02 33.93
N ASP M 344 -26.23 23.34 35.21
CA ASP M 344 -27.33 23.31 36.16
C ASP M 344 -27.99 24.69 36.23
N ARG M 345 -29.26 24.74 35.79
CA ARG M 345 -30.08 25.94 35.74
C ARG M 345 -30.22 26.64 37.09
N ASP M 346 -30.13 25.87 38.19
CA ASP M 346 -30.30 26.38 39.54
C ASP M 346 -29.01 26.95 40.13
N ASN M 347 -27.87 26.77 39.45
CA ASN M 347 -26.56 27.24 39.87
C ASN M 347 -26.08 28.48 39.10
N ILE M 348 -26.90 29.01 38.19
CA ILE M 348 -26.63 30.31 37.57
C ILE M 348 -27.82 31.24 37.80
N HIS M 349 -27.50 32.43 38.30
CA HIS M 349 -28.47 33.38 38.80
C HIS M 349 -28.48 34.61 37.91
N THR M 350 -29.65 34.95 37.38
CA THR M 350 -29.90 36.24 36.76
C THR M 350 -30.52 37.14 37.83
N ILE M 351 -29.83 38.22 38.16
CA ILE M 351 -30.25 39.08 39.25
C ILE M 351 -30.87 40.32 38.64
N LEU M 352 -32.15 40.55 38.95
CA LEU M 352 -32.90 41.68 38.45
C LEU M 352 -33.23 42.63 39.60
N TYR M 353 -32.85 43.89 39.42
CA TYR M 353 -33.21 44.96 40.33
C TYR M 353 -34.04 46.01 39.59
N ALA M 354 -35.15 46.39 40.23
CA ALA M 354 -35.93 47.53 39.81
C ALA M 354 -36.26 48.34 41.07
N PRO M 355 -36.10 49.69 41.07
CA PRO M 355 -36.45 50.50 42.23
C PRO M 355 -37.96 50.50 42.50
N ASN M 356 -38.77 50.61 41.44
CA ASN M 356 -40.18 50.99 41.58
C ASN M 356 -41.10 49.83 41.21
N GLY M 357 -40.65 48.61 41.48
CA GLY M 357 -41.38 47.38 41.17
C GLY M 357 -40.43 46.17 41.17
N GLN M 358 -40.80 45.15 40.40
CA GLN M 358 -40.10 43.86 40.39
C GLN M 358 -39.23 43.69 39.14
N ASP M 359 -39.59 44.37 38.03
CA ASP M 359 -39.16 44.01 36.69
C ASP M 359 -38.99 45.25 35.82
N VAL M 360 -39.03 45.10 34.47
CA VAL M 360 -38.92 46.17 33.49
C VAL M 360 -39.93 47.29 33.78
N GLU M 361 -39.41 48.51 33.90
CA GLU M 361 -40.25 49.66 34.17
C GLU M 361 -40.28 50.55 32.94
N ILE M 362 -41.50 50.77 32.40
CA ILE M 362 -41.71 51.63 31.27
C ILE M 362 -42.37 52.94 31.73
N LYS M 363 -41.73 54.05 31.37
CA LYS M 363 -42.21 55.39 31.67
C LYS M 363 -42.47 56.12 30.36
N ASP M 364 -43.50 56.96 30.38
CA ASP M 364 -43.74 57.86 29.27
C ASP M 364 -43.86 59.31 29.75
N TYR M 365 -43.61 60.21 28.82
CA TYR M 365 -43.72 61.64 29.10
C TYR M 365 -44.20 62.35 27.85
N GLU M 366 -44.95 63.44 28.05
CA GLU M 366 -45.23 64.40 27.01
C GLU M 366 -44.41 65.66 27.25
N ASP M 367 -43.83 66.19 26.17
CA ASP M 367 -43.26 67.51 26.12
C ASP M 367 -44.28 68.46 25.50
N PRO M 368 -45.02 69.26 26.32
CA PRO M 368 -46.02 70.18 25.78
C PRO M 368 -45.43 71.37 25.02
N ILE M 369 -44.13 71.64 25.17
CA ILE M 369 -43.43 72.73 24.49
C ILE M 369 -43.08 72.32 23.06
N ARG M 370 -42.70 71.05 22.85
CA ARG M 370 -42.21 70.55 21.57
C ARG M 370 -43.17 69.60 20.84
N ASP M 371 -44.28 69.19 21.48
CA ASP M 371 -45.25 68.23 20.96
C ASP M 371 -44.61 66.85 20.71
N ILE M 372 -43.81 66.39 21.67
CA ILE M 372 -43.14 65.10 21.57
C ILE M 372 -43.61 64.20 22.71
N THR M 373 -43.90 62.93 22.39
CA THR M 373 -44.10 61.91 23.40
C THR M 373 -42.88 61.01 23.44
N GLY M 374 -42.37 60.77 24.65
CA GLY M 374 -41.24 59.89 24.86
C GLY M 374 -41.63 58.64 25.63
N VAL M 375 -40.99 57.51 25.29
CA VAL M 375 -41.12 56.25 26.01
C VAL M 375 -39.71 55.79 26.41
N ASN M 376 -39.51 55.51 27.69
CA ASN M 376 -38.24 55.07 28.24
C ASN M 376 -38.46 53.73 28.98
N GLY M 377 -37.48 52.83 28.88
CA GLY M 377 -37.46 51.62 29.69
C GLY M 377 -36.16 51.51 30.49
N ARG M 378 -36.25 50.87 31.67
CA ARG M 378 -35.07 50.50 32.42
C ARG M 378 -35.26 49.15 33.12
N LEU M 379 -34.14 48.46 33.30
CA LEU M 379 -34.00 47.35 34.22
C LEU M 379 -32.55 47.28 34.68
N HIS M 380 -32.30 46.89 35.93
CA HIS M 380 -30.92 46.62 36.33
C HIS M 380 -30.70 45.12 36.34
N VAL M 381 -29.64 44.64 35.68
CA VAL M 381 -29.38 43.21 35.59
C VAL M 381 -27.91 42.87 35.82
N ASP M 382 -27.68 41.73 36.50
CA ASP M 382 -26.41 41.04 36.53
C ASP M 382 -26.66 39.55 36.33
N CYS M 383 -25.61 38.78 36.03
CA CYS M 383 -25.69 37.35 36.03
C CYS M 383 -24.43 36.77 36.65
N GLN M 384 -24.60 35.82 37.59
CA GLN M 384 -23.50 35.22 38.33
C GLN M 384 -23.74 33.71 38.50
N TYR M 385 -22.71 32.89 38.30
CA TYR M 385 -22.75 31.51 38.78
C TYR M 385 -22.55 31.45 40.29
N SER M 386 -23.34 30.62 40.99
CA SER M 386 -22.98 30.17 42.34
C SER M 386 -21.81 29.18 42.27
N GLN M 387 -21.99 28.16 41.41
CA GLN M 387 -21.00 27.11 41.20
C GLN M 387 -20.78 26.98 39.70
N GLY M 388 -19.69 27.57 39.18
CA GLY M 388 -19.36 27.45 37.78
C GLY M 388 -18.88 26.06 37.38
N ARG M 389 -18.55 25.18 38.35
CA ARG M 389 -18.28 23.77 38.13
C ARG M 389 -19.52 22.98 37.71
N SER M 390 -20.71 23.52 37.95
CA SER M 390 -21.96 22.95 37.46
C SER M 390 -22.12 23.07 35.94
N SER M 391 -21.16 23.68 35.24
CA SER M 391 -21.28 23.98 33.83
C SER M 391 -20.03 23.61 33.04
N ALA M 392 -20.28 23.03 31.86
CA ALA M 392 -19.26 22.67 30.89
C ALA M 392 -19.57 23.34 29.55
N THR M 393 -18.57 24.03 28.99
CA THR M 393 -18.64 24.46 27.61
C THR M 393 -18.24 23.33 26.67
N VAL M 394 -18.87 23.32 25.48
CA VAL M 394 -18.48 22.43 24.40
C VAL M 394 -17.68 23.25 23.41
N GLN M 395 -16.43 22.83 23.17
CA GLN M 395 -15.48 23.58 22.39
C GLN M 395 -15.18 22.86 21.08
N TYR M 396 -15.14 23.61 19.98
CA TYR M 396 -14.81 23.12 18.65
C TYR M 396 -13.32 22.76 18.51
N PHE N 101 -24.24 64.60 43.48
CA PHE N 101 -25.16 65.48 42.72
C PHE N 101 -26.48 65.54 43.48
N ALA N 102 -27.51 64.83 43.00
CA ALA N 102 -28.57 64.32 43.86
C ALA N 102 -27.99 63.18 44.71
N ALA N 103 -28.83 62.49 45.47
CA ALA N 103 -28.44 61.26 46.14
C ALA N 103 -28.50 60.08 45.15
N SER N 104 -27.44 59.26 45.11
CA SER N 104 -27.42 58.04 44.33
C SER N 104 -26.86 56.85 45.12
N ASP N 105 -27.13 55.62 44.67
CA ASP N 105 -26.63 54.40 45.30
C ASP N 105 -25.12 54.40 45.50
N PRO N 106 -24.27 54.73 44.48
CA PRO N 106 -22.82 54.61 44.63
C PRO N 106 -22.21 55.54 45.68
N GLU N 107 -22.93 56.61 46.05
CA GLU N 107 -22.49 57.51 47.12
C GLU N 107 -22.82 56.95 48.50
N TYR N 108 -23.98 56.29 48.64
CA TYR N 108 -24.56 55.98 49.95
C TYR N 108 -24.72 54.50 50.27
N VAL N 109 -24.08 53.63 49.47
CA VAL N 109 -24.20 52.17 49.50
C VAL N 109 -23.88 51.50 50.84
N ASP N 110 -23.11 52.17 51.71
CA ASP N 110 -22.81 51.67 53.06
C ASP N 110 -23.14 52.68 54.15
N THR N 111 -23.99 53.67 53.82
CA THR N 111 -24.40 54.72 54.75
C THR N 111 -25.91 54.67 54.99
N LEU N 112 -26.73 54.59 53.91
CA LEU N 112 -28.18 54.63 54.02
C LEU N 112 -28.83 53.26 53.94
N PHE N 113 -28.09 52.26 53.46
CA PHE N 113 -28.53 50.88 53.31
C PHE N 113 -27.30 49.97 53.33
N ARG N 114 -27.53 48.65 53.43
CA ARG N 114 -26.51 47.64 53.27
C ARG N 114 -26.78 46.86 51.97
N GLU N 115 -25.71 46.44 51.29
CA GLU N 115 -25.80 45.44 50.22
C GLU N 115 -26.55 44.21 50.73
N GLN N 116 -27.45 43.67 49.89
CA GLN N 116 -28.22 42.49 50.26
C GLN N 116 -27.30 41.27 50.41
N LEU N 117 -27.48 40.53 51.53
CA LEU N 117 -27.02 39.15 51.60
C LEU N 117 -28.24 38.25 51.38
N LEU N 118 -28.12 37.35 50.42
CA LEU N 118 -29.15 36.34 50.19
C LEU N 118 -29.10 35.34 51.35
N GLU N 119 -30.25 35.03 52.00
CA GLU N 119 -30.24 34.11 53.14
C GLU N 119 -30.01 32.66 52.73
N VAL N 120 -30.26 32.32 51.46
CA VAL N 120 -29.91 31.00 50.94
C VAL N 120 -28.39 30.91 50.78
N VAL N 121 -27.78 29.95 51.48
CA VAL N 121 -26.38 29.62 51.22
C VAL N 121 -26.32 28.52 50.15
N MET N 122 -25.56 28.81 49.08
CA MET N 122 -25.49 27.91 47.94
C MET N 122 -24.47 26.81 48.22
N GLU N 123 -24.88 25.55 48.00
CA GLU N 123 -24.10 24.39 48.41
C GLU N 123 -22.87 24.19 47.53
N GLY N 124 -21.83 23.59 48.09
CA GLY N 124 -20.73 23.06 47.28
C GLY N 124 -21.11 21.76 46.58
N ARG N 125 -20.09 21.08 46.04
CA ARG N 125 -20.26 19.79 45.39
C ARG N 125 -20.77 18.74 46.40
N GLU N 126 -21.70 17.90 45.95
CA GLU N 126 -22.32 16.88 46.80
C GLU N 126 -21.96 15.49 46.27
N LEU N 127 -21.21 14.70 47.06
CA LEU N 127 -20.66 13.44 46.57
C LEU N 127 -21.71 12.34 46.61
N ARG N 128 -21.61 11.38 45.68
CA ARG N 128 -22.62 10.32 45.59
C ARG N 128 -22.48 9.32 46.72
N LYS N 129 -23.55 9.15 47.51
CA LYS N 129 -23.60 8.26 48.67
C LYS N 129 -24.41 7.02 48.27
N VAL N 130 -23.73 5.84 48.23
CA VAL N 130 -24.38 4.61 47.76
C VAL N 130 -24.10 3.38 48.65
N ALA N 131 -23.05 3.40 49.47
CA ALA N 131 -22.51 2.22 50.14
C ALA N 131 -23.53 1.47 51.01
N ARG N 132 -24.44 2.19 51.70
CA ARG N 132 -25.43 1.58 52.58
C ARG N 132 -26.48 0.75 51.81
N GLU N 133 -26.77 1.14 50.57
CA GLU N 133 -27.69 0.46 49.69
C GLU N 133 -26.96 -0.59 48.85
N ALA N 134 -25.72 -0.28 48.44
CA ALA N 134 -24.90 -1.06 47.51
C ALA N 134 -24.07 -2.17 48.19
N SER N 135 -24.22 -2.40 49.49
CA SER N 135 -23.50 -3.45 50.22
C SER N 135 -24.34 -3.98 51.38
N ASN N 136 -23.96 -5.12 51.94
CA ASN N 136 -24.57 -5.59 53.18
C ASN N 136 -24.01 -4.83 54.39
N VAL N 137 -24.84 -4.16 55.19
CA VAL N 137 -24.36 -3.43 56.37
C VAL N 137 -24.48 -4.27 57.63
N ILE N 138 -23.36 -4.48 58.32
CA ILE N 138 -23.28 -5.18 59.59
C ILE N 138 -23.08 -4.14 60.69
N ASN N 139 -23.99 -4.09 61.66
CA ASN N 139 -23.78 -3.34 62.89
C ASN N 139 -23.03 -4.22 63.88
N ALA N 140 -21.73 -4.03 64.00
CA ALA N 140 -20.88 -4.87 64.82
C ALA N 140 -21.00 -4.53 66.30
N ASN N 141 -20.82 -5.54 67.16
CA ASN N 141 -20.71 -5.36 68.60
C ASN N 141 -19.28 -5.00 69.02
N THR N 142 -18.29 -5.38 68.19
CA THR N 142 -16.88 -5.12 68.46
C THR N 142 -16.21 -4.50 67.23
N ARG N 143 -15.23 -3.63 67.47
CA ARG N 143 -14.47 -2.95 66.43
C ARG N 143 -13.66 -3.93 65.59
N VAL N 144 -13.23 -5.03 66.20
CA VAL N 144 -12.52 -6.11 65.51
C VAL N 144 -13.37 -7.38 65.59
N GLY N 145 -13.42 -8.13 64.49
CA GLY N 145 -14.23 -9.34 64.45
C GLY N 145 -13.94 -10.19 63.23
N ASP N 146 -14.59 -11.35 63.18
CA ASP N 146 -14.39 -12.33 62.12
C ASP N 146 -15.74 -12.84 61.59
N VAL N 147 -15.80 -13.04 60.27
CA VAL N 147 -16.91 -13.71 59.62
C VAL N 147 -16.41 -15.09 59.18
N PRO N 148 -17.04 -16.22 59.58
CA PRO N 148 -16.64 -17.53 59.08
C PRO N 148 -17.08 -17.82 57.64
N ILE N 149 -16.14 -18.32 56.84
CA ILE N 149 -16.33 -18.70 55.45
C ILE N 149 -16.19 -20.23 55.34
N ALA N 150 -17.14 -20.86 54.63
CA ALA N 150 -17.06 -22.27 54.28
C ALA N 150 -16.33 -22.49 52.94
N SER N 151 -15.62 -23.61 52.84
CA SER N 151 -14.97 -24.04 51.60
C SER N 151 -15.99 -24.29 50.48
N ASP N 152 -15.51 -24.21 49.25
CA ASP N 152 -16.34 -24.48 48.07
C ASP N 152 -16.81 -25.94 48.05
N GLU N 153 -17.99 -26.14 47.44
CA GLU N 153 -18.50 -27.48 47.19
C GLU N 153 -17.59 -28.22 46.22
N GLU N 154 -17.32 -29.49 46.48
CA GLU N 154 -16.48 -30.31 45.62
C GLU N 154 -17.31 -31.43 44.99
N PHE N 155 -16.65 -32.50 44.51
CA PHE N 155 -17.28 -33.59 43.79
C PHE N 155 -17.07 -34.89 44.56
N ALA N 156 -18.12 -35.71 44.61
CA ALA N 156 -17.99 -37.06 45.15
C ALA N 156 -16.98 -37.88 44.33
N ARG N 157 -16.39 -38.91 44.95
CA ARG N 157 -15.40 -39.75 44.28
C ARG N 157 -16.07 -40.98 43.67
N PRO N 158 -15.72 -41.41 42.45
CA PRO N 158 -16.04 -42.77 41.99
C PRO N 158 -15.37 -43.80 42.90
N THR N 159 -16.17 -44.79 43.34
CA THR N 159 -15.77 -45.70 44.40
C THR N 159 -16.12 -47.13 43.98
N GLY N 160 -15.24 -48.09 44.32
CA GLY N 160 -15.51 -49.51 44.12
C GLY N 160 -16.63 -50.02 45.05
N GLN N 161 -17.21 -51.18 44.72
CA GLN N 161 -18.21 -51.77 45.60
C GLN N 161 -17.55 -52.35 46.85
N GLY N 162 -18.05 -51.99 48.03
CA GLY N 162 -17.48 -52.45 49.29
C GLY N 162 -16.21 -51.70 49.72
N ALA N 163 -15.76 -50.71 48.94
CA ALA N 163 -14.59 -49.91 49.25
C ALA N 163 -14.91 -48.82 50.28
N GLU N 164 -13.89 -48.36 51.01
CA GLU N 164 -14.05 -47.33 52.03
C GLU N 164 -14.42 -45.98 51.41
N ILE N 165 -15.41 -45.30 51.99
CA ILE N 165 -15.72 -43.94 51.59
C ILE N 165 -14.69 -42.99 52.21
N ARG N 166 -14.00 -42.24 51.36
CA ARG N 166 -12.96 -41.31 51.77
C ARG N 166 -13.58 -39.96 52.14
N ASP N 167 -12.90 -39.23 53.04
CA ASP N 167 -13.41 -37.98 53.59
C ASP N 167 -12.87 -36.74 52.86
N ASP N 168 -13.76 -35.77 52.64
CA ASP N 168 -13.42 -34.45 52.16
C ASP N 168 -14.42 -33.45 52.74
N GLY N 169 -14.36 -33.25 54.06
CA GLY N 169 -15.30 -32.41 54.77
C GLY N 169 -15.10 -30.91 54.53
N GLU N 170 -16.03 -30.11 55.05
CA GLU N 170 -15.90 -28.67 54.97
C GLU N 170 -14.71 -28.20 55.79
N THR N 171 -13.75 -27.57 55.09
CA THR N 171 -12.77 -26.70 55.71
C THR N 171 -13.38 -25.30 55.86
N TYR N 172 -12.92 -24.58 56.90
CA TYR N 172 -13.41 -23.24 57.20
C TYR N 172 -12.25 -22.25 57.36
N THR N 173 -12.54 -20.98 57.10
CA THR N 173 -11.63 -19.87 57.33
C THR N 173 -12.44 -18.67 57.83
N THR N 174 -11.80 -17.52 58.03
CA THR N 174 -12.54 -16.30 58.35
C THR N 174 -12.03 -15.12 57.53
N VAL N 175 -12.88 -14.09 57.37
CA VAL N 175 -12.39 -12.77 57.00
C VAL N 175 -12.51 -11.84 58.20
N ALA N 176 -11.40 -11.15 58.49
CA ALA N 176 -11.33 -10.26 59.63
C ALA N 176 -11.85 -8.87 59.24
N TRP N 177 -12.63 -8.24 60.13
CA TRP N 177 -12.82 -6.79 60.07
C TRP N 177 -12.04 -6.13 61.20
N ASN N 178 -11.44 -4.97 60.91
CA ASN N 178 -10.96 -4.07 61.94
C ASN N 178 -11.39 -2.66 61.59
N ALA N 179 -12.45 -2.19 62.22
CA ALA N 179 -13.09 -0.93 61.93
C ALA N 179 -12.16 0.24 62.28
N THR N 180 -11.96 1.13 61.31
CA THR N 180 -11.10 2.30 61.48
C THR N 180 -11.98 3.48 61.92
N LYS N 181 -11.54 4.22 62.94
CA LYS N 181 -12.25 5.40 63.41
C LYS N 181 -12.11 6.52 62.38
N LEU N 182 -13.21 6.84 61.70
CA LEU N 182 -13.25 8.03 60.85
C LEU N 182 -13.78 9.18 61.68
N THR N 183 -13.06 10.31 61.65
CA THR N 183 -13.44 11.46 62.46
C THR N 183 -13.43 12.75 61.64
N GLU N 184 -14.27 13.69 62.06
CA GLU N 184 -14.36 14.99 61.43
C GLU N 184 -14.67 16.04 62.50
N GLY N 185 -13.94 17.15 62.49
CA GLY N 185 -14.16 18.21 63.47
C GLY N 185 -14.38 19.56 62.81
N SER N 186 -14.96 20.47 63.60
CA SER N 186 -15.16 21.86 63.19
C SER N 186 -15.25 22.74 64.42
N ARG N 187 -14.71 23.97 64.32
CA ARG N 187 -14.72 24.95 65.41
C ARG N 187 -15.23 26.29 64.93
N VAL N 188 -16.04 26.96 65.77
CA VAL N 188 -16.69 28.22 65.47
C VAL N 188 -16.57 29.11 66.71
N THR N 189 -16.26 30.39 66.53
CA THR N 189 -16.22 31.31 67.67
C THR N 189 -17.64 31.71 68.08
N ASP N 190 -17.83 32.00 69.37
CA ASP N 190 -19.14 32.41 69.88
C ASP N 190 -19.63 33.69 69.20
N GLU N 191 -18.70 34.59 68.84
CA GLU N 191 -19.02 35.81 68.11
C GLU N 191 -19.55 35.53 66.70
N MET N 192 -18.94 34.57 65.99
CA MET N 192 -19.45 34.26 64.67
C MET N 192 -20.76 33.50 64.72
N ARG N 193 -20.92 32.63 65.72
CA ARG N 193 -22.17 31.91 65.95
C ARG N 193 -23.36 32.87 66.15
N ASP N 194 -23.15 33.94 66.91
CA ASP N 194 -24.15 34.97 67.11
C ASP N 194 -24.47 35.73 65.80
N GLN N 195 -23.43 36.22 65.13
CA GLN N 195 -23.56 37.19 64.06
C GLN N 195 -24.03 36.58 62.73
N ALA N 196 -23.73 35.30 62.48
CA ALA N 196 -24.05 34.66 61.20
C ALA N 196 -25.56 34.57 60.96
N MET N 197 -25.97 34.62 59.69
CA MET N 197 -27.40 34.50 59.36
C MET N 197 -27.90 33.05 59.49
N VAL N 198 -27.04 32.06 59.20
CA VAL N 198 -27.40 30.65 59.32
C VAL N 198 -26.99 30.12 60.70
N ASP N 199 -27.58 29.01 61.16
CA ASP N 199 -27.02 28.25 62.27
C ASP N 199 -25.74 27.56 61.80
N LEU N 200 -24.58 28.14 62.16
CA LEU N 200 -23.28 27.59 61.82
C LEU N 200 -23.02 26.24 62.48
N ILE N 201 -23.56 26.03 63.69
CA ILE N 201 -23.41 24.75 64.37
C ILE N 201 -24.23 23.68 63.65
N GLU N 202 -25.48 23.99 63.29
CA GLU N 202 -26.29 23.07 62.51
C GLU N 202 -25.65 22.73 61.16
N ARG N 203 -25.16 23.75 60.43
CA ARG N 203 -24.43 23.59 59.17
C ARG N 203 -23.22 22.68 59.34
N ASN N 204 -22.43 22.88 60.40
CA ASN N 204 -21.24 22.09 60.65
C ASN N 204 -21.60 20.66 61.09
N ILE N 205 -22.69 20.46 61.84
CA ILE N 205 -23.22 19.13 62.15
C ILE N 205 -23.57 18.39 60.85
N GLN N 206 -24.24 19.06 59.91
CA GLN N 206 -24.55 18.52 58.60
C GLN N 206 -23.27 18.18 57.81
N ARG N 207 -22.26 19.06 57.80
CA ARG N 207 -20.98 18.81 57.14
C ARG N 207 -20.28 17.60 57.76
N VAL N 208 -20.23 17.51 59.08
CA VAL N 208 -19.60 16.42 59.80
C VAL N 208 -20.30 15.10 59.46
N GLY N 209 -21.63 15.05 59.50
CA GLY N 209 -22.41 13.88 59.09
C GLY N 209 -22.13 13.46 57.64
N ALA N 210 -22.19 14.41 56.71
CA ALA N 210 -21.91 14.19 55.30
C ALA N 210 -20.48 13.66 55.06
N SER N 211 -19.51 14.24 55.75
CA SER N 211 -18.09 13.87 55.68
C SER N 211 -17.85 12.43 56.15
N LEU N 212 -18.56 12.01 57.20
CA LEU N 212 -18.56 10.62 57.66
C LEU N 212 -19.22 9.68 56.65
N GLU N 213 -20.37 10.04 56.06
CA GLU N 213 -20.99 9.26 55.00
C GLU N 213 -20.07 9.09 53.79
N ASN N 214 -19.40 10.17 53.38
CA ASN N 214 -18.38 10.14 52.34
C ASN N 214 -17.24 9.19 52.70
N GLY N 215 -16.85 9.18 53.97
CA GLY N 215 -15.87 8.26 54.54
C GLY N 215 -16.31 6.80 54.42
N ILE N 216 -17.55 6.44 54.78
CA ILE N 216 -18.10 5.11 54.61
C ILE N 216 -17.97 4.68 53.14
N ASN N 217 -18.37 5.57 52.24
CA ASN N 217 -18.33 5.34 50.80
C ASN N 217 -16.90 5.13 50.29
N ARG N 218 -15.92 5.87 50.82
CA ARG N 218 -14.51 5.67 50.52
C ARG N 218 -14.02 4.31 50.96
N VAL N 219 -14.30 3.91 52.20
CA VAL N 219 -13.86 2.62 52.74
C VAL N 219 -14.45 1.48 51.90
N PHE N 220 -15.75 1.57 51.62
CA PHE N 220 -16.47 0.65 50.75
C PHE N 220 -15.83 0.55 49.35
N LEU N 221 -15.69 1.67 48.65
CA LEU N 221 -15.18 1.66 47.28
C LEU N 221 -13.73 1.19 47.21
N THR N 222 -12.92 1.55 48.19
CA THR N 222 -11.53 1.14 48.27
C THR N 222 -11.40 -0.36 48.46
N GLU N 223 -12.18 -0.97 49.37
CA GLU N 223 -12.23 -2.42 49.50
C GLU N 223 -12.70 -3.07 48.21
N LEU N 224 -13.82 -2.58 47.68
CA LEU N 224 -14.47 -3.15 46.52
C LEU N 224 -13.53 -3.21 45.31
N VAL N 225 -12.85 -2.10 45.00
CA VAL N 225 -11.92 -2.03 43.89
C VAL N 225 -10.65 -2.86 44.14
N ASP N 226 -10.05 -2.76 45.33
CA ASP N 226 -8.75 -3.37 45.60
C ASP N 226 -8.83 -4.90 45.73
N ASN N 227 -9.87 -5.43 46.38
CA ASN N 227 -9.92 -6.83 46.77
C ASN N 227 -10.83 -7.69 45.89
N ALA N 228 -11.35 -7.14 44.77
CA ALA N 228 -12.02 -7.95 43.75
C ALA N 228 -11.04 -8.98 43.17
N GLN N 229 -11.45 -10.25 43.13
CA GLN N 229 -10.53 -11.32 42.74
C GLN N 229 -10.54 -11.61 41.24
N ASN N 230 -11.50 -11.05 40.50
CA ASN N 230 -11.54 -11.14 39.06
C ASN N 230 -11.34 -9.74 38.44
N ASN N 231 -10.86 -9.76 37.19
CA ASN N 231 -10.59 -8.54 36.45
C ASN N 231 -10.88 -8.79 34.98
N HIS N 232 -11.55 -7.83 34.32
CA HIS N 232 -11.63 -7.82 32.87
C HIS N 232 -10.76 -6.68 32.34
N ASP N 233 -9.69 -7.03 31.65
CA ASP N 233 -8.84 -6.05 31.00
C ASP N 233 -9.41 -5.74 29.62
N THR N 234 -9.92 -4.51 29.46
CA THR N 234 -10.48 -4.09 28.18
C THR N 234 -9.39 -3.79 27.15
N ALA N 235 -8.16 -3.52 27.57
CA ALA N 235 -7.04 -3.15 26.71
C ALA N 235 -7.38 -1.95 25.82
N GLY N 236 -8.03 -0.93 26.37
CA GLY N 236 -8.48 0.23 25.63
C GLY N 236 -9.52 -0.04 24.55
N SER N 237 -10.23 -1.17 24.56
CA SER N 237 -11.09 -1.56 23.46
C SER N 237 -12.36 -2.26 23.97
N ASN N 238 -13.48 -2.16 23.24
CA ASN N 238 -14.78 -2.77 23.58
C ASN N 238 -15.21 -2.50 25.03
N GLN N 239 -15.17 -1.24 25.44
CA GLN N 239 -15.20 -0.84 26.84
C GLN N 239 -16.61 -0.70 27.44
N GLY N 240 -17.67 -0.72 26.63
CA GLY N 240 -19.03 -0.49 27.12
C GLY N 240 -19.72 -1.75 27.64
N TYR N 241 -20.89 -2.10 27.08
CA TYR N 241 -21.65 -3.28 27.45
C TYR N 241 -20.79 -4.56 27.39
N GLN N 242 -19.93 -4.69 26.37
CA GLN N 242 -19.11 -5.89 26.20
C GLN N 242 -18.19 -6.12 27.40
N ALA N 243 -17.63 -5.04 27.97
CA ALA N 243 -16.81 -5.10 29.15
C ALA N 243 -17.61 -5.54 30.39
N LEU N 244 -18.84 -5.03 30.55
CA LEU N 244 -19.71 -5.43 31.64
C LEU N 244 -20.07 -6.91 31.51
N ASN N 245 -20.50 -7.34 30.32
CA ASN N 245 -20.81 -8.73 30.04
C ASN N 245 -19.60 -9.64 30.31
N SER N 246 -18.40 -9.21 29.91
CA SER N 246 -17.17 -9.95 30.14
C SER N 246 -16.80 -10.03 31.62
N ALA N 247 -17.01 -8.94 32.38
CA ALA N 247 -16.82 -8.92 33.81
C ALA N 247 -17.83 -9.84 34.53
N VAL N 248 -19.10 -9.84 34.11
CA VAL N 248 -20.08 -10.80 34.60
C VAL N 248 -19.63 -12.23 34.27
N GLY N 249 -19.10 -12.45 33.07
CA GLY N 249 -18.52 -13.72 32.64
C GLY N 249 -17.39 -14.22 33.54
N GLU N 250 -16.50 -13.33 34.00
CA GLU N 250 -15.44 -13.69 34.94
C GLU N 250 -16.01 -14.19 36.28
N VAL N 251 -17.02 -13.49 36.80
CA VAL N 251 -17.67 -13.87 38.06
C VAL N 251 -18.45 -15.18 37.89
N ASP N 252 -19.12 -15.36 36.75
CA ASP N 252 -19.84 -16.56 36.35
C ASP N 252 -18.90 -17.77 36.26
N LYS N 253 -17.67 -17.55 35.75
CA LYS N 253 -16.63 -18.57 35.64
C LYS N 253 -16.11 -19.04 36.99
N ASP N 254 -16.12 -18.17 38.00
CA ASP N 254 -15.86 -18.54 39.39
C ASP N 254 -17.12 -18.96 40.15
N ASP N 255 -18.23 -19.21 39.44
CA ASP N 255 -19.51 -19.75 39.91
C ASP N 255 -20.22 -18.88 40.96
N PHE N 256 -20.15 -17.56 40.77
CA PHE N 256 -20.95 -16.59 41.51
C PHE N 256 -21.84 -15.80 40.55
N ARG N 257 -22.93 -15.22 41.06
CA ARG N 257 -23.82 -14.40 40.25
C ARG N 257 -23.80 -12.97 40.76
N PRO N 258 -23.20 -12.00 40.01
CA PRO N 258 -23.24 -10.61 40.43
C PRO N 258 -24.61 -10.00 40.13
N ASP N 259 -24.93 -8.93 40.86
CA ASP N 259 -26.23 -8.27 40.73
C ASP N 259 -26.09 -6.74 40.76
N THR N 260 -24.90 -6.21 41.01
CA THR N 260 -24.69 -4.79 41.19
C THR N 260 -23.44 -4.34 40.45
N TYR N 261 -23.39 -3.08 40.04
CA TYR N 261 -22.15 -2.48 39.62
C TYR N 261 -21.98 -1.07 40.14
N VAL N 262 -20.74 -0.77 40.55
CA VAL N 262 -20.32 0.59 40.85
C VAL N 262 -19.53 1.11 39.67
N THR N 263 -19.71 2.39 39.38
CA THR N 263 -19.17 2.97 38.16
C THR N 263 -18.55 4.33 38.44
N HIS N 264 -17.38 4.58 37.80
CA HIS N 264 -16.71 5.87 37.76
C HIS N 264 -17.39 6.79 36.75
N PRO N 265 -17.40 8.14 36.91
CA PRO N 265 -17.95 9.07 35.91
C PRO N 265 -17.42 8.90 34.49
N ASP N 266 -16.13 8.61 34.31
CA ASP N 266 -15.54 8.37 32.99
C ASP N 266 -16.09 7.09 32.37
N TYR N 267 -16.22 6.02 33.18
CA TYR N 267 -16.81 4.78 32.70
C TYR N 267 -18.27 5.00 32.28
N ARG N 268 -19.07 5.70 33.10
CA ARG N 268 -20.43 6.08 32.74
C ARG N 268 -20.47 6.78 31.39
N THR N 269 -19.57 7.74 31.17
CA THR N 269 -19.49 8.50 29.94
C THR N 269 -19.22 7.60 28.74
N GLN N 270 -18.24 6.69 28.85
CA GLN N 270 -17.93 5.71 27.82
C GLN N 270 -19.12 4.77 27.56
N LEU N 271 -19.76 4.27 28.62
CA LEU N 271 -20.90 3.37 28.53
C LEU N 271 -22.06 4.00 27.78
N PHE N 272 -22.33 5.28 28.03
CA PHE N 272 -23.41 6.00 27.36
C PHE N 272 -23.05 6.46 25.93
N ASN N 273 -21.78 6.38 25.54
CA ASN N 273 -21.33 6.54 24.16
C ASN N 273 -21.41 5.24 23.37
N ASP N 274 -21.50 4.07 24.05
CA ASP N 274 -21.55 2.77 23.40
C ASP N 274 -22.76 2.70 22.48
N THR N 275 -22.55 2.36 21.21
CA THR N 275 -23.64 2.29 20.24
C THR N 275 -24.70 1.28 20.67
N ASN N 276 -24.36 0.26 21.43
CA ASN N 276 -25.31 -0.71 21.96
C ASN N 276 -26.35 -0.09 22.91
N LEU N 277 -26.03 1.06 23.54
CA LEU N 277 -26.89 1.74 24.49
C LEU N 277 -27.36 3.09 23.96
N ALA N 278 -26.49 3.82 23.27
CA ALA N 278 -26.77 5.14 22.70
C ALA N 278 -27.76 5.06 21.54
N TYR N 279 -27.70 3.99 20.72
CA TYR N 279 -28.64 3.85 19.62
C TYR N 279 -29.89 3.12 20.14
N ALA N 280 -31.04 3.79 20.06
CA ALA N 280 -32.31 3.25 20.54
C ALA N 280 -32.62 1.88 19.93
N ASN N 281 -32.33 1.74 18.63
CA ASN N 281 -32.23 0.54 17.83
C ASN N 281 -31.57 -0.65 18.57
N ARG N 282 -30.32 -0.44 18.97
CA ARG N 282 -29.49 -1.47 19.58
C ARG N 282 -29.87 -1.73 21.04
N ALA N 283 -30.37 -0.71 21.75
CA ALA N 283 -30.79 -0.81 23.14
C ALA N 283 -32.23 -1.31 23.32
N GLY N 284 -33.05 -1.25 22.27
CA GLY N 284 -34.50 -1.51 22.33
C GLY N 284 -35.32 -0.38 22.98
N THR N 285 -34.68 0.78 23.22
CA THR N 285 -35.09 1.81 24.17
C THR N 285 -34.28 3.08 23.88
N ASN N 286 -34.89 4.28 23.77
CA ASN N 286 -34.11 5.51 23.67
C ASN N 286 -33.74 6.14 25.03
N GLU N 287 -34.04 5.45 26.12
CA GLU N 287 -33.95 6.02 27.47
C GLU N 287 -32.51 6.39 27.85
N VAL N 288 -31.46 5.71 27.38
CA VAL N 288 -30.09 6.12 27.66
C VAL N 288 -29.72 7.40 26.93
N LEU N 289 -30.10 7.52 25.65
CA LEU N 289 -29.91 8.75 24.87
C LEU N 289 -30.64 9.92 25.55
N ARG N 290 -31.84 9.66 26.04
CA ARG N 290 -32.76 10.64 26.58
C ARG N 290 -32.43 11.02 28.02
N ASN N 291 -32.43 10.06 28.94
CA ASN N 291 -32.34 10.26 30.38
C ASN N 291 -31.01 9.81 31.00
N ARG N 292 -30.07 9.30 30.21
CA ARG N 292 -28.71 8.95 30.62
C ARG N 292 -28.69 7.91 31.75
N GLU N 293 -28.15 8.26 32.92
CA GLU N 293 -28.01 7.32 34.03
C GLU N 293 -29.35 7.03 34.72
N ASP N 294 -30.35 7.87 34.52
CA ASP N 294 -31.69 7.68 35.09
C ASP N 294 -32.55 6.71 34.28
N ALA N 295 -32.01 6.17 33.19
CA ALA N 295 -32.68 5.13 32.39
C ALA N 295 -32.80 3.84 33.18
N PRO N 296 -33.94 3.12 33.16
CA PRO N 296 -34.08 1.85 33.87
C PRO N 296 -33.11 0.77 33.37
N ILE N 297 -32.75 0.79 32.08
CA ILE N 297 -31.79 -0.15 31.50
C ILE N 297 -30.39 -0.02 32.11
N VAL N 298 -29.99 1.15 32.61
CA VAL N 298 -28.68 1.28 33.25
C VAL N 298 -28.64 0.51 34.57
N GLY N 299 -29.75 0.44 35.29
CA GLY N 299 -29.91 -0.47 36.43
C GLY N 299 -30.38 -1.89 36.06
N ASP N 300 -30.22 -2.26 34.80
CA ASP N 300 -30.72 -3.54 34.29
C ASP N 300 -29.82 -4.21 33.27
N ILE N 301 -28.62 -3.69 32.92
CA ILE N 301 -27.74 -4.36 31.98
C ILE N 301 -27.14 -5.65 32.55
N ALA N 302 -26.83 -6.60 31.64
CA ALA N 302 -25.94 -7.73 31.86
C ALA N 302 -26.35 -8.60 33.05
N GLY N 303 -27.65 -8.68 33.37
CA GLY N 303 -28.14 -9.50 34.48
C GLY N 303 -28.03 -8.83 35.85
N LEU N 304 -27.64 -7.53 35.87
CA LEU N 304 -27.47 -6.77 37.10
C LEU N 304 -28.78 -6.06 37.44
N ASP N 305 -29.09 -5.98 38.73
CA ASP N 305 -30.30 -5.37 39.28
C ASP N 305 -30.09 -3.89 39.68
N MET N 306 -28.83 -3.48 39.89
CA MET N 306 -28.55 -2.22 40.55
C MET N 306 -27.31 -1.55 39.96
N HIS N 307 -27.44 -0.25 39.69
CA HIS N 307 -26.32 0.61 39.35
C HIS N 307 -26.08 1.58 40.50
N ALA N 308 -24.87 1.52 41.05
CA ALA N 308 -24.44 2.36 42.16
C ALA N 308 -23.44 3.38 41.60
N ALA N 309 -23.96 4.51 41.10
CA ALA N 309 -23.13 5.57 40.54
C ALA N 309 -22.26 6.20 41.62
N MET N 310 -20.93 6.12 41.42
CA MET N 310 -19.98 6.63 42.39
C MET N 310 -19.27 7.88 41.85
N SER N 311 -18.76 8.70 42.79
CA SER N 311 -18.00 9.90 42.49
C SER N 311 -16.53 9.59 42.20
N SER N 312 -15.83 10.51 41.53
CA SER N 312 -14.42 10.34 41.18
C SER N 312 -13.54 10.41 42.43
N ALA N 313 -13.89 11.28 43.38
CA ALA N 313 -13.08 11.52 44.57
C ALA N 313 -13.18 10.41 45.62
N THR N 314 -14.15 9.50 45.51
CA THR N 314 -14.50 8.56 46.58
C THR N 314 -13.40 7.55 46.86
N TYR N 315 -12.72 7.04 45.84
CA TYR N 315 -11.67 6.03 46.08
C TYR N 315 -10.45 6.65 46.76
N ASP N 316 -9.79 5.88 47.62
CA ASP N 316 -8.58 6.34 48.29
C ASP N 316 -7.36 6.29 47.35
N ASP N 317 -7.04 7.41 46.70
CA ASP N 317 -5.83 7.54 45.90
C ASP N 317 -4.59 7.76 46.78
N GLY N 318 -4.77 8.09 48.07
CA GLY N 318 -3.69 8.57 48.93
C GLY N 318 -3.37 10.06 48.71
N THR N 319 -4.13 10.77 47.87
CA THR N 319 -3.97 12.18 47.61
C THR N 319 -4.68 13.05 48.66
N ASP N 320 -5.70 12.49 49.33
CA ASP N 320 -6.42 13.18 50.40
C ASP N 320 -5.65 13.12 51.72
N ILE N 321 -5.82 14.14 52.57
CA ILE N 321 -5.00 14.27 53.77
C ILE N 321 -5.43 13.23 54.82
N GLY N 322 -4.46 12.48 55.34
CA GLY N 322 -4.74 11.46 56.35
C GLY N 322 -5.09 10.09 55.79
N TRP N 323 -5.36 9.99 54.47
CA TRP N 323 -5.68 8.71 53.85
C TRP N 323 -4.44 8.16 53.12
N SER N 324 -4.14 6.87 53.30
CA SER N 324 -2.89 6.26 52.88
C SER N 324 -2.86 5.69 51.45
N GLY N 325 -4.02 5.53 50.82
CA GLY N 325 -4.10 5.06 49.44
C GLY N 325 -4.34 3.55 49.32
N GLY N 326 -5.28 3.16 48.45
CA GLY N 326 -5.44 1.79 47.98
C GLY N 326 -4.39 1.40 46.94
N SER N 327 -4.46 0.15 46.45
CA SER N 327 -3.48 -0.39 45.51
C SER N 327 -3.74 0.03 44.06
N GLU N 328 -5.00 0.34 43.71
CA GLU N 328 -5.42 0.57 42.33
C GLU N 328 -5.53 2.07 42.00
N THR N 329 -5.95 2.37 40.77
CA THR N 329 -6.41 3.70 40.41
C THR N 329 -7.89 3.61 40.05
N TRP N 330 -8.74 4.41 40.70
CA TRP N 330 -10.14 4.58 40.31
C TRP N 330 -10.24 5.62 39.22
N GLY N 331 -10.74 5.20 38.06
CA GLY N 331 -10.76 6.06 36.89
C GLY N 331 -11.14 5.25 35.66
N PHE N 332 -11.22 5.95 34.52
CA PHE N 332 -11.35 5.25 33.26
C PHE N 332 -10.76 6.06 32.12
N SER N 333 -9.49 6.49 32.33
CA SER N 333 -8.83 7.49 31.50
C SER N 333 -7.56 6.95 30.86
N SER N 334 -6.92 6.00 31.54
CA SER N 334 -5.54 5.59 31.30
C SER N 334 -5.34 4.12 31.67
N ASP N 335 -4.35 3.47 31.03
CA ASP N 335 -4.08 2.04 31.16
C ASP N 335 -3.93 1.63 32.63
N GLY N 336 -4.73 0.64 33.05
CA GLY N 336 -4.72 0.09 34.39
C GLY N 336 -5.71 0.75 35.34
N ASP N 337 -6.40 1.82 34.91
CA ASP N 337 -7.49 2.38 35.71
C ASP N 337 -8.62 1.35 35.85
N LYS N 338 -9.18 1.24 37.06
CA LYS N 338 -10.38 0.45 37.33
C LYS N 338 -11.57 1.41 37.31
N GLY N 339 -12.50 1.21 36.36
CA GLY N 339 -13.59 2.16 36.12
C GLY N 339 -14.97 1.67 36.53
N ALA N 340 -15.11 0.36 36.71
CA ALA N 340 -16.34 -0.21 37.23
C ALA N 340 -15.99 -1.48 38.02
N VAL N 341 -16.83 -1.81 39.00
CA VAL N 341 -16.78 -3.12 39.64
C VAL N 341 -18.16 -3.74 39.52
N VAL N 342 -18.19 -4.98 39.01
CA VAL N 342 -19.38 -5.79 38.88
C VAL N 342 -19.32 -6.83 40.00
N TYR N 343 -20.35 -6.92 40.84
CA TYR N 343 -20.24 -7.69 42.07
C TYR N 343 -21.59 -8.17 42.60
N ASP N 344 -21.52 -9.06 43.59
CA ASP N 344 -22.66 -9.49 44.37
C ASP N 344 -22.77 -8.64 45.63
N ARG N 345 -23.85 -7.87 45.73
CA ARG N 345 -24.16 -6.94 46.81
C ARG N 345 -24.19 -7.63 48.19
N ASP N 346 -24.53 -8.93 48.20
CA ASP N 346 -24.66 -9.70 49.43
C ASP N 346 -23.34 -10.31 49.89
N ASN N 347 -22.29 -10.25 49.06
CA ASN N 347 -20.98 -10.80 49.34
C ASN N 347 -19.92 -9.75 49.69
N ILE N 348 -20.33 -8.48 49.84
CA ILE N 348 -19.45 -7.45 50.40
C ILE N 348 -20.16 -6.78 51.58
N HIS N 349 -19.42 -6.67 52.67
CA HIS N 349 -19.92 -6.25 53.96
C HIS N 349 -19.31 -4.90 54.35
N THR N 350 -20.15 -3.93 54.62
CA THR N 350 -19.75 -2.69 55.29
C THR N 350 -20.03 -2.86 56.78
N ILE N 351 -18.98 -2.80 57.58
CA ILE N 351 -19.10 -3.09 59.00
C ILE N 351 -19.01 -1.78 59.75
N LEU N 352 -20.07 -1.46 60.51
CA LEU N 352 -20.13 -0.22 61.27
C LEU N 352 -20.12 -0.52 62.76
N TYR N 353 -19.19 0.13 63.47
CA TYR N 353 -19.10 0.08 64.92
C TYR N 353 -19.20 1.49 65.51
N ALA N 354 -19.99 1.63 66.57
CA ALA N 354 -19.93 2.79 67.43
C ALA N 354 -19.98 2.32 68.88
N PRO N 355 -19.17 2.88 69.79
CA PRO N 355 -19.25 2.49 71.20
C PRO N 355 -20.57 2.90 71.86
N ASN N 356 -21.08 4.11 71.53
CA ASN N 356 -22.19 4.72 72.24
C ASN N 356 -23.52 4.63 71.48
N GLY N 357 -23.63 3.72 70.51
CA GLY N 357 -24.84 3.56 69.71
C GLY N 357 -24.63 2.59 68.55
N GLN N 358 -25.26 2.85 67.40
CA GLN N 358 -25.06 2.02 66.21
C GLN N 358 -24.46 2.80 65.05
N ASP N 359 -24.68 4.13 65.02
CA ASP N 359 -24.27 4.94 63.88
C ASP N 359 -23.45 6.18 64.27
N VAL N 360 -23.44 7.24 63.44
CA VAL N 360 -22.60 8.43 63.70
C VAL N 360 -22.87 9.04 65.06
N GLU N 361 -21.81 9.28 65.84
CA GLU N 361 -21.90 10.02 67.08
C GLU N 361 -21.36 11.44 66.85
N ILE N 362 -22.23 12.42 67.15
CA ILE N 362 -21.85 13.82 67.14
C ILE N 362 -21.79 14.32 68.59
N LYS N 363 -20.65 14.93 68.91
CA LYS N 363 -20.38 15.52 70.22
C LYS N 363 -20.06 16.98 70.01
N ASP N 364 -20.38 17.79 71.02
CA ASP N 364 -20.00 19.19 71.02
C ASP N 364 -19.24 19.54 72.30
N TYR N 365 -18.47 20.61 72.21
CA TYR N 365 -17.69 21.11 73.33
C TYR N 365 -17.64 22.63 73.30
N GLU N 366 -17.62 23.21 74.50
CA GLU N 366 -17.43 24.66 74.64
C GLU N 366 -16.07 24.88 75.29
N ASP N 367 -15.30 25.79 74.71
CA ASP N 367 -14.05 26.25 75.29
C ASP N 367 -14.31 27.61 75.96
N PRO N 368 -14.46 27.66 77.31
CA PRO N 368 -14.71 28.93 77.98
C PRO N 368 -13.49 29.87 78.03
N ILE N 369 -12.29 29.34 77.76
CA ILE N 369 -11.05 30.12 77.77
C ILE N 369 -10.89 30.90 76.47
N ARG N 370 -11.31 30.31 75.34
CA ARG N 370 -11.12 30.87 74.01
C ARG N 370 -12.41 31.31 73.32
N ASP N 371 -13.58 31.04 73.90
CA ASP N 371 -14.89 31.35 73.35
C ASP N 371 -15.15 30.63 72.03
N ILE N 372 -14.80 29.33 72.00
CA ILE N 372 -14.94 28.52 70.79
C ILE N 372 -15.89 27.36 71.09
N THR N 373 -16.84 27.12 70.18
CA THR N 373 -17.66 25.93 70.22
C THR N 373 -17.17 24.98 69.14
N GLY N 374 -17.00 23.71 69.51
CA GLY N 374 -16.61 22.69 68.58
C GLY N 374 -17.67 21.62 68.39
N VAL N 375 -17.66 21.01 67.21
CA VAL N 375 -18.49 19.87 66.86
C VAL N 375 -17.57 18.80 66.28
N ASN N 376 -17.60 17.60 66.87
CA ASN N 376 -16.82 16.46 66.44
C ASN N 376 -17.76 15.29 66.10
N GLY N 377 -17.54 14.68 64.92
CA GLY N 377 -18.21 13.45 64.55
C GLY N 377 -17.25 12.27 64.48
N ARG N 378 -17.78 11.08 64.73
CA ARG N 378 -17.03 9.84 64.66
C ARG N 378 -17.93 8.68 64.22
N LEU N 379 -17.30 7.71 63.55
CA LEU N 379 -17.86 6.40 63.27
C LEU N 379 -16.69 5.44 63.03
N HIS N 380 -16.81 4.16 63.42
CA HIS N 380 -15.79 3.20 63.02
C HIS N 380 -16.35 2.37 61.88
N VAL N 381 -15.57 2.24 60.81
CA VAL N 381 -16.01 1.51 59.63
C VAL N 381 -14.90 0.63 59.06
N ASP N 382 -15.31 -0.56 58.60
CA ASP N 382 -14.49 -1.38 57.74
C ASP N 382 -15.35 -1.85 56.57
N CYS N 383 -14.69 -2.31 55.50
CA CYS N 383 -15.40 -3.03 54.48
C CYS N 383 -14.61 -4.30 54.12
N GLN N 384 -15.30 -5.42 53.98
CA GLN N 384 -14.68 -6.71 53.67
C GLN N 384 -15.54 -7.50 52.68
N TYR N 385 -14.93 -8.09 51.66
CA TYR N 385 -15.60 -9.14 50.90
C TYR N 385 -15.66 -10.44 51.70
N SER N 386 -16.82 -11.09 51.74
CA SER N 386 -16.90 -12.48 52.17
C SER N 386 -16.34 -13.41 51.09
N GLN N 387 -16.78 -13.20 49.84
CA GLN N 387 -16.25 -13.89 48.68
C GLN N 387 -15.84 -12.85 47.64
N GLY N 388 -14.53 -12.54 47.56
CA GLY N 388 -14.00 -11.58 46.60
C GLY N 388 -14.07 -12.06 45.15
N ARG N 389 -14.26 -13.37 44.93
CA ARG N 389 -14.52 -13.98 43.63
C ARG N 389 -15.89 -13.60 43.07
N SER N 390 -16.81 -13.16 43.92
CA SER N 390 -18.11 -12.66 43.49
C SER N 390 -18.03 -11.30 42.80
N SER N 391 -16.82 -10.75 42.60
CA SER N 391 -16.65 -9.44 41.99
C SER N 391 -15.54 -9.42 40.95
N ALA N 392 -15.76 -8.58 39.93
CA ALA N 392 -14.82 -8.31 38.85
C ALA N 392 -14.68 -6.81 38.62
N THR N 393 -13.42 -6.33 38.57
CA THR N 393 -13.16 -4.97 38.11
C THR N 393 -13.10 -4.91 36.59
N VAL N 394 -13.50 -3.76 36.03
CA VAL N 394 -13.29 -3.47 34.63
C VAL N 394 -12.10 -2.52 34.53
N GLN N 395 -11.08 -2.94 33.77
CA GLN N 395 -9.81 -2.24 33.67
C GLN N 395 -9.67 -1.64 32.27
N TYR N 396 -9.24 -0.38 32.23
CA TYR N 396 -8.91 0.34 31.01
C TYR N 396 -7.61 -0.20 30.39
N PHE O 101 -1.17 3.63 77.12
CA PHE O 101 -1.37 5.05 77.53
C PHE O 101 -2.50 5.09 78.56
N ALA O 102 -3.71 5.48 78.16
CA ALA O 102 -4.94 5.03 78.79
C ALA O 102 -5.13 3.56 78.42
N ALA O 103 -6.31 3.00 78.75
CA ALA O 103 -6.73 1.70 78.22
C ALA O 103 -7.42 1.96 76.87
N SER O 104 -6.91 1.27 75.83
CA SER O 104 -7.52 1.24 74.51
C SER O 104 -7.82 -0.20 74.08
N ASP O 105 -8.80 -0.35 73.18
CA ASP O 105 -9.22 -1.67 72.71
C ASP O 105 -8.09 -2.47 72.07
N PRO O 106 -7.17 -1.93 71.23
CA PRO O 106 -6.09 -2.70 70.66
C PRO O 106 -5.13 -3.37 71.63
N GLU O 107 -5.08 -2.89 72.88
CA GLU O 107 -4.26 -3.51 73.91
C GLU O 107 -4.94 -4.72 74.55
N TYR O 108 -6.27 -4.73 74.60
CA TYR O 108 -7.05 -5.65 75.43
C TYR O 108 -8.06 -6.49 74.63
N VAL O 109 -7.86 -6.60 73.30
CA VAL O 109 -8.69 -7.32 72.34
C VAL O 109 -8.95 -8.81 72.71
N ASP O 110 -8.09 -9.44 73.52
CA ASP O 110 -8.25 -10.82 73.94
C ASP O 110 -8.15 -10.98 75.45
N THR O 111 -8.17 -9.87 76.22
CA THR O 111 -8.06 -9.94 77.67
C THR O 111 -9.36 -9.48 78.34
N LEU O 112 -9.94 -8.35 77.90
CA LEU O 112 -11.15 -7.80 78.49
C LEU O 112 -12.41 -8.11 77.69
N PHE O 113 -12.25 -8.52 76.42
CA PHE O 113 -13.35 -8.93 75.55
C PHE O 113 -12.82 -9.92 74.51
N ARG O 114 -13.72 -10.51 73.71
CA ARG O 114 -13.36 -11.32 72.55
C ARG O 114 -13.86 -10.63 71.29
N GLU O 115 -13.08 -10.69 70.20
CA GLU O 115 -13.55 -10.29 68.87
C GLU O 115 -14.87 -11.01 68.55
N GLN O 116 -15.82 -10.27 67.96
CA GLN O 116 -17.09 -10.87 67.55
C GLN O 116 -16.87 -11.88 66.42
N LEU O 117 -17.46 -13.07 66.56
CA LEU O 117 -17.62 -14.01 65.47
C LEU O 117 -19.09 -14.00 65.07
N LEU O 118 -19.38 -13.82 63.78
CA LEU O 118 -20.74 -13.92 63.30
C LEU O 118 -21.18 -15.39 63.34
N GLU O 119 -22.41 -15.65 63.79
CA GLU O 119 -23.01 -16.98 63.68
C GLU O 119 -23.37 -17.36 62.25
N VAL O 120 -23.44 -16.38 61.33
CA VAL O 120 -23.59 -16.66 59.90
C VAL O 120 -22.28 -17.24 59.35
N VAL O 121 -22.35 -18.45 58.77
CA VAL O 121 -21.22 -18.94 57.98
C VAL O 121 -21.50 -18.65 56.51
N MET O 122 -20.57 -17.94 55.87
CA MET O 122 -20.75 -17.51 54.49
C MET O 122 -20.38 -18.64 53.53
N GLU O 123 -21.28 -18.90 52.57
CA GLU O 123 -21.20 -20.08 51.72
C GLU O 123 -20.03 -19.98 50.73
N GLY O 124 -19.46 -21.14 50.38
CA GLY O 124 -18.53 -21.21 49.27
C GLY O 124 -19.23 -21.10 47.92
N ARG O 125 -18.43 -21.27 46.86
CA ARG O 125 -18.88 -21.40 45.49
C ARG O 125 -19.91 -22.51 45.34
N GLU O 126 -21.01 -22.25 44.61
CA GLU O 126 -21.99 -23.27 44.28
C GLU O 126 -21.99 -23.56 42.78
N LEU O 127 -21.83 -24.82 42.42
CA LEU O 127 -21.79 -25.21 41.00
C LEU O 127 -23.22 -25.35 40.46
N ARG O 128 -23.36 -25.12 39.16
CA ARG O 128 -24.64 -25.23 38.47
C ARG O 128 -25.03 -26.70 38.31
N LYS O 129 -26.26 -27.02 38.74
CA LYS O 129 -26.79 -28.37 38.73
C LYS O 129 -27.94 -28.44 37.73
N VAL O 130 -27.76 -29.20 36.64
CA VAL O 130 -28.69 -29.18 35.51
C VAL O 130 -29.02 -30.57 34.95
N ALA O 131 -28.20 -31.59 35.23
CA ALA O 131 -28.28 -32.90 34.57
C ALA O 131 -29.67 -33.58 34.64
N ARG O 132 -30.37 -33.40 35.75
CA ARG O 132 -31.67 -34.01 36.02
C ARG O 132 -32.77 -33.42 35.10
N GLU O 133 -32.64 -32.15 34.76
CA GLU O 133 -33.54 -31.44 33.87
C GLU O 133 -33.09 -31.56 32.41
N ALA O 134 -31.78 -31.59 32.19
CA ALA O 134 -31.10 -31.54 30.90
C ALA O 134 -30.90 -32.92 30.23
N SER O 135 -31.43 -34.00 30.81
CA SER O 135 -31.30 -35.34 30.25
C SER O 135 -32.52 -36.19 30.61
N ASN O 136 -32.68 -37.35 29.96
CA ASN O 136 -33.63 -38.34 30.40
C ASN O 136 -33.09 -39.07 31.64
N VAL O 137 -33.81 -39.04 32.78
CA VAL O 137 -33.35 -39.72 33.99
C VAL O 137 -34.02 -41.10 34.11
N ILE O 138 -33.21 -42.14 34.16
CA ILE O 138 -33.65 -43.51 34.36
C ILE O 138 -33.36 -43.89 35.81
N ASN O 139 -34.41 -44.20 36.57
CA ASN O 139 -34.24 -44.83 37.87
C ASN O 139 -34.13 -46.33 37.67
N ALA O 140 -32.90 -46.86 37.69
CA ALA O 140 -32.66 -48.25 37.34
C ALA O 140 -33.00 -49.19 38.50
N ASN O 141 -33.42 -50.41 38.16
CA ASN O 141 -33.58 -51.48 39.15
C ASN O 141 -32.24 -52.18 39.44
N THR O 142 -31.33 -52.15 38.47
CA THR O 142 -30.02 -52.79 38.59
C THR O 142 -28.91 -51.80 38.22
N ARG O 143 -27.76 -51.92 38.90
CA ARG O 143 -26.60 -51.08 38.69
C ARG O 143 -26.02 -51.25 37.28
N VAL O 144 -26.15 -52.45 36.73
CA VAL O 144 -25.75 -52.75 35.36
C VAL O 144 -27.00 -53.10 34.55
N GLY O 145 -27.07 -52.59 33.32
CA GLY O 145 -28.22 -52.81 32.47
C GLY O 145 -27.94 -52.43 31.03
N ASP O 146 -28.97 -52.61 30.19
CA ASP O 146 -28.93 -52.35 28.77
C ASP O 146 -30.22 -51.67 28.31
N VAL O 147 -30.12 -50.78 27.30
CA VAL O 147 -31.31 -50.29 26.62
C VAL O 147 -31.22 -50.63 25.13
N PRO O 148 -32.27 -51.23 24.52
CA PRO O 148 -32.26 -51.59 23.11
C PRO O 148 -32.36 -50.40 22.16
N ILE O 149 -31.50 -50.44 21.13
CA ILE O 149 -31.46 -49.49 20.03
C ILE O 149 -31.89 -50.21 18.75
N ALA O 150 -32.77 -49.58 17.97
CA ALA O 150 -33.15 -50.05 16.65
C ALA O 150 -32.25 -49.46 15.56
N SER O 151 -32.02 -50.25 14.50
CA SER O 151 -31.29 -49.81 13.32
C SER O 151 -31.99 -48.61 12.65
N ASP O 152 -31.21 -47.81 11.92
CA ASP O 152 -31.74 -46.69 11.15
C ASP O 152 -32.77 -47.13 10.10
N GLU O 153 -33.65 -46.20 9.74
CA GLU O 153 -34.56 -46.36 8.61
C GLU O 153 -33.75 -46.55 7.32
N GLU O 154 -34.18 -47.53 6.50
CA GLU O 154 -33.62 -47.72 5.17
C GLU O 154 -34.64 -47.33 4.09
N PHE O 155 -34.33 -47.72 2.85
CA PHE O 155 -35.17 -47.47 1.69
C PHE O 155 -35.64 -48.79 1.10
N ALA O 156 -36.91 -48.80 0.67
CA ALA O 156 -37.47 -49.96 -0.02
C ALA O 156 -36.69 -50.26 -1.31
N ARG O 157 -36.76 -51.50 -1.78
CA ARG O 157 -36.07 -51.93 -2.99
C ARG O 157 -37.04 -51.97 -4.16
N PRO O 158 -36.64 -51.54 -5.39
CA PRO O 158 -37.39 -51.84 -6.60
C PRO O 158 -37.50 -53.33 -6.85
N THR O 159 -38.68 -53.78 -7.33
CA THR O 159 -38.99 -55.19 -7.55
C THR O 159 -39.77 -55.32 -8.85
N GLY O 160 -39.56 -56.42 -9.59
CA GLY O 160 -40.38 -56.75 -10.75
C GLY O 160 -41.80 -57.15 -10.37
N GLN O 161 -42.68 -57.21 -11.37
CA GLN O 161 -44.03 -57.73 -11.13
C GLN O 161 -44.01 -59.25 -10.96
N GLY O 162 -44.61 -59.76 -9.88
CA GLY O 162 -44.60 -61.19 -9.59
C GLY O 162 -43.28 -61.71 -8.99
N ALA O 163 -42.31 -60.83 -8.77
CA ALA O 163 -41.01 -61.19 -8.19
C ALA O 163 -41.09 -61.19 -6.66
N GLU O 164 -40.18 -61.95 -6.02
CA GLU O 164 -40.15 -62.10 -4.56
C GLU O 164 -39.74 -60.79 -3.88
N ILE O 165 -40.43 -60.43 -2.80
CA ILE O 165 -39.99 -59.33 -1.96
C ILE O 165 -38.83 -59.80 -1.09
N ARG O 166 -37.70 -59.11 -1.22
CA ARG O 166 -36.50 -59.39 -0.44
C ARG O 166 -36.58 -58.74 0.94
N ASP O 167 -36.01 -59.41 1.92
CA ASP O 167 -36.05 -58.97 3.31
C ASP O 167 -34.92 -57.98 3.64
N ASP O 168 -35.26 -56.98 4.46
CA ASP O 168 -34.27 -56.13 5.13
C ASP O 168 -34.86 -55.72 6.48
N GLY O 169 -34.90 -56.69 7.40
CA GLY O 169 -35.54 -56.50 8.70
C GLY O 169 -34.79 -55.57 9.64
N GLU O 170 -35.50 -55.14 10.69
CA GLU O 170 -34.90 -54.28 11.69
C GLU O 170 -33.85 -55.04 12.49
N THR O 171 -32.60 -54.55 12.44
CA THR O 171 -31.54 -55.05 13.32
C THR O 171 -31.58 -54.30 14.66
N TYR O 172 -31.15 -54.94 15.74
CA TYR O 172 -31.11 -54.32 17.06
C TYR O 172 -29.74 -54.48 17.72
N THR O 173 -29.42 -53.53 18.61
CA THR O 173 -28.23 -53.57 19.47
C THR O 173 -28.63 -53.00 20.83
N THR O 174 -27.68 -52.82 21.75
CA THR O 174 -27.96 -52.16 23.02
C THR O 174 -26.86 -51.17 23.38
N VAL O 175 -27.19 -50.18 24.23
CA VAL O 175 -26.17 -49.46 24.97
C VAL O 175 -26.20 -49.90 26.43
N ALA O 176 -25.03 -50.25 26.94
CA ALA O 176 -24.89 -50.71 28.32
C ALA O 176 -24.76 -49.52 29.28
N TRP O 177 -25.36 -49.64 30.46
CA TRP O 177 -24.97 -48.82 31.59
C TRP O 177 -24.28 -49.65 32.67
N ASN O 178 -23.27 -49.09 33.31
CA ASN O 178 -22.78 -49.61 34.58
C ASN O 178 -22.60 -48.43 35.52
N ALA O 179 -23.55 -48.27 36.43
CA ALA O 179 -23.58 -47.16 37.35
C ALA O 179 -22.40 -47.23 38.33
N THR O 180 -21.64 -46.14 38.39
CA THR O 180 -20.47 -46.04 39.26
C THR O 180 -20.90 -45.45 40.59
N LYS O 181 -20.46 -46.07 41.70
CA LYS O 181 -20.75 -45.56 43.03
C LYS O 181 -19.96 -44.27 43.27
N LEU O 182 -20.66 -43.14 43.34
CA LEU O 182 -20.04 -41.90 43.76
C LEU O 182 -20.25 -41.76 45.25
N THR O 183 -19.16 -41.48 45.98
CA THR O 183 -19.22 -41.39 47.43
C THR O 183 -18.54 -40.14 47.94
N GLU O 184 -19.04 -39.65 49.09
CA GLU O 184 -18.48 -38.50 49.75
C GLU O 184 -18.57 -38.72 51.26
N GLY O 185 -17.48 -38.44 51.98
CA GLY O 185 -17.47 -38.61 53.42
C GLY O 185 -16.97 -37.36 54.15
N SER O 186 -17.34 -37.29 55.43
CA SER O 186 -16.84 -36.24 56.31
C SER O 186 -16.85 -36.73 57.76
N ARG O 187 -15.85 -36.30 58.55
CA ARG O 187 -15.73 -36.67 59.95
C ARG O 187 -15.50 -35.43 60.82
N VAL O 188 -16.16 -35.42 62.00
CA VAL O 188 -16.14 -34.30 62.93
C VAL O 188 -15.97 -34.87 64.34
N THR O 189 -15.11 -34.25 65.16
CA THR O 189 -14.96 -34.70 66.53
C THR O 189 -16.12 -34.21 67.39
N ASP O 190 -16.45 -34.96 68.45
CA ASP O 190 -17.50 -34.57 69.38
C ASP O 190 -17.24 -33.21 70.02
N GLU O 191 -15.96 -32.88 70.26
CA GLU O 191 -15.58 -31.59 70.85
C GLU O 191 -15.83 -30.44 69.87
N MET O 192 -15.53 -30.65 68.58
CA MET O 192 -15.78 -29.62 67.57
C MET O 192 -17.29 -29.43 67.35
N ARG O 193 -18.05 -30.54 67.37
CA ARG O 193 -19.49 -30.52 67.24
C ARG O 193 -20.15 -29.71 68.35
N ASP O 194 -19.65 -29.87 69.59
CA ASP O 194 -20.13 -29.10 70.73
C ASP O 194 -19.81 -27.60 70.57
N GLN O 195 -18.55 -27.29 70.29
CA GLN O 195 -18.03 -25.92 70.38
C GLN O 195 -18.46 -25.01 69.22
N ALA O 196 -18.79 -25.59 68.06
CA ALA O 196 -19.14 -24.83 66.88
C ALA O 196 -20.42 -24.01 67.07
N MET O 197 -20.49 -22.83 66.43
CA MET O 197 -21.68 -22.02 66.40
C MET O 197 -22.77 -22.60 65.49
N VAL O 198 -22.38 -23.50 64.57
CA VAL O 198 -23.22 -24.04 63.50
C VAL O 198 -23.37 -25.55 63.70
N ASP O 199 -24.48 -26.12 63.19
CA ASP O 199 -24.62 -27.57 63.19
C ASP O 199 -23.72 -28.14 62.09
N LEU O 200 -22.54 -28.62 62.49
CA LEU O 200 -21.52 -29.09 61.57
C LEU O 200 -21.95 -30.39 60.88
N ILE O 201 -22.76 -31.22 61.56
CA ILE O 201 -23.27 -32.44 60.97
C ILE O 201 -24.29 -32.09 59.88
N GLU O 202 -25.24 -31.20 60.16
CA GLU O 202 -26.20 -30.76 59.17
C GLU O 202 -25.49 -30.12 57.96
N ARG O 203 -24.50 -29.25 58.20
CA ARG O 203 -23.69 -28.61 57.19
C ARG O 203 -22.95 -29.63 56.33
N ASN O 204 -22.35 -30.65 56.95
CA ASN O 204 -21.66 -31.71 56.22
C ASN O 204 -22.63 -32.61 55.45
N ILE O 205 -23.82 -32.87 55.98
CA ILE O 205 -24.90 -33.56 55.25
C ILE O 205 -25.25 -32.78 53.97
N GLN O 206 -25.39 -31.45 54.07
CA GLN O 206 -25.63 -30.58 52.94
C GLN O 206 -24.47 -30.63 51.93
N ARG O 207 -23.22 -30.57 52.39
CA ARG O 207 -22.04 -30.69 51.53
C ARG O 207 -22.02 -32.04 50.80
N VAL O 208 -22.27 -33.13 51.51
CA VAL O 208 -22.30 -34.48 50.98
C VAL O 208 -23.36 -34.59 49.87
N GLY O 209 -24.59 -34.13 50.12
CA GLY O 209 -25.65 -34.11 49.12
C GLY O 209 -25.26 -33.30 47.86
N ALA O 210 -24.77 -32.07 48.07
CA ALA O 210 -24.31 -31.20 47.00
C ALA O 210 -23.17 -31.82 46.17
N SER O 211 -22.20 -32.45 46.85
CA SER O 211 -21.05 -33.11 46.25
C SER O 211 -21.47 -34.29 45.36
N LEU O 212 -22.48 -35.05 45.77
CA LEU O 212 -23.09 -36.09 44.95
C LEU O 212 -23.81 -35.52 43.74
N GLU O 213 -24.61 -34.45 43.90
CA GLU O 213 -25.25 -33.76 42.79
C GLU O 213 -24.22 -33.24 41.76
N ASN O 214 -23.14 -32.64 42.25
CA ASN O 214 -22.02 -32.23 41.43
C ASN O 214 -21.40 -33.41 40.67
N GLY O 215 -21.30 -34.56 41.33
CA GLY O 215 -20.89 -35.82 40.74
C GLY O 215 -21.79 -36.28 39.59
N ILE O 216 -23.13 -36.26 39.77
CA ILE O 216 -24.08 -36.57 38.71
C ILE O 216 -23.81 -35.69 37.49
N ASN O 217 -23.68 -34.38 37.75
CA ASN O 217 -23.44 -33.38 36.74
C ASN O 217 -22.11 -33.61 36.00
N ARG O 218 -21.05 -34.03 36.71
CA ARG O 218 -19.78 -34.41 36.11
C ARG O 218 -19.92 -35.61 35.19
N VAL O 219 -20.57 -36.69 35.64
CA VAL O 219 -20.76 -37.89 34.84
C VAL O 219 -21.53 -37.56 33.56
N PHE O 220 -22.62 -36.80 33.71
CA PHE O 220 -23.43 -36.29 32.61
C PHE O 220 -22.60 -35.48 31.62
N LEU O 221 -21.92 -34.42 32.09
CA LEU O 221 -21.21 -33.51 31.21
C LEU O 221 -20.04 -34.21 30.50
N THR O 222 -19.36 -35.12 31.21
CA THR O 222 -18.24 -35.85 30.65
C THR O 222 -18.70 -36.81 29.55
N GLU O 223 -19.81 -37.54 29.75
CA GLU O 223 -20.39 -38.36 28.68
C GLU O 223 -20.81 -37.48 27.51
N LEU O 224 -21.54 -36.40 27.80
CA LEU O 224 -22.12 -35.53 26.82
C LEU O 224 -21.04 -34.95 25.89
N VAL O 225 -19.97 -34.39 26.46
CA VAL O 225 -18.89 -33.77 25.71
C VAL O 225 -18.05 -34.81 24.96
N ASP O 226 -17.71 -35.94 25.60
CA ASP O 226 -16.79 -36.91 25.02
C ASP O 226 -17.43 -37.73 23.89
N ASN O 227 -18.69 -38.15 24.06
CA ASN O 227 -19.30 -39.14 23.18
C ASN O 227 -20.27 -38.55 22.14
N ALA O 228 -20.36 -37.22 22.04
CA ALA O 228 -21.04 -36.54 20.94
C ALA O 228 -20.33 -36.90 19.62
N GLN O 229 -21.10 -37.36 18.62
CA GLN O 229 -20.52 -37.86 17.39
C GLN O 229 -20.27 -36.77 16.34
N ASN O 230 -20.81 -35.57 16.55
CA ASN O 230 -20.63 -34.44 15.65
C ASN O 230 -19.88 -33.30 16.35
N ASN O 231 -19.23 -32.45 15.55
CA ASN O 231 -18.45 -31.33 16.05
C ASN O 231 -18.53 -30.19 15.05
N HIS O 232 -18.69 -28.95 15.55
CA HIS O 232 -18.51 -27.76 14.75
C HIS O 232 -17.24 -27.04 15.20
N ASP O 233 -16.24 -27.02 14.33
CA ASP O 233 -14.99 -26.30 14.60
C ASP O 233 -15.16 -24.84 14.18
N THR O 234 -15.22 -23.95 15.17
CA THR O 234 -15.41 -22.53 14.89
C THR O 234 -14.12 -21.90 14.36
N ALA O 235 -12.96 -22.40 14.77
CA ALA O 235 -11.65 -21.90 14.36
C ALA O 235 -11.52 -20.40 14.65
N GLY O 236 -11.75 -20.02 15.91
CA GLY O 236 -12.00 -18.60 16.23
C GLY O 236 -13.24 -18.11 15.48
N SER O 237 -13.21 -16.92 14.88
CA SER O 237 -14.23 -16.49 13.93
C SER O 237 -15.68 -16.44 14.48
N ASN O 238 -16.66 -17.14 13.90
CA ASN O 238 -18.10 -16.86 14.01
C ASN O 238 -18.71 -17.68 15.16
N GLN O 239 -18.33 -17.33 16.39
CA GLN O 239 -18.51 -18.23 17.54
C GLN O 239 -19.87 -18.14 18.24
N GLY O 240 -20.70 -17.13 17.95
CA GLY O 240 -21.98 -16.93 18.63
C GLY O 240 -23.13 -17.78 18.07
N TYR O 241 -24.23 -17.10 17.67
CA TYR O 241 -25.37 -17.76 17.07
C TYR O 241 -25.00 -18.64 15.87
N GLN O 242 -24.05 -18.18 15.03
CA GLN O 242 -23.66 -18.93 13.84
C GLN O 242 -23.11 -20.31 14.19
N ALA O 243 -22.33 -20.40 15.27
CA ALA O 243 -21.80 -21.67 15.75
C ALA O 243 -22.92 -22.58 16.26
N LEU O 244 -23.91 -22.05 16.98
CA LEU O 244 -25.05 -22.83 17.42
C LEU O 244 -25.83 -23.36 16.22
N ASN O 245 -26.17 -22.49 15.27
CA ASN O 245 -26.87 -22.86 14.05
C ASN O 245 -26.10 -23.94 13.27
N SER O 246 -24.78 -23.80 13.17
CA SER O 246 -23.91 -24.76 12.50
C SER O 246 -23.85 -26.11 13.22
N ALA O 247 -23.83 -26.10 14.56
CA ALA O 247 -23.90 -27.30 15.37
C ALA O 247 -25.26 -28.00 15.21
N VAL O 248 -26.36 -27.24 15.20
CA VAL O 248 -27.68 -27.79 14.88
C VAL O 248 -27.67 -28.39 13.48
N GLY O 249 -27.03 -27.73 12.52
CA GLY O 249 -26.82 -28.22 11.17
C GLY O 249 -26.10 -29.57 11.09
N GLU O 250 -25.07 -29.79 11.91
CA GLU O 250 -24.38 -31.07 11.99
C GLU O 250 -25.33 -32.20 12.44
N VAL O 251 -26.15 -31.94 13.47
CA VAL O 251 -27.09 -32.92 14.00
C VAL O 251 -28.22 -33.16 12.99
N ASP O 252 -28.69 -32.11 12.31
CA ASP O 252 -29.67 -32.15 11.23
C ASP O 252 -29.17 -32.99 10.05
N LYS O 253 -27.87 -32.92 9.74
CA LYS O 253 -27.23 -33.70 8.68
C LYS O 253 -27.17 -35.19 9.01
N ASP O 254 -27.11 -35.56 10.29
CA ASP O 254 -27.22 -36.93 10.73
C ASP O 254 -28.68 -37.34 11.04
N ASP O 255 -29.66 -36.51 10.63
CA ASP O 255 -31.11 -36.75 10.69
C ASP O 255 -31.66 -36.88 12.11
N PHE O 256 -31.11 -36.09 13.04
CA PHE O 256 -31.67 -35.94 14.38
C PHE O 256 -32.05 -34.47 14.64
N ARG O 257 -32.92 -34.23 15.61
CA ARG O 257 -33.33 -32.88 15.97
C ARG O 257 -32.88 -32.57 17.38
N PRO O 258 -31.87 -31.68 17.57
CA PRO O 258 -31.51 -31.26 18.92
C PRO O 258 -32.53 -30.28 19.48
N ASP O 259 -32.64 -30.26 20.81
CA ASP O 259 -33.58 -29.39 21.50
C ASP O 259 -32.97 -28.70 22.72
N THR O 260 -31.73 -29.04 23.07
CA THR O 260 -31.09 -28.55 24.29
C THR O 260 -29.66 -28.14 23.98
N TYR O 261 -29.14 -27.16 24.72
CA TYR O 261 -27.72 -26.93 24.71
C TYR O 261 -27.16 -26.68 26.11
N VAL O 262 -26.00 -27.30 26.33
CA VAL O 262 -25.20 -27.19 27.55
C VAL O 262 -24.04 -26.27 27.23
N THR O 263 -23.73 -25.34 28.14
CA THR O 263 -22.84 -24.25 27.80
C THR O 263 -21.82 -23.98 28.91
N HIS O 264 -20.56 -23.73 28.53
CA HIS O 264 -19.49 -23.26 29.41
C HIS O 264 -19.60 -21.76 29.67
N PRO O 265 -19.16 -21.22 30.84
CA PRO O 265 -19.19 -19.78 31.11
C PRO O 265 -18.53 -18.88 30.05
N ASP O 266 -17.39 -19.32 29.47
CA ASP O 266 -16.72 -18.58 28.42
C ASP O 266 -17.58 -18.52 27.15
N TYR O 267 -18.20 -19.64 26.78
CA TYR O 267 -19.10 -19.68 25.63
C TYR O 267 -20.28 -18.74 25.84
N ARG O 268 -20.93 -18.78 27.02
CA ARG O 268 -22.00 -17.87 27.37
C ARG O 268 -21.56 -16.41 27.16
N THR O 269 -20.37 -16.06 27.65
CA THR O 269 -19.81 -14.73 27.55
C THR O 269 -19.68 -14.29 26.09
N GLN O 270 -19.08 -15.14 25.24
CA GLN O 270 -18.94 -14.89 23.82
C GLN O 270 -20.31 -14.75 23.13
N LEU O 271 -21.27 -15.64 23.45
CA LEU O 271 -22.60 -15.63 22.88
C LEU O 271 -23.33 -14.32 23.20
N PHE O 272 -23.20 -13.81 24.42
CA PHE O 272 -23.86 -12.56 24.79
C PHE O 272 -23.14 -11.30 24.31
N ASN O 273 -21.91 -11.43 23.81
CA ASN O 273 -21.21 -10.38 23.06
C ASN O 273 -21.58 -10.39 21.57
N ASP O 274 -22.21 -11.46 21.05
CA ASP O 274 -22.60 -11.54 19.66
C ASP O 274 -23.60 -10.41 19.35
N THR O 275 -23.30 -9.61 18.33
CA THR O 275 -24.16 -8.50 17.97
C THR O 275 -25.57 -8.96 17.60
N ASN O 276 -25.74 -10.19 17.14
CA ASN O 276 -27.05 -10.73 16.80
C ASN O 276 -27.95 -10.90 18.05
N LEU O 277 -27.35 -11.01 19.24
CA LEU O 277 -28.08 -11.13 20.50
C LEU O 277 -27.99 -9.84 21.32
N ALA O 278 -26.82 -9.19 21.33
CA ALA O 278 -26.56 -7.99 22.11
C ALA O 278 -27.33 -6.77 21.59
N TYR O 279 -27.53 -6.65 20.28
CA TYR O 279 -28.30 -5.57 19.70
C TYR O 279 -29.77 -5.96 19.68
N ALA O 280 -30.62 -5.19 20.38
CA ALA O 280 -32.05 -5.46 20.48
C ALA O 280 -32.73 -5.56 19.11
N ASN O 281 -32.33 -4.66 18.20
CA ASN O 281 -32.55 -4.61 16.77
C ASN O 281 -32.45 -6.01 16.11
N ARG O 282 -31.30 -6.66 16.31
CA ARG O 282 -30.93 -7.89 15.66
C ARG O 282 -31.55 -9.10 16.35
N ALA O 283 -31.73 -9.04 17.68
CA ALA O 283 -32.36 -10.10 18.47
C ALA O 283 -33.89 -10.09 18.42
N GLY O 284 -34.50 -8.93 18.08
CA GLY O 284 -35.93 -8.70 18.23
C GLY O 284 -36.39 -8.42 19.66
N THR O 285 -35.44 -8.40 20.62
CA THR O 285 -35.68 -8.19 22.03
C THR O 285 -34.42 -7.65 22.71
N ASN O 286 -34.55 -6.81 23.73
CA ASN O 286 -33.40 -6.34 24.50
C ASN O 286 -33.08 -7.23 25.71
N GLU O 287 -33.73 -8.38 25.83
CA GLU O 287 -33.62 -9.27 26.99
C GLU O 287 -32.20 -9.75 27.26
N VAL O 288 -31.39 -10.02 26.21
CA VAL O 288 -30.01 -10.47 26.42
C VAL O 288 -29.14 -9.30 26.91
N LEU O 289 -29.33 -8.10 26.35
CA LEU O 289 -28.63 -6.90 26.78
C LEU O 289 -28.92 -6.60 28.25
N ARG O 290 -30.20 -6.79 28.67
CA ARG O 290 -30.58 -6.54 30.05
C ARG O 290 -30.42 -7.71 31.01
N ASN O 291 -31.24 -8.74 30.83
CA ASN O 291 -31.30 -9.88 31.77
C ASN O 291 -30.24 -10.97 31.49
N ARG O 292 -29.50 -10.86 30.36
CA ARG O 292 -28.40 -11.77 30.01
C ARG O 292 -28.86 -13.22 29.90
N GLU O 293 -28.36 -14.13 30.76
CA GLU O 293 -28.65 -15.55 30.73
C GLU O 293 -30.09 -15.88 31.11
N ASP O 294 -30.76 -14.98 31.87
CA ASP O 294 -32.14 -15.15 32.30
C ASP O 294 -33.13 -14.73 31.20
N ALA O 295 -32.64 -14.26 30.05
CA ALA O 295 -33.45 -13.87 28.90
C ALA O 295 -34.19 -15.08 28.31
N PRO O 296 -35.50 -14.98 27.99
CA PRO O 296 -36.25 -16.10 27.42
C PRO O 296 -35.67 -16.57 26.07
N ILE O 297 -35.09 -15.65 25.28
CA ILE O 297 -34.44 -15.98 24.02
C ILE O 297 -33.24 -16.92 24.19
N VAL O 298 -32.53 -16.88 25.32
CA VAL O 298 -31.37 -17.76 25.51
C VAL O 298 -31.82 -19.23 25.65
N GLY O 299 -33.02 -19.47 26.19
CA GLY O 299 -33.65 -20.80 26.13
C GLY O 299 -34.44 -21.09 24.86
N ASP O 300 -34.30 -20.25 23.82
CA ASP O 300 -35.09 -20.31 22.60
C ASP O 300 -34.23 -19.80 21.43
N ILE O 301 -33.05 -20.39 21.19
CA ILE O 301 -32.17 -20.06 20.07
C ILE O 301 -32.07 -21.28 19.14
N ALA O 302 -32.05 -21.07 17.80
CA ALA O 302 -31.68 -22.07 16.81
C ALA O 302 -32.54 -23.35 16.87
N GLY O 303 -33.80 -23.22 17.29
CA GLY O 303 -34.73 -24.34 17.37
C GLY O 303 -34.61 -25.12 18.68
N LEU O 304 -33.78 -24.66 19.62
CA LEU O 304 -33.56 -25.31 20.91
C LEU O 304 -34.56 -24.76 21.94
N ASP O 305 -35.07 -25.63 22.78
CA ASP O 305 -36.08 -25.39 23.81
C ASP O 305 -35.48 -25.13 25.19
N MET O 306 -34.22 -25.54 25.41
CA MET O 306 -33.63 -25.51 26.74
C MET O 306 -32.16 -25.10 26.71
N HIS O 307 -31.80 -24.18 27.61
CA HIS O 307 -30.42 -23.87 27.90
C HIS O 307 -30.05 -24.40 29.27
N ALA O 308 -29.02 -25.24 29.30
CA ALA O 308 -28.46 -25.82 30.51
C ALA O 308 -27.10 -25.18 30.78
N ALA O 309 -27.12 -24.07 31.53
CA ALA O 309 -25.89 -23.39 31.92
C ALA O 309 -25.09 -24.26 32.90
N MET O 310 -23.85 -24.59 32.53
CA MET O 310 -22.99 -25.41 33.37
C MET O 310 -21.76 -24.64 33.84
N SER O 311 -21.11 -25.13 34.91
CA SER O 311 -19.92 -24.57 35.51
C SER O 311 -18.65 -25.05 34.81
N SER O 312 -17.54 -24.32 34.98
CA SER O 312 -16.26 -24.67 34.40
C SER O 312 -15.69 -25.96 35.03
N ALA O 313 -15.91 -26.16 36.33
CA ALA O 313 -15.36 -27.28 37.07
C ALA O 313 -16.05 -28.63 36.80
N THR O 314 -17.22 -28.65 36.19
CA THR O 314 -18.03 -29.87 36.15
C THR O 314 -17.42 -30.98 35.29
N TYR O 315 -16.75 -30.62 34.20
CA TYR O 315 -16.18 -31.62 33.31
C TYR O 315 -14.97 -32.32 33.95
N ASP O 316 -14.82 -33.61 33.69
CA ASP O 316 -13.69 -34.37 34.20
C ASP O 316 -12.40 -34.08 33.43
N ASP O 317 -11.58 -33.16 33.94
CA ASP O 317 -10.25 -32.89 33.41
C ASP O 317 -9.23 -33.98 33.80
N GLY O 318 -9.57 -34.83 34.77
CA GLY O 318 -8.62 -35.74 35.40
C GLY O 318 -7.73 -35.09 36.45
N THR O 319 -7.93 -33.79 36.74
CA THR O 319 -7.17 -33.07 37.75
C THR O 319 -7.75 -33.26 39.15
N ASP O 320 -9.05 -33.58 39.25
CA ASP O 320 -9.69 -33.82 40.54
C ASP O 320 -9.41 -35.23 41.05
N ILE O 321 -9.21 -35.40 42.35
CA ILE O 321 -8.69 -36.66 42.89
C ILE O 321 -9.72 -37.78 42.79
N GLY O 322 -9.29 -38.94 42.28
CA GLY O 322 -10.19 -40.07 42.09
C GLY O 322 -10.88 -40.10 40.72
N TRP O 323 -10.84 -38.99 39.97
CA TRP O 323 -11.46 -38.90 38.65
C TRP O 323 -10.39 -39.05 37.56
N SER O 324 -10.65 -39.86 36.53
CA SER O 324 -9.64 -40.30 35.58
C SER O 324 -9.49 -39.44 34.32
N GLY O 325 -10.44 -38.53 34.07
CA GLY O 325 -10.35 -37.60 32.94
C GLY O 325 -11.09 -38.08 31.70
N GLY O 326 -11.87 -37.17 31.08
CA GLY O 326 -12.39 -37.36 29.75
C GLY O 326 -11.37 -37.08 28.66
N SER O 327 -11.77 -37.25 27.39
CA SER O 327 -10.90 -37.10 26.24
C SER O 327 -10.69 -35.64 25.81
N GLU O 328 -11.63 -34.75 26.14
CA GLU O 328 -11.71 -33.38 25.63
C GLU O 328 -11.20 -32.34 26.64
N THR O 329 -11.27 -31.06 26.28
CA THR O 329 -11.17 -29.96 27.22
C THR O 329 -12.49 -29.20 27.22
N TRP O 330 -13.09 -29.02 28.40
CA TRP O 330 -14.25 -28.16 28.56
C TRP O 330 -13.80 -26.72 28.80
N GLY O 331 -14.21 -25.83 27.91
CA GLY O 331 -13.72 -24.45 27.91
C GLY O 331 -14.11 -23.75 26.63
N PHE O 332 -13.83 -22.44 26.56
CA PHE O 332 -14.01 -21.73 25.31
C PHE O 332 -13.08 -20.53 25.23
N SER O 333 -11.80 -20.78 25.46
CA SER O 333 -10.79 -19.74 25.47
C SER O 333 -9.49 -20.17 24.80
N SER O 334 -9.38 -21.45 24.36
CA SER O 334 -8.21 -21.87 23.60
C SER O 334 -8.56 -22.90 22.53
N ASP O 335 -7.73 -22.99 21.48
CA ASP O 335 -7.93 -23.86 20.32
C ASP O 335 -8.19 -25.30 20.72
N GLY O 336 -9.33 -25.85 20.28
CA GLY O 336 -9.70 -27.24 20.54
C GLY O 336 -10.58 -27.43 21.77
N ASP O 337 -10.82 -26.37 22.55
CA ASP O 337 -11.75 -26.44 23.67
C ASP O 337 -13.17 -26.67 23.17
N LYS O 338 -13.95 -27.49 23.88
CA LYS O 338 -15.37 -27.68 23.63
C LYS O 338 -16.15 -26.81 24.62
N GLY O 339 -16.91 -25.83 24.12
CA GLY O 339 -17.54 -24.82 24.95
C GLY O 339 -19.06 -24.91 25.03
N ALA O 340 -19.67 -25.65 24.11
CA ALA O 340 -21.09 -25.94 24.17
C ALA O 340 -21.35 -27.31 23.55
N VAL O 341 -22.43 -27.97 23.99
CA VAL O 341 -22.95 -29.15 23.32
C VAL O 341 -24.40 -28.88 22.97
N VAL O 342 -24.74 -29.08 21.70
CA VAL O 342 -26.08 -28.96 21.18
C VAL O 342 -26.60 -30.38 20.97
N TYR O 343 -27.72 -30.76 21.59
CA TYR O 343 -28.09 -32.17 21.63
C TYR O 343 -29.59 -32.38 21.80
N ASP O 344 -30.01 -33.62 21.61
CA ASP O 344 -31.35 -34.07 21.91
C ASP O 344 -31.38 -34.64 23.35
N ARG O 345 -32.09 -33.94 24.24
CA ARG O 345 -32.20 -34.27 25.66
C ARG O 345 -32.81 -35.66 25.89
N ASP O 346 -33.61 -36.13 24.95
CA ASP O 346 -34.27 -37.44 25.02
C ASP O 346 -33.37 -38.60 24.55
N ASN O 347 -32.22 -38.29 23.95
CA ASN O 347 -31.25 -39.25 23.45
C ASN O 347 -30.01 -39.37 24.35
N ILE O 348 -29.98 -38.69 25.50
CA ILE O 348 -28.95 -38.92 26.51
C ILE O 348 -29.61 -39.25 27.85
N HIS O 349 -29.15 -40.34 28.45
CA HIS O 349 -29.73 -40.95 29.62
C HIS O 349 -28.79 -40.80 30.81
N THR O 350 -29.27 -40.18 31.88
CA THR O 350 -28.62 -40.25 33.18
C THR O 350 -29.27 -41.38 33.96
N ILE O 351 -28.48 -42.39 34.31
CA ILE O 351 -29.01 -43.56 34.97
C ILE O 351 -28.63 -43.48 36.45
N LEU O 352 -29.63 -43.47 37.32
CA LEU O 352 -29.43 -43.42 38.76
C LEU O 352 -29.87 -44.72 39.40
N TYR O 353 -28.96 -45.32 40.18
CA TYR O 353 -29.24 -46.50 40.97
C TYR O 353 -28.94 -46.24 42.45
N ALA O 354 -29.84 -46.68 43.33
CA ALA O 354 -29.52 -46.82 44.73
C ALA O 354 -30.08 -48.15 45.22
N PRO O 355 -29.36 -48.92 46.05
CA PRO O 355 -29.91 -50.17 46.59
C PRO O 355 -31.07 -49.92 47.56
N ASN O 356 -31.00 -48.85 48.35
CA ASN O 356 -32.03 -48.43 49.28
C ASN O 356 -32.69 -47.18 48.73
N GLY O 357 -34.00 -47.23 48.42
CA GLY O 357 -34.72 -46.08 47.90
C GLY O 357 -34.29 -45.71 46.48
N GLN O 358 -34.52 -44.44 46.12
CA GLN O 358 -34.47 -43.99 44.73
C GLN O 358 -33.26 -43.09 44.48
N ASP O 359 -32.75 -42.41 45.53
CA ASP O 359 -31.84 -41.28 45.34
C ASP O 359 -30.63 -41.31 46.30
N VAL O 360 -30.11 -40.15 46.74
CA VAL O 360 -28.93 -40.12 47.61
C VAL O 360 -29.24 -40.81 48.93
N GLU O 361 -28.35 -41.73 49.35
CA GLU O 361 -28.41 -42.28 50.69
C GLU O 361 -27.32 -41.65 51.55
N ILE O 362 -27.75 -41.03 52.65
CA ILE O 362 -26.84 -40.48 53.64
C ILE O 362 -26.92 -41.33 54.90
N LYS O 363 -25.75 -41.77 55.36
CA LYS O 363 -25.59 -42.61 56.54
C LYS O 363 -24.67 -41.89 57.50
N ASP O 364 -24.88 -42.13 58.79
CA ASP O 364 -24.02 -41.57 59.82
C ASP O 364 -23.56 -42.65 60.80
N TYR O 365 -22.44 -42.39 61.45
CA TYR O 365 -21.85 -43.32 62.39
C TYR O 365 -21.17 -42.57 63.52
N GLU O 366 -21.22 -43.15 64.72
CA GLU O 366 -20.40 -42.68 65.83
C GLU O 366 -19.27 -43.69 66.06
N ASP O 367 -18.06 -43.16 66.23
CA ASP O 367 -16.93 -43.93 66.70
C ASP O 367 -16.76 -43.67 68.20
N PRO O 368 -17.21 -44.59 69.09
CA PRO O 368 -17.08 -44.38 70.53
C PRO O 368 -15.65 -44.50 71.05
N ILE O 369 -14.74 -45.08 70.25
CA ILE O 369 -13.33 -45.26 70.61
C ILE O 369 -12.54 -43.97 70.38
N ARG O 370 -12.90 -43.21 69.34
CA ARG O 370 -12.18 -42.02 68.92
C ARG O 370 -12.94 -40.70 69.12
N ASP O 371 -14.21 -40.76 69.51
CA ASP O 371 -15.09 -39.59 69.69
C ASP O 371 -15.29 -38.81 68.37
N ILE O 372 -15.51 -39.56 67.29
CA ILE O 372 -15.72 -38.98 65.97
C ILE O 372 -17.11 -39.36 65.48
N THR O 373 -17.81 -38.39 64.89
CA THR O 373 -19.03 -38.64 64.16
C THR O 373 -18.74 -38.50 62.67
N GLY O 374 -19.20 -39.48 61.88
CA GLY O 374 -19.03 -39.48 60.45
C GLY O 374 -20.34 -39.40 59.69
N VAL O 375 -20.29 -38.78 58.51
CA VAL O 375 -21.40 -38.71 57.58
C VAL O 375 -20.88 -39.18 56.21
N ASN O 376 -21.54 -40.19 55.64
CA ASN O 376 -21.19 -40.76 54.34
C ASN O 376 -22.40 -40.68 53.40
N GLY O 377 -22.20 -40.11 52.20
CA GLY O 377 -23.20 -40.13 51.14
C GLY O 377 -22.79 -41.05 49.99
N ARG O 378 -23.80 -41.62 49.32
CA ARG O 378 -23.61 -42.47 48.16
C ARG O 378 -24.76 -42.29 47.17
N LEU O 379 -24.43 -42.51 45.89
CA LEU O 379 -25.36 -42.68 44.80
C LEU O 379 -24.63 -43.41 43.67
N HIS O 380 -25.31 -44.27 42.89
CA HIS O 380 -24.68 -44.83 41.72
C HIS O 380 -25.21 -44.12 40.49
N VAL O 381 -24.30 -43.68 39.61
CA VAL O 381 -24.68 -42.96 38.42
C VAL O 381 -23.89 -43.43 37.20
N ASP O 382 -24.58 -43.48 36.05
CA ASP O 382 -23.96 -43.56 34.75
C ASP O 382 -24.61 -42.53 33.84
N CYS O 383 -23.94 -42.20 32.74
CA CYS O 383 -24.58 -41.44 31.69
C CYS O 383 -24.21 -42.05 30.35
N GLN O 384 -25.22 -42.24 29.48
CA GLN O 384 -25.04 -42.87 28.19
C GLN O 384 -25.90 -42.19 27.13
N TYR O 385 -25.33 -41.95 25.95
CA TYR O 385 -26.15 -41.64 24.79
C TYR O 385 -26.84 -42.90 24.24
N SER O 386 -28.15 -42.82 23.95
CA SER O 386 -28.79 -43.78 23.06
C SER O 386 -28.35 -43.55 21.61
N GLN O 387 -28.34 -42.29 21.16
CA GLN O 387 -27.85 -41.91 19.85
C GLN O 387 -26.89 -40.73 20.01
N GLY O 388 -25.58 -40.98 19.94
CA GLY O 388 -24.57 -39.93 20.05
C GLY O 388 -24.52 -38.98 18.86
N ARG O 389 -25.11 -39.39 17.74
CA ARG O 389 -25.29 -38.59 16.53
C ARG O 389 -26.30 -37.47 16.71
N SER O 390 -27.16 -37.59 17.73
CA SER O 390 -28.09 -36.53 18.11
C SER O 390 -27.41 -35.35 18.78
N SER O 391 -26.08 -35.32 18.85
CA SER O 391 -25.33 -34.32 19.61
C SER O 391 -24.12 -33.79 18.85
N ALA O 392 -23.88 -32.49 18.99
CA ALA O 392 -22.73 -31.81 18.39
C ALA O 392 -22.04 -30.91 19.42
N THR O 393 -20.72 -31.02 19.52
CA THR O 393 -19.93 -30.09 20.31
C THR O 393 -19.59 -28.86 19.48
N VAL O 394 -19.48 -27.70 20.14
CA VAL O 394 -18.96 -26.48 19.53
C VAL O 394 -17.52 -26.32 20.02
N GLN O 395 -16.59 -26.25 19.07
CA GLN O 395 -15.16 -26.22 19.35
C GLN O 395 -14.58 -24.85 19.00
N TYR O 396 -13.73 -24.32 19.88
CA TYR O 396 -12.99 -23.09 19.68
C TYR O 396 -11.89 -23.24 18.61
ZN ZN P . 29.70 -7.87 -40.72
MG MG Q . 45.07 24.64 -38.86
MG MG R . -19.92 -2.46 -22.30
MG MG S . -0.03 -26.62 -20.24
MG MG T . -16.24 22.83 -10.64
MG MG U . -5.88 3.13 -32.88
MG MG V . -6.34 25.04 15.03
MG MG W . 0.27 29.62 -15.27
MG MG X . 0.16 1.77 29.25
MG MG Y . 12.24 26.96 15.10
MG MG Z . -3.78 -23.36 17.91
MG MG AA . 17.97 -2.58 27.24
MG MG BA . -13.57 -25.44 -7.75
MG MG CA . 11.77 -29.58 9.76
ZN ZN DA . 47.47 -17.46 3.89
MG MG EA . 49.78 -26.76 -30.82
ZN ZN FA . 40.54 28.92 -10.33
MG MG GA . 63.49 6.94 6.73
MG MG HA . -23.34 1.89 -20.88
MG MG IA . -49.72 46.28 -33.36
MG MG JA . -46.53 -15.67 0.86
MG MG KA . -35.51 14.75 -20.44
MG MG LA . -44.84 30.23 -27.34
MG MG MA . -47.48 -44.55 -22.70
MG MG NA . -48.09 5.12 -3.97
MG MG OA . -18.16 -23.93 -9.87
MG MG PA . -52.63 -20.06 -49.06
MG MG QA . -38.74 -22.39 20.21
MG MG RA . -33.82 -21.58 -18.39
MG MG SA . -45.15 -22.42 -33.29
MG MG TA . -25.03 -55.97 29.28
MG MG UA . -18.25 24.98 -5.84
MG MG VA . -29.21 66.08 27.70
MG MG WA . -26.56 35.47 7.03
MG MG XA . -30.02 51.47 17.35
MG MG YA . -43.43 19.84 11.57
MG MG ZA . -8.26 22.95 19.80
MG MG AB . -43.36 53.60 -3.27
MG MG BB . -3.15 18.71 69.94
MG MG CB . -13.90 19.95 36.59
MG MG DB . -10.97 20.41 54.00
MG MG EB . -3.03 -2.76 30.48
MG MG FB . -20.32 43.03 47.89
MG MG GB . -9.01 -48.14 55.58
MG MG HB . -35.27 13.64 30.59
MG MG IB . -11.79 -16.07 38.70
MG MG JB . -11.60 -31.43 48.91
MG MG KB . -8.49 -25.58 15.83
MG MG LB . -9.48 -12.16 64.28
MG MG MB . -36.86 -67.35 -4.41
MG MG NB . -32.94 -7.50 35.23
MG MG OB . -22.52 -36.64 11.63
MG MG PB . -30.71 -52.99 5.32
#